data_7TCE
#
_entry.id   7TCE
#
_cell.length_a   127.273
_cell.length_b   156.388
_cell.length_c   141.407
_cell.angle_alpha   90.000
_cell.angle_beta   96.670
_cell.angle_gamma   90.000
#
_symmetry.space_group_name_H-M   'P 1 21 1'
#
loop_
_entity.id
_entity.type
_entity.pdbx_description
1 polymer 'Cytochrome b'
2 polymer 'Cytochrome c1'
3 polymer 'Ubiquinol-cytochrome c reductase iron-sulfur subunit'
4 non-polymer 'PROTOPORPHYRIN IX CONTAINING FE'
5 non-polymer 2-[trans-4-(4-chlorophenyl)cyclohexyl]-3-hydroxynaphthalene-1,4-dione
6 non-polymer 1,2-DIHEXANOYL-SN-GLYCERO-3-PHOSPHOETHANOLAMINE
7 non-polymer 'STRONTIUM ION'
8 non-polymer 'octyl beta-D-glucopyranoside'
9 non-polymer 'HEME C'
10 non-polymer 'FE2/S2 (INORGANIC) CLUSTER'
#
loop_
_entity_poly.entity_id
_entity_poly.type
_entity_poly.pdbx_seq_one_letter_code
_entity_poly.pdbx_strand_id
1 'polypeptide(L)'
;MSGIPHDHYEPRTGIEKWLHSRLPIVALAYDTIMIPTPRNLNWMWIWGVVLAFCLVLQIVTGIVLAMHYTPHVDLAFASV
EHIMRNVNGGFMLRYLHANGASLFFIAVYLHIFRGLYYGSYKAPREVTWIVGMLIYLAMMATAFMGYVLPWGQMSFWGAT
VITGLFGAIPGIGHSIQTWLLGGPAVDNATLNRFFSLHYLLPFVIAALVAIHIWAFHSTGNNNPTGVEVRRTSKAEAQKD
TVPFWPYFIIKDVFALAVVLLVFFAIVGFMPNYLGHPDNYIEANPLSTPAHIVPEWYFLPFYAILRAFTADVWVVQIANF
ISFGIIDAKFFGVLAMFGAILVMALVPWLDTSPVRSGRYRPMFKIYFWLLAADFVILTWVGAQQTTFPYDWISLIASAYW
FAYFLVILPILGAIEKPVAPPATIEEDFNAHYSPATGGTKTVVAE
;
A,E,K,O
2 'polypeptide(L)'
;AGGGHVEDVPFSFEGPFGTFDQHQLQRGLQVYTEVCAACHGMKFVPIRSLSEPGGPELPEDQVRAYATQFTVTDEETGED
REGKPTDHFPHSALENAPDLSLMAKARAGFHGPMGTGISQLFNGIGGPEYIYSVLTGFPEEPPKCAEGHEPDGFYYNRAF
QNGSVPDTCKDANGVKTTAGSWIAMPPPLMDDLVEYADGHDASVHAMAEDVSAFLMWAAEPKLMARKQAGFTAVMFLTVL
SVLLYLTNKRLWAGVKGKKKTNVHHHHHH
;
B,F,L,P
3 'polypeptide(L)'
;MSNAEDHAGTRRDFLYYATAGAGAVATGAAVWPLINQMNPSADVQALASIFVDVSSVEPGVQLTVKFLGKPIFIRRRTEA
DIELGRSVQLGQLVDTNARNANIDAGAEATDQNRTLDEAGEWLVMWGVCTHLGCVPIGGVSGDFGGWFCPCHGSHYDSAG
RIRKGPAPENLPIPLAKFIDETTIQLG
;
C,G,M,Q
#
loop_
_chem_comp.id
_chem_comp.type
_chem_comp.name
_chem_comp.formula
6PE non-polymer 1,2-DIHEXANOYL-SN-GLYCERO-3-PHOSPHOETHANOLAMINE 'C17 H33 N O8 P -1'
AOQ non-polymer 2-[trans-4-(4-chlorophenyl)cyclohexyl]-3-hydroxynaphthalene-1,4-dione 'C22 H19 Cl O3'
BOG D-saccharide 'octyl beta-D-glucopyranoside' 'C14 H28 O6'
FES non-polymer 'FE2/S2 (INORGANIC) CLUSTER' 'Fe2 S2'
HEC non-polymer 'HEME C' 'C34 H34 Fe N4 O4'
HEM non-polymer 'PROTOPORPHYRIN IX CONTAINING FE' 'C34 H32 Fe N4 O4'
SR non-polymer 'STRONTIUM ION' 'Sr 2'
#
# COMPACT_ATOMS: atom_id res chain seq x y z
N GLY A 3 70.47 10.82 -14.45
CA GLY A 3 69.71 10.13 -15.47
C GLY A 3 70.58 9.38 -16.46
N ILE A 4 70.35 8.07 -16.57
CA ILE A 4 71.11 7.21 -17.46
C ILE A 4 70.37 7.21 -18.80
N PRO A 5 71.04 7.07 -19.96
CA PRO A 5 70.28 7.06 -21.22
C PRO A 5 69.39 5.82 -21.35
N HIS A 6 68.10 6.03 -21.11
CA HIS A 6 67.03 5.08 -21.40
C HIS A 6 66.27 5.59 -22.62
N ASP A 7 65.09 5.01 -22.87
CA ASP A 7 64.22 5.42 -23.95
C ASP A 7 62.83 5.70 -23.38
N HIS A 8 62.19 6.75 -23.88
CA HIS A 8 60.92 7.21 -23.36
C HIS A 8 59.85 6.13 -23.54
N TYR A 9 58.73 6.32 -22.85
CA TYR A 9 57.55 5.47 -22.99
C TYR A 9 56.64 6.06 -24.06
N GLU A 10 56.18 5.20 -24.97
CA GLU A 10 55.34 5.59 -26.10
C GLU A 10 53.97 4.94 -25.93
N PRO A 11 52.88 5.69 -25.75
CA PRO A 11 51.56 5.03 -25.64
C PRO A 11 51.19 4.23 -26.87
N ARG A 12 50.89 2.94 -26.66
CA ARG A 12 50.63 2.02 -27.75
C ARG A 12 49.14 1.89 -28.04
N THR A 13 48.37 1.38 -27.08
CA THR A 13 46.94 1.17 -27.26
C THR A 13 46.20 2.52 -27.17
N GLY A 14 44.88 2.47 -27.38
CA GLY A 14 44.08 3.68 -27.21
C GLY A 14 43.89 4.05 -25.75
N ILE A 15 43.63 3.05 -24.90
CA ILE A 15 43.48 3.29 -23.47
C ILE A 15 44.75 3.92 -22.90
N GLU A 16 45.92 3.44 -23.33
CA GLU A 16 47.18 4.02 -22.86
C GLU A 16 47.29 5.48 -23.29
N LYS A 17 46.80 5.80 -24.48
CA LYS A 17 46.76 7.20 -24.92
C LYS A 17 45.77 8.00 -24.09
N TRP A 18 44.63 7.39 -23.77
CA TRP A 18 43.63 8.05 -22.94
C TRP A 18 44.20 8.38 -21.56
N LEU A 19 44.96 7.44 -20.97
CA LEU A 19 45.52 7.66 -19.65
C LEU A 19 46.76 8.54 -19.69
N HIS A 20 47.61 8.37 -20.71
CA HIS A 20 48.91 9.05 -20.71
C HIS A 20 48.77 10.56 -20.88
N SER A 21 47.70 11.02 -21.52
CA SER A 21 47.47 12.45 -21.69
C SER A 21 46.83 13.09 -20.48
N ARG A 22 46.56 12.32 -19.42
CA ARG A 22 45.91 12.80 -18.20
C ARG A 22 46.79 12.59 -16.98
N LEU A 23 47.24 11.36 -16.76
CA LEU A 23 48.18 10.99 -15.71
C LEU A 23 49.20 10.03 -16.30
N PRO A 24 50.48 10.42 -16.51
CA PRO A 24 51.45 9.47 -17.10
C PRO A 24 52.02 8.50 -16.07
N ILE A 25 51.12 7.77 -15.40
CA ILE A 25 51.56 6.81 -14.39
C ILE A 25 52.23 5.61 -15.06
N VAL A 26 51.76 5.22 -16.24
CA VAL A 26 52.40 4.12 -16.97
C VAL A 26 53.79 4.53 -17.46
N ALA A 27 53.97 5.81 -17.77
CA ALA A 27 55.28 6.28 -18.23
C ALA A 27 56.30 6.30 -17.10
N LEU A 28 55.90 6.85 -15.94
CA LEU A 28 56.81 6.88 -14.79
C LEU A 28 57.22 5.48 -14.36
N ALA A 29 56.28 4.53 -14.41
CA ALA A 29 56.63 3.15 -14.06
C ALA A 29 57.60 2.56 -15.08
N TYR A 30 57.40 2.86 -16.37
CA TYR A 30 58.29 2.34 -17.40
C TYR A 30 59.69 2.92 -17.28
N ASP A 31 59.79 4.25 -17.16
CA ASP A 31 61.10 4.88 -17.02
C ASP A 31 61.81 4.42 -15.76
N THR A 32 61.06 4.23 -14.67
CA THR A 32 61.66 3.74 -13.43
C THR A 32 62.11 2.30 -13.57
N ILE A 33 61.18 1.40 -13.90
CA ILE A 33 61.44 -0.03 -13.88
C ILE A 33 62.35 -0.51 -15.00
N MET A 34 62.63 0.33 -16.01
CA MET A 34 63.49 -0.02 -17.14
C MET A 34 64.79 0.77 -17.13
N ILE A 35 65.18 1.35 -15.99
CA ILE A 35 66.43 2.09 -15.94
C ILE A 35 67.59 1.15 -16.24
N PRO A 36 68.61 1.53 -17.01
CA PRO A 36 69.72 0.59 -17.24
C PRO A 36 70.54 0.36 -15.98
N THR A 37 70.69 -0.92 -15.62
CA THR A 37 71.44 -1.37 -14.46
C THR A 37 72.70 -2.09 -14.93
N PRO A 38 73.86 -1.92 -14.27
CA PRO A 38 75.04 -2.69 -14.66
C PRO A 38 74.78 -4.19 -14.61
N ARG A 39 75.34 -4.90 -15.58
CA ARG A 39 75.07 -6.32 -15.77
C ARG A 39 76.03 -7.22 -15.00
N ASN A 40 76.89 -6.65 -14.15
CA ASN A 40 77.90 -7.39 -13.40
C ASN A 40 77.56 -7.50 -11.91
N LEU A 41 76.34 -7.13 -11.51
CA LEU A 41 75.97 -7.21 -10.11
C LEU A 41 76.00 -8.66 -9.64
N ASN A 42 76.55 -8.86 -8.44
CA ASN A 42 76.64 -10.17 -7.81
C ASN A 42 75.51 -10.31 -6.79
N TRP A 43 75.54 -11.40 -6.02
CA TRP A 43 74.45 -11.72 -5.11
C TRP A 43 74.30 -10.73 -3.95
N MET A 44 75.25 -9.83 -3.75
CA MET A 44 75.17 -8.86 -2.67
C MET A 44 74.23 -7.69 -2.98
N TRP A 45 73.68 -7.62 -4.19
CA TRP A 45 72.73 -6.57 -4.56
C TRP A 45 71.28 -7.03 -4.44
N ILE A 46 71.03 -8.13 -3.73
CA ILE A 46 69.66 -8.61 -3.50
C ILE A 46 69.03 -7.99 -2.27
N TRP A 47 69.82 -7.51 -1.32
CA TRP A 47 69.29 -7.15 -0.01
C TRP A 47 68.37 -5.94 -0.08
N GLY A 48 68.47 -5.13 -1.13
CA GLY A 48 67.53 -4.03 -1.29
C GLY A 48 66.11 -4.51 -1.52
N VAL A 49 65.94 -5.55 -2.34
CA VAL A 49 64.60 -6.09 -2.59
C VAL A 49 64.09 -6.83 -1.36
N VAL A 50 64.97 -7.56 -0.68
CA VAL A 50 64.57 -8.27 0.54
C VAL A 50 64.08 -7.29 1.60
N LEU A 51 64.76 -6.16 1.73
CA LEU A 51 64.32 -5.12 2.67
C LEU A 51 62.95 -4.59 2.28
N ALA A 52 62.71 -4.39 0.97
CA ALA A 52 61.41 -3.93 0.52
C ALA A 52 60.31 -4.92 0.90
N PHE A 53 60.56 -6.22 0.69
CA PHE A 53 59.59 -7.24 1.10
C PHE A 53 59.40 -7.22 2.61
N CYS A 54 60.50 -7.16 3.36
CA CYS A 54 60.42 -7.15 4.82
C CYS A 54 59.61 -5.97 5.33
N LEU A 55 59.81 -4.77 4.75
CA LEU A 55 59.05 -3.61 5.18
C LEU A 55 57.56 -3.80 4.94
N VAL A 56 57.22 -4.41 3.80
CA VAL A 56 55.82 -4.76 3.55
C VAL A 56 55.35 -5.81 4.55
N LEU A 57 56.22 -6.78 4.86
CA LEU A 57 55.85 -7.87 5.77
C LEU A 57 55.53 -7.33 7.16
N GLN A 58 56.41 -6.50 7.71
CA GLN A 58 56.18 -5.95 9.04
C GLN A 58 54.93 -5.09 9.08
N ILE A 59 54.76 -4.22 8.09
CA ILE A 59 53.59 -3.33 8.07
C ILE A 59 52.30 -4.15 7.90
N VAL A 60 52.32 -5.11 6.98
CA VAL A 60 51.11 -5.90 6.72
C VAL A 60 50.77 -6.75 7.95
N THR A 61 51.74 -7.52 8.45
CA THR A 61 51.50 -8.31 9.65
C THR A 61 51.28 -7.42 10.87
N GLY A 62 52.05 -6.32 10.95
CA GLY A 62 51.90 -5.41 12.06
C GLY A 62 50.50 -4.84 12.20
N ILE A 63 49.94 -4.37 11.07
CA ILE A 63 48.57 -3.84 11.07
C ILE A 63 47.59 -4.89 11.57
N VAL A 64 47.80 -6.16 11.17
CA VAL A 64 46.94 -7.24 11.63
C VAL A 64 47.04 -7.39 13.15
N LEU A 65 48.27 -7.37 13.68
CA LEU A 65 48.45 -7.52 15.12
C LEU A 65 47.77 -6.41 15.91
N ALA A 66 47.70 -5.20 15.35
CA ALA A 66 47.00 -4.11 16.03
C ALA A 66 45.50 -4.35 16.13
N MET A 67 44.95 -5.29 15.36
CA MET A 67 43.53 -5.63 15.45
C MET A 67 43.21 -6.52 16.65
N HIS A 68 44.22 -6.93 17.43
CA HIS A 68 44.02 -7.77 18.61
C HIS A 68 44.85 -7.33 19.82
N TYR A 69 45.84 -6.46 19.65
CA TYR A 69 46.63 -5.97 20.77
C TYR A 69 45.87 -4.92 21.56
N THR A 70 46.15 -4.85 22.85
CA THR A 70 45.55 -3.87 23.77
C THR A 70 46.68 -3.11 24.47
N PRO A 71 46.96 -1.84 24.11
CA PRO A 71 48.04 -1.11 24.81
C PRO A 71 47.64 -0.71 26.22
N HIS A 72 47.75 -1.64 27.16
CA HIS A 72 47.51 -1.33 28.57
C HIS A 72 48.30 -2.33 29.41
N VAL A 73 48.93 -1.82 30.48
CA VAL A 73 49.84 -2.63 31.29
C VAL A 73 49.11 -3.85 31.86
N ASP A 74 47.84 -3.69 32.24
CA ASP A 74 47.09 -4.78 32.82
C ASP A 74 46.66 -5.82 31.80
N LEU A 75 46.69 -5.48 30.50
CA LEU A 75 46.18 -6.34 29.43
C LEU A 75 47.19 -6.60 28.32
N ALA A 76 48.28 -5.83 28.23
CA ALA A 76 49.23 -5.96 27.13
C ALA A 76 49.81 -7.37 27.03
N PHE A 77 50.51 -7.81 28.07
CA PHE A 77 51.08 -9.16 28.07
C PHE A 77 50.00 -10.22 27.86
N ALA A 78 48.81 -10.01 28.45
CA ALA A 78 47.72 -10.95 28.24
C ALA A 78 47.23 -10.93 26.81
N SER A 79 47.12 -9.73 26.21
CA SER A 79 46.61 -9.62 24.84
C SER A 79 47.50 -10.33 23.83
N VAL A 80 48.80 -10.46 24.13
CA VAL A 80 49.68 -11.20 23.22
C VAL A 80 49.38 -12.68 23.28
N GLU A 81 49.18 -13.22 24.48
CA GLU A 81 48.86 -14.63 24.62
C GLU A 81 47.48 -14.95 24.05
N HIS A 82 46.57 -13.97 24.03
CA HIS A 82 45.31 -14.15 23.33
C HIS A 82 45.55 -14.41 21.85
N ILE A 83 46.42 -13.63 21.22
CA ILE A 83 46.78 -13.84 19.82
C ILE A 83 47.39 -15.22 19.64
N MET A 84 48.32 -15.59 20.52
CA MET A 84 49.05 -16.85 20.38
C MET A 84 48.12 -18.06 20.44
N ARG A 85 47.09 -18.01 21.28
CA ARG A 85 46.31 -19.19 21.64
C ARG A 85 44.97 -19.29 20.94
N ASN A 86 44.28 -18.17 20.72
CA ASN A 86 42.88 -18.16 20.31
C ASN A 86 42.67 -17.62 18.90
N VAL A 87 43.36 -16.54 18.52
CA VAL A 87 43.22 -15.99 17.17
C VAL A 87 43.71 -17.03 16.17
N ASN A 88 42.91 -17.27 15.14
CA ASN A 88 43.25 -18.24 14.11
C ASN A 88 44.55 -17.84 13.42
N GLY A 89 45.55 -18.72 13.49
CA GLY A 89 46.86 -18.41 12.94
C GLY A 89 47.60 -17.29 13.63
N GLY A 90 47.14 -16.85 14.81
CA GLY A 90 47.79 -15.74 15.48
C GLY A 90 49.19 -16.07 15.96
N PHE A 91 49.45 -17.35 16.25
CA PHE A 91 50.79 -17.75 16.70
C PHE A 91 51.82 -17.53 15.60
N MET A 92 51.45 -17.81 14.34
CA MET A 92 52.37 -17.60 13.23
C MET A 92 52.63 -16.12 13.00
N LEU A 93 51.60 -15.28 13.14
CA LEU A 93 51.75 -13.86 12.82
C LEU A 93 52.69 -13.16 13.78
N ARG A 94 52.63 -13.49 15.06
CA ARG A 94 53.55 -12.87 16.02
C ARG A 94 54.98 -13.31 15.76
N TYR A 95 55.20 -14.62 15.57
CA TYR A 95 56.54 -15.10 15.28
C TYR A 95 57.04 -14.57 13.94
N LEU A 96 56.16 -14.40 12.96
CA LEU A 96 56.56 -13.77 11.71
C LEU A 96 56.94 -12.32 11.94
N HIS A 97 56.11 -11.56 12.65
CA HIS A 97 56.42 -10.17 12.94
C HIS A 97 57.67 -10.04 13.81
N ALA A 98 57.89 -11.02 14.70
CA ALA A 98 59.05 -10.98 15.59
C ALA A 98 60.33 -11.35 14.84
N ASN A 99 60.38 -12.57 14.28
CA ASN A 99 61.54 -12.98 13.50
C ASN A 99 61.66 -12.15 12.21
N GLY A 100 60.55 -11.63 11.70
CA GLY A 100 60.62 -10.76 10.54
C GLY A 100 61.48 -9.53 10.79
N ALA A 101 61.40 -8.98 12.01
CA ALA A 101 62.29 -7.89 12.37
C ALA A 101 63.75 -8.34 12.36
N SER A 102 64.01 -9.58 12.78
CA SER A 102 65.37 -10.09 12.73
C SER A 102 65.85 -10.27 11.29
N LEU A 103 64.98 -10.77 10.42
CA LEU A 103 65.30 -10.80 8.99
C LEU A 103 65.46 -9.38 8.45
N PHE A 104 64.63 -8.45 8.92
CA PHE A 104 64.72 -7.06 8.47
C PHE A 104 66.02 -6.39 8.91
N PHE A 105 66.71 -6.94 9.91
CA PHE A 105 67.92 -6.33 10.47
C PHE A 105 69.21 -7.05 10.10
N ILE A 106 69.18 -8.35 9.82
CA ILE A 106 70.34 -8.97 9.18
C ILE A 106 70.50 -8.42 7.77
N ALA A 107 69.38 -8.06 7.12
CA ALA A 107 69.43 -7.49 5.78
C ALA A 107 70.21 -6.17 5.75
N VAL A 108 69.84 -5.22 6.61
CA VAL A 108 70.42 -3.87 6.55
C VAL A 108 71.93 -3.92 6.76
N TYR A 109 72.40 -4.77 7.68
CA TYR A 109 73.84 -4.83 7.95
C TYR A 109 74.59 -5.40 6.75
N LEU A 110 74.10 -6.48 6.16
CA LEU A 110 74.67 -6.96 4.91
C LEU A 110 74.49 -5.93 3.80
N HIS A 111 73.34 -5.26 3.79
CA HIS A 111 73.09 -4.18 2.85
C HIS A 111 74.05 -3.01 3.10
N ILE A 112 74.32 -2.71 4.37
CA ILE A 112 75.21 -1.60 4.71
C ILE A 112 76.67 -1.99 4.43
N PHE A 113 77.07 -3.19 4.86
CA PHE A 113 78.46 -3.62 4.62
C PHE A 113 78.75 -3.72 3.13
N ARG A 114 77.74 -4.03 2.33
CA ARG A 114 77.90 -3.95 0.88
C ARG A 114 78.25 -2.53 0.47
N GLY A 115 77.51 -1.55 1.00
CA GLY A 115 77.82 -0.15 0.69
C GLY A 115 79.20 0.26 1.17
N LEU A 116 79.62 -0.25 2.33
CA LEU A 116 80.92 0.13 2.85
C LEU A 116 82.03 -0.51 2.04
N TYR A 117 81.86 -1.77 1.62
CA TYR A 117 82.89 -2.44 0.84
C TYR A 117 83.07 -1.80 -0.52
N TYR A 118 81.97 -1.63 -1.26
CA TYR A 118 82.03 -1.19 -2.64
C TYR A 118 82.03 0.33 -2.79
N GLY A 119 82.08 1.07 -1.68
CA GLY A 119 82.14 2.52 -1.75
C GLY A 119 80.92 3.14 -2.41
N SER A 120 79.74 2.60 -2.15
CA SER A 120 78.50 3.19 -2.64
C SER A 120 78.07 4.41 -1.84
N TYR A 121 78.83 4.79 -0.80
CA TYR A 121 78.59 6.02 -0.06
C TYR A 121 79.33 7.21 -0.65
N LYS A 122 80.39 6.97 -1.40
CA LYS A 122 81.12 8.05 -2.06
C LYS A 122 80.29 8.59 -3.21
N ALA A 123 80.56 9.86 -3.56
CA ALA A 123 79.80 10.62 -4.55
C ALA A 123 79.68 9.87 -5.88
N PRO A 124 78.58 10.05 -6.64
CA PRO A 124 77.45 10.96 -6.44
C PRO A 124 76.35 10.37 -5.55
N ARG A 125 76.67 9.33 -4.77
CA ARG A 125 75.70 8.56 -4.03
C ARG A 125 75.65 8.92 -2.54
N GLU A 126 75.97 10.18 -2.20
CA GLU A 126 75.85 10.59 -0.80
C GLU A 126 74.39 10.59 -0.36
N VAL A 127 73.48 11.04 -1.23
CA VAL A 127 72.07 11.15 -0.87
C VAL A 127 71.50 9.79 -0.53
N THR A 128 71.87 8.75 -1.29
CA THR A 128 71.39 7.41 -0.99
C THR A 128 71.88 6.95 0.39
N TRP A 129 73.12 7.30 0.75
CA TRP A 129 73.64 6.91 2.06
C TRP A 129 72.92 7.65 3.18
N ILE A 130 72.82 8.97 3.08
CA ILE A 130 72.20 9.77 4.14
C ILE A 130 70.73 9.41 4.29
N VAL A 131 70.04 9.18 3.17
CA VAL A 131 68.65 8.72 3.23
C VAL A 131 68.60 7.37 3.94
N GLY A 132 69.56 6.49 3.63
CA GLY A 132 69.63 5.21 4.32
C GLY A 132 69.86 5.36 5.82
N MET A 133 70.72 6.28 6.22
CA MET A 133 71.01 6.46 7.64
C MET A 133 69.77 6.90 8.40
N LEU A 134 68.98 7.80 7.81
CA LEU A 134 67.71 8.19 8.42
C LEU A 134 66.77 7.00 8.53
N ILE A 135 66.75 6.13 7.52
CA ILE A 135 65.95 4.90 7.59
C ILE A 135 66.44 4.04 8.74
N TYR A 136 67.76 3.93 8.90
CA TYR A 136 68.32 3.10 9.97
C TYR A 136 67.90 3.61 11.34
N LEU A 137 68.02 4.92 11.57
CA LEU A 137 67.64 5.50 12.86
C LEU A 137 66.17 5.27 13.17
N ALA A 138 65.30 5.47 12.18
CA ALA A 138 63.88 5.22 12.39
C ALA A 138 63.64 3.75 12.72
N MET A 139 64.32 2.84 12.03
CA MET A 139 64.17 1.41 12.28
C MET A 139 64.56 1.03 13.70
N MET A 140 65.72 1.53 14.16
CA MET A 140 66.20 1.17 15.50
C MET A 140 65.22 1.63 16.57
N ALA A 141 64.81 2.90 16.52
CA ALA A 141 63.80 3.40 17.46
C ALA A 141 62.48 2.66 17.29
N THR A 142 62.08 2.43 16.03
CA THR A 142 60.82 1.72 15.76
C THR A 142 60.86 0.30 16.31
N ALA A 143 61.90 -0.45 15.94
CA ALA A 143 61.98 -1.85 16.33
C ALA A 143 62.03 -2.01 17.84
N PHE A 144 62.64 -1.07 18.55
CA PHE A 144 62.70 -1.18 20.00
C PHE A 144 61.29 -1.08 20.60
N MET A 145 60.55 -0.02 20.23
CA MET A 145 59.23 0.21 20.81
C MET A 145 58.29 -0.97 20.59
N GLY A 146 58.49 -1.73 19.51
CA GLY A 146 57.74 -2.96 19.34
C GLY A 146 58.07 -3.98 20.42
N TYR A 147 59.34 -4.02 20.83
CA TYR A 147 59.77 -4.91 21.91
C TYR A 147 59.22 -4.47 23.25
N VAL A 148 58.82 -3.20 23.39
CA VAL A 148 58.20 -2.74 24.63
C VAL A 148 56.76 -3.26 24.72
N LEU A 149 56.10 -3.48 23.59
CA LEU A 149 54.65 -3.75 23.60
C LEU A 149 54.26 -5.04 24.32
N PRO A 150 54.95 -6.18 24.17
CA PRO A 150 54.54 -7.38 24.93
C PRO A 150 54.55 -7.18 26.43
N TRP A 151 55.33 -6.24 26.95
CA TRP A 151 55.30 -5.87 28.36
C TRP A 151 55.74 -7.03 29.24
N GLY A 152 56.78 -7.75 28.80
CA GLY A 152 57.43 -8.73 29.62
C GLY A 152 58.49 -8.09 30.50
N GLN A 153 59.26 -8.95 31.17
CA GLN A 153 60.34 -8.45 32.01
C GLN A 153 61.39 -7.71 31.19
N MET A 154 61.78 -8.28 30.05
CA MET A 154 62.73 -7.62 29.17
C MET A 154 62.15 -6.33 28.61
N SER A 155 60.86 -6.36 28.26
CA SER A 155 60.21 -5.17 27.69
C SER A 155 60.19 -4.01 28.67
N PHE A 156 59.87 -4.28 29.94
CA PHE A 156 59.65 -3.21 30.90
C PHE A 156 60.93 -2.44 31.20
N TRP A 157 62.02 -3.15 31.49
CA TRP A 157 63.24 -2.49 31.91
C TRP A 157 64.02 -1.93 30.73
N GLY A 158 63.81 -2.46 29.53
CA GLY A 158 64.32 -1.80 28.35
C GLY A 158 63.74 -0.39 28.19
N ALA A 159 62.43 -0.25 28.41
CA ALA A 159 61.80 1.06 28.31
C ALA A 159 62.37 2.02 29.34
N THR A 160 62.70 1.50 30.52
CA THR A 160 63.31 2.33 31.55
C THR A 160 64.69 2.83 31.09
N VAL A 161 65.40 2.02 30.30
CA VAL A 161 66.74 2.40 29.84
C VAL A 161 66.67 3.59 28.88
N ILE A 162 65.80 3.49 27.85
CA ILE A 162 65.78 4.49 26.78
C ILE A 162 65.45 5.86 27.32
N THR A 163 64.47 5.95 28.22
CA THR A 163 64.19 7.22 28.86
C THR A 163 65.38 7.69 29.69
N GLY A 164 66.16 6.74 30.22
CA GLY A 164 67.39 7.10 30.89
C GLY A 164 68.47 7.58 29.94
N LEU A 165 68.50 7.04 28.72
CA LEU A 165 69.51 7.47 27.74
C LEU A 165 69.33 8.95 27.40
N PHE A 166 68.09 9.36 27.13
CA PHE A 166 67.80 10.78 27.00
C PHE A 166 67.82 11.47 28.35
N GLY A 167 67.60 10.72 29.44
CA GLY A 167 67.77 11.24 30.77
C GLY A 167 69.22 11.48 31.17
N ALA A 168 70.17 10.96 30.40
CA ALA A 168 71.59 11.11 30.70
C ALA A 168 72.18 12.41 30.16
N ILE A 169 71.44 13.15 29.34
CA ILE A 169 71.94 14.42 28.81
C ILE A 169 72.12 15.40 29.97
N PRO A 170 73.21 16.19 30.02
CA PRO A 170 73.34 17.15 31.13
C PRO A 170 72.25 18.20 31.13
N GLY A 171 71.76 18.54 32.31
CA GLY A 171 70.79 19.60 32.49
C GLY A 171 69.39 19.27 32.02
N ILE A 172 69.20 19.22 30.69
CA ILE A 172 67.87 18.99 30.13
C ILE A 172 67.46 17.52 30.13
N GLY A 173 68.36 16.61 30.53
CA GLY A 173 68.05 15.19 30.46
C GLY A 173 66.86 14.80 31.32
N HIS A 174 66.86 15.24 32.57
CA HIS A 174 65.79 14.86 33.50
C HIS A 174 64.43 15.33 33.01
N SER A 175 64.38 16.53 32.41
CA SER A 175 63.13 17.01 31.83
C SER A 175 62.67 16.10 30.69
N ILE A 176 63.58 15.78 29.76
CA ILE A 176 63.23 14.90 28.65
C ILE A 176 62.80 13.53 29.14
N GLN A 177 63.45 13.02 30.19
CA GLN A 177 63.11 11.70 30.70
C GLN A 177 61.68 11.67 31.24
N THR A 178 61.28 12.71 31.97
CA THR A 178 59.88 12.81 32.40
C THR A 178 58.96 12.91 31.19
N TRP A 179 59.33 13.73 30.20
CA TRP A 179 58.54 13.88 28.99
C TRP A 179 58.38 12.55 28.27
N LEU A 180 59.47 11.79 28.13
CA LEU A 180 59.37 10.48 27.47
C LEU A 180 58.56 9.50 28.31
N LEU A 181 58.75 9.50 29.63
CA LEU A 181 58.07 8.55 30.49
C LEU A 181 56.61 8.91 30.74
N GLY A 182 56.29 10.20 30.81
CA GLY A 182 54.96 10.59 31.22
C GLY A 182 54.71 10.39 32.70
N GLY A 183 55.76 10.38 33.51
CA GLY A 183 55.63 10.20 34.94
C GLY A 183 56.97 9.92 35.60
N PRO A 184 56.95 9.66 36.92
CA PRO A 184 58.21 9.35 37.62
C PRO A 184 58.93 8.13 37.07
N ALA A 185 58.20 7.15 36.55
CA ALA A 185 58.80 5.90 36.09
C ALA A 185 57.99 5.37 34.92
N VAL A 186 58.47 4.29 34.33
CA VAL A 186 57.72 3.60 33.27
C VAL A 186 56.38 3.16 33.85
N ASP A 187 55.30 3.61 33.22
CA ASP A 187 53.94 3.31 33.67
C ASP A 187 53.05 3.20 32.44
N ASN A 188 51.73 3.28 32.64
CA ASN A 188 50.80 3.11 31.54
C ASN A 188 50.93 4.22 30.51
N ALA A 189 51.25 5.44 30.94
CA ALA A 189 51.46 6.54 30.00
C ALA A 189 52.59 6.25 29.04
N THR A 190 53.60 5.49 29.47
CA THR A 190 54.73 5.20 28.60
C THR A 190 54.38 4.16 27.53
N LEU A 191 53.68 3.09 27.92
CA LEU A 191 53.31 2.05 26.97
C LEU A 191 52.37 2.60 25.90
N ASN A 192 51.40 3.43 26.29
CA ASN A 192 50.39 3.90 25.35
C ASN A 192 50.99 4.75 24.24
N ARG A 193 51.96 5.60 24.59
CA ARG A 193 52.57 6.48 23.59
C ARG A 193 53.57 5.72 22.72
N PHE A 194 54.33 4.79 23.30
CA PHE A 194 55.24 3.98 22.50
C PHE A 194 54.50 3.17 21.44
N PHE A 195 53.28 2.74 21.75
CA PHE A 195 52.48 2.01 20.76
C PHE A 195 52.12 2.90 19.58
N SER A 196 51.74 4.14 19.85
CA SER A 196 51.37 5.06 18.77
C SER A 196 52.54 5.29 17.82
N LEU A 197 53.73 5.53 18.38
CA LEU A 197 54.90 5.78 17.54
C LEU A 197 55.33 4.53 16.77
N HIS A 198 55.13 3.34 17.36
CA HIS A 198 55.48 2.11 16.65
C HIS A 198 54.63 1.92 15.40
N TYR A 199 53.39 2.43 15.42
CA TYR A 199 52.53 2.40 14.24
C TYR A 199 52.95 3.48 13.24
N LEU A 200 53.30 4.67 13.74
CA LEU A 200 53.58 5.81 12.87
C LEU A 200 54.86 5.59 12.06
N LEU A 201 55.99 5.47 12.77
CA LEU A 201 57.31 5.47 12.15
C LEU A 201 57.49 4.52 10.97
N PRO A 202 56.94 3.30 10.96
CA PRO A 202 57.03 2.48 9.73
C PRO A 202 56.50 3.16 8.48
N PHE A 203 55.45 3.98 8.59
CA PHE A 203 55.00 4.75 7.44
C PHE A 203 56.02 5.81 7.07
N VAL A 204 56.63 6.45 8.08
CA VAL A 204 57.72 7.39 7.80
C VAL A 204 58.90 6.67 7.16
N ILE A 205 59.16 5.43 7.58
CA ILE A 205 60.20 4.63 6.93
C ILE A 205 59.86 4.37 5.48
N ALA A 206 58.59 4.02 5.21
CA ALA A 206 58.14 3.81 3.84
C ALA A 206 58.33 5.07 3.00
N ALA A 207 58.06 6.25 3.58
CA ALA A 207 58.28 7.49 2.86
C ALA A 207 59.74 7.68 2.49
N LEU A 208 60.65 7.37 3.43
CA LEU A 208 62.07 7.47 3.14
C LEU A 208 62.48 6.49 2.04
N VAL A 209 61.91 5.28 2.05
CA VAL A 209 62.25 4.29 1.04
C VAL A 209 61.92 4.79 -0.35
N ALA A 210 60.83 5.56 -0.48
CA ALA A 210 60.53 6.19 -1.77
C ALA A 210 61.65 7.11 -2.21
N ILE A 211 62.13 7.95 -1.30
CA ILE A 211 63.28 8.80 -1.61
C ILE A 211 64.52 7.94 -1.83
N HIS A 212 64.67 6.86 -1.04
CA HIS A 212 65.78 5.94 -1.25
C HIS A 212 65.71 5.31 -2.64
N ILE A 213 64.51 4.91 -3.08
CA ILE A 213 64.36 4.33 -4.40
C ILE A 213 64.63 5.38 -5.48
N TRP A 214 64.06 6.57 -5.32
CA TRP A 214 64.31 7.65 -6.28
C TRP A 214 65.79 8.01 -6.35
N ALA A 215 66.51 7.90 -5.23
CA ALA A 215 67.89 8.37 -5.18
C ALA A 215 68.79 7.57 -6.11
N PHE A 216 68.76 6.23 -6.02
CA PHE A 216 69.68 5.44 -6.82
C PHE A 216 69.20 5.28 -8.26
N HIS A 217 67.90 5.48 -8.53
CA HIS A 217 67.43 5.43 -9.90
C HIS A 217 67.92 6.62 -10.71
N SER A 218 68.02 7.79 -10.07
CA SER A 218 68.48 8.98 -10.77
C SER A 218 69.96 8.86 -11.15
N THR A 219 70.79 8.30 -10.26
CA THR A 219 72.22 8.21 -10.48
C THR A 219 72.61 6.89 -11.15
N GLY A 220 71.96 5.80 -10.77
CA GLY A 220 72.25 4.48 -11.28
C GLY A 220 72.87 3.59 -10.22
N ASN A 221 72.60 2.29 -10.33
CA ASN A 221 73.15 1.34 -9.37
C ASN A 221 74.66 1.25 -9.49
N ASN A 222 75.32 1.24 -8.34
CA ASN A 222 76.73 0.93 -8.29
C ASN A 222 76.94 -0.53 -8.70
N ASN A 223 78.19 -0.91 -8.92
CA ASN A 223 78.54 -2.24 -9.40
C ASN A 223 79.83 -2.69 -8.71
N PRO A 224 80.16 -3.99 -8.77
CA PRO A 224 81.35 -4.46 -8.05
C PRO A 224 82.65 -3.80 -8.47
N THR A 225 82.77 -3.41 -9.74
CA THR A 225 84.00 -2.78 -10.21
C THR A 225 84.09 -1.31 -9.78
N GLY A 226 82.96 -0.65 -9.58
CA GLY A 226 82.94 0.77 -9.26
C GLY A 226 82.95 1.69 -10.45
N VAL A 227 83.05 1.15 -11.66
CA VAL A 227 83.06 1.99 -12.87
C VAL A 227 81.63 2.37 -13.21
N GLU A 228 81.40 3.67 -13.41
CA GLU A 228 80.08 4.17 -13.73
C GLU A 228 79.68 3.74 -15.14
N VAL A 229 78.36 3.71 -15.37
CA VAL A 229 77.82 3.36 -16.68
C VAL A 229 78.22 4.41 -17.70
N ARG A 230 78.53 3.95 -18.92
CA ARG A 230 78.82 4.87 -20.01
C ARG A 230 77.51 5.47 -20.52
N ARG A 231 77.48 6.80 -20.63
CA ARG A 231 76.28 7.55 -21.00
C ARG A 231 76.44 8.28 -22.33
N THR A 232 77.44 7.93 -23.14
CA THR A 232 77.67 8.62 -24.40
C THR A 232 76.69 8.21 -25.50
N SER A 233 76.10 7.03 -25.41
CA SER A 233 75.15 6.58 -26.43
C SER A 233 74.31 5.45 -25.86
N LYS A 234 73.11 5.29 -26.43
CA LYS A 234 72.21 4.23 -25.99
C LYS A 234 72.81 2.85 -26.28
N ALA A 235 73.59 2.72 -27.35
CA ALA A 235 74.11 1.41 -27.74
C ALA A 235 75.33 1.01 -26.91
N GLU A 236 76.11 1.99 -26.44
CA GLU A 236 77.25 1.67 -25.58
C GLU A 236 76.80 1.27 -24.19
N ALA A 237 75.75 1.92 -23.66
CA ALA A 237 75.22 1.56 -22.36
C ALA A 237 74.68 0.14 -22.35
N GLN A 238 74.06 -0.29 -23.45
CA GLN A 238 73.50 -1.63 -23.51
C GLN A 238 74.57 -2.71 -23.39
N LYS A 239 75.82 -2.40 -23.75
CA LYS A 239 76.89 -3.37 -23.57
C LYS A 239 77.34 -3.44 -22.12
N ASP A 240 77.32 -2.32 -21.40
CA ASP A 240 77.68 -2.28 -20.00
C ASP A 240 76.51 -2.54 -19.06
N THR A 241 75.27 -2.48 -19.55
CA THR A 241 74.09 -2.50 -18.70
C THR A 241 72.98 -3.31 -19.34
N VAL A 242 72.06 -3.74 -18.50
CA VAL A 242 70.78 -4.30 -18.92
C VAL A 242 69.69 -3.61 -18.11
N PRO A 243 68.44 -3.59 -18.61
CA PRO A 243 67.39 -2.93 -17.84
C PRO A 243 67.11 -3.66 -16.54
N PHE A 244 66.64 -2.90 -15.54
CA PHE A 244 66.34 -3.46 -14.22
C PHE A 244 65.35 -4.61 -14.35
N TRP A 245 64.22 -4.36 -15.01
CA TRP A 245 63.26 -5.41 -15.37
C TRP A 245 63.61 -5.97 -16.76
N PRO A 246 63.52 -7.29 -17.00
CA PRO A 246 63.22 -8.45 -16.14
C PRO A 246 64.46 -9.17 -15.63
N TYR A 247 65.66 -8.67 -15.97
CA TYR A 247 66.87 -9.45 -15.74
C TYR A 247 67.20 -9.55 -14.25
N PHE A 248 67.16 -8.42 -13.54
CA PHE A 248 67.52 -8.37 -12.13
C PHE A 248 66.32 -8.45 -11.19
N ILE A 249 65.11 -8.20 -11.68
CA ILE A 249 63.93 -8.39 -10.85
C ILE A 249 63.72 -9.87 -10.53
N ILE A 250 63.85 -10.73 -11.55
CA ILE A 250 63.69 -12.16 -11.34
C ILE A 250 64.86 -12.71 -10.51
N LYS A 251 66.06 -12.18 -10.73
CA LYS A 251 67.22 -12.61 -9.95
C LYS A 251 67.03 -12.27 -8.48
N ASP A 252 66.52 -11.08 -8.18
CA ASP A 252 66.26 -10.71 -6.79
C ASP A 252 65.08 -11.51 -6.23
N VAL A 253 64.04 -11.71 -7.04
CA VAL A 253 62.90 -12.52 -6.60
C VAL A 253 63.33 -13.95 -6.36
N PHE A 254 64.22 -14.48 -7.21
CA PHE A 254 64.77 -15.82 -7.00
C PHE A 254 65.47 -15.91 -5.64
N ALA A 255 66.38 -14.98 -5.37
CA ALA A 255 67.08 -14.96 -4.09
C ALA A 255 66.10 -14.76 -2.94
N LEU A 256 65.03 -14.01 -3.16
CA LEU A 256 64.03 -13.80 -2.12
C LEU A 256 63.39 -15.12 -1.70
N ALA A 257 63.06 -15.98 -2.67
CA ALA A 257 62.47 -17.27 -2.36
C ALA A 257 63.42 -18.13 -1.54
N VAL A 258 64.72 -18.08 -1.87
CA VAL A 258 65.71 -18.81 -1.08
C VAL A 258 65.81 -18.21 0.32
N VAL A 259 65.80 -16.88 0.42
CA VAL A 259 65.79 -16.23 1.73
C VAL A 259 64.52 -16.61 2.50
N LEU A 260 63.36 -16.51 1.86
CA LEU A 260 62.12 -16.89 2.52
C LEU A 260 62.12 -18.38 2.86
N LEU A 261 62.71 -19.21 2.00
CA LEU A 261 62.83 -20.63 2.29
C LEU A 261 63.57 -20.86 3.60
N VAL A 262 64.74 -20.25 3.74
CA VAL A 262 65.49 -20.33 5.01
C VAL A 262 64.68 -19.69 6.13
N PHE A 263 64.12 -18.51 5.88
CA PHE A 263 63.44 -17.76 6.94
C PHE A 263 62.20 -18.48 7.46
N PHE A 264 61.41 -19.08 6.57
CA PHE A 264 60.19 -19.74 7.04
C PHE A 264 60.50 -20.99 7.85
N ALA A 265 61.64 -21.63 7.58
CA ALA A 265 62.05 -22.77 8.40
C ALA A 265 62.40 -22.31 9.82
N ILE A 266 63.00 -21.13 9.96
CA ILE A 266 63.25 -20.56 11.28
C ILE A 266 61.94 -20.36 12.03
N VAL A 267 61.03 -19.58 11.44
CA VAL A 267 59.74 -19.30 12.06
C VAL A 267 58.93 -20.57 12.27
N GLY A 268 59.12 -21.58 11.43
CA GLY A 268 58.34 -22.79 11.53
C GLY A 268 58.85 -23.79 12.55
N PHE A 269 60.12 -23.69 12.97
CA PHE A 269 60.77 -24.72 13.76
C PHE A 269 61.58 -24.23 14.95
N MET A 270 62.05 -22.98 14.97
CA MET A 270 62.73 -22.42 16.15
C MET A 270 62.42 -20.93 16.23
N PRO A 271 61.16 -20.57 16.50
CA PRO A 271 60.80 -19.13 16.52
C PRO A 271 61.42 -18.35 17.66
N ASN A 272 61.94 -19.02 18.70
CA ASN A 272 62.41 -18.37 19.91
C ASN A 272 63.93 -18.39 20.05
N TYR A 273 64.64 -18.99 19.09
CA TYR A 273 66.10 -19.03 19.19
C TYR A 273 66.71 -17.63 19.10
N LEU A 274 66.13 -16.77 18.28
CA LEU A 274 66.64 -15.41 18.11
C LEU A 274 66.10 -14.44 19.16
N GLY A 275 65.18 -14.89 20.03
CA GLY A 275 64.67 -14.07 21.11
C GLY A 275 65.28 -14.47 22.44
N HIS A 276 64.82 -13.78 23.49
CA HIS A 276 65.29 -14.00 24.86
C HIS A 276 64.13 -14.55 25.71
N PRO A 277 64.28 -15.70 26.39
CA PRO A 277 63.13 -16.24 27.14
C PRO A 277 62.57 -15.32 28.22
N ASP A 278 63.36 -14.38 28.74
CA ASP A 278 62.90 -13.57 29.87
C ASP A 278 61.71 -12.67 29.52
N ASN A 279 61.42 -12.47 28.24
CA ASN A 279 60.27 -11.65 27.84
C ASN A 279 58.94 -12.40 27.88
N TYR A 280 58.94 -13.67 28.29
CA TYR A 280 57.72 -14.42 28.57
C TYR A 280 57.31 -14.34 30.04
N ILE A 281 57.88 -13.41 30.80
CA ILE A 281 57.55 -13.20 32.21
C ILE A 281 56.92 -11.82 32.33
N GLU A 282 55.81 -11.74 33.07
CA GLU A 282 55.10 -10.46 33.22
C GLU A 282 56.01 -9.40 33.83
N ALA A 283 55.76 -8.15 33.45
CA ALA A 283 56.58 -7.03 33.91
C ALA A 283 56.52 -6.92 35.42
N ASN A 284 57.69 -6.77 36.04
CA ASN A 284 57.83 -6.61 37.49
C ASN A 284 58.58 -5.31 37.78
N PRO A 285 57.89 -4.23 38.18
CA PRO A 285 58.62 -2.99 38.52
C PRO A 285 59.59 -3.12 39.68
N LEU A 286 59.52 -4.20 40.47
CA LEU A 286 60.34 -4.36 41.67
C LEU A 286 61.50 -5.36 41.48
N SER A 287 61.70 -5.90 40.28
CA SER A 287 62.75 -6.88 40.07
C SER A 287 63.22 -6.86 38.62
N THR A 288 64.55 -6.76 38.43
CA THR A 288 65.20 -6.80 37.12
C THR A 288 65.78 -8.20 36.87
N PRO A 289 65.76 -8.75 35.64
CA PRO A 289 66.42 -10.05 35.43
C PRO A 289 67.92 -9.99 35.61
N ALA A 290 68.49 -11.14 35.98
CA ALA A 290 69.92 -11.25 36.24
C ALA A 290 70.75 -11.36 34.96
N HIS A 291 70.15 -11.84 33.86
CA HIS A 291 70.88 -12.18 32.64
C HIS A 291 70.27 -11.44 31.45
N ILE A 292 70.19 -10.11 31.58
CA ILE A 292 69.64 -9.29 30.51
C ILE A 292 70.48 -9.45 29.25
N VAL A 293 69.79 -9.64 28.13
CA VAL A 293 70.42 -9.71 26.81
C VAL A 293 69.44 -9.04 25.85
N PRO A 294 69.76 -7.89 25.24
CA PRO A 294 68.84 -7.34 24.23
C PRO A 294 68.85 -8.17 22.95
N GLU A 295 68.02 -7.81 21.98
CA GLU A 295 68.04 -8.49 20.70
C GLU A 295 69.42 -8.37 20.07
N TRP A 296 69.77 -9.37 19.26
CA TRP A 296 71.09 -9.43 18.64
C TRP A 296 71.39 -8.17 17.82
N TYR A 297 70.36 -7.55 17.23
CA TYR A 297 70.54 -6.34 16.45
C TYR A 297 70.67 -5.08 17.30
N PHE A 298 70.68 -5.20 18.64
CA PHE A 298 71.02 -4.11 19.55
C PHE A 298 72.27 -4.38 20.37
N LEU A 299 72.74 -5.62 20.44
CA LEU A 299 73.94 -5.96 21.20
C LEU A 299 75.17 -5.14 20.87
N PRO A 300 75.55 -4.88 19.61
CA PRO A 300 76.76 -4.07 19.39
C PRO A 300 76.69 -2.68 20.01
N PHE A 301 75.52 -2.07 20.03
CA PHE A 301 75.32 -0.81 20.75
C PHE A 301 75.18 -1.02 22.25
N TYR A 302 74.83 -2.24 22.68
CA TYR A 302 74.81 -2.55 24.11
C TYR A 302 76.24 -2.61 24.67
N ALA A 303 77.17 -3.18 23.89
CA ALA A 303 78.56 -3.25 24.33
C ALA A 303 79.18 -1.86 24.48
N ILE A 304 78.92 -0.97 23.51
CA ILE A 304 79.49 0.37 23.56
C ILE A 304 79.00 1.11 24.80
N LEU A 305 77.74 0.90 25.18
CA LEU A 305 77.21 1.58 26.37
C LEU A 305 77.91 1.11 27.64
N ARG A 306 78.35 -0.15 27.69
CA ARG A 306 79.00 -0.70 28.87
C ARG A 306 80.51 -0.63 28.82
N ALA A 307 81.11 -0.48 27.63
CA ALA A 307 82.56 -0.49 27.52
C ALA A 307 83.18 0.72 28.22
N PHE A 308 82.50 1.87 28.22
CA PHE A 308 83.04 3.11 28.77
C PHE A 308 82.55 3.27 30.21
N THR A 309 83.20 2.54 31.11
CA THR A 309 82.97 2.68 32.54
C THR A 309 83.75 3.89 33.06
N ALA A 310 83.66 4.13 34.38
CA ALA A 310 84.23 5.34 34.94
C ALA A 310 85.76 5.30 35.04
N ASP A 311 86.37 4.12 34.93
CA ASP A 311 87.81 3.97 35.06
C ASP A 311 88.54 3.86 33.72
N VAL A 312 87.82 3.92 32.59
CA VAL A 312 88.48 3.94 31.30
C VAL A 312 89.34 5.19 31.16
N TRP A 313 90.54 5.01 30.60
CA TRP A 313 91.48 6.11 30.49
C TRP A 313 90.93 7.24 29.62
N VAL A 314 90.30 6.88 28.48
CA VAL A 314 89.77 7.88 27.57
C VAL A 314 88.68 8.71 28.25
N VAL A 315 87.85 8.07 29.07
CA VAL A 315 86.77 8.77 29.75
C VAL A 315 87.33 9.78 30.74
N GLN A 316 88.37 9.40 31.49
CA GLN A 316 88.94 10.28 32.51
C GLN A 316 89.50 11.57 31.90
N ILE A 317 90.07 11.47 30.70
CA ILE A 317 90.59 12.67 30.03
C ILE A 317 89.45 13.63 29.72
N ALA A 318 88.36 13.12 29.15
CA ALA A 318 87.21 13.96 28.82
C ALA A 318 86.58 14.58 30.05
N ASN A 319 86.61 13.87 31.19
CA ASN A 319 85.98 14.38 32.41
C ASN A 319 86.62 15.68 32.87
N PHE A 320 87.96 15.72 32.92
CA PHE A 320 88.63 16.93 33.39
C PHE A 320 88.46 18.10 32.42
N ILE A 321 88.59 17.83 31.12
CA ILE A 321 88.53 18.89 30.12
C ILE A 321 87.18 19.61 30.18
N SER A 322 86.10 18.87 30.40
CA SER A 322 84.76 19.42 30.48
C SER A 322 84.37 19.84 31.89
N PHE A 323 85.31 19.83 32.84
CA PHE A 323 85.07 20.22 34.22
C PHE A 323 83.98 19.34 34.86
N GLY A 324 84.03 18.04 34.59
CA GLY A 324 83.15 17.08 35.22
C GLY A 324 81.80 16.87 34.55
N ILE A 325 81.47 17.66 33.53
CA ILE A 325 80.17 17.52 32.86
C ILE A 325 80.06 16.13 32.22
N ILE A 326 81.05 15.75 31.43
CA ILE A 326 81.00 14.50 30.68
C ILE A 326 81.43 13.35 31.60
N ASP A 327 80.45 12.75 32.30
CA ASP A 327 80.70 11.60 33.15
C ASP A 327 80.62 10.32 32.32
N ALA A 328 80.76 9.18 32.99
CA ALA A 328 80.74 7.89 32.31
C ALA A 328 79.38 7.63 31.66
N LYS A 329 78.30 8.01 32.36
CA LYS A 329 76.96 7.81 31.81
C LYS A 329 76.76 8.57 30.52
N PHE A 330 77.03 9.88 30.53
CA PHE A 330 76.83 10.69 29.33
C PHE A 330 77.80 10.29 28.23
N PHE A 331 79.04 9.95 28.60
CA PHE A 331 80.01 9.51 27.60
C PHE A 331 79.55 8.24 26.90
N GLY A 332 78.96 7.30 27.66
CA GLY A 332 78.48 6.07 27.06
C GLY A 332 77.36 6.31 26.06
N VAL A 333 76.47 7.26 26.37
CA VAL A 333 75.41 7.61 25.43
C VAL A 333 76.01 8.26 24.19
N LEU A 334 76.95 9.19 24.37
CA LEU A 334 77.60 9.84 23.24
C LEU A 334 78.33 8.82 22.37
N ALA A 335 78.99 7.84 23.01
CA ALA A 335 79.68 6.79 22.26
C ALA A 335 78.70 5.94 21.47
N MET A 336 77.56 5.59 22.07
CA MET A 336 76.58 4.75 21.39
C MET A 336 76.02 5.44 20.16
N PHE A 337 75.50 6.66 20.34
CA PHE A 337 75.02 7.43 19.19
C PHE A 337 76.18 7.86 18.30
N GLY A 338 77.36 8.08 18.89
CA GLY A 338 78.53 8.46 18.10
C GLY A 338 78.90 7.41 17.08
N ALA A 339 78.59 6.13 17.36
CA ALA A 339 78.86 5.07 16.39
C ALA A 339 78.05 5.28 15.13
N ILE A 340 76.85 5.87 15.25
CA ILE A 340 76.08 6.27 14.09
C ILE A 340 76.72 7.47 13.40
N LEU A 341 77.14 8.47 14.18
CA LEU A 341 77.64 9.70 13.60
C LEU A 341 78.89 9.47 12.75
N VAL A 342 79.81 8.64 13.26
CA VAL A 342 81.00 8.32 12.47
C VAL A 342 80.62 7.51 11.23
N MET A 343 79.63 6.63 11.36
CA MET A 343 79.15 5.88 10.21
C MET A 343 78.33 6.74 9.27
N ALA A 344 77.60 7.73 9.81
CA ALA A 344 76.81 8.61 8.96
C ALA A 344 77.69 9.55 8.16
N LEU A 345 78.83 9.96 8.72
CA LEU A 345 79.71 10.95 8.11
C LEU A 345 80.78 10.32 7.23
N VAL A 346 80.70 9.01 6.97
CA VAL A 346 81.73 8.31 6.21
C VAL A 346 81.91 8.84 4.78
N PRO A 347 80.93 9.47 4.11
CA PRO A 347 81.28 10.07 2.81
C PRO A 347 82.31 11.19 2.91
N TRP A 348 82.39 11.87 4.05
CA TRP A 348 83.32 12.98 4.24
C TRP A 348 84.56 12.60 5.04
N LEU A 349 84.74 11.31 5.37
CA LEU A 349 85.93 10.81 6.02
C LEU A 349 86.80 9.97 5.10
N ASP A 350 86.22 9.27 4.13
CA ASP A 350 86.96 8.53 3.12
C ASP A 350 87.29 9.46 1.97
N THR A 351 88.55 9.85 1.86
CA THR A 351 89.00 10.79 0.83
C THR A 351 89.61 10.10 -0.39
N SER A 352 89.65 8.77 -0.41
CA SER A 352 90.20 8.07 -1.58
C SER A 352 89.29 8.28 -2.79
N PRO A 353 89.81 8.64 -3.97
CA PRO A 353 88.91 8.82 -5.12
C PRO A 353 88.45 7.53 -5.78
N VAL A 354 89.01 6.38 -5.41
CA VAL A 354 88.57 5.11 -5.96
C VAL A 354 87.27 4.70 -5.31
N ARG A 355 86.28 4.34 -6.14
CA ARG A 355 84.96 3.99 -5.62
C ARG A 355 84.97 2.59 -4.99
N SER A 356 85.18 1.55 -5.80
CA SER A 356 85.03 0.19 -5.32
C SER A 356 86.22 -0.21 -4.45
N GLY A 357 85.92 -0.85 -3.32
CA GLY A 357 86.95 -1.38 -2.45
C GLY A 357 87.58 -2.67 -2.94
N ARG A 358 87.06 -3.26 -4.02
CA ARG A 358 87.70 -4.44 -4.60
C ARG A 358 89.12 -4.15 -5.03
N TYR A 359 89.37 -2.93 -5.52
CA TYR A 359 90.68 -2.52 -6.02
C TYR A 359 91.44 -1.62 -5.03
N ARG A 360 91.06 -1.65 -3.76
CA ARG A 360 91.78 -0.95 -2.69
C ARG A 360 92.34 -2.02 -1.75
N PRO A 361 93.61 -2.40 -1.86
CA PRO A 361 94.08 -3.54 -1.05
C PRO A 361 94.16 -3.24 0.44
N MET A 362 94.59 -2.03 0.81
CA MET A 362 94.74 -1.72 2.23
C MET A 362 93.39 -1.55 2.91
N PHE A 363 92.40 -0.98 2.20
CA PHE A 363 91.06 -0.83 2.75
C PHE A 363 90.44 -2.18 3.09
N LYS A 364 90.72 -3.21 2.28
CA LYS A 364 90.14 -4.53 2.48
C LYS A 364 90.41 -5.08 3.88
N ILE A 365 91.63 -4.92 4.38
CA ILE A 365 91.98 -5.46 5.70
C ILE A 365 91.13 -4.80 6.78
N TYR A 366 91.10 -3.47 6.79
CA TYR A 366 90.33 -2.77 7.82
C TYR A 366 88.84 -3.05 7.70
N PHE A 367 88.34 -3.26 6.49
CA PHE A 367 86.93 -3.60 6.33
C PHE A 367 86.61 -4.94 6.97
N TRP A 368 87.38 -5.99 6.62
CA TRP A 368 87.10 -7.31 7.17
C TRP A 368 87.33 -7.35 8.67
N LEU A 369 88.28 -6.55 9.18
CA LEU A 369 88.38 -6.38 10.62
C LEU A 369 87.13 -5.70 11.18
N LEU A 370 86.62 -4.69 10.46
CA LEU A 370 85.38 -4.05 10.89
C LEU A 370 84.22 -5.02 10.86
N ALA A 371 84.17 -5.89 9.85
CA ALA A 371 83.14 -6.92 9.81
C ALA A 371 83.28 -7.87 10.99
N ALA A 372 84.51 -8.29 11.29
CA ALA A 372 84.76 -9.06 12.50
C ALA A 372 84.48 -8.24 13.74
N ASP A 373 84.83 -6.95 13.72
CA ASP A 373 84.61 -6.08 14.87
C ASP A 373 83.12 -5.95 15.19
N PHE A 374 82.28 -5.77 14.17
CA PHE A 374 80.85 -5.66 14.40
C PHE A 374 80.27 -6.96 14.95
N VAL A 375 80.73 -8.10 14.43
CA VAL A 375 80.29 -9.39 14.94
C VAL A 375 80.79 -9.61 16.37
N ILE A 376 82.07 -9.32 16.60
CA ILE A 376 82.65 -9.43 17.94
C ILE A 376 81.88 -8.56 18.92
N LEU A 377 81.56 -7.32 18.52
CA LEU A 377 80.75 -6.44 19.36
C LEU A 377 79.42 -7.08 19.72
N THR A 378 78.76 -7.71 18.75
CA THR A 378 77.51 -8.41 19.01
C THR A 378 77.71 -9.55 20.01
N TRP A 379 78.81 -10.30 19.87
CA TRP A 379 79.03 -11.48 20.70
C TRP A 379 79.24 -11.10 22.17
N VAL A 380 79.97 -10.02 22.43
CA VAL A 380 80.23 -9.63 23.81
C VAL A 380 78.98 -9.10 24.50
N GLY A 381 77.98 -8.65 23.74
CA GLY A 381 76.77 -8.14 24.35
C GLY A 381 76.04 -9.17 25.20
N ALA A 382 76.14 -10.45 24.84
CA ALA A 382 75.55 -11.50 25.63
C ALA A 382 76.40 -11.91 26.82
N GLN A 383 77.68 -11.55 26.83
CA GLN A 383 78.59 -11.97 27.89
C GLN A 383 78.49 -11.03 29.10
N GLN A 384 78.86 -11.57 30.25
CA GLN A 384 78.92 -10.78 31.47
C GLN A 384 80.06 -9.76 31.41
N THR A 385 79.89 -8.67 32.17
CA THR A 385 80.84 -7.56 32.14
C THR A 385 82.15 -7.87 32.84
N THR A 386 82.28 -9.01 33.52
CA THR A 386 83.46 -9.30 34.31
C THR A 386 84.68 -9.50 33.42
N PHE A 387 85.82 -9.74 34.06
CA PHE A 387 87.07 -9.95 33.34
C PHE A 387 87.03 -11.31 32.64
N PRO A 388 87.60 -11.44 31.42
CA PRO A 388 88.31 -10.50 30.53
C PRO A 388 87.42 -9.78 29.53
N TYR A 389 86.10 -9.98 29.61
CA TYR A 389 85.19 -9.39 28.64
C TYR A 389 85.14 -7.86 28.73
N ASP A 390 85.48 -7.28 29.88
CA ASP A 390 85.44 -5.83 30.03
C ASP A 390 86.37 -5.12 29.06
N TRP A 391 87.60 -5.63 28.91
CA TRP A 391 88.57 -4.98 28.02
C TRP A 391 88.29 -5.26 26.55
N ILE A 392 87.80 -6.46 26.24
CA ILE A 392 87.51 -6.84 24.85
C ILE A 392 86.53 -5.85 24.22
N SER A 393 85.48 -5.48 24.95
CA SER A 393 84.49 -4.56 24.40
C SER A 393 85.07 -3.16 24.18
N LEU A 394 86.11 -2.77 24.92
CA LEU A 394 86.71 -1.45 24.75
C LEU A 394 87.62 -1.40 23.52
N ILE A 395 88.41 -2.46 23.30
CA ILE A 395 89.20 -2.56 22.06
C ILE A 395 88.27 -2.52 20.85
N ALA A 396 87.18 -3.30 20.91
CA ALA A 396 86.24 -3.31 19.79
C ALA A 396 85.59 -1.94 19.61
N SER A 397 85.18 -1.30 20.71
CA SER A 397 84.62 0.04 20.62
C SER A 397 85.65 1.03 20.07
N ALA A 398 86.90 0.92 20.55
CA ALA A 398 87.94 1.83 20.08
C ALA A 398 88.19 1.67 18.59
N TYR A 399 88.26 0.42 18.11
CA TYR A 399 88.52 0.19 16.69
C TYR A 399 87.40 0.75 15.82
N TRP A 400 86.17 0.75 16.32
CA TRP A 400 85.04 1.29 15.56
C TRP A 400 85.28 2.76 15.22
N PHE A 401 85.58 3.58 16.23
CA PHE A 401 85.86 4.98 15.98
C PHE A 401 87.18 5.15 15.24
N ALA A 402 88.16 4.28 15.49
CA ALA A 402 89.43 4.36 14.79
C ALA A 402 89.25 4.13 13.29
N TYR A 403 88.38 3.20 12.92
CA TYR A 403 88.16 2.89 11.51
C TYR A 403 87.64 4.10 10.75
N PHE A 404 86.67 4.81 11.31
CA PHE A 404 86.02 5.91 10.62
C PHE A 404 86.75 7.24 10.82
N LEU A 405 87.15 7.57 12.05
CA LEU A 405 87.69 8.88 12.35
C LEU A 405 89.18 9.02 12.10
N VAL A 406 89.93 7.91 12.15
CA VAL A 406 91.39 7.93 12.06
C VAL A 406 91.88 7.22 10.80
N ILE A 407 91.42 6.00 10.57
CA ILE A 407 92.00 5.17 9.51
C ILE A 407 91.57 5.67 8.14
N LEU A 408 90.26 5.78 7.90
CA LEU A 408 89.77 6.17 6.58
C LEU A 408 90.28 7.53 6.11
N PRO A 409 90.33 8.58 6.94
CA PRO A 409 91.00 9.83 6.47
C PRO A 409 92.45 9.62 6.08
N ILE A 410 93.21 8.88 6.89
CA ILE A 410 94.61 8.61 6.58
C ILE A 410 94.72 7.79 5.30
N LEU A 411 93.79 6.86 5.10
CA LEU A 411 93.88 5.93 3.98
C LEU A 411 93.87 6.63 2.63
N GLY A 412 93.04 7.66 2.48
CA GLY A 412 92.91 8.34 1.18
C GLY A 412 94.19 8.92 0.65
N ALA A 413 95.13 9.27 1.53
CA ALA A 413 96.41 9.84 1.10
C ALA A 413 97.38 8.75 0.67
N ILE A 414 97.57 7.73 1.51
CA ILE A 414 98.63 6.74 1.33
C ILE A 414 98.14 5.56 0.50
N GLU A 415 96.92 5.62 -0.03
CA GLU A 415 96.41 4.53 -0.85
C GLU A 415 97.27 4.34 -2.09
N LYS A 416 97.47 3.08 -2.47
CA LYS A 416 98.12 2.69 -3.72
C LYS A 416 97.11 1.87 -4.51
N PRO A 417 96.10 2.53 -5.11
CA PRO A 417 95.02 1.79 -5.77
C PRO A 417 95.50 0.95 -6.94
N VAL A 418 94.65 0.00 -7.33
CA VAL A 418 94.88 -0.86 -8.49
C VAL A 418 93.99 -0.37 -9.62
N ALA A 419 94.47 -0.53 -10.85
CA ALA A 419 93.75 -0.08 -12.03
C ALA A 419 92.44 -0.85 -12.16
N PRO A 420 91.27 -0.19 -12.18
CA PRO A 420 90.03 -0.94 -12.47
C PRO A 420 89.97 -1.32 -13.94
N PRO A 421 89.02 -2.18 -14.32
CA PRO A 421 88.82 -2.44 -15.75
C PRO A 421 88.42 -1.17 -16.50
N ALA A 422 88.63 -1.20 -17.82
CA ALA A 422 88.29 -0.04 -18.63
C ALA A 422 86.79 0.18 -18.68
N THR A 423 86.01 -0.90 -18.74
CA THR A 423 84.56 -0.83 -18.82
C THR A 423 83.96 -2.01 -18.07
N ILE A 424 82.67 -1.86 -17.73
CA ILE A 424 81.95 -2.96 -17.08
C ILE A 424 81.90 -4.18 -18.00
N GLU A 425 81.83 -3.95 -19.32
CA GLU A 425 81.78 -5.06 -20.27
C GLU A 425 83.04 -5.91 -20.18
N GLU A 426 84.20 -5.28 -19.96
CA GLU A 426 85.45 -6.03 -19.86
C GLU A 426 85.42 -6.98 -18.67
N ASP A 427 84.93 -6.51 -17.52
CA ASP A 427 84.81 -7.37 -16.37
C ASP A 427 83.77 -8.47 -16.60
N PHE A 428 82.63 -8.10 -17.19
CA PHE A 428 81.58 -9.09 -17.44
C PHE A 428 82.03 -10.15 -18.44
N ASN A 429 82.67 -9.74 -19.53
CA ASN A 429 83.03 -10.68 -20.58
C ASN A 429 84.27 -11.51 -20.22
N ALA A 430 85.20 -10.94 -19.47
CA ALA A 430 86.38 -11.71 -19.07
C ALA A 430 85.99 -12.85 -18.13
N HIS A 431 85.12 -12.57 -17.18
CA HIS A 431 84.64 -13.58 -16.24
C HIS A 431 83.76 -14.61 -16.94
N ALA B 1 73.15 -14.83 39.50
CA ALA B 1 72.72 -16.21 39.16
C ALA B 1 73.67 -16.81 38.11
N GLY B 2 73.18 -17.66 37.23
CA GLY B 2 74.03 -18.24 36.20
C GLY B 2 73.24 -19.18 35.33
N GLY B 3 73.98 -19.85 34.42
CA GLY B 3 73.40 -20.87 33.58
C GLY B 3 74.25 -22.12 33.57
N GLY B 4 73.73 -23.20 34.13
CA GLY B 4 74.47 -24.43 34.31
C GLY B 4 74.04 -25.56 33.40
N HIS B 5 74.08 -26.79 33.95
CA HIS B 5 73.82 -28.00 33.21
C HIS B 5 72.39 -28.46 33.45
N VAL B 6 71.94 -29.43 32.64
CA VAL B 6 70.58 -29.92 32.67
C VAL B 6 70.56 -31.37 32.20
N GLU B 7 69.51 -32.09 32.57
CA GLU B 7 69.32 -33.48 32.15
C GLU B 7 68.60 -33.48 30.81
N ASP B 8 69.28 -34.00 29.78
CA ASP B 8 68.72 -34.01 28.43
C ASP B 8 67.66 -35.11 28.32
N VAL B 9 66.43 -34.71 28.05
CA VAL B 9 65.30 -35.62 27.95
C VAL B 9 64.89 -35.71 26.48
N PRO B 10 64.78 -36.91 25.87
CA PRO B 10 64.21 -36.96 24.51
C PRO B 10 62.68 -36.83 24.48
N PHE B 11 62.21 -35.60 24.69
CA PHE B 11 60.79 -35.33 24.60
C PHE B 11 60.27 -35.60 23.19
N SER B 12 59.03 -36.08 23.12
CA SER B 12 58.44 -36.43 21.82
C SER B 12 58.26 -35.21 20.93
N PHE B 13 57.91 -34.06 21.52
CA PHE B 13 57.69 -32.86 20.73
C PHE B 13 58.98 -32.26 20.15
N GLU B 14 60.15 -32.70 20.62
CA GLU B 14 61.40 -32.19 20.10
C GLU B 14 61.69 -32.76 18.72
N GLY B 15 62.20 -31.91 17.83
CA GLY B 15 62.59 -32.30 16.49
C GLY B 15 61.63 -31.73 15.46
N PRO B 16 62.07 -31.66 14.19
CA PRO B 16 61.19 -31.08 13.15
C PRO B 16 59.88 -31.82 12.99
N PHE B 17 59.87 -33.14 13.16
CA PHE B 17 58.67 -33.95 13.08
C PHE B 17 58.11 -34.32 14.45
N GLY B 18 58.59 -33.69 15.52
CA GLY B 18 58.11 -34.04 16.85
C GLY B 18 56.66 -33.60 17.04
N THR B 19 55.92 -34.41 17.79
CA THR B 19 54.52 -34.15 18.09
C THR B 19 54.21 -34.58 19.51
N PHE B 20 53.20 -33.93 20.09
CA PHE B 20 52.79 -34.25 21.45
C PHE B 20 52.24 -35.66 21.54
N ASP B 21 52.55 -36.33 22.65
CA ASP B 21 51.95 -37.62 23.00
C ASP B 21 50.66 -37.32 23.76
N GLN B 22 49.52 -37.65 23.13
CA GLN B 22 48.22 -37.27 23.68
C GLN B 22 48.00 -37.84 25.08
N HIS B 23 48.39 -39.10 25.30
CA HIS B 23 48.22 -39.69 26.62
C HIS B 23 49.14 -39.03 27.64
N GLN B 24 50.35 -38.65 27.21
CA GLN B 24 51.30 -38.01 28.13
C GLN B 24 50.76 -36.69 28.66
N LEU B 25 50.13 -35.90 27.79
CA LEU B 25 49.57 -34.63 28.23
C LEU B 25 48.40 -34.84 29.19
N GLN B 26 47.66 -35.94 29.02
CA GLN B 26 46.62 -36.29 29.97
C GLN B 26 47.25 -36.66 31.31
N ARG B 27 48.35 -37.41 31.28
CA ARG B 27 49.10 -37.73 32.49
C ARG B 27 49.65 -36.46 33.14
N GLY B 28 50.31 -35.61 32.34
CA GLY B 28 50.82 -34.37 32.88
C GLY B 28 49.73 -33.46 33.40
N LEU B 29 48.56 -33.48 32.75
CA LEU B 29 47.40 -32.75 33.24
C LEU B 29 47.01 -33.22 34.63
N GLN B 30 47.01 -34.54 34.84
CA GLN B 30 46.68 -35.10 36.14
C GLN B 30 47.70 -34.66 37.20
N VAL B 31 48.99 -34.65 36.84
CA VAL B 31 50.02 -34.24 37.78
C VAL B 31 49.84 -32.78 38.18
N TYR B 32 49.50 -31.92 37.21
CA TYR B 32 49.29 -30.51 37.51
C TYR B 32 48.11 -30.32 38.45
N THR B 33 47.00 -31.01 38.17
CA THR B 33 45.78 -30.84 38.96
C THR B 33 46.00 -31.30 40.40
N GLU B 34 46.67 -32.44 40.59
CA GLU B 34 46.75 -33.08 41.89
C GLU B 34 47.91 -32.57 42.75
N VAL B 35 48.96 -32.04 42.14
CA VAL B 35 50.17 -31.64 42.87
C VAL B 35 50.44 -30.15 42.68
N CYS B 36 50.72 -29.76 41.44
CA CYS B 36 51.20 -28.40 41.18
C CYS B 36 50.13 -27.35 41.44
N ALA B 37 48.87 -27.67 41.18
CA ALA B 37 47.79 -26.69 41.33
C ALA B 37 47.62 -26.21 42.77
N ALA B 38 48.09 -26.97 43.77
CA ALA B 38 47.92 -26.57 45.16
C ALA B 38 48.58 -25.23 45.47
N CYS B 39 49.70 -24.94 44.80
CA CYS B 39 50.44 -23.69 44.98
C CYS B 39 50.49 -22.85 43.73
N HIS B 40 50.68 -23.46 42.57
CA HIS B 40 50.83 -22.76 41.30
C HIS B 40 49.49 -22.56 40.62
N GLY B 41 49.48 -21.70 39.60
CA GLY B 41 48.31 -21.47 38.77
C GLY B 41 48.75 -21.16 37.36
N MET B 42 47.75 -21.12 36.45
CA MET B 42 47.96 -20.81 35.03
C MET B 42 46.94 -19.76 34.62
N LYS B 43 47.25 -18.50 34.91
CA LYS B 43 46.29 -17.42 34.64
C LYS B 43 46.04 -17.20 33.14
N PHE B 44 46.88 -17.75 32.25
CA PHE B 44 46.78 -17.52 30.82
C PHE B 44 46.20 -18.70 30.03
N VAL B 45 46.07 -19.88 30.64
CA VAL B 45 45.70 -21.10 29.91
C VAL B 45 44.19 -21.24 29.93
N PRO B 46 43.50 -21.23 28.78
CA PRO B 46 42.07 -21.57 28.79
C PRO B 46 41.85 -23.06 29.02
N ILE B 47 40.83 -23.37 29.83
CA ILE B 47 40.52 -24.76 30.14
C ILE B 47 40.00 -25.51 28.91
N ARG B 48 39.32 -24.79 28.00
CA ARG B 48 38.72 -25.42 26.82
C ARG B 48 39.73 -26.12 25.92
N SER B 49 41.01 -25.77 26.00
CA SER B 49 42.02 -26.35 25.12
C SER B 49 42.31 -27.81 25.41
N LEU B 50 41.76 -28.38 26.48
CA LEU B 50 41.95 -29.79 26.78
C LEU B 50 41.24 -30.71 25.78
N SER B 51 40.36 -30.16 24.93
CA SER B 51 39.72 -30.89 23.84
C SER B 51 40.16 -30.40 22.47
N GLU B 52 40.85 -29.25 22.39
CA GLU B 52 41.36 -28.77 21.13
C GLU B 52 42.37 -29.77 20.53
N PRO B 53 42.49 -29.83 19.20
CA PRO B 53 43.47 -30.74 18.62
C PRO B 53 44.90 -30.35 18.99
N GLY B 54 45.79 -31.32 18.89
CA GLY B 54 47.18 -31.09 19.26
C GLY B 54 47.32 -30.82 20.74
N GLY B 55 46.75 -31.71 21.55
CA GLY B 55 46.76 -31.57 22.99
C GLY B 55 46.28 -32.83 23.67
N PRO B 56 45.79 -32.73 24.91
CA PRO B 56 45.21 -33.92 25.55
C PRO B 56 44.01 -34.48 24.80
N GLU B 57 43.24 -33.61 24.14
CA GLU B 57 42.09 -33.99 23.31
C GLU B 57 41.13 -34.88 24.08
N LEU B 58 40.57 -34.33 25.15
CA LEU B 58 39.59 -35.01 25.96
C LEU B 58 38.19 -34.82 25.39
N PRO B 59 37.23 -35.67 25.74
CA PRO B 59 35.83 -35.38 25.40
C PRO B 59 35.36 -34.11 26.10
N GLU B 60 34.49 -33.37 25.41
CA GLU B 60 34.02 -32.09 25.95
C GLU B 60 33.30 -32.26 27.30
N ASP B 61 32.71 -33.44 27.54
CA ASP B 61 32.09 -33.68 28.84
C ASP B 61 33.13 -33.80 29.94
N GLN B 62 34.24 -34.49 29.67
CA GLN B 62 35.32 -34.57 30.67
C GLN B 62 35.90 -33.19 30.95
N VAL B 63 36.11 -32.38 29.91
CA VAL B 63 36.54 -31.01 30.12
C VAL B 63 35.50 -30.25 30.93
N ARG B 64 34.22 -30.43 30.59
CA ARG B 64 33.14 -29.82 31.35
C ARG B 64 33.15 -30.28 32.80
N ALA B 65 33.37 -31.58 33.03
CA ALA B 65 33.43 -32.10 34.39
C ALA B 65 34.72 -31.67 35.08
N TYR B 66 35.84 -31.69 34.37
CA TYR B 66 37.12 -31.30 34.95
C TYR B 66 37.09 -29.83 35.38
N ALA B 67 36.46 -28.96 34.61
CA ALA B 67 36.48 -27.54 34.90
C ALA B 67 35.70 -27.19 36.16
N THR B 68 34.72 -28.02 36.54
CA THR B 68 33.84 -27.67 37.66
C THR B 68 34.56 -27.65 39.00
N GLN B 69 35.67 -28.37 39.14
CA GLN B 69 36.36 -28.42 40.43
C GLN B 69 36.97 -27.07 40.80
N PHE B 70 37.29 -26.24 39.82
CA PHE B 70 37.88 -24.93 40.08
C PHE B 70 36.81 -23.91 40.44
N THR B 71 37.12 -23.08 41.44
CA THR B 71 36.26 -21.96 41.80
C THR B 71 36.68 -20.73 41.00
N VAL B 72 35.68 -19.96 40.56
CA VAL B 72 35.89 -18.77 39.74
C VAL B 72 34.97 -17.68 40.24
N THR B 73 35.52 -16.47 40.36
CA THR B 73 34.75 -15.29 40.76
C THR B 73 34.19 -14.64 39.50
N ASP B 74 32.85 -14.70 39.36
CA ASP B 74 32.20 -14.17 38.16
C ASP B 74 32.54 -12.71 37.94
N GLU B 75 32.94 -12.38 36.71
CA GLU B 75 33.37 -11.03 36.39
C GLU B 75 32.22 -10.02 36.54
N GLU B 76 31.00 -10.43 36.18
CA GLU B 76 29.86 -9.52 36.18
C GLU B 76 29.14 -9.53 37.53
N THR B 77 28.57 -10.68 37.90
CA THR B 77 27.85 -10.81 39.16
C THR B 77 28.72 -10.39 40.34
N GLY B 78 29.84 -11.10 40.54
CA GLY B 78 30.75 -10.88 41.65
C GLY B 78 30.81 -12.07 42.60
N GLU B 79 29.74 -12.84 42.69
CA GLU B 79 29.71 -14.02 43.54
C GLU B 79 30.39 -15.19 42.83
N ASP B 80 31.07 -16.02 43.62
CA ASP B 80 31.77 -17.17 43.07
C ASP B 80 30.79 -18.19 42.50
N ARG B 81 31.32 -19.09 41.67
CA ARG B 81 30.51 -20.09 40.99
C ARG B 81 31.42 -21.23 40.54
N GLU B 82 30.80 -22.29 40.04
CA GLU B 82 31.55 -23.43 39.54
C GLU B 82 32.27 -23.06 38.24
N GLY B 83 33.39 -23.74 38.00
CA GLY B 83 34.20 -23.42 36.83
C GLY B 83 33.64 -24.04 35.57
N LYS B 84 33.57 -23.24 34.51
CA LYS B 84 33.14 -23.65 33.19
C LYS B 84 34.36 -23.88 32.29
N PRO B 85 34.19 -24.52 31.14
CA PRO B 85 35.32 -24.63 30.19
C PRO B 85 35.78 -23.30 29.64
N THR B 86 34.94 -22.26 29.70
CA THR B 86 35.32 -20.94 29.20
C THR B 86 36.28 -20.20 30.13
N ASP B 87 36.30 -20.55 31.41
CA ASP B 87 37.17 -19.87 32.36
C ASP B 87 38.61 -20.37 32.24
N HIS B 88 39.54 -19.53 32.69
CA HIS B 88 40.94 -19.88 32.77
C HIS B 88 41.21 -20.62 34.09
N PHE B 89 42.38 -21.24 34.17
CA PHE B 89 42.80 -21.80 35.45
C PHE B 89 42.99 -20.67 36.45
N PRO B 90 42.89 -20.93 37.75
CA PRO B 90 42.96 -19.84 38.72
C PRO B 90 44.37 -19.26 38.82
N HIS B 91 44.44 -18.08 39.43
CA HIS B 91 45.72 -17.50 39.80
C HIS B 91 46.47 -18.45 40.73
N SER B 92 47.78 -18.20 40.88
CA SER B 92 48.59 -18.98 41.81
C SER B 92 48.05 -18.85 43.22
N ALA B 93 47.65 -19.99 43.81
CA ALA B 93 47.13 -19.98 45.17
C ALA B 93 48.18 -19.51 46.17
N LEU B 94 49.45 -19.76 45.88
CA LEU B 94 50.57 -19.35 46.71
C LEU B 94 51.17 -18.09 46.11
N GLU B 95 51.23 -17.01 46.90
CA GLU B 95 51.60 -15.69 46.41
C GLU B 95 52.95 -15.71 45.68
N ASN B 96 53.98 -16.27 46.31
CA ASN B 96 55.33 -16.25 45.75
C ASN B 96 55.60 -17.45 44.83
N ALA B 97 54.56 -18.19 44.42
CA ALA B 97 54.71 -19.27 43.46
C ALA B 97 54.51 -18.72 42.05
N PRO B 98 55.52 -18.74 41.17
CA PRO B 98 55.32 -18.15 39.84
C PRO B 98 54.31 -18.92 38.99
N ASP B 99 53.72 -18.20 38.04
CA ASP B 99 52.74 -18.80 37.14
C ASP B 99 53.43 -19.74 36.15
N LEU B 100 52.81 -20.91 35.94
CA LEU B 100 53.38 -21.98 35.12
C LEU B 100 52.92 -21.96 33.67
N SER B 101 52.16 -20.93 33.26
CA SER B 101 51.64 -20.89 31.89
C SER B 101 52.77 -20.88 30.86
N LEU B 102 53.72 -19.95 31.00
CA LEU B 102 54.83 -19.77 30.06
C LEU B 102 56.17 -20.18 30.66
N MET B 103 56.17 -20.98 31.72
CA MET B 103 57.43 -21.38 32.33
C MET B 103 58.25 -22.25 31.37
N ALA B 104 57.58 -23.08 30.56
CA ALA B 104 58.27 -23.97 29.64
C ALA B 104 58.93 -23.24 28.47
N LYS B 105 58.65 -21.95 28.28
CA LYS B 105 59.35 -21.11 27.30
C LYS B 105 60.10 -19.94 27.91
N ALA B 106 59.94 -19.68 29.21
CA ALA B 106 60.57 -18.53 29.86
C ALA B 106 61.92 -18.85 30.49
N ARG B 107 62.37 -20.11 30.44
CA ARG B 107 63.65 -20.52 31.00
C ARG B 107 64.47 -21.21 29.91
N ALA B 108 65.76 -20.90 29.88
CA ALA B 108 66.69 -21.54 28.95
C ALA B 108 67.37 -22.71 29.66
N GLY B 109 67.36 -23.87 29.00
CA GLY B 109 67.97 -25.07 29.55
C GLY B 109 69.38 -25.29 29.03
N PHE B 110 69.71 -24.69 27.88
CA PHE B 110 71.02 -24.80 27.26
C PHE B 110 71.60 -23.41 27.08
N HIS B 111 72.93 -23.36 27.03
CA HIS B 111 73.67 -22.10 26.92
C HIS B 111 74.82 -22.35 25.96
N GLY B 112 74.97 -21.47 24.97
CA GLY B 112 76.00 -21.58 23.97
C GLY B 112 77.38 -21.68 24.57
N PRO B 113 78.35 -22.34 23.85
CA PRO B 113 79.72 -22.52 24.38
C PRO B 113 80.33 -21.27 25.01
N MET B 114 80.41 -20.18 24.24
CA MET B 114 80.86 -18.89 24.73
C MET B 114 79.79 -17.85 24.44
N GLY B 115 78.55 -18.17 24.80
CA GLY B 115 77.43 -17.28 24.48
C GLY B 115 77.26 -17.09 22.99
N THR B 116 77.52 -18.13 22.20
CA THR B 116 77.39 -18.09 20.75
C THR B 116 76.09 -18.72 20.26
N GLY B 117 75.25 -19.21 21.17
CA GLY B 117 73.99 -19.82 20.76
C GLY B 117 74.13 -21.06 19.91
N ILE B 118 75.29 -21.72 19.95
CA ILE B 118 75.46 -22.93 19.14
C ILE B 118 74.72 -24.09 19.79
N SER B 119 74.73 -24.15 21.12
CA SER B 119 74.00 -25.22 21.81
C SER B 119 72.49 -25.06 21.62
N GLN B 120 71.98 -23.83 21.76
CA GLN B 120 70.57 -23.60 21.53
C GLN B 120 70.18 -23.87 20.08
N LEU B 121 71.10 -23.61 19.14
CA LEU B 121 70.80 -23.83 17.73
C LEU B 121 70.54 -25.30 17.42
N PHE B 122 71.18 -26.21 18.16
CA PHE B 122 71.08 -27.64 17.91
C PHE B 122 70.22 -28.38 18.93
N ASN B 123 69.98 -27.78 20.12
CA ASN B 123 69.24 -28.43 21.20
C ASN B 123 67.97 -27.70 21.60
N GLY B 124 67.78 -26.45 21.16
CA GLY B 124 66.61 -25.68 21.54
C GLY B 124 66.86 -24.83 22.76
N ILE B 125 65.81 -24.10 23.16
CA ILE B 125 65.90 -23.24 24.33
C ILE B 125 66.12 -24.07 25.58
N GLY B 126 65.42 -25.18 25.72
CA GLY B 126 65.63 -26.12 26.81
C GLY B 126 64.70 -25.96 27.99
N GLY B 127 63.63 -25.19 27.86
CA GLY B 127 62.65 -25.01 28.92
C GLY B 127 62.10 -26.28 29.51
N PRO B 128 61.45 -27.12 28.69
CA PRO B 128 60.91 -28.39 29.25
C PRO B 128 61.99 -29.31 29.80
N GLU B 129 63.22 -29.21 29.29
CA GLU B 129 64.32 -30.01 29.82
C GLU B 129 64.88 -29.43 31.12
N TYR B 130 64.66 -28.14 31.37
CA TYR B 130 65.10 -27.52 32.62
C TYR B 130 64.12 -27.82 33.75
N ILE B 131 62.82 -27.86 33.46
CA ILE B 131 61.83 -28.19 34.48
C ILE B 131 62.05 -29.59 35.00
N TYR B 132 62.33 -30.54 34.10
CA TYR B 132 62.62 -31.92 34.51
C TYR B 132 63.79 -31.98 35.48
N SER B 133 64.79 -31.12 35.30
CA SER B 133 65.97 -31.16 36.15
C SER B 133 65.70 -30.56 37.53
N VAL B 134 64.80 -29.59 37.62
CA VAL B 134 64.50 -28.99 38.92
C VAL B 134 63.70 -29.96 39.79
N LEU B 135 62.72 -30.64 39.20
CA LEU B 135 61.88 -31.57 39.96
C LEU B 135 62.70 -32.75 40.46
N THR B 136 63.57 -33.30 39.63
CA THR B 136 64.40 -34.45 39.98
C THR B 136 65.74 -34.05 40.61
N GLY B 137 65.97 -32.76 40.86
CA GLY B 137 67.27 -32.28 41.30
C GLY B 137 67.35 -31.95 42.77
N PHE B 138 66.45 -32.50 43.59
CA PHE B 138 66.49 -32.31 45.03
C PHE B 138 67.28 -33.47 45.65
N PRO B 139 68.50 -33.26 46.18
CA PRO B 139 69.23 -34.38 46.77
C PRO B 139 68.75 -34.67 48.18
N GLU B 140 69.20 -35.80 48.71
CA GLU B 140 68.80 -36.23 50.05
C GLU B 140 69.31 -35.26 51.12
N GLU B 141 70.61 -34.97 51.10
CA GLU B 141 71.27 -34.07 52.04
C GLU B 141 71.93 -32.91 51.29
N PRO B 142 72.16 -31.76 51.94
CA PRO B 142 72.81 -30.65 51.25
C PRO B 142 74.29 -30.92 51.02
N PRO B 143 75.00 -30.03 50.35
CA PRO B 143 76.46 -30.15 50.29
C PRO B 143 77.09 -30.03 51.67
N LYS B 144 78.28 -30.63 51.80
CA LYS B 144 78.98 -30.64 53.08
C LYS B 144 79.31 -29.24 53.58
N CYS B 145 79.56 -28.30 52.66
CA CYS B 145 79.87 -26.93 53.06
C CYS B 145 78.71 -26.25 53.76
N ALA B 146 77.48 -26.74 53.58
CA ALA B 146 76.28 -26.10 54.10
C ALA B 146 75.69 -26.83 55.30
N GLU B 147 76.28 -27.95 55.73
CA GLU B 147 75.77 -28.73 56.85
C GLU B 147 75.74 -27.86 58.10
N GLY B 148 74.54 -27.48 58.53
CA GLY B 148 74.38 -26.58 59.66
C GLY B 148 74.40 -25.11 59.29
N HIS B 149 74.19 -24.79 58.01
CA HIS B 149 74.20 -23.40 57.54
C HIS B 149 73.11 -23.14 56.50
N GLU B 150 72.12 -24.01 56.38
CA GLU B 150 71.07 -23.81 55.37
C GLU B 150 70.22 -22.61 55.74
N PRO B 151 69.91 -21.70 54.78
CA PRO B 151 68.92 -20.66 55.10
C PRO B 151 67.58 -21.29 55.45
N ASP B 152 66.98 -20.80 56.53
CA ASP B 152 65.73 -21.36 57.02
C ASP B 152 64.60 -21.11 56.03
N GLY B 153 63.89 -22.16 55.66
CA GLY B 153 62.78 -22.07 54.73
C GLY B 153 63.12 -22.33 53.28
N PHE B 154 64.33 -22.79 52.99
CA PHE B 154 64.78 -23.07 51.63
C PHE B 154 65.35 -24.48 51.56
N TYR B 155 65.44 -25.00 50.33
CA TYR B 155 65.84 -26.37 50.07
C TYR B 155 66.83 -26.37 48.91
N TYR B 156 67.82 -27.24 48.98
CA TYR B 156 68.87 -27.27 47.96
C TYR B 156 68.38 -28.02 46.73
N ASN B 157 68.63 -27.44 45.56
CA ASN B 157 68.30 -28.04 44.27
C ASN B 157 69.48 -27.90 43.34
N ARG B 158 69.84 -29.00 42.67
CA ARG B 158 71.01 -28.99 41.79
C ARG B 158 70.83 -28.03 40.63
N ALA B 159 69.62 -27.99 40.03
CA ALA B 159 69.41 -27.27 38.79
C ALA B 159 69.02 -25.81 38.99
N PHE B 160 68.44 -25.46 40.13
CA PHE B 160 68.08 -24.08 40.39
C PHE B 160 69.34 -23.23 40.56
N GLN B 161 69.29 -22.01 40.03
CA GLN B 161 70.46 -21.13 39.95
C GLN B 161 70.29 -19.79 40.64
N ASN B 162 69.06 -19.30 40.80
CA ASN B 162 68.80 -17.99 41.37
C ASN B 162 68.61 -18.02 42.89
N GLY B 163 69.10 -19.07 43.56
CA GLY B 163 68.91 -19.23 44.98
C GLY B 163 70.07 -18.72 45.81
N SER B 164 69.81 -18.52 47.10
CA SER B 164 70.83 -18.10 48.03
C SER B 164 71.83 -19.22 48.27
N VAL B 165 72.98 -18.85 48.85
CA VAL B 165 74.06 -19.80 49.17
C VAL B 165 74.67 -19.35 50.49
N PRO B 166 74.96 -20.25 51.44
CA PRO B 166 75.66 -19.81 52.66
C PRO B 166 77.03 -19.24 52.37
N ASP B 167 77.44 -18.25 53.17
CA ASP B 167 78.77 -17.68 53.03
C ASP B 167 79.86 -18.72 53.27
N THR B 168 79.57 -19.74 54.09
CA THR B 168 80.53 -20.81 54.32
C THR B 168 80.78 -21.67 53.08
N CYS B 169 79.93 -21.57 52.05
CA CYS B 169 80.08 -22.34 50.82
C CYS B 169 80.75 -21.55 49.71
N LYS B 170 80.95 -20.25 49.88
CA LYS B 170 81.64 -19.43 48.89
C LYS B 170 83.14 -19.51 49.10
N ASP B 171 83.88 -19.30 48.02
CA ASP B 171 85.34 -19.38 48.06
C ASP B 171 85.92 -18.04 48.53
N ALA B 172 87.22 -17.80 48.29
CA ALA B 172 87.87 -16.63 48.84
C ALA B 172 87.48 -15.35 48.09
N ASN B 173 87.11 -15.46 46.81
CA ASN B 173 86.79 -14.29 45.97
C ASN B 173 85.33 -14.33 45.52
N GLY B 174 84.44 -14.78 46.39
CA GLY B 174 83.01 -14.57 46.23
C GLY B 174 82.27 -15.56 45.37
N VAL B 175 82.94 -16.50 44.72
CA VAL B 175 82.29 -17.42 43.79
C VAL B 175 81.75 -18.61 44.57
N LYS B 176 80.51 -19.00 44.26
CA LYS B 176 79.89 -20.13 44.92
C LYS B 176 80.51 -21.45 44.43
N THR B 177 80.64 -22.40 45.36
CA THR B 177 81.24 -23.69 45.05
C THR B 177 80.22 -24.77 44.68
N THR B 178 78.94 -24.56 44.97
CA THR B 178 77.93 -25.57 44.69
C THR B 178 77.45 -25.48 43.24
N ALA B 179 77.06 -26.63 42.70
CA ALA B 179 76.52 -26.67 41.35
C ALA B 179 75.23 -25.87 41.25
N GLY B 180 74.34 -26.05 42.22
CA GLY B 180 73.04 -25.40 42.26
C GLY B 180 72.94 -24.37 43.36
N SER B 181 71.75 -24.19 43.90
CA SER B 181 71.53 -23.23 44.98
C SER B 181 70.26 -23.64 45.73
N TRP B 182 69.89 -22.83 46.71
CA TRP B 182 68.77 -23.14 47.59
C TRP B 182 67.49 -22.48 47.07
N ILE B 183 66.49 -23.31 46.74
CA ILE B 183 65.23 -22.85 46.18
C ILE B 183 64.19 -22.82 47.29
N ALA B 184 63.18 -21.98 47.12
CA ALA B 184 62.10 -21.83 48.09
C ALA B 184 60.95 -22.79 47.86
N MET B 185 61.07 -23.71 46.89
CA MET B 185 60.02 -24.67 46.59
C MET B 185 60.32 -25.97 47.30
N PRO B 186 59.45 -26.50 48.18
CA PRO B 186 59.70 -27.82 48.73
C PRO B 186 59.63 -28.87 47.63
N PRO B 187 60.30 -30.01 47.80
CA PRO B 187 60.24 -31.06 46.76
C PRO B 187 58.81 -31.46 46.46
N PRO B 188 58.28 -31.14 45.27
CA PRO B 188 56.85 -31.40 45.03
C PRO B 188 56.55 -32.83 44.61
N LEU B 189 57.52 -33.56 44.06
CA LEU B 189 57.32 -34.91 43.57
C LEU B 189 57.84 -35.91 44.58
N MET B 190 56.98 -36.87 44.95
CA MET B 190 57.35 -38.01 45.76
C MET B 190 56.88 -39.25 45.01
N ASP B 191 57.67 -40.32 45.12
CA ASP B 191 57.46 -41.53 44.31
C ASP B 191 56.05 -42.08 44.44
N ASP B 192 55.41 -42.28 43.29
CA ASP B 192 54.06 -42.86 43.19
C ASP B 192 53.01 -41.99 43.91
N LEU B 193 53.25 -40.68 43.99
CA LEU B 193 52.26 -39.79 44.59
C LEU B 193 50.98 -39.68 43.76
N VAL B 194 51.02 -40.04 42.47
CA VAL B 194 49.86 -39.97 41.58
C VAL B 194 49.66 -41.33 40.94
N GLU B 195 48.39 -41.70 40.74
CA GLU B 195 47.99 -42.92 40.04
C GLU B 195 47.33 -42.53 38.73
N TYR B 196 47.94 -42.92 37.61
CA TYR B 196 47.50 -42.43 36.32
C TYR B 196 46.33 -43.25 35.78
N ALA B 197 45.64 -42.67 34.79
CA ALA B 197 44.50 -43.33 34.18
C ALA B 197 44.92 -44.61 33.46
N ASP B 198 45.92 -44.51 32.57
CA ASP B 198 46.36 -45.64 31.76
C ASP B 198 47.42 -46.49 32.47
N GLY B 199 47.55 -46.36 33.79
CA GLY B 199 48.50 -47.17 34.54
C GLY B 199 49.95 -46.95 34.21
N HIS B 200 50.30 -45.82 33.59
CA HIS B 200 51.68 -45.53 33.25
C HIS B 200 52.53 -45.38 34.52
N ASP B 201 53.83 -45.58 34.35
CA ASP B 201 54.78 -45.41 35.45
C ASP B 201 54.70 -43.99 36.02
N ALA B 202 54.69 -43.92 37.36
CA ALA B 202 54.52 -42.67 38.10
C ALA B 202 55.72 -42.41 39.00
N SER B 203 56.93 -42.66 38.49
CA SER B 203 58.14 -42.32 39.20
C SER B 203 58.37 -40.81 39.17
N VAL B 204 59.35 -40.35 39.94
CA VAL B 204 59.69 -38.93 39.95
C VAL B 204 60.16 -38.48 38.57
N HIS B 205 61.01 -39.29 37.93
CA HIS B 205 61.46 -38.95 36.59
C HIS B 205 60.32 -39.02 35.58
N ALA B 206 59.41 -39.98 35.75
CA ALA B 206 58.29 -40.12 34.82
C ALA B 206 57.30 -38.96 34.99
N MET B 207 56.95 -38.62 36.23
CA MET B 207 56.03 -37.52 36.46
C MET B 207 56.63 -36.21 35.97
N ALA B 208 57.93 -36.01 36.19
CA ALA B 208 58.58 -34.80 35.72
C ALA B 208 58.55 -34.74 34.19
N GLU B 209 58.79 -35.87 33.54
CA GLU B 209 58.70 -35.91 32.08
C GLU B 209 57.27 -35.66 31.61
N ASP B 210 56.29 -36.32 32.27
CA ASP B 210 54.90 -36.16 31.85
C ASP B 210 54.41 -34.74 32.10
N VAL B 211 54.68 -34.19 33.28
CA VAL B 211 54.22 -32.85 33.59
C VAL B 211 54.96 -31.82 32.75
N SER B 212 56.22 -32.10 32.40
CA SER B 212 56.96 -31.20 31.52
C SER B 212 56.32 -31.13 30.15
N ALA B 213 55.91 -32.28 29.60
CA ALA B 213 55.21 -32.29 28.32
C ALA B 213 53.91 -31.49 28.39
N PHE B 214 53.12 -31.70 29.45
CA PHE B 214 51.91 -30.92 29.64
C PHE B 214 52.24 -29.44 29.85
N LEU B 215 53.33 -29.15 30.56
CA LEU B 215 53.71 -27.76 30.76
C LEU B 215 54.22 -27.13 29.48
N MET B 216 54.81 -27.91 28.58
CA MET B 216 55.19 -27.39 27.27
C MET B 216 53.95 -27.10 26.43
N TRP B 217 52.97 -28.01 26.45
CA TRP B 217 51.75 -27.80 25.68
C TRP B 217 50.98 -26.59 26.19
N ALA B 218 51.00 -26.37 27.50
CA ALA B 218 50.33 -25.20 28.06
C ALA B 218 50.94 -23.90 27.55
N ALA B 219 52.27 -23.89 27.39
CA ALA B 219 52.95 -22.69 26.91
C ALA B 219 52.79 -22.50 25.40
N GLU B 220 52.80 -23.60 24.64
CA GLU B 220 52.68 -23.57 23.18
C GLU B 220 51.65 -24.61 22.77
N PRO B 221 50.35 -24.29 22.84
CA PRO B 221 49.34 -25.27 22.41
C PRO B 221 49.38 -25.54 20.91
N LYS B 222 49.76 -24.55 20.09
CA LYS B 222 49.70 -24.65 18.64
C LYS B 222 51.02 -25.10 18.03
N LEU B 223 51.83 -25.84 18.77
CA LEU B 223 53.12 -26.29 18.25
C LEU B 223 52.94 -27.23 17.06
N MET B 224 51.97 -28.15 17.14
CA MET B 224 51.79 -29.12 16.07
C MET B 224 51.24 -28.48 14.81
N ALA B 225 50.41 -27.43 14.95
CA ALA B 225 49.96 -26.69 13.77
C ALA B 225 51.09 -25.89 13.16
N ARG B 226 51.95 -25.32 13.99
CA ARG B 226 53.05 -24.49 13.50
C ARG B 226 54.01 -25.28 12.64
N LYS B 227 54.32 -26.51 13.05
CA LYS B 227 55.29 -27.30 12.29
C LYS B 227 54.68 -27.84 11.00
N GLN B 228 53.37 -28.07 10.98
CA GLN B 228 52.70 -28.44 9.74
C GLN B 228 52.75 -27.28 8.74
N ALA B 229 52.41 -26.07 9.19
CA ALA B 229 52.48 -24.90 8.32
C ALA B 229 53.92 -24.61 7.91
N GLY B 230 54.86 -24.71 8.86
CA GLY B 230 56.26 -24.46 8.54
C GLY B 230 56.79 -25.37 7.45
N PHE B 231 56.55 -26.67 7.59
CA PHE B 231 56.98 -27.62 6.56
C PHE B 231 56.33 -27.31 5.21
N THR B 232 55.04 -26.92 5.23
CA THR B 232 54.36 -26.57 4.00
C THR B 232 55.02 -25.37 3.32
N ALA B 233 55.21 -24.28 4.06
CA ALA B 233 55.87 -23.09 3.52
C ALA B 233 57.27 -23.42 3.02
N VAL B 234 57.98 -24.30 3.74
CA VAL B 234 59.30 -24.72 3.30
C VAL B 234 59.20 -25.49 1.99
N MET B 235 58.25 -26.43 1.91
CA MET B 235 58.06 -27.19 0.68
C MET B 235 57.60 -26.30 -0.47
N PHE B 236 56.67 -25.39 -0.19
CA PHE B 236 56.14 -24.52 -1.25
C PHE B 236 57.22 -23.57 -1.77
N LEU B 237 57.88 -22.84 -0.87
CA LEU B 237 58.91 -21.90 -1.29
C LEU B 237 60.08 -22.61 -1.96
N THR B 238 60.33 -23.87 -1.59
CA THR B 238 61.33 -24.66 -2.31
C THR B 238 60.93 -24.84 -3.76
N VAL B 239 59.65 -25.16 -4.01
CA VAL B 239 59.15 -25.27 -5.38
C VAL B 239 59.29 -23.93 -6.09
N LEU B 240 58.90 -22.85 -5.41
CA LEU B 240 59.03 -21.51 -5.99
C LEU B 240 60.49 -21.17 -6.25
N SER B 241 61.38 -21.54 -5.33
CA SER B 241 62.81 -21.32 -5.53
C SER B 241 63.32 -22.11 -6.73
N VAL B 242 62.91 -23.38 -6.85
CA VAL B 242 63.37 -24.22 -7.95
C VAL B 242 62.95 -23.64 -9.30
N LEU B 243 61.67 -23.27 -9.41
CA LEU B 243 61.18 -22.70 -10.65
C LEU B 243 61.86 -21.37 -10.95
N LEU B 244 62.04 -20.53 -9.92
CA LEU B 244 62.73 -19.26 -10.12
C LEU B 244 64.19 -19.48 -10.50
N TYR B 245 64.81 -20.58 -10.05
CA TYR B 245 66.18 -20.87 -10.46
C TYR B 245 66.25 -21.15 -11.96
N LEU B 246 65.42 -22.08 -12.45
CA LEU B 246 65.43 -22.42 -13.87
C LEU B 246 65.02 -21.22 -14.72
N THR B 247 64.04 -20.44 -14.25
CA THR B 247 63.64 -19.24 -14.97
C THR B 247 64.78 -18.24 -15.02
N ASN B 248 65.41 -17.96 -13.87
CA ASN B 248 66.56 -17.06 -13.84
C ASN B 248 67.71 -17.60 -14.67
N LYS B 249 67.89 -18.93 -14.69
CA LYS B 249 69.00 -19.52 -15.42
C LYS B 249 68.86 -19.33 -16.93
N ARG B 250 67.65 -19.56 -17.45
CA ARG B 250 67.43 -19.43 -18.89
C ARG B 250 67.40 -17.98 -19.37
N LEU B 251 67.00 -17.05 -18.49
CA LEU B 251 66.85 -15.66 -18.91
C LEU B 251 68.19 -15.02 -19.26
N TRP B 252 69.25 -15.33 -18.50
CA TRP B 252 70.54 -14.71 -18.73
C TRP B 252 71.31 -15.33 -19.90
N ALA B 253 70.82 -16.41 -20.49
CA ALA B 253 71.51 -17.02 -21.62
C ALA B 253 71.60 -16.07 -22.82
N GLY B 254 70.61 -15.19 -22.98
CA GLY B 254 70.57 -14.28 -24.11
C GLY B 254 71.32 -12.98 -23.91
N VAL B 255 72.32 -12.97 -23.03
CA VAL B 255 73.17 -11.81 -22.78
C VAL B 255 74.62 -12.24 -22.96
N LYS B 256 75.05 -13.21 -22.15
CA LYS B 256 76.41 -13.73 -22.23
C LYS B 256 76.49 -14.92 -23.18
N GLY C 9 57.00 -26.35 -27.65
CA GLY C 9 57.87 -26.87 -26.61
C GLY C 9 57.22 -26.81 -25.24
N THR C 10 56.98 -27.98 -24.65
CA THR C 10 56.36 -28.04 -23.34
C THR C 10 57.32 -27.65 -22.22
N ARG C 11 58.64 -27.78 -22.44
CA ARG C 11 59.60 -27.33 -21.44
C ARG C 11 59.72 -25.80 -21.40
N ARG C 12 59.24 -25.10 -22.42
CA ARG C 12 59.51 -23.67 -22.58
C ARG C 12 58.40 -22.84 -21.94
N ASP C 13 57.18 -22.94 -22.48
CA ASP C 13 56.09 -22.09 -22.00
C ASP C 13 55.65 -22.47 -20.60
N PHE C 14 55.73 -23.77 -20.26
CA PHE C 14 55.42 -24.24 -18.91
C PHE C 14 56.17 -23.46 -17.84
N LEU C 15 57.46 -23.22 -18.06
CA LEU C 15 58.26 -22.53 -17.04
C LEU C 15 57.77 -21.09 -16.85
N TYR C 16 57.36 -20.44 -17.94
CA TYR C 16 56.84 -19.07 -17.86
C TYR C 16 55.39 -19.01 -17.38
N TYR C 17 54.81 -20.13 -16.95
CA TYR C 17 53.50 -20.20 -16.31
C TYR C 17 53.58 -20.74 -14.90
N ALA C 18 54.34 -21.82 -14.69
CA ALA C 18 54.50 -22.37 -13.34
C ALA C 18 55.15 -21.34 -12.42
N THR C 19 56.11 -20.56 -12.92
CA THR C 19 56.73 -19.53 -12.10
C THR C 19 55.73 -18.44 -11.74
N ALA C 20 54.86 -18.07 -12.70
CA ALA C 20 53.82 -17.10 -12.41
C ALA C 20 52.75 -17.71 -11.52
N GLY C 21 52.37 -18.97 -11.78
CA GLY C 21 51.38 -19.64 -10.96
C GLY C 21 51.86 -19.81 -9.52
N ALA C 22 53.13 -20.18 -9.35
CA ALA C 22 53.68 -20.29 -8.00
C ALA C 22 53.66 -18.94 -7.30
N GLY C 23 53.97 -17.86 -8.02
CA GLY C 23 53.85 -16.54 -7.44
C GLY C 23 52.41 -16.19 -7.12
N ALA C 24 51.48 -16.57 -8.00
CA ALA C 24 50.06 -16.34 -7.74
C ALA C 24 49.61 -17.13 -6.52
N VAL C 25 49.99 -18.41 -6.45
CA VAL C 25 49.67 -19.23 -5.28
C VAL C 25 50.36 -18.66 -4.05
N ALA C 26 51.57 -18.14 -4.21
CA ALA C 26 52.28 -17.53 -3.08
C ALA C 26 51.51 -16.32 -2.56
N THR C 27 51.06 -15.44 -3.46
CA THR C 27 50.22 -14.32 -3.05
C THR C 27 48.94 -14.81 -2.40
N GLY C 28 48.29 -15.81 -2.99
CA GLY C 28 47.07 -16.33 -2.41
C GLY C 28 47.30 -17.04 -1.08
N ALA C 29 48.34 -17.87 -1.02
CA ALA C 29 48.69 -18.56 0.21
C ALA C 29 49.19 -17.60 1.29
N ALA C 30 49.68 -16.43 0.90
CA ALA C 30 50.10 -15.41 1.86
C ALA C 30 48.97 -14.47 2.26
N VAL C 31 47.89 -14.43 1.47
CA VAL C 31 46.76 -13.55 1.77
C VAL C 31 45.71 -14.26 2.62
N TRP C 32 45.53 -15.56 2.41
CA TRP C 32 44.53 -16.30 3.19
C TRP C 32 44.78 -16.29 4.69
N PRO C 33 46.01 -16.46 5.20
CA PRO C 33 46.22 -16.29 6.65
C PRO C 33 45.84 -14.90 7.16
N LEU C 34 46.04 -13.87 6.33
CA LEU C 34 45.73 -12.51 6.76
C LEU C 34 44.23 -12.24 6.82
N ILE C 35 43.41 -13.04 6.13
CA ILE C 35 41.97 -12.87 6.12
C ILE C 35 41.30 -13.66 7.25
N ASN C 36 41.68 -14.93 7.41
CA ASN C 36 41.02 -15.80 8.38
C ASN C 36 41.22 -15.33 9.83
N GLN C 37 42.24 -14.51 10.10
CA GLN C 37 42.46 -14.03 11.45
C GLN C 37 41.29 -13.21 11.99
N MET C 38 40.60 -12.47 11.12
CA MET C 38 39.48 -11.64 11.57
C MET C 38 38.25 -12.45 11.96
N ASN C 39 38.20 -13.76 11.65
CA ASN C 39 37.08 -14.57 12.03
C ASN C 39 37.06 -14.77 13.55
N PRO C 40 35.93 -15.19 14.12
CA PRO C 40 35.85 -15.33 15.58
C PRO C 40 36.85 -16.35 16.10
N SER C 41 37.39 -16.07 17.29
CA SER C 41 38.37 -16.92 17.93
C SER C 41 37.68 -17.99 18.77
N ALA C 42 38.48 -18.80 19.46
CA ALA C 42 37.93 -19.92 20.20
C ALA C 42 37.13 -19.47 21.42
N ASP C 43 37.46 -18.30 21.99
CA ASP C 43 36.76 -17.85 23.19
C ASP C 43 35.30 -17.53 22.91
N VAL C 44 34.99 -17.05 21.71
CA VAL C 44 33.61 -16.71 21.36
C VAL C 44 32.86 -17.91 20.80
N GLN C 45 33.54 -18.80 20.06
CA GLN C 45 32.89 -19.96 19.48
C GLN C 45 32.24 -20.86 20.53
N ALA C 46 32.78 -20.88 21.74
CA ALA C 46 32.40 -21.87 22.76
C ALA C 46 31.38 -21.33 23.77
N LEU C 47 30.54 -20.38 23.35
CA LEU C 47 29.45 -19.92 24.21
C LEU C 47 28.38 -21.01 24.30
N ALA C 48 27.56 -20.93 25.35
CA ALA C 48 26.62 -22.00 25.70
C ALA C 48 25.31 -21.37 26.18
N SER C 49 24.41 -22.24 26.64
CA SER C 49 23.07 -21.85 27.04
C SER C 49 23.09 -21.12 28.39
N ILE C 50 21.96 -20.47 28.70
CA ILE C 50 21.76 -19.76 29.96
C ILE C 50 20.39 -20.11 30.52
N PHE C 51 20.19 -19.75 31.78
CA PHE C 51 18.93 -19.97 32.51
C PHE C 51 18.47 -18.64 33.09
N VAL C 52 17.20 -18.29 32.86
CA VAL C 52 16.62 -17.02 33.29
C VAL C 52 15.52 -17.30 34.32
N ASP C 53 15.52 -16.54 35.41
CA ASP C 53 14.54 -16.65 36.48
C ASP C 53 13.47 -15.58 36.26
N VAL C 54 12.32 -16.00 35.73
CA VAL C 54 11.22 -15.10 35.37
C VAL C 54 10.14 -15.11 36.45
N SER C 55 10.54 -15.41 37.70
CA SER C 55 9.57 -15.58 38.77
C SER C 55 8.77 -14.31 39.05
N SER C 56 9.37 -13.13 38.85
CA SER C 56 8.79 -11.84 39.25
C SER C 56 8.47 -10.96 38.06
N VAL C 57 8.16 -11.56 36.91
CA VAL C 57 7.81 -10.83 35.70
C VAL C 57 6.29 -10.85 35.60
N GLU C 58 5.66 -9.72 35.93
CA GLU C 58 4.22 -9.58 35.80
C GLU C 58 3.84 -9.39 34.33
N PRO C 59 2.56 -9.56 33.98
CA PRO C 59 2.15 -9.28 32.60
C PRO C 59 2.38 -7.82 32.24
N GLY C 60 2.86 -7.60 31.01
CA GLY C 60 3.16 -6.27 30.53
C GLY C 60 4.61 -5.86 30.72
N VAL C 61 5.37 -6.57 31.54
CA VAL C 61 6.76 -6.23 31.84
C VAL C 61 7.66 -7.04 30.93
N GLN C 62 8.60 -6.37 30.27
CA GLN C 62 9.56 -7.00 29.40
C GLN C 62 10.90 -7.16 30.14
N LEU C 63 11.57 -8.29 29.90
CA LEU C 63 12.83 -8.64 30.55
C LEU C 63 13.88 -8.88 29.48
N THR C 64 14.89 -8.02 29.44
CA THR C 64 15.95 -8.08 28.44
C THR C 64 17.18 -8.75 29.02
N VAL C 65 17.69 -9.76 28.31
CA VAL C 65 18.81 -10.57 28.76
C VAL C 65 19.79 -10.72 27.60
N LYS C 66 21.09 -10.64 27.91
CA LYS C 66 22.13 -10.78 26.90
C LYS C 66 22.41 -12.25 26.63
N PHE C 67 22.58 -12.59 25.36
CA PHE C 67 22.89 -13.97 24.97
C PHE C 67 23.59 -13.94 23.62
N LEU C 68 24.81 -14.48 23.56
CA LEU C 68 25.64 -14.46 22.36
C LEU C 68 25.84 -13.03 21.86
N GLY C 69 26.07 -12.10 22.78
CA GLY C 69 26.40 -10.73 22.45
C GLY C 69 25.21 -9.83 22.17
N LYS C 70 24.03 -10.38 21.91
CA LYS C 70 22.84 -9.64 21.53
C LYS C 70 21.79 -9.70 22.63
N PRO C 71 20.79 -8.80 22.62
CA PRO C 71 19.71 -8.90 23.62
C PRO C 71 18.62 -9.84 23.18
N ILE C 72 18.08 -10.57 24.16
CA ILE C 72 16.88 -11.40 24.00
C ILE C 72 15.76 -10.77 24.81
N PHE C 73 14.60 -10.63 24.19
CA PHE C 73 13.42 -10.08 24.85
C PHE C 73 12.61 -11.22 25.45
N ILE C 74 12.15 -11.02 26.69
CA ILE C 74 11.26 -11.95 27.37
C ILE C 74 10.14 -11.10 27.95
N ARG C 75 9.01 -11.05 27.24
CA ARG C 75 7.85 -10.26 27.64
C ARG C 75 6.71 -11.20 28.00
N ARG C 76 6.15 -11.01 29.19
CA ARG C 76 4.89 -11.65 29.55
C ARG C 76 3.78 -10.75 29.00
N ARG C 77 3.17 -11.20 27.91
CA ARG C 77 2.24 -10.35 27.20
C ARG C 77 0.93 -10.23 27.97
N THR C 78 0.27 -9.09 27.81
CA THR C 78 -0.97 -8.81 28.52
C THR C 78 -2.14 -9.39 27.73
N GLU C 79 -3.34 -9.26 28.30
CA GLU C 79 -4.56 -9.71 27.62
C GLU C 79 -4.66 -9.09 26.22
N ALA C 80 -4.35 -7.80 26.10
CA ALA C 80 -4.51 -7.14 24.81
C ALA C 80 -3.42 -7.55 23.82
N ASP C 81 -2.18 -7.68 24.30
CA ASP C 81 -1.07 -8.04 23.42
C ASP C 81 -1.31 -9.37 22.71
N ILE C 82 -1.99 -10.31 23.37
CA ILE C 82 -2.21 -11.63 22.80
C ILE C 82 -3.16 -11.55 21.61
N GLU C 83 -4.21 -10.75 21.73
CA GLU C 83 -5.24 -10.69 20.69
C GLU C 83 -4.72 -10.07 19.40
N LEU C 84 -3.98 -8.95 19.50
CA LEU C 84 -3.46 -8.27 18.32
C LEU C 84 -2.71 -9.22 17.40
N GLY C 85 -1.90 -10.12 17.97
CA GLY C 85 -1.26 -11.13 17.16
C GLY C 85 -2.25 -12.07 16.49
N ARG C 86 -3.21 -12.58 17.25
CA ARG C 86 -4.17 -13.55 16.73
C ARG C 86 -5.20 -12.94 15.78
N SER C 87 -5.35 -11.62 15.76
CA SER C 87 -6.29 -10.99 14.85
C SER C 87 -5.73 -10.87 13.44
N VAL C 88 -4.41 -10.79 13.30
CA VAL C 88 -3.77 -10.59 12.01
C VAL C 88 -3.77 -11.91 11.24
N GLN C 89 -4.11 -11.83 9.95
CA GLN C 89 -4.14 -12.97 9.07
C GLN C 89 -2.82 -13.10 8.30
N LEU C 90 -2.55 -14.32 7.84
CA LEU C 90 -1.28 -14.59 7.16
C LEU C 90 -1.10 -13.77 5.90
N GLY C 91 -2.20 -13.34 5.26
CA GLY C 91 -2.08 -12.51 4.08
C GLY C 91 -1.71 -11.08 4.40
N GLN C 92 -2.12 -10.60 5.58
CA GLN C 92 -1.80 -9.24 6.01
C GLN C 92 -0.35 -9.08 6.44
N LEU C 93 0.39 -10.16 6.64
CA LEU C 93 1.75 -10.10 7.17
C LEU C 93 2.75 -9.93 6.04
N VAL C 94 3.78 -9.12 6.30
CA VAL C 94 4.84 -8.92 5.33
C VAL C 94 5.63 -10.21 5.11
N ASP C 95 5.86 -10.98 6.18
CA ASP C 95 6.64 -12.20 6.15
C ASP C 95 5.78 -13.34 6.68
N THR C 96 5.61 -14.38 5.88
CA THR C 96 4.80 -15.54 6.24
C THR C 96 5.60 -16.64 6.92
N ASN C 97 6.89 -16.42 7.19
CA ASN C 97 7.73 -17.35 7.91
C ASN C 97 7.78 -16.96 9.38
N ALA C 98 7.70 -17.96 10.27
CA ALA C 98 7.73 -17.67 11.69
C ALA C 98 9.12 -17.26 12.17
N ARG C 99 10.17 -17.67 11.45
CA ARG C 99 11.56 -17.36 11.82
C ARG C 99 11.85 -17.83 13.24
N ASN C 100 11.58 -19.11 13.48
CA ASN C 100 11.69 -19.72 14.79
C ASN C 100 12.59 -20.94 14.72
N ALA C 101 13.58 -21.00 15.61
CA ALA C 101 14.52 -22.11 15.62
C ALA C 101 13.91 -23.39 16.20
N ASN C 102 12.85 -23.27 17.00
CA ASN C 102 12.24 -24.45 17.60
C ASN C 102 11.44 -25.24 16.56
N ILE C 103 10.37 -24.64 16.05
CA ILE C 103 9.58 -25.25 14.98
C ILE C 103 10.35 -25.15 13.67
N ASP C 104 9.87 -25.84 12.64
CA ASP C 104 10.57 -25.91 11.36
C ASP C 104 10.60 -24.53 10.69
N ALA C 105 11.56 -24.37 9.78
CA ALA C 105 11.76 -23.09 9.11
C ALA C 105 10.56 -22.73 8.23
N GLY C 106 9.83 -23.73 7.73
CA GLY C 106 8.68 -23.48 6.87
C GLY C 106 7.40 -23.14 7.60
N ALA C 107 7.40 -23.16 8.93
CA ALA C 107 6.20 -22.87 9.71
C ALA C 107 5.65 -21.48 9.42
N GLU C 108 4.34 -21.35 9.54
CA GLU C 108 3.67 -20.09 9.25
C GLU C 108 3.78 -19.15 10.45
N ALA C 109 3.68 -17.86 10.16
CA ALA C 109 3.89 -16.81 11.16
C ALA C 109 2.62 -16.50 11.95
N THR C 110 1.97 -17.52 12.48
CA THR C 110 0.83 -17.33 13.36
C THR C 110 1.30 -16.91 14.75
N ASP C 111 0.40 -16.23 15.47
CA ASP C 111 0.73 -15.78 16.82
C ASP C 111 1.00 -16.95 17.76
N GLN C 112 0.32 -18.08 17.56
CA GLN C 112 0.60 -19.25 18.38
C GLN C 112 1.94 -19.90 18.02
N ASN C 113 2.51 -19.55 16.86
CA ASN C 113 3.82 -20.04 16.45
C ASN C 113 4.94 -19.05 16.78
N ARG C 114 4.61 -17.91 17.40
CA ARG C 114 5.60 -16.93 17.84
C ARG C 114 5.80 -16.91 19.35
N THR C 115 4.97 -17.63 20.11
CA THR C 115 5.03 -17.67 21.56
C THR C 115 5.32 -19.09 22.02
N LEU C 116 5.63 -19.23 23.31
CA LEU C 116 6.01 -20.52 23.88
C LEU C 116 4.82 -21.34 24.36
N ASP C 117 3.81 -20.69 24.95
CA ASP C 117 2.63 -21.35 25.49
C ASP C 117 1.43 -21.16 24.57
N GLU C 118 0.48 -22.09 24.67
CA GLU C 118 -0.71 -22.02 23.84
C GLU C 118 -1.56 -20.79 24.16
N ALA C 119 -1.48 -20.29 25.40
CA ALA C 119 -2.15 -19.04 25.73
C ALA C 119 -1.48 -17.84 25.08
N GLY C 120 -0.26 -17.99 24.55
CA GLY C 120 0.45 -16.90 23.92
C GLY C 120 0.84 -15.80 24.88
N GLU C 121 1.07 -16.14 26.14
CA GLU C 121 1.35 -15.14 27.17
C GLU C 121 2.83 -14.80 27.25
N TRP C 122 3.71 -15.78 27.01
CA TRP C 122 5.15 -15.59 27.09
C TRP C 122 5.70 -15.52 25.67
N LEU C 123 6.27 -14.36 25.32
CA LEU C 123 6.88 -14.12 24.02
C LEU C 123 8.39 -13.97 24.22
N VAL C 124 9.15 -14.91 23.65
CA VAL C 124 10.61 -14.94 23.76
C VAL C 124 11.17 -14.87 22.35
N MET C 125 11.98 -13.84 22.09
CA MET C 125 12.52 -13.62 20.75
C MET C 125 13.81 -12.83 20.85
N TRP C 126 14.65 -12.96 19.82
CA TRP C 126 15.86 -12.17 19.72
C TRP C 126 15.52 -10.68 19.69
N GLY C 127 16.19 -9.91 20.53
CA GLY C 127 16.08 -8.46 20.49
C GLY C 127 17.01 -7.85 19.45
N VAL C 128 16.93 -8.36 18.22
CA VAL C 128 17.83 -7.99 17.13
C VAL C 128 16.94 -7.66 15.94
N CYS C 129 16.78 -6.38 15.64
CA CYS C 129 16.04 -5.97 14.46
C CYS C 129 16.66 -6.60 13.22
N THR C 130 15.82 -7.21 12.39
CA THR C 130 16.33 -7.93 11.22
C THR C 130 16.83 -7.01 10.11
N HIS C 131 16.64 -5.69 10.24
CA HIS C 131 17.20 -4.78 9.26
C HIS C 131 18.71 -4.70 9.41
N LEU C 132 19.20 -4.13 10.52
CA LEU C 132 20.63 -3.97 10.74
C LEU C 132 21.07 -4.20 12.18
N GLY C 133 20.23 -4.77 13.04
CA GLY C 133 20.67 -5.26 14.33
C GLY C 133 20.53 -4.33 15.50
N CYS C 134 19.65 -3.32 15.41
CA CYS C 134 19.36 -2.46 16.55
C CYS C 134 18.37 -3.12 17.50
N VAL C 135 18.14 -2.47 18.63
CA VAL C 135 17.22 -2.96 19.66
C VAL C 135 15.91 -2.18 19.51
N PRO C 136 14.80 -2.81 19.12
CA PRO C 136 13.53 -2.08 19.11
C PRO C 136 13.10 -1.67 20.50
N ILE C 137 12.43 -0.53 20.58
CA ILE C 137 11.90 -0.06 21.86
C ILE C 137 10.76 -0.96 22.29
N GLY C 138 10.77 -1.34 23.57
CA GLY C 138 9.83 -2.31 24.08
C GLY C 138 8.55 -1.70 24.58
N GLY C 139 7.87 -2.42 25.46
CA GLY C 139 6.56 -1.98 25.92
C GLY C 139 5.56 -2.05 24.78
N VAL C 140 4.73 -1.01 24.69
CA VAL C 140 3.70 -0.88 23.66
C VAL C 140 4.04 0.37 22.88
N SER C 141 4.81 0.22 21.80
CA SER C 141 5.28 1.33 20.98
C SER C 141 5.10 1.00 19.50
N GLY C 142 5.12 2.04 18.68
CA GLY C 142 4.93 1.91 17.25
C GLY C 142 3.48 2.09 16.85
N ASP C 143 3.21 1.71 15.60
CA ASP C 143 1.89 1.86 14.99
C ASP C 143 1.05 0.60 15.07
N PHE C 144 1.54 -0.46 15.71
CA PHE C 144 0.83 -1.74 15.82
C PHE C 144 0.80 -2.25 17.26
N GLY C 145 1.00 -1.37 18.24
CA GLY C 145 0.97 -1.78 19.64
C GLY C 145 2.02 -2.80 20.00
N GLY C 146 3.19 -2.73 19.36
CA GLY C 146 4.26 -3.68 19.55
C GLY C 146 5.61 -3.03 19.81
N TRP C 147 6.57 -3.28 18.93
CA TRP C 147 7.93 -2.81 19.05
C TRP C 147 8.25 -1.86 17.89
N PHE C 148 8.99 -0.79 18.20
CA PHE C 148 9.38 0.22 17.24
C PHE C 148 10.89 0.37 17.25
N CYS C 149 11.49 0.31 16.06
CA CYS C 149 12.94 0.42 15.92
C CYS C 149 13.32 1.87 15.68
N PRO C 150 14.16 2.51 16.51
CA PRO C 150 14.46 3.93 16.28
C PRO C 150 15.57 4.16 15.27
N CYS C 151 16.24 3.10 14.79
CA CYS C 151 17.36 3.30 13.88
C CYS C 151 16.88 3.76 12.51
N HIS C 152 15.83 3.11 11.97
CA HIS C 152 15.32 3.43 10.64
C HIS C 152 13.80 3.44 10.54
N GLY C 153 13.08 3.08 11.59
CA GLY C 153 11.64 3.24 11.61
C GLY C 153 10.90 1.99 11.19
N SER C 154 11.21 0.86 11.83
CA SER C 154 10.54 -0.40 11.59
C SER C 154 9.53 -0.64 12.71
N HIS C 155 8.31 -1.02 12.34
CA HIS C 155 7.21 -1.23 13.27
C HIS C 155 6.87 -2.72 13.32
N TYR C 156 6.77 -3.26 14.53
CA TYR C 156 6.38 -4.64 14.77
C TYR C 156 5.09 -4.66 15.59
N ASP C 157 4.39 -5.79 15.52
CA ASP C 157 3.14 -5.97 16.25
C ASP C 157 3.43 -6.62 17.61
N SER C 158 2.36 -6.92 18.36
CA SER C 158 2.53 -7.49 19.69
C SER C 158 3.02 -8.92 19.68
N ALA C 159 3.07 -9.58 18.51
CA ALA C 159 3.59 -10.93 18.37
C ALA C 159 5.02 -10.96 17.87
N GLY C 160 5.63 -9.81 17.59
CA GLY C 160 7.00 -9.77 17.13
C GLY C 160 7.19 -10.01 15.65
N ARG C 161 6.19 -9.67 14.83
CA ARG C 161 6.26 -9.83 13.39
C ARG C 161 6.36 -8.46 12.73
N ILE C 162 7.13 -8.38 11.64
CA ILE C 162 7.35 -7.13 10.94
C ILE C 162 6.09 -6.78 10.15
N ARG C 163 5.70 -5.49 10.21
CA ARG C 163 4.49 -4.98 9.58
C ARG C 163 4.79 -3.79 8.68
N LYS C 164 5.84 -3.03 9.00
CA LYS C 164 6.13 -1.80 8.26
C LYS C 164 7.59 -1.43 8.51
N GLY C 165 8.31 -1.11 7.44
CA GLY C 165 9.67 -0.64 7.52
C GLY C 165 10.63 -1.42 6.63
N PRO C 166 11.91 -1.03 6.61
CA PRO C 166 12.87 -1.73 5.74
C PRO C 166 13.13 -3.18 6.12
N ALA C 167 12.80 -3.59 7.35
CA ALA C 167 13.19 -4.92 7.81
C ALA C 167 12.49 -6.01 6.99
N PRO C 168 13.23 -6.98 6.42
CA PRO C 168 12.54 -8.00 5.61
C PRO C 168 11.75 -9.01 6.43
N GLU C 169 12.31 -9.51 7.52
CA GLU C 169 11.79 -10.67 8.25
C GLU C 169 11.30 -10.26 9.63
N ASN C 170 10.58 -11.19 10.24
CA ASN C 170 10.19 -11.05 11.64
C ASN C 170 11.42 -11.22 12.53
N LEU C 171 11.29 -10.77 13.78
CA LEU C 171 12.38 -10.93 14.72
C LEU C 171 12.60 -12.43 14.96
N PRO C 172 13.83 -12.95 14.80
CA PRO C 172 14.00 -14.40 14.99
C PRO C 172 13.77 -14.80 16.44
N ILE C 173 13.34 -16.03 16.62
CA ILE C 173 13.05 -16.60 17.94
C ILE C 173 14.14 -17.62 18.27
N PRO C 174 14.88 -17.48 19.36
CA PRO C 174 15.95 -18.45 19.64
C PRO C 174 15.37 -19.79 20.07
N LEU C 175 16.26 -20.78 20.15
CA LEU C 175 15.92 -22.07 20.76
C LEU C 175 15.66 -21.82 22.24
N ALA C 176 14.38 -21.81 22.61
CA ALA C 176 13.95 -21.49 23.97
C ALA C 176 12.89 -22.50 24.41
N LYS C 177 12.89 -22.79 25.70
CA LYS C 177 11.94 -23.74 26.27
C LYS C 177 11.90 -23.55 27.78
N PHE C 178 10.74 -23.82 28.37
CA PHE C 178 10.60 -23.80 29.82
C PHE C 178 11.08 -25.12 30.39
N ILE C 179 12.11 -25.07 31.22
CA ILE C 179 12.63 -26.29 31.84
C ILE C 179 11.86 -26.63 33.12
N ASP C 180 11.30 -25.62 33.80
CA ASP C 180 10.40 -25.84 34.91
C ASP C 180 9.41 -24.68 34.94
N GLU C 181 8.55 -24.65 35.97
CA GLU C 181 7.45 -23.70 36.02
C GLU C 181 7.93 -22.24 36.02
N THR C 182 9.12 -21.97 36.58
CA THR C 182 9.57 -20.60 36.84
C THR C 182 10.95 -20.31 36.26
N THR C 183 11.43 -21.10 35.30
CA THR C 183 12.75 -20.91 34.71
C THR C 183 12.69 -21.20 33.21
N ILE C 184 13.30 -20.32 32.42
CA ILE C 184 13.39 -20.46 30.98
C ILE C 184 14.83 -20.82 30.63
N GLN C 185 15.00 -21.71 29.64
CA GLN C 185 16.31 -22.13 29.15
C GLN C 185 16.47 -21.59 27.74
N LEU C 186 17.32 -20.58 27.59
CA LEU C 186 17.63 -19.98 26.30
C LEU C 186 18.80 -20.71 25.66
N GLY C 187 18.64 -21.11 24.41
CA GLY C 187 19.66 -21.83 23.70
C GLY C 187 19.76 -23.29 24.11
N GLY D 3 51.44 18.92 -20.14
CA GLY D 3 52.49 19.86 -19.79
C GLY D 3 52.27 21.24 -20.37
N ILE D 4 52.22 22.24 -19.50
CA ILE D 4 52.01 23.63 -19.90
C ILE D 4 53.38 24.24 -20.14
N PRO D 5 53.55 25.21 -21.07
CA PRO D 5 54.89 25.81 -21.20
C PRO D 5 55.26 26.63 -19.98
N HIS D 6 56.10 26.05 -19.14
CA HIS D 6 56.77 26.71 -18.03
C HIS D 6 58.23 26.92 -18.42
N ASP D 7 59.06 27.25 -17.43
CA ASP D 7 60.49 27.41 -17.62
C ASP D 7 61.22 26.52 -16.64
N HIS D 8 62.31 25.90 -17.11
CA HIS D 8 63.03 24.92 -16.33
C HIS D 8 63.57 25.54 -15.04
N TYR D 9 64.00 24.68 -14.13
CA TYR D 9 64.67 25.11 -12.92
C TYR D 9 66.16 25.20 -13.19
N GLU D 10 66.77 26.31 -12.79
CA GLU D 10 68.18 26.58 -13.02
C GLU D 10 68.87 26.64 -11.66
N PRO D 11 69.80 25.74 -11.32
CA PRO D 11 70.48 25.86 -10.01
C PRO D 11 71.23 27.18 -9.90
N ARG D 12 70.90 27.94 -8.87
CA ARG D 12 71.44 29.29 -8.66
C ARG D 12 72.64 29.27 -7.73
N THR D 13 72.45 28.87 -6.48
CA THR D 13 73.53 28.85 -5.50
C THR D 13 74.46 27.67 -5.78
N GLY D 14 75.54 27.58 -5.01
CA GLY D 14 76.44 26.43 -5.14
C GLY D 14 75.85 25.15 -4.56
N ILE D 15 75.22 25.25 -3.38
CA ILE D 15 74.60 24.09 -2.76
C ILE D 15 73.53 23.50 -3.68
N GLU D 16 72.76 24.35 -4.36
CA GLU D 16 71.74 23.84 -5.28
C GLU D 16 72.36 23.04 -6.42
N LYS D 17 73.54 23.44 -6.88
CA LYS D 17 74.23 22.68 -7.91
C LYS D 17 74.71 21.34 -7.38
N TRP D 18 75.21 21.30 -6.14
CA TRP D 18 75.66 20.05 -5.54
C TRP D 18 74.52 19.04 -5.43
N LEU D 19 73.33 19.51 -5.05
CA LEU D 19 72.19 18.62 -4.88
C LEU D 19 71.57 18.22 -6.22
N HIS D 20 71.53 19.14 -7.19
CA HIS D 20 70.79 18.91 -8.41
C HIS D 20 71.41 17.79 -9.26
N SER D 21 72.71 17.55 -9.12
CA SER D 21 73.38 16.50 -9.89
C SER D 21 73.22 15.11 -9.26
N ARG D 22 72.53 14.99 -8.12
CA ARG D 22 72.34 13.72 -7.43
C ARG D 22 70.87 13.36 -7.28
N LEU D 23 70.06 14.26 -6.73
CA LEU D 23 68.62 14.09 -6.58
C LEU D 23 67.95 15.41 -6.97
N PRO D 24 67.21 15.49 -8.10
CA PRO D 24 66.62 16.79 -8.48
C PRO D 24 65.32 17.09 -7.73
N ILE D 25 65.39 17.08 -6.39
CA ILE D 25 64.21 17.38 -5.59
C ILE D 25 63.89 18.87 -5.66
N VAL D 26 64.92 19.72 -5.73
CA VAL D 26 64.69 21.15 -5.85
C VAL D 26 64.10 21.49 -7.21
N ALA D 27 64.46 20.74 -8.25
CA ALA D 27 63.90 20.99 -9.57
C ALA D 27 62.43 20.57 -9.63
N LEU D 28 62.13 19.36 -9.12
CA LEU D 28 60.74 18.92 -9.06
C LEU D 28 59.92 19.84 -8.18
N ALA D 29 60.49 20.32 -7.08
CA ALA D 29 59.78 21.25 -6.22
C ALA D 29 59.55 22.58 -6.92
N TYR D 30 60.55 23.06 -7.67
CA TYR D 30 60.40 24.32 -8.38
C TYR D 30 59.36 24.19 -9.48
N ASP D 31 59.47 23.15 -10.32
CA ASP D 31 58.50 22.93 -11.39
C ASP D 31 57.11 22.72 -10.83
N THR D 32 57.01 22.05 -9.67
CA THR D 32 55.72 21.81 -9.04
C THR D 32 55.12 23.13 -8.53
N ILE D 33 55.84 23.81 -7.63
CA ILE D 33 55.29 24.98 -6.97
C ILE D 33 55.21 26.22 -7.86
N MET D 34 55.82 26.19 -9.05
CA MET D 34 55.79 27.30 -10.00
C MET D 34 54.99 26.96 -11.25
N ILE D 35 54.15 25.93 -11.18
CA ILE D 35 53.35 25.53 -12.34
C ILE D 35 52.43 26.68 -12.75
N PRO D 36 52.21 26.97 -14.04
CA PRO D 36 51.29 28.08 -14.38
C PRO D 36 49.86 27.74 -14.03
N THR D 37 49.21 28.64 -13.26
CA THR D 37 47.83 28.54 -12.80
C THR D 37 46.98 29.64 -13.45
N PRO D 38 45.73 29.37 -13.86
CA PRO D 38 44.87 30.45 -14.35
C PRO D 38 44.68 31.55 -13.31
N ARG D 39 44.65 32.80 -13.79
CA ARG D 39 44.65 33.98 -12.92
C ARG D 39 43.24 34.50 -12.60
N ASN D 40 42.18 33.78 -12.99
CA ASN D 40 40.81 34.24 -12.82
C ASN D 40 40.05 33.49 -11.72
N LEU D 41 40.74 32.70 -10.91
CA LEU D 41 40.07 31.95 -9.85
C LEU D 41 39.41 32.87 -8.83
N ASN D 42 38.20 32.51 -8.42
CA ASN D 42 37.44 33.22 -7.41
C ASN D 42 37.60 32.47 -6.07
N TRP D 43 36.83 32.88 -5.06
CA TRP D 43 37.01 32.36 -3.71
C TRP D 43 36.65 30.88 -3.58
N MET D 44 36.02 30.27 -4.58
CA MET D 44 35.62 28.88 -4.51
C MET D 44 36.74 27.89 -4.80
N TRP D 45 37.93 28.35 -5.15
CA TRP D 45 39.08 27.48 -5.42
C TRP D 45 39.99 27.32 -4.19
N ILE D 46 39.50 27.69 -3.00
CA ILE D 46 40.27 27.55 -1.77
C ILE D 46 40.08 26.18 -1.12
N TRP D 47 38.98 25.50 -1.41
CA TRP D 47 38.60 24.32 -0.64
C TRP D 47 39.57 23.15 -0.85
N GLY D 48 40.33 23.14 -1.94
CA GLY D 48 41.35 22.12 -2.11
C GLY D 48 42.46 22.25 -1.08
N VAL D 49 42.89 23.48 -0.81
CA VAL D 49 43.95 23.70 0.17
C VAL D 49 43.43 23.46 1.59
N VAL D 50 42.18 23.84 1.86
CA VAL D 50 41.59 23.62 3.17
C VAL D 50 41.57 22.13 3.51
N LEU D 51 41.28 21.28 2.52
CA LEU D 51 41.30 19.84 2.74
C LEU D 51 42.69 19.36 3.15
N ALA D 52 43.73 19.92 2.54
CA ALA D 52 45.09 19.53 2.88
C ALA D 52 45.40 19.79 4.36
N PHE D 53 45.01 20.97 4.86
CA PHE D 53 45.24 21.28 6.26
C PHE D 53 44.49 20.32 7.18
N CYS D 54 43.20 20.09 6.87
CA CYS D 54 42.38 19.21 7.70
C CYS D 54 42.97 17.80 7.77
N LEU D 55 43.42 17.26 6.64
CA LEU D 55 44.01 15.93 6.65
C LEU D 55 45.27 15.90 7.51
N VAL D 56 46.08 16.94 7.44
CA VAL D 56 47.23 17.05 8.33
C VAL D 56 46.78 17.22 9.78
N LEU D 57 45.75 18.03 10.00
CA LEU D 57 45.28 18.30 11.36
C LEU D 57 44.78 17.02 12.03
N GLN D 58 43.93 16.27 11.34
CA GLN D 58 43.42 15.02 11.90
C GLN D 58 44.55 14.04 12.18
N ILE D 59 45.48 13.89 11.23
CA ILE D 59 46.59 12.96 11.43
C ILE D 59 47.48 13.42 12.59
N VAL D 60 47.79 14.72 12.65
CA VAL D 60 48.65 15.22 13.71
C VAL D 60 47.97 15.06 15.07
N THR D 61 46.73 15.56 15.19
CA THR D 61 46.00 15.41 16.44
C THR D 61 45.68 13.95 16.70
N GLY D 62 45.36 13.19 15.65
CA GLY D 62 45.05 11.78 15.80
C GLY D 62 46.18 11.00 16.45
N ILE D 63 47.41 11.22 15.97
CA ILE D 63 48.59 10.56 16.56
C ILE D 63 48.69 10.87 18.04
N VAL D 64 48.42 12.13 18.41
CA VAL D 64 48.48 12.51 19.82
C VAL D 64 47.43 11.75 20.61
N LEU D 65 46.19 11.70 20.11
CA LEU D 65 45.12 11.00 20.81
C LEU D 65 45.43 9.52 20.97
N ALA D 66 46.12 8.91 20.01
CA ALA D 66 46.50 7.51 20.12
C ALA D 66 47.51 7.25 21.24
N MET D 67 48.18 8.29 21.74
CA MET D 67 49.12 8.14 22.85
C MET D 67 48.42 8.04 24.20
N HIS D 68 47.09 8.17 24.26
CA HIS D 68 46.33 8.06 25.50
C HIS D 68 45.06 7.23 25.37
N TYR D 69 44.62 6.91 24.16
CA TYR D 69 43.46 6.06 23.96
C TYR D 69 43.83 4.60 24.19
N THR D 70 42.85 3.81 24.63
CA THR D 70 43.01 2.38 24.88
C THR D 70 41.96 1.63 24.07
N PRO D 71 42.30 0.94 22.97
CA PRO D 71 41.26 0.20 22.24
C PRO D 71 40.81 -1.05 23.00
N HIS D 72 39.94 -0.84 23.99
CA HIS D 72 39.31 -1.95 24.70
C HIS D 72 37.99 -1.45 25.26
N VAL D 73 36.95 -2.29 25.15
CA VAL D 73 35.60 -1.89 25.52
C VAL D 73 35.52 -1.44 26.98
N ASP D 74 36.28 -2.10 27.86
CA ASP D 74 36.25 -1.78 29.28
C ASP D 74 37.01 -0.50 29.61
N LEU D 75 37.89 -0.02 28.72
CA LEU D 75 38.76 1.10 28.99
C LEU D 75 38.69 2.21 27.95
N ALA D 76 38.10 1.96 26.77
CA ALA D 76 38.08 2.95 25.70
C ALA D 76 37.40 4.24 26.13
N PHE D 77 36.12 4.16 26.47
CA PHE D 77 35.37 5.34 26.91
C PHE D 77 36.03 5.98 28.13
N ALA D 78 36.56 5.16 29.04
CA ALA D 78 37.25 5.70 30.20
C ALA D 78 38.53 6.43 29.80
N SER D 79 39.29 5.87 28.86
CA SER D 79 40.54 6.49 28.43
C SER D 79 40.30 7.84 27.78
N VAL D 80 39.12 8.05 27.19
CA VAL D 80 38.81 9.35 26.60
C VAL D 80 38.58 10.39 27.69
N GLU D 81 37.84 10.02 28.74
CA GLU D 81 37.63 10.95 29.84
C GLU D 81 38.92 11.23 30.61
N HIS D 82 39.86 10.28 30.59
CA HIS D 82 41.19 10.56 31.12
C HIS D 82 41.86 11.70 30.35
N ILE D 83 41.76 11.66 29.02
CA ILE D 83 42.31 12.74 28.20
C ILE D 83 41.64 14.07 28.53
N MET D 84 40.30 14.06 28.62
CA MET D 84 39.54 15.29 28.82
C MET D 84 39.91 15.99 30.13
N ARG D 85 40.16 15.21 31.18
CA ARG D 85 40.24 15.74 32.54
C ARG D 85 41.66 15.90 33.05
N ASN D 86 42.56 14.99 32.71
CA ASN D 86 43.88 14.88 33.32
C ASN D 86 45.03 15.21 32.37
N VAL D 87 44.97 14.75 31.11
CA VAL D 87 46.03 15.06 30.16
C VAL D 87 46.05 16.57 29.91
N ASN D 88 47.25 17.14 29.99
CA ASN D 88 47.43 18.58 29.79
C ASN D 88 47.01 18.99 28.37
N GLY D 89 46.04 19.90 28.28
CA GLY D 89 45.54 20.34 27.00
C GLY D 89 44.80 19.31 26.19
N GLY D 90 44.43 18.18 26.79
CA GLY D 90 43.77 17.12 26.03
C GLY D 90 42.39 17.49 25.56
N PHE D 91 41.70 18.38 26.28
CA PHE D 91 40.33 18.76 25.89
C PHE D 91 40.31 19.48 24.55
N MET D 92 41.29 20.35 24.29
CA MET D 92 41.31 21.07 23.02
C MET D 92 41.61 20.14 21.85
N LEU D 93 42.52 19.18 22.05
CA LEU D 93 42.95 18.32 20.95
C LEU D 93 41.83 17.40 20.49
N ARG D 94 41.03 16.86 21.43
CA ARG D 94 39.93 15.99 21.04
C ARG D 94 38.87 16.75 20.25
N TYR D 95 38.48 17.93 20.74
CA TYR D 95 37.50 18.73 20.02
C TYR D 95 38.01 19.16 18.66
N LEU D 96 39.32 19.38 18.54
CA LEU D 96 39.90 19.68 17.22
C LEU D 96 39.75 18.47 16.29
N HIS D 97 40.08 17.28 16.77
CA HIS D 97 39.97 16.08 15.93
C HIS D 97 38.51 15.80 15.57
N ALA D 98 37.58 16.13 16.46
CA ALA D 98 36.17 15.85 16.20
C ALA D 98 35.57 16.87 15.22
N ASN D 99 35.56 18.14 15.59
CA ASN D 99 35.06 19.17 14.68
C ASN D 99 35.96 19.32 13.45
N GLY D 100 37.25 18.98 13.57
CA GLY D 100 38.11 18.99 12.41
C GLY D 100 37.63 18.05 11.32
N ALA D 101 37.11 16.89 11.71
CA ALA D 101 36.49 16.00 10.74
C ALA D 101 35.27 16.65 10.11
N SER D 102 34.51 17.41 10.90
CA SER D 102 33.36 18.12 10.35
C SER D 102 33.81 19.21 9.40
N LEU D 103 34.87 19.94 9.75
CA LEU D 103 35.47 20.88 8.81
C LEU D 103 36.02 20.13 7.59
N PHE D 104 36.59 18.95 7.82
CA PHE D 104 37.13 18.15 6.73
C PHE D 104 36.05 17.68 5.76
N PHE D 105 34.77 17.69 6.17
CA PHE D 105 33.68 17.18 5.36
C PHE D 105 32.79 18.27 4.76
N ILE D 106 32.68 19.44 5.39
CA ILE D 106 32.12 20.58 4.67
C ILE D 106 33.05 20.98 3.54
N ALA D 107 34.35 20.78 3.73
CA ALA D 107 35.32 21.08 2.68
C ALA D 107 35.06 20.25 1.42
N VAL D 108 34.98 18.92 1.55
CA VAL D 108 34.86 18.06 0.37
C VAL D 108 33.58 18.37 -0.40
N TYR D 109 32.47 18.63 0.32
CA TYR D 109 31.21 18.91 -0.36
C TYR D 109 31.29 20.23 -1.13
N LEU D 110 31.83 21.28 -0.51
CA LEU D 110 32.08 22.51 -1.25
C LEU D 110 33.10 22.26 -2.36
N HIS D 111 34.11 21.43 -2.07
CA HIS D 111 35.08 21.04 -3.09
C HIS D 111 34.43 20.24 -4.20
N ILE D 112 33.47 19.36 -3.85
CA ILE D 112 32.82 18.52 -4.83
C ILE D 112 31.82 19.33 -5.65
N PHE D 113 30.99 20.13 -4.98
CA PHE D 113 30.00 20.93 -5.70
C PHE D 113 30.67 21.94 -6.62
N ARG D 114 31.87 22.40 -6.25
CA ARG D 114 32.66 23.22 -7.18
C ARG D 114 32.95 22.44 -8.45
N GLY D 115 33.37 21.19 -8.33
CA GLY D 115 33.66 20.38 -9.50
C GLY D 115 32.43 20.13 -10.36
N LEU D 116 31.26 19.98 -9.72
CA LEU D 116 30.05 19.69 -10.48
C LEU D 116 29.58 20.90 -11.28
N TYR D 117 29.69 22.09 -10.70
CA TYR D 117 29.25 23.29 -11.41
C TYR D 117 30.11 23.59 -12.63
N TYR D 118 31.42 23.61 -12.45
CA TYR D 118 32.35 24.05 -13.48
C TYR D 118 32.80 22.93 -14.41
N GLY D 119 32.22 21.74 -14.29
CA GLY D 119 32.58 20.64 -15.17
C GLY D 119 34.03 20.23 -15.06
N SER D 120 34.56 20.20 -13.84
CA SER D 120 35.91 19.69 -13.60
C SER D 120 35.99 18.17 -13.65
N TYR D 121 34.87 17.48 -13.84
CA TYR D 121 34.82 16.03 -14.02
C TYR D 121 34.94 15.62 -15.48
N LYS D 122 34.58 16.50 -16.41
CA LYS D 122 34.69 16.21 -17.82
C LYS D 122 36.15 16.21 -18.25
N ALA D 123 36.43 15.46 -19.33
CA ALA D 123 37.77 15.21 -19.84
C ALA D 123 38.56 16.50 -20.04
N PRO D 124 39.89 16.50 -19.88
CA PRO D 124 40.81 15.38 -19.57
C PRO D 124 40.92 15.06 -18.08
N ARG D 125 39.95 15.51 -17.29
CA ARG D 125 40.04 15.44 -15.83
C ARG D 125 39.27 14.26 -15.25
N GLU D 126 39.13 13.17 -16.01
CA GLU D 126 38.50 11.98 -15.45
C GLU D 126 39.36 11.37 -14.35
N VAL D 127 40.67 11.33 -14.56
CA VAL D 127 41.58 10.71 -13.60
C VAL D 127 41.53 11.45 -12.27
N THR D 128 41.53 12.78 -12.31
CA THR D 128 41.44 13.56 -11.08
C THR D 128 40.11 13.30 -10.36
N TRP D 129 39.01 13.19 -11.11
CA TRP D 129 37.71 12.97 -10.49
C TRP D 129 37.63 11.59 -9.87
N ILE D 130 37.98 10.54 -10.64
CA ILE D 130 37.90 9.18 -10.13
C ILE D 130 38.85 8.98 -8.96
N VAL D 131 40.04 9.58 -9.03
CA VAL D 131 40.95 9.55 -7.89
C VAL D 131 40.31 10.21 -6.68
N GLY D 132 39.61 11.32 -6.90
CA GLY D 132 38.90 11.97 -5.81
C GLY D 132 37.84 11.07 -5.20
N MET D 133 37.12 10.32 -6.03
CA MET D 133 36.06 9.44 -5.51
C MET D 133 36.63 8.37 -4.58
N LEU D 134 37.79 7.81 -4.93
CA LEU D 134 38.43 6.84 -4.06
C LEU D 134 38.80 7.48 -2.72
N ILE D 135 39.27 8.73 -2.76
CA ILE D 135 39.58 9.46 -1.52
C ILE D 135 38.31 9.62 -0.69
N TYR D 136 37.19 9.96 -1.34
CA TYR D 136 35.94 10.18 -0.63
C TYR D 136 35.50 8.92 0.11
N LEU D 137 35.56 7.76 -0.56
CA LEU D 137 35.19 6.50 0.09
C LEU D 137 36.06 6.21 1.31
N ALA D 138 37.37 6.42 1.17
CA ALA D 138 38.26 6.23 2.32
C ALA D 138 37.93 7.18 3.46
N MET D 139 37.65 8.45 3.13
CA MET D 139 37.29 9.43 4.16
C MET D 139 36.02 9.02 4.89
N MET D 140 35.00 8.63 4.13
CA MET D 140 33.73 8.22 4.74
C MET D 140 33.92 7.01 5.64
N ALA D 141 34.61 5.98 5.13
CA ALA D 141 34.89 4.80 5.94
C ALA D 141 35.77 5.14 7.14
N THR D 142 36.77 6.01 6.94
CA THR D 142 37.67 6.39 8.01
C THR D 142 36.92 7.09 9.14
N ALA D 143 36.13 8.11 8.80
CA ALA D 143 35.46 8.92 9.81
C ALA D 143 34.50 8.10 10.65
N PHE D 144 33.85 7.09 10.05
CA PHE D 144 32.95 6.26 10.84
C PHE D 144 33.72 5.47 11.88
N MET D 145 34.77 4.74 11.45
CA MET D 145 35.51 3.90 12.38
C MET D 145 36.12 4.72 13.50
N GLY D 146 36.44 5.99 13.25
CA GLY D 146 36.86 6.87 14.32
C GLY D 146 35.73 7.14 15.30
N TYR D 147 34.51 7.25 14.78
CA TYR D 147 33.35 7.49 15.63
C TYR D 147 33.01 6.27 16.48
N VAL D 148 33.47 5.08 16.08
CA VAL D 148 33.25 3.90 16.91
C VAL D 148 34.18 3.90 18.12
N LEU D 149 35.35 4.55 18.01
CA LEU D 149 36.38 4.41 19.04
C LEU D 149 35.98 4.93 20.41
N PRO D 150 35.31 6.08 20.58
CA PRO D 150 34.91 6.49 21.94
C PRO D 150 34.03 5.49 22.66
N TRP D 151 33.31 4.64 21.91
CA TRP D 151 32.54 3.54 22.50
C TRP D 151 31.40 4.03 23.37
N GLY D 152 30.72 5.08 22.90
CA GLY D 152 29.46 5.50 23.49
C GLY D 152 28.30 4.71 22.93
N GLN D 153 27.09 5.17 23.27
CA GLN D 153 25.90 4.51 22.76
C GLN D 153 25.82 4.60 21.23
N MET D 154 26.08 5.79 20.69
CA MET D 154 26.11 5.94 19.24
C MET D 154 27.22 5.12 18.61
N SER D 155 28.38 5.05 19.28
CA SER D 155 29.50 4.29 18.75
C SER D 155 29.16 2.81 18.60
N PHE D 156 28.49 2.24 19.60
CA PHE D 156 28.26 0.80 19.59
C PHE D 156 27.28 0.41 18.49
N TRP D 157 26.15 1.11 18.39
CA TRP D 157 25.12 0.74 17.43
C TRP D 157 25.44 1.21 16.02
N GLY D 158 26.26 2.25 15.87
CA GLY D 158 26.81 2.55 14.57
C GLY D 158 27.62 1.40 14.02
N ALA D 159 28.47 0.81 14.87
CA ALA D 159 29.28 -0.33 14.44
C ALA D 159 28.40 -1.52 14.09
N THR D 160 27.31 -1.72 14.81
CA THR D 160 26.39 -2.81 14.50
C THR D 160 25.75 -2.62 13.12
N VAL D 161 25.49 -1.39 12.74
CA VAL D 161 24.81 -1.11 11.47
C VAL D 161 25.73 -1.44 10.30
N ILE D 162 26.97 -0.94 10.32
CA ILE D 162 27.84 -1.04 9.15
C ILE D 162 28.12 -2.50 8.81
N THR D 163 28.33 -3.33 9.83
CA THR D 163 28.45 -4.76 9.59
C THR D 163 27.15 -5.33 9.05
N GLY D 164 26.02 -4.73 9.39
CA GLY D 164 24.76 -5.13 8.78
C GLY D 164 24.65 -4.72 7.32
N LEU D 165 25.25 -3.59 6.96
CA LEU D 165 25.21 -3.16 5.56
C LEU D 165 25.93 -4.16 4.67
N PHE D 166 27.12 -4.61 5.10
CA PHE D 166 27.76 -5.74 4.42
C PHE D 166 27.02 -7.03 4.71
N GLY D 167 26.29 -7.08 5.83
CA GLY D 167 25.39 -8.18 6.12
C GLY D 167 24.14 -8.22 5.27
N ALA D 168 23.86 -7.14 4.52
CA ALA D 168 22.67 -7.08 3.69
C ALA D 168 22.87 -7.73 2.32
N ILE D 169 24.08 -8.11 1.96
CA ILE D 169 24.32 -8.76 0.67
C ILE D 169 23.61 -10.11 0.67
N PRO D 170 22.95 -10.53 -0.42
CA PRO D 170 22.29 -11.84 -0.40
C PRO D 170 23.29 -12.99 -0.25
N GLY D 171 22.90 -13.98 0.55
CA GLY D 171 23.67 -15.19 0.71
C GLY D 171 24.91 -15.03 1.57
N ILE D 172 25.94 -14.38 1.02
CA ILE D 172 27.21 -14.25 1.72
C ILE D 172 27.22 -13.14 2.76
N GLY D 173 26.14 -12.35 2.85
CA GLY D 173 26.14 -11.22 3.76
C GLY D 173 26.31 -11.62 5.21
N HIS D 174 25.53 -12.61 5.65
CA HIS D 174 25.57 -13.03 7.05
C HIS D 174 26.96 -13.53 7.43
N SER D 175 27.63 -14.22 6.51
CA SER D 175 29.01 -14.64 6.73
C SER D 175 29.93 -13.42 6.87
N ILE D 176 29.82 -12.47 5.95
CA ILE D 176 30.66 -11.27 5.99
C ILE D 176 30.40 -10.48 7.27
N GLN D 177 29.14 -10.44 7.73
CA GLN D 177 28.82 -9.70 8.93
C GLN D 177 29.56 -10.26 10.14
N THR D 178 29.60 -11.59 10.25
CA THR D 178 30.39 -12.22 11.30
C THR D 178 31.88 -11.90 11.13
N TRP D 179 32.37 -11.96 9.88
CA TRP D 179 33.78 -11.67 9.62
C TRP D 179 34.14 -10.24 10.02
N LEU D 180 33.29 -9.27 9.68
CA LEU D 180 33.56 -7.89 10.07
C LEU D 180 33.45 -7.73 11.59
N LEU D 181 32.47 -8.40 12.21
CA LEU D 181 32.26 -8.26 13.63
C LEU D 181 33.28 -9.04 14.45
N GLY D 182 33.77 -10.16 13.93
CA GLY D 182 34.62 -11.02 14.71
C GLY D 182 33.87 -11.85 15.73
N GLY D 183 32.58 -12.06 15.52
CA GLY D 183 31.75 -12.81 16.44
C GLY D 183 30.29 -12.64 16.13
N PRO D 184 29.41 -13.20 16.96
CA PRO D 184 27.98 -13.02 16.73
C PRO D 184 27.52 -11.56 16.76
N ALA D 185 28.20 -10.70 17.52
CA ALA D 185 27.78 -9.32 17.68
C ALA D 185 29.01 -8.43 17.84
N VAL D 186 28.75 -7.12 17.87
CA VAL D 186 29.78 -6.13 18.15
C VAL D 186 30.38 -6.41 19.53
N ASP D 187 31.69 -6.61 19.58
CA ASP D 187 32.39 -6.92 20.82
C ASP D 187 33.78 -6.29 20.72
N ASN D 188 34.70 -6.75 21.58
CA ASN D 188 36.03 -6.18 21.61
C ASN D 188 36.77 -6.39 20.30
N ALA D 189 36.53 -7.52 19.63
CA ALA D 189 37.18 -7.80 18.35
C ALA D 189 36.85 -6.73 17.33
N THR D 190 35.64 -6.15 17.38
CA THR D 190 35.27 -5.11 16.42
C THR D 190 35.92 -3.77 16.75
N LEU D 191 35.94 -3.39 18.03
CA LEU D 191 36.56 -2.13 18.41
C LEU D 191 38.06 -2.14 18.12
N ASN D 192 38.72 -3.25 18.42
CA ASN D 192 40.17 -3.29 18.27
C ASN D 192 40.58 -3.18 16.81
N ARG D 193 39.84 -3.81 15.90
CA ARG D 193 40.20 -3.77 14.49
C ARG D 193 39.81 -2.44 13.85
N PHE D 194 38.67 -1.86 14.26
CA PHE D 194 38.30 -0.54 13.75
C PHE D 194 39.35 0.49 14.10
N PHE D 195 39.99 0.37 15.26
CA PHE D 195 41.05 1.30 15.62
C PHE D 195 42.25 1.13 14.70
N SER D 196 42.62 -0.12 14.40
CA SER D 196 43.76 -0.37 13.51
C SER D 196 43.52 0.21 12.12
N LEU D 197 42.33 -0.05 11.57
CA LEU D 197 42.02 0.49 10.24
C LEU D 197 41.88 2.00 10.27
N HIS D 198 41.37 2.56 11.38
CA HIS D 198 41.26 4.01 11.49
C HIS D 198 42.64 4.67 11.49
N TYR D 199 43.66 3.95 11.96
CA TYR D 199 45.03 4.43 11.88
C TYR D 199 45.59 4.26 10.47
N LEU D 200 45.26 3.14 9.82
CA LEU D 200 45.82 2.84 8.50
C LEU D 200 45.30 3.80 7.43
N LEU D 201 43.97 3.80 7.22
CA LEU D 201 43.35 4.48 6.09
C LEU D 201 43.76 5.94 5.90
N PRO D 202 43.95 6.76 6.96
CA PRO D 202 44.45 8.12 6.72
C PRO D 202 45.77 8.17 5.98
N PHE D 203 46.66 7.20 6.21
CA PHE D 203 47.88 7.12 5.40
C PHE D 203 47.56 6.71 3.97
N VAL D 204 46.60 5.79 3.81
CA VAL D 204 46.15 5.44 2.46
C VAL D 204 45.51 6.64 1.80
N ILE D 205 44.78 7.45 2.56
CA ILE D 205 44.20 8.69 2.03
C ILE D 205 45.30 9.63 1.59
N ALA D 206 46.35 9.80 2.41
CA ALA D 206 47.47 10.64 2.05
C ALA D 206 48.14 10.18 0.76
N ALA D 207 48.29 8.86 0.59
CA ALA D 207 48.88 8.34 -0.64
C ALA D 207 48.03 8.68 -1.85
N LEU D 208 46.70 8.54 -1.73
CA LEU D 208 45.82 8.89 -2.83
C LEU D 208 45.90 10.37 -3.16
N VAL D 209 46.02 11.22 -2.14
CA VAL D 209 46.09 12.67 -2.36
C VAL D 209 47.30 13.02 -3.21
N ALA D 210 48.40 12.28 -3.09
CA ALA D 210 49.55 12.50 -3.95
C ALA D 210 49.19 12.29 -5.42
N ILE D 211 48.51 11.18 -5.71
CA ILE D 211 48.03 10.95 -7.07
C ILE D 211 47.00 12.01 -7.45
N HIS D 212 46.16 12.41 -6.50
CA HIS D 212 45.20 13.49 -6.75
C HIS D 212 45.94 14.78 -7.09
N ILE D 213 47.00 15.10 -6.36
CA ILE D 213 47.76 16.31 -6.65
C ILE D 213 48.48 16.17 -7.99
N TRP D 214 49.11 15.01 -8.22
CA TRP D 214 49.79 14.76 -9.49
C TRP D 214 48.83 14.83 -10.67
N ALA D 215 47.56 14.46 -10.45
CA ALA D 215 46.60 14.39 -11.56
C ALA D 215 46.37 15.75 -12.20
N PHE D 216 46.10 16.77 -11.39
CA PHE D 216 45.78 18.08 -11.94
C PHE D 216 47.02 18.85 -12.39
N HIS D 217 48.20 18.49 -11.90
CA HIS D 217 49.41 19.16 -12.37
C HIS D 217 49.73 18.75 -13.81
N SER D 218 49.48 17.49 -14.17
CA SER D 218 49.75 17.04 -15.52
C SER D 218 48.80 17.69 -16.52
N THR D 219 47.52 17.83 -16.14
CA THR D 219 46.51 18.37 -17.04
C THR D 219 46.34 19.87 -16.91
N GLY D 220 46.41 20.39 -15.69
CA GLY D 220 46.25 21.81 -15.41
C GLY D 220 44.94 22.09 -14.66
N ASN D 221 44.99 23.12 -13.83
CA ASN D 221 43.82 23.51 -13.05
C ASN D 221 42.70 24.00 -13.97
N ASN D 222 41.48 23.55 -13.69
CA ASN D 222 40.30 24.12 -14.33
C ASN D 222 40.12 25.56 -13.88
N ASN D 223 39.24 26.29 -14.57
CA ASN D 223 38.99 27.69 -14.29
C ASN D 223 37.52 27.97 -14.55
N PRO D 224 37.00 29.11 -14.08
CA PRO D 224 35.55 29.36 -14.23
C PRO D 224 35.07 29.40 -15.68
N THR D 225 35.90 29.87 -16.61
CA THR D 225 35.46 29.98 -18.00
C THR D 225 35.48 28.65 -18.74
N GLY D 226 36.38 27.74 -18.38
CA GLY D 226 36.53 26.49 -19.10
C GLY D 226 37.41 26.54 -20.33
N VAL D 227 37.94 27.72 -20.68
CA VAL D 227 38.79 27.87 -21.86
C VAL D 227 40.19 27.38 -21.50
N GLU D 228 40.74 26.52 -22.35
CA GLU D 228 42.06 25.95 -22.08
C GLU D 228 43.13 27.02 -22.17
N VAL D 229 44.23 26.81 -21.43
CA VAL D 229 45.36 27.72 -21.48
C VAL D 229 46.02 27.63 -22.85
N ARG D 230 46.49 28.77 -23.36
CA ARG D 230 47.23 28.76 -24.61
C ARG D 230 48.62 28.20 -24.37
N ARG D 231 49.01 27.19 -25.17
CA ARG D 231 50.28 26.50 -25.04
C ARG D 231 51.16 26.67 -26.27
N THR D 232 50.86 27.64 -27.13
CA THR D 232 51.64 27.85 -28.34
C THR D 232 52.97 28.55 -28.05
N SER D 233 53.07 29.26 -26.93
CA SER D 233 54.31 29.94 -26.58
C SER D 233 54.28 30.23 -25.08
N LYS D 234 55.48 30.37 -24.51
CA LYS D 234 55.59 30.70 -23.09
C LYS D 234 54.99 32.07 -22.79
N ALA D 235 55.06 33.00 -23.75
CA ALA D 235 54.58 34.35 -23.51
C ALA D 235 53.06 34.45 -23.59
N GLU D 236 52.43 33.59 -24.38
CA GLU D 236 50.97 33.57 -24.41
C GLU D 236 50.41 32.97 -23.14
N ALA D 237 51.08 31.93 -22.62
CA ALA D 237 50.68 31.35 -21.34
C ALA D 237 50.81 32.36 -20.21
N GLN D 238 51.86 33.20 -20.27
CA GLN D 238 52.07 34.19 -19.21
C GLN D 238 50.93 35.21 -19.16
N LYS D 239 50.24 35.42 -20.28
CA LYS D 239 49.08 36.32 -20.28
C LYS D 239 47.85 35.65 -19.68
N ASP D 240 47.70 34.34 -19.87
CA ASP D 240 46.57 33.59 -19.36
C ASP D 240 46.78 33.04 -17.96
N THR D 241 48.01 33.03 -17.42
CA THR D 241 48.33 32.31 -16.20
C THR D 241 49.30 33.11 -15.34
N VAL D 242 49.30 32.78 -14.05
CA VAL D 242 50.31 33.24 -13.09
C VAL D 242 50.82 32.02 -12.33
N PRO D 243 52.02 32.10 -11.77
CA PRO D 243 52.54 30.93 -11.03
C PRO D 243 51.74 30.65 -9.77
N PHE D 244 51.72 29.37 -9.39
CA PHE D 244 51.00 28.94 -8.19
C PHE D 244 51.51 29.68 -6.96
N TRP D 245 52.83 29.66 -6.73
CA TRP D 245 53.48 30.46 -5.70
C TRP D 245 53.89 31.81 -6.27
N PRO D 246 53.74 32.93 -5.54
CA PRO D 246 53.12 33.20 -4.24
C PRO D 246 51.68 33.70 -4.33
N TYR D 247 51.14 33.81 -5.55
CA TYR D 247 49.86 34.51 -5.73
C TYR D 247 48.71 33.71 -5.14
N PHE D 248 48.63 32.42 -5.46
CA PHE D 248 47.52 31.57 -5.00
C PHE D 248 47.85 30.80 -3.73
N ILE D 249 49.12 30.66 -3.38
CA ILE D 249 49.47 30.08 -2.09
C ILE D 249 49.05 31.04 -0.98
N ILE D 250 49.37 32.32 -1.14
CA ILE D 250 49.01 33.31 -0.12
C ILE D 250 47.49 33.54 -0.12
N LYS D 251 46.85 33.54 -1.30
CA LYS D 251 45.41 33.73 -1.35
C LYS D 251 44.69 32.58 -0.68
N ASP D 252 45.13 31.34 -0.94
CA ASP D 252 44.52 30.18 -0.29
C ASP D 252 44.89 30.13 1.18
N VAL D 253 46.14 30.48 1.53
CA VAL D 253 46.54 30.53 2.93
C VAL D 253 45.75 31.61 3.66
N PHE D 254 45.49 32.73 2.99
CA PHE D 254 44.63 33.76 3.58
C PHE D 254 43.25 33.19 3.89
N ALA D 255 42.62 32.55 2.91
CA ALA D 255 41.31 31.94 3.14
C ALA D 255 41.39 30.86 4.20
N LEU D 256 42.52 30.14 4.26
CA LEU D 256 42.68 29.12 5.30
C LEU D 256 42.64 29.74 6.68
N ALA D 257 43.32 30.88 6.86
CA ALA D 257 43.29 31.56 8.16
C ALA D 257 41.88 32.01 8.51
N VAL D 258 41.12 32.47 7.52
CA VAL D 258 39.72 32.83 7.76
C VAL D 258 38.91 31.59 8.10
N VAL D 259 39.17 30.48 7.40
CA VAL D 259 38.52 29.21 7.72
C VAL D 259 38.88 28.77 9.13
N LEU D 260 40.18 28.81 9.45
CA LEU D 260 40.62 28.42 10.79
C LEU D 260 40.05 29.35 11.85
N LEU D 261 39.93 30.64 11.52
CA LEU D 261 39.32 31.61 12.44
C LEU D 261 37.90 31.19 12.79
N VAL D 262 37.08 30.88 11.78
CA VAL D 262 35.73 30.38 12.02
C VAL D 262 35.79 29.06 12.77
N PHE D 263 36.67 28.15 12.32
CA PHE D 263 36.72 26.81 12.90
C PHE D 263 37.16 26.84 14.36
N PHE D 264 38.15 27.66 14.69
CA PHE D 264 38.61 27.69 16.07
C PHE D 264 37.59 28.34 16.99
N ALA D 265 36.77 29.25 16.44
CA ALA D 265 35.69 29.81 17.24
C ALA D 265 34.65 28.76 17.57
N ILE D 266 34.37 27.84 16.63
CA ILE D 266 33.51 26.69 16.93
C ILE D 266 34.14 25.86 18.05
N VAL D 267 35.37 25.39 17.82
CA VAL D 267 36.08 24.59 18.80
C VAL D 267 36.30 25.37 20.09
N GLY D 268 36.41 26.70 20.00
CA GLY D 268 36.68 27.51 21.18
C GLY D 268 35.46 27.83 22.00
N PHE D 269 34.26 27.76 21.42
CA PHE D 269 33.05 28.25 22.09
C PHE D 269 31.83 27.34 21.98
N MET D 270 31.72 26.46 20.98
CA MET D 270 30.64 25.48 20.92
C MET D 270 31.16 24.19 20.28
N PRO D 271 32.05 23.47 20.97
CA PRO D 271 32.62 22.25 20.37
C PRO D 271 31.61 21.14 20.18
N ASN D 272 30.44 21.21 20.80
CA ASN D 272 29.45 20.14 20.80
C ASN D 272 28.22 20.46 19.95
N TYR D 273 28.16 21.64 19.32
CA TYR D 273 27.01 21.97 18.50
C TYR D 273 26.91 21.04 17.29
N LEU D 274 28.05 20.67 16.71
CA LEU D 274 28.09 19.78 15.57
C LEU D 274 28.08 18.30 15.95
N GLY D 275 28.13 17.99 17.25
CA GLY D 275 28.07 16.62 17.72
C GLY D 275 26.70 16.26 18.27
N HIS D 276 26.59 15.00 18.72
CA HIS D 276 25.37 14.45 19.27
C HIS D 276 25.58 14.11 20.74
N PRO D 277 24.75 14.61 21.68
CA PRO D 277 25.01 14.30 23.10
C PRO D 277 25.01 12.82 23.47
N ASP D 278 24.34 11.96 22.69
CA ASP D 278 24.22 10.55 23.07
C ASP D 278 25.58 9.83 23.10
N ASN D 279 26.61 10.39 22.48
CA ASN D 279 27.93 9.78 22.48
C ASN D 279 28.71 10.04 23.77
N TYR D 280 28.14 10.78 24.72
CA TYR D 280 28.70 10.94 26.07
C TYR D 280 28.11 9.94 27.07
N ILE D 281 27.44 8.89 26.59
CA ILE D 281 26.83 7.86 27.42
C ILE D 281 27.56 6.56 27.14
N GLU D 282 27.90 5.82 28.20
CA GLU D 282 28.61 4.55 28.03
C GLU D 282 27.77 3.58 27.19
N ALA D 283 28.46 2.75 26.42
CA ALA D 283 27.80 1.82 25.52
C ALA D 283 26.90 0.85 26.29
N ASN D 284 25.67 0.70 25.81
CA ASN D 284 24.69 -0.24 26.37
C ASN D 284 24.23 -1.18 25.27
N PRO D 285 24.74 -2.42 25.20
CA PRO D 285 24.25 -3.36 24.18
C PRO D 285 22.77 -3.71 24.29
N LEU D 286 22.09 -3.38 25.39
CA LEU D 286 20.71 -3.81 25.63
C LEU D 286 19.69 -2.71 25.42
N SER D 287 20.09 -1.50 25.00
CA SER D 287 19.15 -0.40 24.80
C SER D 287 19.70 0.59 23.78
N THR D 288 18.89 0.92 22.78
CA THR D 288 19.22 1.89 21.74
C THR D 288 18.55 3.23 22.03
N PRO D 289 19.17 4.39 21.75
CA PRO D 289 18.46 5.67 21.95
C PRO D 289 17.28 5.85 21.00
N ALA D 290 16.31 6.65 21.45
CA ALA D 290 15.07 6.88 20.69
C ALA D 290 15.25 7.85 19.52
N HIS D 291 16.25 8.74 19.59
CA HIS D 291 16.41 9.84 18.63
C HIS D 291 17.79 9.81 17.99
N ILE D 292 18.12 8.67 17.38
CA ILE D 292 19.39 8.50 16.69
C ILE D 292 19.50 9.54 15.58
N VAL D 293 20.68 10.17 15.51
CA VAL D 293 21.02 11.11 14.44
C VAL D 293 22.49 10.91 14.11
N PRO D 294 22.86 10.41 12.91
CA PRO D 294 24.29 10.34 12.57
C PRO D 294 24.92 11.70 12.37
N GLU D 295 26.24 11.72 12.13
CA GLU D 295 26.90 12.99 11.82
C GLU D 295 26.27 13.62 10.59
N TRP D 296 26.31 14.95 10.55
CA TRP D 296 25.67 15.68 9.46
C TRP D 296 26.23 15.27 8.10
N TYR D 297 27.52 14.91 8.05
CA TYR D 297 28.14 14.46 6.81
C TYR D 297 27.83 13.00 6.48
N PHE D 298 27.01 12.31 7.29
CA PHE D 298 26.46 11.01 6.97
C PHE D 298 24.94 11.02 6.83
N LEU D 299 24.26 12.07 7.31
CA LEU D 299 22.81 12.17 7.19
C LEU D 299 22.27 12.02 5.76
N PRO D 300 22.83 12.66 4.72
CA PRO D 300 22.23 12.49 3.38
C PRO D 300 22.21 11.05 2.91
N PHE D 301 23.24 10.27 3.24
CA PHE D 301 23.23 8.85 2.93
C PHE D 301 22.40 8.05 3.93
N TYR D 302 22.15 8.61 5.11
CA TYR D 302 21.21 7.99 6.06
C TYR D 302 19.79 8.12 5.57
N ALA D 303 19.45 9.26 4.95
CA ALA D 303 18.10 9.45 4.41
C ALA D 303 17.81 8.48 3.27
N ILE D 304 18.78 8.28 2.38
CA ILE D 304 18.58 7.38 1.25
C ILE D 304 18.34 5.95 1.74
N LEU D 305 19.05 5.56 2.82
CA LEU D 305 18.89 4.20 3.34
C LEU D 305 17.48 3.95 3.87
N ARG D 306 16.82 4.99 4.40
CA ARG D 306 15.49 4.86 4.97
C ARG D 306 14.37 5.21 4.00
N ALA D 307 14.67 5.95 2.93
CA ALA D 307 13.62 6.39 2.02
C ALA D 307 12.97 5.22 1.31
N PHE D 308 13.73 4.16 1.01
CA PHE D 308 13.24 3.01 0.25
C PHE D 308 12.78 1.93 1.22
N THR D 309 11.58 2.12 1.75
CA THR D 309 10.93 1.13 2.59
C THR D 309 10.31 0.05 1.70
N ALA D 310 9.67 -0.94 2.33
CA ALA D 310 9.18 -2.11 1.59
C ALA D 310 7.95 -1.82 0.75
N ASP D 311 7.25 -0.71 0.98
CA ASP D 311 6.00 -0.40 0.27
C ASP D 311 6.18 0.57 -0.89
N VAL D 312 7.41 1.04 -1.15
CA VAL D 312 7.65 1.88 -2.31
C VAL D 312 7.36 1.09 -3.58
N TRP D 313 6.71 1.77 -4.54
CA TRP D 313 6.30 1.11 -5.78
C TRP D 313 7.50 0.61 -6.57
N VAL D 314 8.55 1.42 -6.67
CA VAL D 314 9.74 1.04 -7.43
C VAL D 314 10.38 -0.20 -6.82
N VAL D 315 10.39 -0.30 -5.48
CA VAL D 315 10.98 -1.46 -4.82
C VAL D 315 10.21 -2.73 -5.17
N GLN D 316 8.88 -2.65 -5.18
CA GLN D 316 8.06 -3.81 -5.51
C GLN D 316 8.34 -4.30 -6.92
N ILE D 317 8.60 -3.38 -7.86
CA ILE D 317 8.93 -3.78 -9.22
C ILE D 317 10.21 -4.58 -9.23
N ALA D 318 11.26 -4.08 -8.56
CA ALA D 318 12.52 -4.81 -8.48
C ALA D 318 12.34 -6.11 -7.70
N ASN D 319 11.47 -6.10 -6.69
CA ASN D 319 11.24 -7.31 -5.88
C ASN D 319 10.63 -8.41 -6.73
N PHE D 320 9.61 -8.09 -7.53
CA PHE D 320 8.96 -9.09 -8.35
C PHE D 320 9.89 -9.57 -9.47
N ILE D 321 10.59 -8.65 -10.13
CA ILE D 321 11.45 -9.01 -11.25
C ILE D 321 12.54 -9.98 -10.78
N SER D 322 13.08 -9.77 -9.59
CA SER D 322 14.12 -10.62 -9.04
C SER D 322 13.55 -11.78 -8.23
N PHE D 323 12.23 -11.99 -8.24
CA PHE D 323 11.59 -13.08 -7.52
C PHE D 323 11.90 -13.04 -6.02
N GLY D 324 11.86 -11.83 -5.45
CA GLY D 324 12.04 -11.64 -4.03
C GLY D 324 13.47 -11.47 -3.57
N ILE D 325 14.45 -11.65 -4.46
CA ILE D 325 15.85 -11.50 -4.07
C ILE D 325 16.13 -10.07 -3.61
N ILE D 326 15.74 -9.09 -4.42
CA ILE D 326 16.00 -7.69 -4.10
C ILE D 326 14.91 -7.21 -3.15
N ASP D 327 15.16 -7.39 -1.85
CA ASP D 327 14.24 -6.93 -0.81
C ASP D 327 14.51 -5.47 -0.48
N ALA D 328 13.77 -4.95 0.52
CA ALA D 328 13.92 -3.57 0.93
C ALA D 328 15.30 -3.31 1.51
N LYS D 329 15.82 -4.26 2.30
CA LYS D 329 17.13 -4.10 2.90
C LYS D 329 18.21 -3.97 1.83
N PHE D 330 18.26 -4.92 0.89
CA PHE D 330 19.30 -4.89 -0.12
C PHE D 330 19.14 -3.69 -1.05
N PHE D 331 17.90 -3.34 -1.40
CA PHE D 331 17.67 -2.18 -2.26
C PHE D 331 18.12 -0.90 -1.59
N GLY D 332 17.86 -0.75 -0.29
CA GLY D 332 18.27 0.45 0.42
C GLY D 332 19.78 0.62 0.47
N VAL D 333 20.51 -0.47 0.64
CA VAL D 333 21.97 -0.39 0.63
C VAL D 333 22.48 0.00 -0.74
N LEU D 334 21.94 -0.60 -1.80
CA LEU D 334 22.36 -0.27 -3.15
C LEU D 334 22.11 1.20 -3.47
N ALA D 335 20.99 1.75 -3.01
CA ALA D 335 20.71 3.17 -3.22
C ALA D 335 21.74 4.03 -2.50
N MET D 336 22.08 3.67 -1.27
CA MET D 336 23.05 4.45 -0.51
C MET D 336 24.42 4.42 -1.20
N PHE D 337 24.93 3.22 -1.51
CA PHE D 337 26.17 3.12 -2.26
C PHE D 337 26.01 3.65 -3.68
N GLY D 338 24.81 3.51 -4.25
CA GLY D 338 24.57 3.99 -5.60
C GLY D 338 24.76 5.49 -5.75
N ALA D 339 24.55 6.25 -4.67
CA ALA D 339 24.75 7.69 -4.73
C ALA D 339 26.20 8.04 -5.02
N ILE D 340 27.14 7.20 -4.57
CA ILE D 340 28.54 7.39 -4.94
C ILE D 340 28.77 7.01 -6.40
N LEU D 341 28.20 5.88 -6.82
CA LEU D 341 28.47 5.35 -8.15
C LEU D 341 27.99 6.30 -9.24
N VAL D 342 26.79 6.86 -9.08
CA VAL D 342 26.29 7.82 -10.06
C VAL D 342 27.13 9.07 -10.08
N MET D 343 27.66 9.49 -8.92
CA MET D 343 28.53 10.65 -8.87
C MET D 343 29.90 10.35 -9.47
N ALA D 344 30.38 9.11 -9.32
CA ALA D 344 31.66 8.74 -9.90
C ALA D 344 31.61 8.65 -11.42
N LEU D 345 30.48 8.22 -11.98
CA LEU D 345 30.34 7.97 -13.40
C LEU D 345 29.87 9.19 -14.18
N VAL D 346 29.79 10.36 -13.55
CA VAL D 346 29.29 11.56 -14.20
C VAL D 346 30.12 12.01 -15.40
N PRO D 347 31.42 11.70 -15.56
CA PRO D 347 32.06 12.07 -16.83
C PRO D 347 31.47 11.37 -18.05
N TRP D 348 30.89 10.19 -17.88
CA TRP D 348 30.31 9.42 -18.97
C TRP D 348 28.79 9.50 -19.02
N LEU D 349 28.18 10.32 -18.16
CA LEU D 349 26.75 10.60 -18.18
C LEU D 349 26.43 12.01 -18.66
N ASP D 350 27.32 12.96 -18.43
CA ASP D 350 27.16 14.31 -18.94
C ASP D 350 27.74 14.36 -20.35
N THR D 351 26.85 14.43 -21.35
CA THR D 351 27.25 14.40 -22.75
C THR D 351 27.34 15.79 -23.37
N SER D 352 27.07 16.85 -22.61
CA SER D 352 27.18 18.19 -23.15
C SER D 352 28.65 18.49 -23.46
N PRO D 353 28.98 19.03 -24.65
CA PRO D 353 30.40 19.33 -24.91
C PRO D 353 30.90 20.60 -24.24
N VAL D 354 30.01 21.41 -23.67
CA VAL D 354 30.42 22.61 -22.94
C VAL D 354 30.93 22.20 -21.57
N ARG D 355 32.12 22.68 -21.20
CA ARG D 355 32.73 22.32 -19.93
C ARG D 355 32.05 23.04 -18.77
N SER D 356 32.18 24.37 -18.72
CA SER D 356 31.71 25.13 -17.58
C SER D 356 30.19 25.27 -17.59
N GLY D 357 29.59 25.08 -16.42
CA GLY D 357 28.16 25.31 -16.27
C GLY D 357 27.75 26.77 -16.20
N ARG D 358 28.72 27.69 -16.13
CA ARG D 358 28.40 29.11 -16.16
C ARG D 358 27.72 29.49 -17.47
N TYR D 359 28.12 28.87 -18.57
CA TYR D 359 27.59 29.16 -19.89
C TYR D 359 26.57 28.12 -20.37
N ARG D 360 26.00 27.34 -19.45
CA ARG D 360 24.95 26.38 -19.73
C ARG D 360 23.70 26.83 -18.98
N PRO D 361 22.72 27.49 -19.64
CA PRO D 361 21.62 28.07 -18.84
C PRO D 361 20.70 27.04 -18.22
N MET D 362 20.37 25.95 -18.92
CA MET D 362 19.46 24.97 -18.35
C MET D 362 20.15 24.15 -17.27
N PHE D 363 21.44 23.87 -17.45
CA PHE D 363 22.20 23.12 -16.44
C PHE D 363 22.21 23.86 -15.10
N LYS D 364 22.27 25.19 -15.13
CA LYS D 364 22.28 25.98 -13.90
C LYS D 364 21.08 25.68 -13.03
N ILE D 365 19.90 25.55 -13.65
CA ILE D 365 18.69 25.28 -12.88
C ILE D 365 18.79 23.92 -12.19
N TYR D 366 19.13 22.88 -12.94
CA TYR D 366 19.19 21.55 -12.38
C TYR D 366 20.31 21.40 -11.35
N PHE D 367 21.43 22.11 -11.52
CA PHE D 367 22.52 22.01 -10.56
C PHE D 367 22.11 22.56 -9.20
N TRP D 368 21.57 23.78 -9.17
CA TRP D 368 21.22 24.41 -7.89
C TRP D 368 20.14 23.62 -7.16
N LEU D 369 19.29 22.91 -7.90
CA LEU D 369 18.36 21.98 -7.28
C LEU D 369 19.11 20.85 -6.57
N LEU D 370 20.18 20.35 -7.20
CA LEU D 370 20.97 19.29 -6.57
C LEU D 370 21.63 19.78 -5.28
N ALA D 371 22.11 21.02 -5.27
CA ALA D 371 22.66 21.58 -4.04
C ALA D 371 21.60 21.66 -2.95
N ALA D 372 20.40 22.12 -3.30
CA ALA D 372 19.28 22.08 -2.36
C ALA D 372 18.91 20.64 -2.03
N ASP D 373 18.99 19.75 -3.02
CA ASP D 373 18.66 18.34 -2.80
C ASP D 373 19.59 17.72 -1.76
N PHE D 374 20.88 18.01 -1.84
CA PHE D 374 21.83 17.47 -0.87
C PHE D 374 21.55 18.00 0.53
N VAL D 375 21.21 19.28 0.65
CA VAL D 375 20.88 19.85 1.95
C VAL D 375 19.60 19.23 2.49
N ILE D 376 18.56 19.12 1.64
CA ILE D 376 17.31 18.49 2.05
C ILE D 376 17.56 17.07 2.53
N LEU D 377 18.35 16.31 1.76
CA LEU D 377 18.72 14.96 2.17
C LEU D 377 19.42 14.97 3.53
N THR D 378 20.34 15.91 3.73
CA THR D 378 21.01 16.02 5.02
C THR D 378 20.04 16.34 6.15
N TRP D 379 19.12 17.27 5.91
CA TRP D 379 18.22 17.71 6.97
C TRP D 379 17.23 16.63 7.38
N VAL D 380 16.69 15.88 6.41
CA VAL D 380 15.68 14.88 6.75
C VAL D 380 16.27 13.69 7.48
N GLY D 381 17.59 13.46 7.37
CA GLY D 381 18.20 12.33 8.06
C GLY D 381 18.07 12.41 9.57
N ALA D 382 18.05 13.63 10.12
CA ALA D 382 17.89 13.81 11.56
C ALA D 382 16.42 13.75 11.99
N GLN D 383 15.48 13.88 11.05
CA GLN D 383 14.07 13.95 11.40
C GLN D 383 13.49 12.55 11.62
N GLN D 384 12.39 12.50 12.35
CA GLN D 384 11.69 11.24 12.58
C GLN D 384 11.12 10.69 11.28
N THR D 385 10.96 9.37 11.23
CA THR D 385 10.56 8.68 10.02
C THR D 385 9.08 8.88 9.67
N THR D 386 8.29 9.49 10.54
CA THR D 386 6.86 9.61 10.30
C THR D 386 6.58 10.55 9.13
N PHE D 387 5.30 10.69 8.82
CA PHE D 387 4.86 11.57 7.73
C PHE D 387 5.04 13.02 8.16
N PRO D 388 5.43 13.93 7.24
CA PRO D 388 5.73 13.87 5.80
C PRO D 388 7.20 13.64 5.46
N TYR D 389 8.05 13.42 6.46
CA TYR D 389 9.48 13.31 6.20
C TYR D 389 9.83 12.09 5.35
N ASP D 390 9.00 11.04 5.39
CA ASP D 390 9.27 9.84 4.60
C ASP D 390 9.24 10.14 3.11
N TRP D 391 8.25 10.89 2.63
CA TRP D 391 8.14 11.16 1.20
C TRP D 391 9.14 12.22 0.74
N ILE D 392 9.38 13.24 1.58
CA ILE D 392 10.33 14.30 1.23
C ILE D 392 11.71 13.70 0.94
N SER D 393 12.15 12.78 1.81
CA SER D 393 13.44 12.13 1.57
C SER D 393 13.39 11.25 0.33
N LEU D 394 12.21 10.76 -0.05
CA LEU D 394 12.07 9.94 -1.24
C LEU D 394 12.07 10.78 -2.50
N ILE D 395 11.36 11.92 -2.48
CA ILE D 395 11.44 12.88 -3.58
C ILE D 395 12.89 13.36 -3.73
N ALA D 396 13.52 13.71 -2.61
CA ALA D 396 14.90 14.17 -2.66
C ALA D 396 15.84 13.08 -3.15
N SER D 397 15.64 11.84 -2.66
CA SER D 397 16.46 10.73 -3.11
C SER D 397 16.29 10.48 -4.61
N ALA D 398 15.05 10.59 -5.10
CA ALA D 398 14.79 10.33 -6.52
C ALA D 398 15.53 11.32 -7.42
N TYR D 399 15.52 12.61 -7.05
CA TYR D 399 16.18 13.61 -7.88
C TYR D 399 17.68 13.39 -7.98
N TRP D 400 18.29 12.82 -6.93
CA TRP D 400 19.73 12.57 -6.94
C TRP D 400 20.12 11.65 -8.10
N PHE D 401 19.45 10.51 -8.23
CA PHE D 401 19.76 9.61 -9.34
C PHE D 401 19.28 10.20 -10.66
N ALA D 402 18.19 10.97 -10.65
CA ALA D 402 17.69 11.59 -11.87
C ALA D 402 18.70 12.58 -12.44
N TYR D 403 19.38 13.33 -11.56
CA TYR D 403 20.33 14.34 -12.01
C TYR D 403 21.45 13.72 -12.82
N PHE D 404 22.00 12.60 -12.36
CA PHE D 404 23.16 11.98 -13.00
C PHE D 404 22.77 11.05 -14.13
N LEU D 405 21.77 10.19 -13.90
CA LEU D 405 21.44 9.13 -14.84
C LEU D 405 20.46 9.56 -15.93
N VAL D 406 19.62 10.57 -15.67
CA VAL D 406 18.54 10.96 -16.57
C VAL D 406 18.76 12.36 -17.12
N ILE D 407 18.99 13.34 -16.24
CA ILE D 407 18.99 14.74 -16.65
C ILE D 407 20.23 15.07 -17.47
N LEU D 408 21.41 14.81 -16.90
CA LEU D 408 22.66 15.16 -17.58
C LEU D 408 22.81 14.51 -18.95
N PRO D 409 22.49 13.23 -19.16
CA PRO D 409 22.47 12.73 -20.55
C PRO D 409 21.48 13.46 -21.44
N ILE D 410 20.27 13.71 -20.94
CA ILE D 410 19.25 14.42 -21.72
C ILE D 410 19.69 15.86 -21.97
N LEU D 411 20.34 16.47 -20.99
CA LEU D 411 20.68 17.90 -21.08
C LEU D 411 21.59 18.20 -22.27
N GLY D 412 22.56 17.31 -22.54
CA GLY D 412 23.52 17.56 -23.60
C GLY D 412 22.90 17.76 -24.97
N ALA D 413 21.71 17.20 -25.20
CA ALA D 413 21.04 17.35 -26.48
C ALA D 413 20.30 18.69 -26.57
N ILE D 414 19.47 18.99 -25.56
CA ILE D 414 18.57 20.15 -25.63
C ILE D 414 19.20 21.42 -25.07
N GLU D 415 20.47 21.37 -24.66
CA GLU D 415 21.12 22.57 -24.14
C GLU D 415 21.21 23.64 -25.24
N LYS D 416 21.07 24.90 -24.83
CA LYS D 416 21.26 26.06 -25.69
C LYS D 416 22.43 26.86 -25.11
N PRO D 417 23.66 26.37 -25.26
CA PRO D 417 24.79 27.02 -24.60
C PRO D 417 25.04 28.44 -25.08
N VAL D 418 25.82 29.18 -24.29
CA VAL D 418 26.26 30.53 -24.60
C VAL D 418 27.73 30.46 -25.00
N ALA D 419 28.12 31.35 -25.91
CA ALA D 419 29.50 31.37 -26.40
C ALA D 419 30.46 31.69 -25.26
N PRO D 420 31.45 30.84 -24.97
CA PRO D 420 32.45 31.22 -23.95
C PRO D 420 33.40 32.28 -24.49
N PRO D 421 34.20 32.90 -23.63
CA PRO D 421 35.25 33.80 -24.13
C PRO D 421 36.26 33.07 -25.00
N ALA D 422 36.96 33.84 -25.82
CA ALA D 422 37.99 33.26 -26.68
C ALA D 422 39.17 32.75 -25.88
N THR D 423 39.55 33.48 -24.82
CA THR D 423 40.70 33.14 -24.00
C THR D 423 40.43 33.53 -22.56
N ILE D 424 41.23 32.96 -21.65
CA ILE D 424 41.14 33.29 -20.23
C ILE D 424 41.39 34.76 -19.98
N GLU D 425 42.26 35.38 -20.79
CA GLU D 425 42.58 36.79 -20.62
C GLU D 425 41.35 37.68 -20.76
N GLU D 426 40.43 37.32 -21.66
CA GLU D 426 39.25 38.15 -21.91
C GLU D 426 38.37 38.27 -20.66
N ASP D 427 38.17 37.16 -19.95
CA ASP D 427 37.35 37.20 -18.74
C ASP D 427 38.00 38.03 -17.64
N PHE D 428 39.33 37.91 -17.48
CA PHE D 428 40.02 38.63 -16.43
C PHE D 428 39.89 40.14 -16.60
N ASN D 429 39.94 40.62 -17.83
CA ASN D 429 39.96 42.07 -18.04
C ASN D 429 38.62 42.71 -17.71
N ALA D 430 37.52 42.01 -17.92
CA ALA D 430 36.22 42.55 -17.53
C ALA D 430 36.10 42.65 -16.02
N HIS D 431 36.58 41.64 -15.30
CA HIS D 431 36.53 41.64 -13.84
C HIS D 431 37.44 42.73 -13.27
N ALA E 1 9.85 8.59 22.40
CA ALA E 1 10.13 9.72 23.33
C ALA E 1 9.93 11.06 22.60
N GLY E 2 10.69 12.09 22.94
CA GLY E 2 10.55 13.36 22.25
C GLY E 2 11.48 14.40 22.84
N GLY E 3 11.34 15.61 22.33
CA GLY E 3 12.06 16.77 22.85
C GLY E 3 11.14 17.95 23.06
N GLY E 4 10.94 18.35 24.32
CA GLY E 4 9.97 19.37 24.65
C GLY E 4 10.58 20.70 25.06
N HIS E 5 9.92 21.37 26.01
CA HIS E 5 10.29 22.71 26.44
C HIS E 5 11.11 22.65 27.73
N VAL E 6 11.72 23.80 28.08
CA VAL E 6 12.60 23.90 29.22
C VAL E 6 12.57 25.33 29.75
N GLU E 7 12.96 25.49 31.01
CA GLU E 7 13.07 26.80 31.64
C GLU E 7 14.46 27.36 31.36
N ASP E 8 14.52 28.50 30.67
CA ASP E 8 15.78 29.10 30.30
C ASP E 8 16.41 29.76 31.52
N VAL E 9 17.58 29.28 31.92
CA VAL E 9 18.31 29.74 33.09
C VAL E 9 19.52 30.55 32.63
N PRO E 10 19.72 31.80 33.10
CA PRO E 10 21.00 32.48 32.79
C PRO E 10 22.18 32.00 33.63
N PHE E 11 22.69 30.81 33.28
CA PHE E 11 23.87 30.29 33.95
C PHE E 11 25.07 31.21 33.73
N SER E 12 25.93 31.31 34.75
CA SER E 12 27.09 32.19 34.66
C SER E 12 28.08 31.72 33.60
N PHE E 13 28.24 30.40 33.45
CA PHE E 13 29.19 29.86 32.49
C PHE E 13 28.74 30.04 31.05
N GLU E 14 27.48 30.41 30.81
CA GLU E 14 27.02 30.64 29.45
C GLU E 14 27.55 31.96 28.90
N GLY E 15 27.95 31.95 27.64
CA GLY E 15 28.41 33.13 26.95
C GLY E 15 29.91 33.08 26.68
N PRO E 16 30.39 33.88 25.72
CA PRO E 16 31.83 33.84 25.40
C PRO E 16 32.73 34.21 26.57
N PHE E 17 32.29 35.10 27.45
CA PHE E 17 33.05 35.52 28.62
C PHE E 17 32.58 34.83 29.90
N GLY E 18 31.75 33.80 29.79
CA GLY E 18 31.23 33.14 30.99
C GLY E 18 32.31 32.35 31.71
N THR E 19 32.20 32.32 33.04
CA THR E 19 33.12 31.60 33.91
C THR E 19 32.35 31.03 35.08
N PHE E 20 32.86 29.92 35.63
CA PHE E 20 32.23 29.28 36.77
C PHE E 20 32.27 30.16 38.00
N ASP E 21 31.17 30.12 38.77
CA ASP E 21 31.11 30.74 40.10
C ASP E 21 31.63 29.74 41.13
N GLN E 22 32.77 30.06 41.73
CA GLN E 22 33.45 29.12 42.63
C GLN E 22 32.57 28.73 43.81
N HIS E 23 31.85 29.69 44.38
CA HIS E 23 30.97 29.39 45.51
C HIS E 23 29.79 28.52 45.08
N GLN E 24 29.27 28.74 43.87
CA GLN E 24 28.11 27.98 43.41
C GLN E 24 28.42 26.49 43.32
N LEU E 25 29.60 26.14 42.80
CA LEU E 25 29.94 24.73 42.67
C LEU E 25 30.13 24.06 44.04
N GLN E 26 30.54 24.83 45.05
CA GLN E 26 30.63 24.27 46.39
C GLN E 26 29.25 23.91 46.93
N ARG E 27 28.25 24.76 46.66
CA ARG E 27 26.88 24.43 47.03
C ARG E 27 26.41 23.20 46.27
N GLY E 28 26.64 23.17 44.96
CA GLY E 28 26.25 21.99 44.18
C GLY E 28 26.96 20.73 44.65
N LEU E 29 28.22 20.86 45.05
CA LEU E 29 28.93 19.74 45.66
C LEU E 29 28.22 19.28 46.93
N GLN E 30 27.77 20.24 47.75
CA GLN E 30 27.05 19.90 48.97
C GLN E 30 25.73 19.19 48.66
N VAL E 31 25.01 19.68 47.64
CA VAL E 31 23.75 19.05 47.26
C VAL E 31 23.99 17.63 46.77
N TYR E 32 25.05 17.44 45.98
CA TYR E 32 25.35 16.10 45.48
C TYR E 32 25.68 15.13 46.62
N THR E 33 26.51 15.58 47.56
CA THR E 33 26.93 14.70 48.65
C THR E 33 25.76 14.32 49.55
N GLU E 34 24.89 15.28 49.85
CA GLU E 34 23.87 15.07 50.88
C GLU E 34 22.59 14.42 50.34
N VAL E 35 22.29 14.58 49.04
CA VAL E 35 21.04 14.10 48.46
C VAL E 35 21.35 13.13 47.31
N CYS E 36 21.99 13.63 46.27
CA CYS E 36 22.15 12.86 45.04
C CYS E 36 23.07 11.66 45.23
N ALA E 37 24.10 11.79 46.08
CA ALA E 37 25.08 10.72 46.25
C ALA E 37 24.48 9.43 46.80
N ALA E 38 23.31 9.50 47.45
CA ALA E 38 22.69 8.31 47.99
C ALA E 38 22.38 7.26 46.92
N CYS E 39 22.05 7.71 45.70
CA CYS E 39 21.71 6.84 44.59
C CYS E 39 22.69 6.92 43.42
N HIS E 40 23.13 8.12 43.06
CA HIS E 40 23.96 8.34 41.89
C HIS E 40 25.45 8.27 42.24
N GLY E 41 26.28 8.19 41.20
CA GLY E 41 27.72 8.23 41.34
C GLY E 41 28.33 8.91 40.13
N MET E 42 29.64 9.19 40.23
CA MET E 42 30.40 9.83 39.15
C MET E 42 31.69 9.02 38.94
N LYS E 43 31.57 7.93 38.18
CA LYS E 43 32.69 7.02 37.99
C LYS E 43 33.85 7.64 37.22
N PHE E 44 33.66 8.78 36.56
CA PHE E 44 34.69 9.41 35.73
C PHE E 44 35.34 10.63 36.36
N VAL E 45 34.79 11.17 37.45
CA VAL E 45 35.26 12.43 38.01
C VAL E 45 36.33 12.12 39.06
N PRO E 46 37.58 12.58 38.89
CA PRO E 46 38.54 12.43 39.99
C PRO E 46 38.20 13.34 41.16
N ILE E 47 38.37 12.80 42.37
CA ILE E 47 38.07 13.58 43.58
C ILE E 47 39.04 14.75 43.71
N ARG E 48 40.29 14.59 43.21
CA ARG E 48 41.29 15.64 43.34
C ARG E 48 40.87 16.95 42.68
N SER E 49 39.94 16.90 41.72
CA SER E 49 39.54 18.10 40.98
C SER E 49 38.72 19.07 41.81
N LEU E 50 38.31 18.71 43.03
CA LEU E 50 37.58 19.64 43.88
C LEU E 50 38.45 20.79 44.38
N SER E 51 39.79 20.69 44.23
CA SER E 51 40.71 21.78 44.53
C SER E 51 41.44 22.30 43.30
N GLU E 52 41.37 21.60 42.17
CA GLU E 52 42.00 22.07 40.94
C GLU E 52 41.40 23.40 40.50
N PRO E 53 42.17 24.25 39.81
CA PRO E 53 41.62 25.54 39.36
C PRO E 53 40.49 25.36 38.36
N GLY E 54 39.67 26.40 38.24
CA GLY E 54 38.51 26.35 37.38
C GLY E 54 37.49 25.35 37.86
N GLY E 55 37.13 25.44 39.13
CA GLY E 55 36.19 24.52 39.74
C GLY E 55 35.78 25.01 41.12
N PRO E 56 35.34 24.09 41.99
CA PRO E 56 35.01 24.51 43.36
C PRO E 56 36.20 25.11 44.11
N GLU E 57 37.40 24.64 43.81
CA GLU E 57 38.66 25.17 44.36
C GLU E 57 38.63 25.23 45.88
N LEU E 58 38.49 24.06 46.49
CA LEU E 58 38.53 23.92 47.94
C LEU E 58 39.97 23.79 48.41
N PRO E 59 40.25 24.05 49.69
CA PRO E 59 41.57 23.72 50.22
C PRO E 59 41.82 22.22 50.13
N GLU E 60 43.07 21.85 49.86
CA GLU E 60 43.39 20.43 49.69
C GLU E 60 43.12 19.63 50.95
N ASP E 61 43.18 20.27 52.13
CA ASP E 61 42.84 19.56 53.37
C ASP E 61 41.36 19.24 53.43
N GLN E 62 40.50 20.18 53.01
CA GLN E 62 39.06 19.91 52.98
C GLN E 62 38.74 18.81 51.99
N VAL E 63 39.37 18.84 50.81
CA VAL E 63 39.21 17.75 49.85
C VAL E 63 39.70 16.44 50.46
N ARG E 64 40.85 16.49 51.15
CA ARG E 64 41.37 15.31 51.82
C ARG E 64 40.38 14.79 52.87
N ALA E 65 39.73 15.70 53.61
CA ALA E 65 38.74 15.27 54.58
C ALA E 65 37.46 14.80 53.87
N TYR E 66 37.06 15.52 52.81
CA TYR E 66 35.88 15.13 52.05
C TYR E 66 36.05 13.76 51.41
N ALA E 67 37.26 13.46 50.91
CA ALA E 67 37.48 12.21 50.20
C ALA E 67 37.42 10.99 51.12
N THR E 68 37.70 11.18 52.41
CA THR E 68 37.80 10.05 53.33
C THR E 68 36.46 9.35 53.56
N GLN E 69 35.34 10.05 53.35
CA GLN E 69 34.04 9.43 53.64
C GLN E 69 33.72 8.29 52.69
N PHE E 70 34.29 8.31 51.49
CA PHE E 70 34.03 7.25 50.52
C PHE E 70 34.92 6.04 50.80
N THR E 71 34.33 4.85 50.67
CA THR E 71 35.06 3.60 50.73
C THR E 71 35.50 3.21 49.32
N VAL E 72 36.70 2.66 49.20
CA VAL E 72 37.30 2.30 47.92
C VAL E 72 37.97 0.95 48.05
N THR E 73 37.74 0.08 47.06
CA THR E 73 38.38 -1.23 46.99
C THR E 73 39.69 -1.07 46.23
N ASP E 74 40.81 -1.25 46.94
CA ASP E 74 42.13 -1.07 46.35
C ASP E 74 42.31 -1.99 45.15
N GLU E 75 42.82 -1.42 44.04
CA GLU E 75 43.00 -2.18 42.82
C GLU E 75 43.99 -3.32 43.00
N GLU E 76 45.03 -3.10 43.81
CA GLU E 76 46.09 -4.09 44.00
C GLU E 76 45.80 -5.00 45.18
N THR E 77 45.75 -4.43 46.39
CA THR E 77 45.52 -5.21 47.61
C THR E 77 44.24 -6.04 47.52
N GLY E 78 43.09 -5.37 47.39
CA GLY E 78 41.78 -6.00 47.35
C GLY E 78 40.91 -5.64 48.54
N GLU E 79 41.51 -5.32 49.68
CA GLU E 79 40.76 -4.95 50.87
C GLU E 79 40.29 -3.50 50.76
N ASP E 80 39.09 -3.24 51.32
CA ASP E 80 38.52 -1.91 51.26
C ASP E 80 39.36 -0.94 52.09
N ARG E 81 39.17 0.35 51.82
CA ARG E 81 39.93 1.39 52.49
C ARG E 81 39.22 2.72 52.30
N GLU E 82 39.70 3.74 53.00
CA GLU E 82 39.13 5.08 52.86
C GLU E 82 39.49 5.68 51.51
N GLY E 83 38.63 6.58 51.03
CA GLY E 83 38.83 7.17 49.72
C GLY E 83 39.90 8.23 49.73
N LYS E 84 40.79 8.18 48.73
CA LYS E 84 41.87 9.14 48.54
C LYS E 84 41.46 10.18 47.50
N PRO E 85 42.18 11.32 47.42
CA PRO E 85 41.91 12.25 46.31
C PRO E 85 42.27 11.68 44.95
N THR E 86 43.11 10.65 44.87
CA THR E 86 43.47 10.06 43.59
C THR E 86 42.36 9.19 43.01
N ASP E 87 41.46 8.68 43.85
CA ASP E 87 40.38 7.83 43.39
C ASP E 87 39.25 8.68 42.81
N HIS E 88 38.43 8.05 41.98
CA HIS E 88 37.23 8.67 41.44
C HIS E 88 36.09 8.54 42.45
N PHE E 89 35.02 9.28 42.21
CA PHE E 89 33.82 9.07 43.00
C PHE E 89 33.29 7.66 42.72
N PRO E 90 32.52 7.08 43.65
CA PRO E 90 32.11 5.68 43.47
C PRO E 90 31.14 5.51 42.31
N HIS E 91 30.98 4.25 41.90
CA HIS E 91 29.95 3.88 40.96
C HIS E 91 28.57 4.25 41.52
N SER E 92 27.58 4.27 40.64
CA SER E 92 26.21 4.53 41.07
C SER E 92 25.76 3.46 42.05
N ALA E 93 25.43 3.88 43.27
CA ALA E 93 24.99 2.94 44.31
C ALA E 93 23.72 2.22 43.89
N LEU E 94 22.87 2.87 43.09
CA LEU E 94 21.63 2.29 42.59
C LEU E 94 21.88 1.82 41.16
N GLU E 95 21.62 0.54 40.91
CA GLU E 95 21.95 -0.10 39.63
C GLU E 95 21.40 0.66 38.44
N ASN E 96 20.11 0.97 38.45
CA ASN E 96 19.45 1.62 37.32
C ASN E 96 19.52 3.14 37.39
N ALA E 97 20.36 3.70 38.26
CA ALA E 97 20.58 5.14 38.33
C ALA E 97 21.74 5.51 37.41
N PRO E 98 21.53 6.30 36.35
CA PRO E 98 22.65 6.59 35.45
C PRO E 98 23.73 7.43 36.12
N ASP E 99 24.94 7.31 35.59
CA ASP E 99 26.07 8.08 36.11
C ASP E 99 25.93 9.54 35.73
N LEU E 100 26.19 10.43 36.68
CA LEU E 100 26.00 11.86 36.51
C LEU E 100 27.26 12.61 36.07
N SER E 101 28.34 11.90 35.76
CA SER E 101 29.58 12.55 35.36
C SER E 101 29.38 13.41 34.10
N LEU E 102 28.82 12.80 33.05
CA LEU E 102 28.63 13.45 31.76
C LEU E 102 27.15 13.73 31.46
N MET E 103 26.31 13.74 32.49
CA MET E 103 24.90 13.99 32.28
C MET E 103 24.66 15.42 31.78
N ALA E 104 25.46 16.37 32.26
CA ALA E 104 25.31 17.77 31.87
C ALA E 104 25.72 18.05 30.42
N LYS E 105 26.35 17.10 29.74
CA LYS E 105 26.64 17.20 28.31
C LYS E 105 25.97 16.11 27.48
N ALA E 106 25.34 15.11 28.10
CA ALA E 106 24.73 14.00 27.38
C ALA E 106 23.25 14.23 27.07
N ARG E 107 22.67 15.35 27.51
CA ARG E 107 21.27 15.68 27.27
C ARG E 107 21.19 17.05 26.62
N ALA E 108 20.32 17.17 25.62
CA ALA E 108 20.07 18.44 24.95
C ALA E 108 18.85 19.11 25.58
N GLY E 109 19.02 20.39 25.93
CA GLY E 109 17.94 21.16 26.53
C GLY E 109 17.14 21.98 25.54
N PHE E 110 17.71 22.24 24.36
CA PHE E 110 17.06 23.01 23.32
C PHE E 110 16.97 22.18 22.05
N HIS E 111 15.97 22.52 21.23
CA HIS E 111 15.68 21.82 19.99
C HIS E 111 15.32 22.87 18.95
N GLY E 112 15.94 22.77 17.77
CA GLY E 112 15.71 23.71 16.70
C GLY E 112 14.24 23.82 16.36
N PRO E 113 13.80 24.99 15.79
CA PRO E 113 12.36 25.21 15.47
C PRO E 113 11.67 24.03 14.79
N MET E 114 12.22 23.57 13.66
CA MET E 114 11.77 22.36 12.97
C MET E 114 12.95 21.43 12.79
N GLY E 115 13.70 21.20 13.86
CA GLY E 115 14.90 20.39 13.78
C GLY E 115 15.96 20.97 12.87
N THR E 116 16.09 22.29 12.86
CA THR E 116 17.09 23.00 12.05
C THR E 116 18.31 23.41 12.85
N GLY E 117 18.38 23.09 14.14
CA GLY E 117 19.52 23.46 14.96
C GLY E 117 19.73 24.94 15.12
N ILE E 118 18.70 25.76 14.88
CA ILE E 118 18.84 27.20 15.05
C ILE E 118 18.80 27.56 16.54
N SER E 119 17.98 26.85 17.31
CA SER E 119 17.87 27.12 18.74
C SER E 119 19.18 26.80 19.46
N GLN E 120 19.79 25.65 19.14
CA GLN E 120 21.08 25.33 19.73
C GLN E 120 22.15 26.32 19.28
N LEU E 121 22.03 26.85 18.07
CA LEU E 121 23.01 27.80 17.56
C LEU E 121 23.03 29.09 18.38
N PHE E 122 21.88 29.48 18.94
CA PHE E 122 21.75 30.72 19.70
C PHE E 122 21.65 30.52 21.20
N ASN E 123 21.30 29.31 21.66
CA ASN E 123 21.08 29.04 23.08
C ASN E 123 22.02 28.01 23.67
N GLY E 124 22.75 27.25 22.85
CA GLY E 124 23.61 26.20 23.34
C GLY E 124 22.92 24.85 23.36
N ILE E 125 23.67 23.84 23.80
CA ILE E 125 23.13 22.49 23.87
C ILE E 125 21.99 22.41 24.88
N GLY E 126 22.18 23.02 26.05
CA GLY E 126 21.13 23.13 27.04
C GLY E 126 21.14 22.05 28.10
N GLY E 127 22.22 21.27 28.20
CA GLY E 127 22.35 20.23 29.21
C GLY E 127 22.12 20.70 30.64
N PRO E 128 22.91 21.67 31.12
CA PRO E 128 22.67 22.17 32.48
C PRO E 128 21.31 22.82 32.64
N GLU E 129 20.73 23.36 31.57
CA GLU E 129 19.40 23.93 31.62
C GLU E 129 18.32 22.86 31.60
N TYR E 130 18.63 21.67 31.09
CA TYR E 130 17.68 20.55 31.10
C TYR E 130 17.62 19.90 32.48
N ILE E 131 18.77 19.80 33.15
CA ILE E 131 18.80 19.24 34.50
C ILE E 131 17.98 20.09 35.45
N TYR E 132 18.11 21.42 35.35
CA TYR E 132 17.30 22.31 36.16
C TYR E 132 15.81 22.07 35.93
N SER E 133 15.43 21.74 34.70
CA SER E 133 14.02 21.54 34.39
C SER E 133 13.49 20.22 34.95
N VAL E 134 14.35 19.20 35.04
CA VAL E 134 13.91 17.92 35.59
C VAL E 134 13.72 18.03 37.10
N LEU E 135 14.65 18.69 37.80
CA LEU E 135 14.54 18.82 39.25
C LEU E 135 13.34 19.67 39.65
N THR E 136 13.10 20.77 38.94
CA THR E 136 12.00 21.67 39.25
C THR E 136 10.70 21.29 38.52
N GLY E 137 10.68 20.17 37.78
CA GLY E 137 9.56 19.82 36.95
C GLY E 137 8.67 18.74 37.54
N PHE E 138 8.74 18.53 38.85
CA PHE E 138 7.87 17.57 39.52
C PHE E 138 6.63 18.33 40.00
N PRO E 139 5.44 18.12 39.42
CA PRO E 139 4.26 18.85 39.89
C PRO E 139 3.69 18.21 41.14
N GLU E 140 2.77 18.94 41.77
CA GLU E 140 2.14 18.45 43.00
C GLU E 140 1.29 17.22 42.71
N GLU E 141 0.41 17.30 41.71
CA GLU E 141 -0.46 16.23 41.27
C GLU E 141 -0.18 15.90 39.80
N PRO E 142 -0.50 14.69 39.34
CA PRO E 142 -0.21 14.35 37.93
C PRO E 142 -1.13 15.10 36.97
N PRO E 143 -0.94 14.93 35.67
CA PRO E 143 -1.91 15.47 34.72
C PRO E 143 -3.27 14.81 34.86
N LYS E 144 -4.31 15.53 34.42
CA LYS E 144 -5.67 15.04 34.56
C LYS E 144 -5.88 13.72 33.82
N CYS E 145 -5.19 13.53 32.69
CA CYS E 145 -5.32 12.27 31.96
C CYS E 145 -4.78 11.08 32.74
N ALA E 146 -3.90 11.31 33.71
CA ALA E 146 -3.24 10.26 34.47
C ALA E 146 -3.73 10.13 35.91
N GLU E 147 -4.68 10.98 36.35
CA GLU E 147 -5.16 10.95 37.73
C GLU E 147 -5.74 9.60 38.10
N GLY E 148 -5.04 8.86 38.96
CA GLY E 148 -5.46 7.52 39.35
C GLY E 148 -4.94 6.42 38.48
N HIS E 149 -3.87 6.68 37.70
CA HIS E 149 -3.30 5.69 36.79
C HIS E 149 -1.78 5.71 36.79
N GLU E 150 -1.14 6.28 37.81
CA GLU E 150 0.31 6.33 37.83
C GLU E 150 0.87 4.92 37.99
N PRO E 151 1.85 4.49 37.19
CA PRO E 151 2.53 3.23 37.50
C PRO E 151 3.23 3.31 38.85
N ASP E 152 3.07 2.24 39.64
CA ASP E 152 3.66 2.23 40.97
C ASP E 152 5.18 2.25 40.87
N GLY E 153 5.80 3.20 41.57
CA GLY E 153 7.24 3.37 41.54
C GLY E 153 7.73 4.38 40.52
N PHE E 154 6.83 5.11 39.85
CA PHE E 154 7.18 6.13 38.88
C PHE E 154 6.45 7.42 39.22
N TYR E 155 7.00 8.53 38.74
CA TYR E 155 6.53 9.86 39.08
C TYR E 155 6.55 10.73 37.82
N TYR E 156 5.56 11.62 37.71
CA TYR E 156 5.45 12.46 36.53
C TYR E 156 6.38 13.65 36.62
N ASN E 157 7.08 13.94 35.53
CA ASN E 157 7.96 15.10 35.40
C ASN E 157 7.69 15.77 34.06
N ARG E 158 7.52 17.10 34.08
CA ARG E 158 7.18 17.82 32.86
C ARG E 158 8.27 17.70 31.80
N ALA E 159 9.54 17.77 32.21
CA ALA E 159 10.63 17.90 31.25
C ALA E 159 11.19 16.57 30.76
N PHE E 160 11.02 15.49 31.52
CA PHE E 160 11.52 14.19 31.07
C PHE E 160 10.70 13.68 29.89
N GLN E 161 11.39 13.07 28.92
CA GLN E 161 10.81 12.67 27.65
C GLN E 161 10.98 11.20 27.32
N ASN E 162 12.01 10.52 27.84
CA ASN E 162 12.28 9.14 27.49
C ASN E 162 11.57 8.13 28.39
N GLY E 163 10.52 8.56 29.09
CA GLY E 163 9.79 7.70 30.00
C GLY E 163 8.53 7.14 29.37
N SER E 164 8.01 6.09 29.99
CA SER E 164 6.75 5.52 29.54
C SER E 164 5.61 6.50 29.83
N VAL E 165 4.47 6.26 29.18
CA VAL E 165 3.29 7.11 29.34
C VAL E 165 2.07 6.19 29.29
N PRO E 166 1.06 6.34 30.15
CA PRO E 166 -0.15 5.52 30.01
C PRO E 166 -0.85 5.75 28.69
N ASP E 167 -1.45 4.68 28.17
CA ASP E 167 -2.21 4.78 26.93
C ASP E 167 -3.38 5.75 27.03
N THR E 168 -3.90 5.97 28.25
CA THR E 168 -5.01 6.89 28.43
C THR E 168 -4.64 8.35 28.14
N CYS E 169 -3.34 8.67 28.08
CA CYS E 169 -2.88 10.03 27.84
C CYS E 169 -2.47 10.29 26.39
N LYS E 170 -2.43 9.26 25.55
CA LYS E 170 -2.08 9.44 24.15
C LYS E 170 -3.31 9.83 23.33
N ASP E 171 -3.04 10.49 22.20
CA ASP E 171 -4.10 10.98 21.31
C ASP E 171 -4.58 9.87 20.39
N ALA E 172 -5.26 10.22 19.29
CA ALA E 172 -5.89 9.22 18.44
C ALA E 172 -4.89 8.45 17.59
N ASN E 173 -3.75 9.05 17.25
CA ASN E 173 -2.76 8.45 16.35
C ASN E 173 -1.44 8.19 17.06
N GLY E 174 -1.51 7.77 18.33
CA GLY E 174 -0.37 7.19 19.01
C GLY E 174 0.59 8.18 19.66
N VAL E 175 0.40 9.48 19.45
CA VAL E 175 1.31 10.49 19.97
C VAL E 175 0.88 10.86 21.38
N LYS E 176 1.84 10.99 22.29
CA LYS E 176 1.53 11.35 23.66
C LYS E 176 1.09 12.81 23.75
N THR E 177 0.11 13.06 24.62
CA THR E 177 -0.46 14.40 24.78
C THR E 177 0.18 15.20 25.90
N THR E 178 0.90 14.55 26.81
CA THR E 178 1.51 15.24 27.93
C THR E 178 2.85 15.84 27.51
N ALA E 179 3.21 16.95 28.18
CA ALA E 179 4.50 17.58 27.90
C ALA E 179 5.65 16.64 28.19
N GLY E 180 5.60 15.96 29.34
CA GLY E 180 6.64 15.05 29.78
C GLY E 180 6.26 13.58 29.76
N SER E 181 6.85 12.82 30.69
CA SER E 181 6.59 11.39 30.82
C SER E 181 6.96 10.99 32.24
N TRP E 182 6.83 9.69 32.52
CA TRP E 182 7.01 9.16 33.88
C TRP E 182 8.44 8.68 34.09
N ILE E 183 9.12 9.29 35.05
CA ILE E 183 10.49 8.96 35.41
C ILE E 183 10.46 8.09 36.66
N ALA E 184 11.50 7.28 36.84
CA ALA E 184 11.62 6.38 37.97
C ALA E 184 12.30 7.01 39.19
N MET E 185 12.62 8.31 39.13
CA MET E 185 13.30 9.00 40.21
C MET E 185 12.28 9.69 41.11
N PRO E 186 12.18 9.40 42.40
CA PRO E 186 11.30 10.21 43.26
C PRO E 186 11.84 11.64 43.36
N PRO E 187 10.99 12.63 43.64
CA PRO E 187 11.48 14.01 43.76
C PRO E 187 12.61 14.10 44.79
N PRO E 188 13.86 14.35 44.36
CA PRO E 188 14.96 14.33 45.33
C PRO E 188 15.10 15.62 46.12
N LEU E 189 14.60 16.73 45.60
CA LEU E 189 14.74 18.04 46.22
C LEU E 189 13.46 18.38 46.98
N MET E 190 13.63 18.74 48.25
CA MET E 190 12.56 19.25 49.09
C MET E 190 13.05 20.57 49.66
N ASP E 191 12.12 21.51 49.84
CA ASP E 191 12.46 22.87 50.26
C ASP E 191 13.28 22.86 51.54
N ASP E 192 14.44 23.52 51.49
CA ASP E 192 15.36 23.64 52.62
C ASP E 192 15.87 22.27 53.08
N LEU E 193 15.95 21.30 52.16
CA LEU E 193 16.51 20.01 52.49
C LEU E 193 18.00 20.06 52.82
N VAL E 194 18.69 21.13 52.44
CA VAL E 194 20.12 21.31 52.69
C VAL E 194 20.31 22.63 53.42
N GLU E 195 21.23 22.64 54.37
CA GLU E 195 21.61 23.84 55.12
C GLU E 195 23.03 24.22 54.74
N TYR E 196 23.18 25.40 54.14
CA TYR E 196 24.47 25.83 53.59
C TYR E 196 25.32 26.47 54.68
N ALA E 197 26.61 26.58 54.38
CA ALA E 197 27.55 27.16 55.35
C ALA E 197 27.25 28.64 55.59
N ASP E 198 27.15 29.41 54.51
CA ASP E 198 26.95 30.86 54.61
C ASP E 198 25.48 31.25 54.72
N GLY E 199 24.60 30.32 55.09
CA GLY E 199 23.20 30.66 55.23
C GLY E 199 22.50 31.04 53.95
N HIS E 200 23.04 30.65 52.80
CA HIS E 200 22.43 30.99 51.51
C HIS E 200 21.06 30.34 51.39
N ASP E 201 20.21 30.94 50.54
CA ASP E 201 18.88 30.41 50.29
C ASP E 201 18.95 28.97 49.78
N ALA E 202 18.09 28.12 50.34
CA ALA E 202 18.07 26.69 50.06
C ALA E 202 16.71 26.26 49.51
N SER E 203 16.15 27.05 48.60
CA SER E 203 14.92 26.65 47.93
C SER E 203 15.20 25.55 46.91
N VAL E 204 14.11 24.97 46.39
CA VAL E 204 14.24 23.92 45.38
C VAL E 204 14.87 24.48 44.10
N HIS E 205 14.44 25.68 43.69
CA HIS E 205 15.00 26.29 42.50
C HIS E 205 16.48 26.63 42.67
N ALA E 206 16.87 27.08 43.87
CA ALA E 206 18.25 27.44 44.11
C ALA E 206 19.17 26.22 44.08
N MET E 207 18.76 25.13 44.74
CA MET E 207 19.58 23.92 44.77
C MET E 207 19.72 23.32 43.37
N ALA E 208 18.65 23.35 42.59
CA ALA E 208 18.70 22.78 41.24
C ALA E 208 19.68 23.54 40.35
N GLU E 209 19.67 24.88 40.43
CA GLU E 209 20.61 25.67 39.66
C GLU E 209 22.05 25.42 40.10
N ASP E 210 22.27 25.36 41.43
CA ASP E 210 23.63 25.17 41.94
C ASP E 210 24.20 23.81 41.55
N VAL E 211 23.40 22.74 41.73
CA VAL E 211 23.90 21.41 41.40
C VAL E 211 24.05 21.25 39.89
N SER E 212 23.22 21.94 39.11
CA SER E 212 23.38 21.91 37.66
C SER E 212 24.72 22.49 37.23
N ALA E 213 25.11 23.62 37.82
CA ALA E 213 26.43 24.19 37.55
C ALA E 213 27.53 23.22 37.96
N PHE E 214 27.39 22.60 39.14
CA PHE E 214 28.35 21.58 39.56
C PHE E 214 28.36 20.41 38.59
N LEU E 215 27.20 20.04 38.06
CA LEU E 215 27.14 18.96 37.09
C LEU E 215 27.73 19.38 35.74
N MET E 216 27.65 20.66 35.41
CA MET E 216 28.31 21.15 34.20
C MET E 216 29.82 21.11 34.36
N TRP E 217 30.32 21.51 35.53
CA TRP E 217 31.76 21.45 35.76
C TRP E 217 32.24 20.01 35.80
N ALA E 218 31.43 19.11 36.35
CA ALA E 218 31.80 17.70 36.36
C ALA E 218 31.90 17.15 34.94
N ALA E 219 31.00 17.57 34.05
CA ALA E 219 31.04 17.11 32.67
C ALA E 219 32.13 17.80 31.87
N GLU E 220 32.36 19.09 32.13
CA GLU E 220 33.35 19.90 31.42
C GLU E 220 34.14 20.68 32.47
N PRO E 221 35.13 20.06 33.10
CA PRO E 221 35.94 20.80 34.08
C PRO E 221 36.80 21.89 33.44
N LYS E 222 37.24 21.71 32.19
CA LYS E 222 38.18 22.61 31.54
C LYS E 222 37.48 23.67 30.69
N LEU E 223 36.24 24.03 31.03
CA LEU E 223 35.51 25.02 30.24
C LEU E 223 36.18 26.39 30.27
N MET E 224 36.67 26.81 31.45
CA MET E 224 37.26 28.15 31.55
C MET E 224 38.57 28.26 30.79
N ALA E 225 39.34 27.17 30.72
CA ALA E 225 40.55 27.18 29.90
C ALA E 225 40.21 27.19 28.42
N ARG E 226 39.14 26.47 28.04
CA ARG E 226 38.78 26.39 26.62
C ARG E 226 38.39 27.76 26.06
N LYS E 227 37.63 28.54 26.81
CA LYS E 227 37.16 29.83 26.29
C LYS E 227 38.27 30.86 26.26
N GLN E 228 39.21 30.80 27.21
CA GLN E 228 40.39 31.65 27.13
C GLN E 228 41.27 31.24 25.97
N ALA E 229 41.53 29.93 25.83
CA ALA E 229 42.32 29.43 24.71
C ALA E 229 41.61 29.69 23.38
N GLY E 230 40.29 29.45 23.34
CA GLY E 230 39.53 29.72 22.14
C GLY E 230 39.63 31.19 21.72
N PHE E 231 39.41 32.09 22.68
CA PHE E 231 39.57 33.51 22.39
C PHE E 231 40.99 33.83 21.97
N THR E 232 41.98 33.19 22.60
CA THR E 232 43.38 33.40 22.22
C THR E 232 43.62 32.97 20.77
N ALA E 233 43.24 31.73 20.43
CA ALA E 233 43.39 31.24 19.06
C ALA E 233 42.68 32.13 18.06
N VAL E 234 41.53 32.70 18.45
CA VAL E 234 40.81 33.63 17.59
C VAL E 234 41.64 34.88 17.33
N MET E 235 42.28 35.41 18.39
CA MET E 235 43.08 36.62 18.24
C MET E 235 44.27 36.40 17.30
N PHE E 236 44.96 35.26 17.42
CA PHE E 236 46.11 35.01 16.58
C PHE E 236 45.70 34.86 15.12
N LEU E 237 44.73 33.96 14.86
CA LEU E 237 44.29 33.74 13.48
C LEU E 237 43.64 34.98 12.88
N THR E 238 43.00 35.81 13.72
CA THR E 238 42.48 37.08 13.24
C THR E 238 43.61 37.98 12.76
N VAL E 239 44.68 38.10 13.54
CA VAL E 239 45.84 38.87 13.12
C VAL E 239 46.46 38.25 11.87
N LEU E 240 46.61 36.92 11.88
CA LEU E 240 47.19 36.23 10.72
C LEU E 240 46.33 36.41 9.48
N SER E 241 45.00 36.36 9.64
CA SER E 241 44.11 36.59 8.51
C SER E 241 44.25 38.01 7.97
N VAL E 242 44.32 39.01 8.86
CA VAL E 242 44.41 40.40 8.43
C VAL E 242 45.72 40.63 7.67
N LEU E 243 46.83 40.17 8.23
CA LEU E 243 48.13 40.36 7.58
C LEU E 243 48.18 39.62 6.25
N LEU E 244 47.65 38.40 6.21
CA LEU E 244 47.61 37.66 4.96
C LEU E 244 46.75 38.35 3.93
N TYR E 245 45.71 39.07 4.36
CA TYR E 245 44.89 39.82 3.41
C TYR E 245 45.68 40.97 2.80
N LEU E 246 46.34 41.77 3.64
CA LEU E 246 47.10 42.91 3.15
C LEU E 246 48.24 42.46 2.25
N THR E 247 48.90 41.36 2.61
CA THR E 247 49.92 40.79 1.73
C THR E 247 49.27 40.32 0.43
N ASN E 248 48.17 39.59 0.53
CA ASN E 248 47.45 39.14 -0.66
C ASN E 248 46.96 40.32 -1.49
N LYS E 249 46.51 41.39 -0.83
CA LYS E 249 45.99 42.54 -1.57
C LYS E 249 47.11 43.25 -2.34
N ARG E 250 48.25 43.47 -1.69
CA ARG E 250 49.35 44.13 -2.39
C ARG E 250 50.01 43.22 -3.40
N LEU E 251 49.99 41.91 -3.16
CA LEU E 251 50.61 40.98 -4.09
C LEU E 251 49.81 40.92 -5.40
N TRP E 252 48.49 40.92 -5.29
CA TRP E 252 47.60 40.90 -6.46
C TRP E 252 47.42 42.27 -7.10
N ALA E 253 47.91 43.34 -6.46
CA ALA E 253 47.74 44.68 -7.02
C ALA E 253 48.43 44.83 -8.36
N GLY E 254 49.53 44.11 -8.59
CA GLY E 254 50.30 44.24 -9.80
C GLY E 254 49.84 43.38 -10.97
N VAL E 255 48.56 43.02 -11.00
CA VAL E 255 47.99 42.21 -12.09
C VAL E 255 46.79 42.94 -12.68
N LYS E 256 45.76 43.17 -11.87
CA LYS E 256 44.56 43.87 -12.33
C LYS E 256 44.70 45.38 -12.08
N GLY F 9 62.17 52.47 2.45
CA GLY F 9 60.79 52.60 2.88
C GLY F 9 60.42 51.57 3.94
N THR F 10 60.12 52.07 5.14
CA THR F 10 59.74 51.18 6.24
C THR F 10 58.33 50.62 6.07
N ARG F 11 57.48 51.29 5.29
CA ARG F 11 56.13 50.78 5.05
C ARG F 11 56.10 49.57 4.12
N ARG F 12 57.18 49.32 3.37
CA ARG F 12 57.14 48.37 2.27
C ARG F 12 57.62 46.98 2.70
N ASP F 13 58.90 46.89 3.05
CA ASP F 13 59.50 45.58 3.36
C ASP F 13 59.02 45.04 4.70
N PHE F 14 58.71 45.92 5.65
CA PHE F 14 58.22 45.53 6.97
C PHE F 14 57.05 44.54 6.91
N LEU F 15 56.10 44.77 6.00
CA LEU F 15 54.91 43.91 5.94
C LEU F 15 55.28 42.48 5.58
N TYR F 16 56.30 42.28 4.75
CA TYR F 16 56.77 40.96 4.37
C TYR F 16 57.64 40.29 5.45
N TYR F 17 57.69 40.86 6.65
CA TYR F 17 58.33 40.27 7.82
C TYR F 17 57.31 39.96 8.91
N ALA F 18 56.42 40.90 9.21
CA ALA F 18 55.38 40.68 10.20
C ALA F 18 54.44 39.55 9.79
N THR F 19 54.14 39.45 8.48
CA THR F 19 53.24 38.41 8.01
C THR F 19 53.83 37.03 8.24
N ALA F 20 55.15 36.88 8.02
CA ALA F 20 55.79 35.60 8.28
C ALA F 20 55.86 35.32 9.78
N GLY F 21 56.13 36.36 10.58
CA GLY F 21 56.18 36.18 12.02
C GLY F 21 54.86 35.76 12.62
N ALA F 22 53.76 36.34 12.15
CA ALA F 22 52.44 35.93 12.62
C ALA F 22 52.17 34.48 12.26
N GLY F 23 52.54 34.06 11.05
CA GLY F 23 52.41 32.66 10.70
C GLY F 23 53.35 31.78 11.52
N ALA F 24 54.58 32.26 11.74
CA ALA F 24 55.53 31.51 12.55
C ALA F 24 55.05 31.39 14.00
N VAL F 25 54.59 32.50 14.57
CA VAL F 25 54.05 32.46 15.93
C VAL F 25 52.82 31.57 15.99
N ALA F 26 52.00 31.59 14.95
CA ALA F 26 50.84 30.72 14.91
C ALA F 26 51.26 29.26 14.86
N THR F 27 52.24 28.94 14.01
CA THR F 27 52.79 27.59 13.98
C THR F 27 53.38 27.20 15.34
N GLY F 28 54.11 28.12 15.97
CA GLY F 28 54.71 27.80 17.26
C GLY F 28 53.67 27.61 18.34
N ALA F 29 52.67 28.49 18.40
CA ALA F 29 51.61 28.36 19.39
C ALA F 29 50.75 27.12 19.15
N ALA F 30 50.73 26.59 17.93
CA ALA F 30 50.01 25.36 17.62
C ALA F 30 50.86 24.11 17.81
N VAL F 31 52.19 24.26 17.87
CA VAL F 31 53.08 23.12 18.01
C VAL F 31 53.36 22.83 19.49
N TRP F 32 53.45 23.87 20.32
CA TRP F 32 53.72 23.67 21.74
C TRP F 32 52.67 22.82 22.44
N PRO F 33 51.36 22.99 22.22
CA PRO F 33 50.40 22.04 22.81
C PRO F 33 50.64 20.59 22.40
N LEU F 34 51.13 20.35 21.18
CA LEU F 34 51.36 18.98 20.73
C LEU F 34 52.54 18.34 21.44
N ILE F 35 53.44 19.12 22.02
CA ILE F 35 54.59 18.59 22.76
C ILE F 35 54.23 18.41 24.23
N ASN F 36 53.61 19.43 24.84
CA ASN F 36 53.32 19.41 26.27
C ASN F 36 52.35 18.30 26.67
N GLN F 37 51.57 17.77 25.72
CA GLN F 37 50.63 16.70 26.02
C GLN F 37 51.30 15.47 26.60
N MET F 38 52.53 15.17 26.17
CA MET F 38 53.23 13.98 26.64
C MET F 38 53.68 14.08 28.10
N ASN F 39 53.60 15.26 28.71
CA ASN F 39 54.02 15.39 30.10
C ASN F 39 53.06 14.61 31.02
N PRO F 40 53.48 14.34 32.26
CA PRO F 40 52.64 13.51 33.14
C PRO F 40 51.28 14.14 33.42
N SER F 41 50.27 13.27 33.55
CA SER F 41 48.90 13.70 33.79
C SER F 41 48.66 13.83 35.30
N ALA F 42 47.41 14.21 35.65
CA ALA F 42 47.07 14.46 37.04
C ALA F 42 46.97 13.18 37.87
N ASP F 43 46.63 12.05 37.25
CA ASP F 43 46.42 10.83 38.01
C ASP F 43 47.72 10.31 38.62
N VAL F 44 48.85 10.54 37.95
CA VAL F 44 50.15 10.10 38.47
C VAL F 44 50.76 11.15 39.38
N GLN F 45 50.52 12.44 39.10
CA GLN F 45 51.09 13.52 39.90
C GLN F 45 50.71 13.43 41.38
N ALA F 46 49.55 12.85 41.70
CA ALA F 46 48.97 12.92 43.03
C ALA F 46 49.27 11.69 43.87
N LEU F 47 50.38 11.01 43.61
CA LEU F 47 50.80 9.93 44.49
C LEU F 47 51.29 10.49 45.81
N ALA F 48 51.30 9.66 46.85
CA ALA F 48 51.53 10.12 48.22
C ALA F 48 52.37 9.08 48.96
N SER F 49 52.56 9.34 50.26
CA SER F 49 53.43 8.54 51.10
C SER F 49 52.82 7.18 51.42
N ILE F 50 53.66 6.27 51.91
CA ILE F 50 53.27 4.93 52.33
C ILE F 50 53.90 4.62 53.68
N PHE F 51 53.42 3.54 54.30
CA PHE F 51 53.91 3.06 55.59
C PHE F 51 54.23 1.58 55.45
N VAL F 52 55.43 1.19 55.92
CA VAL F 52 55.94 -0.17 55.80
C VAL F 52 56.07 -0.78 57.20
N ASP F 53 55.62 -2.03 57.34
CA ASP F 53 55.66 -2.77 58.60
C ASP F 53 56.87 -3.70 58.57
N VAL F 54 57.93 -3.30 59.27
CA VAL F 54 59.20 -4.03 59.29
C VAL F 54 59.32 -4.87 60.56
N SER F 55 58.18 -5.26 61.14
CA SER F 55 58.19 -5.94 62.44
C SER F 55 58.90 -7.29 62.39
N SER F 56 58.83 -8.00 61.26
CA SER F 56 59.28 -9.38 61.16
C SER F 56 60.48 -9.53 60.21
N VAL F 57 61.31 -8.49 60.10
CA VAL F 57 62.49 -8.50 59.25
C VAL F 57 63.69 -8.82 60.14
N GLU F 58 64.16 -10.06 60.06
CA GLU F 58 65.36 -10.47 60.77
C GLU F 58 66.60 -9.91 60.06
N PRO F 59 67.76 -9.92 60.72
CA PRO F 59 68.99 -9.46 60.04
C PRO F 59 69.31 -10.31 58.82
N GLY F 60 69.76 -9.62 57.76
CA GLY F 60 70.10 -10.26 56.51
C GLY F 60 69.00 -10.30 55.47
N VAL F 61 67.75 -10.02 55.86
CA VAL F 61 66.60 -10.09 54.96
C VAL F 61 66.31 -8.68 54.47
N GLN F 62 66.15 -8.54 53.15
CA GLN F 62 65.81 -7.27 52.52
C GLN F 62 64.33 -7.25 52.17
N LEU F 63 63.70 -6.08 52.32
CA LEU F 63 62.27 -5.89 52.10
C LEU F 63 62.07 -4.81 51.03
N THR F 64 61.54 -5.21 49.88
CA THR F 64 61.34 -4.33 48.74
C THR F 64 59.88 -3.90 48.69
N VAL F 65 59.64 -2.59 48.56
CA VAL F 65 58.31 -2.00 48.60
C VAL F 65 58.18 -1.02 47.44
N LYS F 66 57.01 -1.01 46.80
CA LYS F 66 56.76 -0.12 45.68
C LYS F 66 56.39 1.27 46.19
N PHE F 67 56.97 2.29 45.56
CA PHE F 67 56.67 3.68 45.93
C PHE F 67 56.99 4.56 44.74
N LEU F 68 55.98 5.29 44.25
CA LEU F 68 56.12 6.14 43.07
C LEU F 68 56.61 5.35 41.86
N GLY F 69 56.11 4.12 41.71
CA GLY F 69 56.40 3.31 40.55
C GLY F 69 57.70 2.54 40.61
N LYS F 70 58.63 2.91 41.50
CA LYS F 70 59.96 2.34 41.61
C LYS F 70 60.12 1.54 42.90
N PRO F 71 61.14 0.68 42.99
CA PRO F 71 61.36 -0.06 44.24
C PRO F 71 62.19 0.71 45.25
N ILE F 72 61.83 0.56 46.53
CA ILE F 72 62.62 1.05 47.65
C ILE F 72 63.14 -0.16 48.42
N PHE F 73 64.43 -0.15 48.73
CA PHE F 73 65.08 -1.22 49.45
C PHE F 73 65.08 -0.93 50.94
N ILE F 74 64.76 -1.94 51.75
CA ILE F 74 64.81 -1.88 53.21
C ILE F 74 65.52 -3.15 53.67
N ARG F 75 66.82 -3.05 53.95
CA ARG F 75 67.63 -4.18 54.38
C ARG F 75 68.11 -3.97 55.82
N ARG F 76 67.87 -4.96 56.67
CA ARG F 76 68.48 -5.03 57.99
C ARG F 76 69.84 -5.70 57.83
N ARG F 77 70.91 -4.91 57.93
CA ARG F 77 72.25 -5.40 57.62
C ARG F 77 72.80 -6.29 58.72
N THR F 78 73.69 -7.21 58.33
CA THR F 78 74.28 -8.18 59.24
C THR F 78 75.52 -7.59 59.91
N GLU F 79 76.10 -8.37 60.82
CA GLU F 79 77.32 -7.96 61.53
C GLU F 79 78.45 -7.61 60.56
N ALA F 80 78.66 -8.43 59.53
CA ALA F 80 79.80 -8.20 58.64
C ALA F 80 79.55 -7.01 57.73
N ASP F 81 78.30 -6.85 57.27
CA ASP F 81 77.97 -5.76 56.34
C ASP F 81 78.24 -4.39 56.94
N ILE F 82 78.00 -4.22 58.24
CA ILE F 82 78.08 -2.88 58.84
C ILE F 82 79.53 -2.42 58.91
N GLU F 83 80.43 -3.27 59.39
CA GLU F 83 81.82 -2.85 59.52
C GLU F 83 82.47 -2.67 58.15
N LEU F 84 82.18 -3.58 57.22
CA LEU F 84 82.65 -3.45 55.84
C LEU F 84 82.34 -2.06 55.28
N GLY F 85 81.13 -1.55 55.56
CA GLY F 85 80.81 -0.19 55.16
C GLY F 85 81.70 0.84 55.86
N ARG F 86 81.86 0.70 57.18
CA ARG F 86 82.64 1.66 57.96
C ARG F 86 84.14 1.56 57.71
N SER F 87 84.61 0.50 57.04
CA SER F 87 86.04 0.37 56.76
C SER F 87 86.49 1.25 55.60
N VAL F 88 85.58 1.57 54.69
CA VAL F 88 85.93 2.35 53.51
C VAL F 88 86.08 3.82 53.88
N GLN F 89 87.14 4.45 53.38
CA GLN F 89 87.43 5.85 53.63
C GLN F 89 86.86 6.73 52.50
N LEU F 90 86.65 8.01 52.84
CA LEU F 90 86.05 8.95 51.89
C LEU F 90 86.88 9.11 50.63
N GLY F 91 88.21 8.94 50.73
CA GLY F 91 89.04 9.05 49.54
C GLY F 91 88.94 7.83 48.65
N GLN F 92 88.65 6.67 49.23
CA GLN F 92 88.51 5.43 48.49
C GLN F 92 87.21 5.34 47.71
N LEU F 93 86.25 6.23 47.97
CA LEU F 93 84.92 6.16 47.34
C LEU F 93 84.91 6.95 46.04
N VAL F 94 84.17 6.43 45.06
CA VAL F 94 84.00 7.13 43.79
C VAL F 94 83.22 8.42 44.00
N ASP F 95 82.19 8.39 44.87
CA ASP F 95 81.32 9.52 45.13
C ASP F 95 81.32 9.81 46.63
N THR F 96 81.69 11.04 46.98
CA THR F 96 81.77 11.48 48.37
C THR F 96 80.49 12.15 48.86
N ASN F 97 79.43 12.18 48.05
CA ASN F 97 78.14 12.74 48.45
C ASN F 97 77.24 11.62 48.93
N ALA F 98 76.53 11.89 50.04
CA ALA F 98 75.65 10.86 50.60
C ALA F 98 74.38 10.69 49.78
N ARG F 99 73.97 11.73 49.06
CA ARG F 99 72.75 11.71 48.24
C ARG F 99 71.54 11.31 49.08
N ASN F 100 71.32 12.06 50.16
CA ASN F 100 70.31 11.77 51.17
C ASN F 100 69.40 12.97 51.33
N ALA F 101 68.08 12.73 51.24
CA ALA F 101 67.11 13.81 51.34
C ALA F 101 66.88 14.28 52.77
N ASN F 102 67.18 13.45 53.77
CA ASN F 102 66.96 13.86 55.16
C ASN F 102 68.03 14.85 55.61
N ILE F 103 69.28 14.39 55.67
CA ILE F 103 70.41 15.26 55.99
C ILE F 103 70.71 16.13 54.77
N ASP F 104 71.56 17.12 54.95
CA ASP F 104 71.84 18.08 53.88
C ASP F 104 72.51 17.40 52.70
N ALA F 105 72.39 18.03 51.54
CA ALA F 105 72.93 17.46 50.31
C ALA F 105 74.45 17.38 50.34
N GLY F 106 75.10 18.26 51.10
CA GLY F 106 76.55 18.28 51.19
C GLY F 106 77.17 17.26 52.11
N ALA F 107 76.37 16.48 52.83
CA ALA F 107 76.88 15.49 53.77
C ALA F 107 77.79 14.49 53.07
N GLU F 108 78.77 13.98 53.82
CA GLU F 108 79.75 13.05 53.28
C GLU F 108 79.17 11.64 53.22
N ALA F 109 79.72 10.83 52.33
CA ALA F 109 79.20 9.49 52.06
C ALA F 109 79.82 8.45 53.01
N THR F 110 79.82 8.74 54.30
CA THR F 110 80.23 7.78 55.30
C THR F 110 79.11 6.76 55.53
N ASP F 111 79.50 5.58 56.03
CA ASP F 111 78.52 4.53 56.31
C ASP F 111 77.51 4.98 57.35
N GLN F 112 77.92 5.83 58.30
CA GLN F 112 77.00 6.32 59.31
C GLN F 112 76.00 7.33 58.75
N ASN F 113 76.27 7.90 57.57
CA ASN F 113 75.37 8.85 56.92
C ASN F 113 74.47 8.21 55.88
N ARG F 114 74.53 6.89 55.70
CA ARG F 114 73.67 6.17 54.75
C ARG F 114 72.55 5.39 55.42
N THR F 115 72.52 5.31 56.76
CA THR F 115 71.51 4.58 57.51
C THR F 115 70.71 5.55 58.37
N LEU F 116 69.59 5.05 58.91
CA LEU F 116 68.69 5.87 59.71
C LEU F 116 69.06 5.90 61.19
N ASP F 117 69.55 4.79 61.73
CA ASP F 117 69.89 4.66 63.14
C ASP F 117 71.41 4.74 63.33
N GLU F 118 71.81 5.18 64.52
CA GLU F 118 73.24 5.30 64.82
C GLU F 118 73.94 3.95 64.83
N ALA F 119 73.21 2.87 65.13
CA ALA F 119 73.78 1.53 65.05
C ALA F 119 74.03 1.08 63.63
N GLY F 120 73.47 1.75 62.62
CA GLY F 120 73.68 1.38 61.25
C GLY F 120 73.11 0.02 60.87
N GLU F 121 72.01 -0.39 61.51
CA GLU F 121 71.44 -1.70 61.27
C GLU F 121 70.39 -1.68 60.17
N TRP F 122 69.60 -0.61 60.08
CA TRP F 122 68.53 -0.48 59.10
C TRP F 122 68.97 0.46 57.98
N LEU F 123 69.03 -0.06 56.76
CA LEU F 123 69.42 0.69 55.57
C LEU F 123 68.20 0.84 54.66
N VAL F 124 67.78 2.09 54.45
CA VAL F 124 66.61 2.42 53.62
C VAL F 124 67.10 3.31 52.49
N MET F 125 66.90 2.86 51.24
CA MET F 125 67.38 3.59 50.08
C MET F 125 66.54 3.21 48.87
N TRP F 126 66.52 4.10 47.88
CA TRP F 126 65.87 3.82 46.61
C TRP F 126 66.53 2.62 45.92
N GLY F 127 65.70 1.67 45.50
CA GLY F 127 66.16 0.57 44.67
C GLY F 127 66.17 0.95 43.21
N VAL F 128 66.81 2.06 42.87
CA VAL F 128 66.79 2.65 41.53
C VAL F 128 68.24 2.94 41.19
N CYS F 129 68.84 2.11 40.35
CA CYS F 129 70.20 2.34 39.89
C CYS F 129 70.31 3.72 39.25
N THR F 130 71.31 4.49 39.68
CA THR F 130 71.45 5.85 39.19
C THR F 130 71.96 5.93 37.76
N HIS F 131 72.36 4.80 37.16
CA HIS F 131 72.76 4.81 35.76
C HIS F 131 71.55 5.01 34.86
N LEU F 132 70.64 4.02 34.81
CA LEU F 132 69.48 4.11 33.94
C LEU F 132 68.21 3.53 34.57
N GLY F 133 68.18 3.29 35.88
CA GLY F 133 66.94 3.01 36.57
C GLY F 133 66.57 1.56 36.74
N CYS F 134 67.54 0.64 36.65
CA CYS F 134 67.28 -0.76 36.92
C CYS F 134 67.29 -1.02 38.43
N VAL F 135 66.93 -2.26 38.81
CA VAL F 135 66.87 -2.69 40.20
C VAL F 135 68.14 -3.49 40.50
N PRO F 136 69.06 -3.00 41.34
CA PRO F 136 70.21 -3.82 41.69
C PRO F 136 69.82 -5.08 42.46
N ILE F 137 70.58 -6.15 42.23
CA ILE F 137 70.39 -7.40 42.95
C ILE F 137 70.81 -7.23 44.41
N GLY F 138 69.99 -7.72 45.32
CA GLY F 138 70.21 -7.54 46.75
C GLY F 138 71.05 -8.64 47.36
N GLY F 139 70.89 -8.80 48.67
CA GLY F 139 71.71 -9.76 49.39
C GLY F 139 73.16 -9.32 49.46
N VAL F 140 74.06 -10.27 49.26
CA VAL F 140 75.51 -10.05 49.29
C VAL F 140 76.01 -10.45 47.90
N SER F 141 76.09 -9.46 47.00
CA SER F 141 76.48 -9.67 45.61
C SER F 141 77.48 -8.60 45.19
N GLY F 142 78.21 -8.92 44.13
CA GLY F 142 79.22 -8.02 43.59
C GLY F 142 80.59 -8.27 44.19
N ASP F 143 81.48 -7.31 43.94
CA ASP F 143 82.86 -7.36 44.39
C ASP F 143 83.09 -6.59 45.69
N PHE F 144 82.04 -6.04 46.29
CA PHE F 144 82.14 -5.26 47.52
C PHE F 144 81.13 -5.71 48.58
N GLY F 145 80.62 -6.94 48.46
CA GLY F 145 79.67 -7.45 49.43
C GLY F 145 78.39 -6.65 49.54
N GLY F 146 77.92 -6.09 48.43
CA GLY F 146 76.74 -5.24 48.41
C GLY F 146 75.71 -5.59 47.36
N TRP F 147 75.46 -4.64 46.46
CA TRP F 147 74.44 -4.74 45.42
C TRP F 147 75.11 -4.75 44.05
N PHE F 148 74.57 -5.56 43.14
CA PHE F 148 75.09 -5.70 41.79
C PHE F 148 73.96 -5.41 40.81
N CYS F 149 74.22 -4.52 39.85
CA CYS F 149 73.24 -4.14 38.85
C CYS F 149 73.41 -5.03 37.61
N PRO F 150 72.39 -5.79 37.18
CA PRO F 150 72.61 -6.69 36.04
C PRO F 150 72.45 -6.02 34.69
N CYS F 151 72.01 -4.76 34.64
CA CYS F 151 71.79 -4.12 33.35
C CYS F 151 73.10 -3.80 32.65
N HIS F 152 74.08 -3.24 33.39
CA HIS F 152 75.35 -2.84 32.81
C HIS F 152 76.56 -3.15 33.69
N GLY F 153 76.37 -3.67 34.90
CA GLY F 153 77.49 -4.15 35.69
C GLY F 153 78.05 -3.14 36.69
N SER F 154 77.18 -2.59 37.54
CA SER F 154 77.60 -1.68 38.60
C SER F 154 77.65 -2.43 39.93
N HIS F 155 78.74 -2.22 40.67
CA HIS F 155 78.97 -2.88 41.94
C HIS F 155 78.88 -1.85 43.07
N TYR F 156 78.12 -2.19 44.11
CA TYR F 156 77.96 -1.36 45.30
C TYR F 156 78.48 -2.12 46.52
N ASP F 157 78.78 -1.38 47.58
CA ASP F 157 79.28 -1.97 48.81
C ASP F 157 78.11 -2.28 49.74
N SER F 158 78.42 -2.77 50.94
CA SER F 158 77.37 -3.19 51.86
C SER F 158 76.57 -2.03 52.44
N ALA F 159 77.00 -0.78 52.21
CA ALA F 159 76.28 0.41 52.63
C ALA F 159 75.47 1.04 51.51
N GLY F 160 75.52 0.49 50.30
CA GLY F 160 74.77 1.05 49.19
C GLY F 160 75.46 2.20 48.48
N ARG F 161 76.79 2.23 48.48
CA ARG F 161 77.57 3.26 47.82
C ARG F 161 78.22 2.68 46.57
N ILE F 162 78.30 3.49 45.52
CA ILE F 162 78.86 3.03 44.25
C ILE F 162 80.37 2.99 44.37
N ARG F 163 80.97 1.91 43.83
CA ARG F 163 82.41 1.69 43.91
C ARG F 163 83.01 1.40 42.53
N LYS F 164 82.22 0.82 41.62
CA LYS F 164 82.74 0.40 40.33
C LYS F 164 81.56 0.22 39.37
N GLY F 165 81.70 0.76 38.16
CA GLY F 165 80.71 0.61 37.11
C GLY F 165 80.26 1.93 36.52
N PRO F 166 79.38 1.88 35.52
CA PRO F 166 78.93 3.13 34.87
C PRO F 166 78.16 4.08 35.77
N ALA F 167 77.61 3.61 36.88
CA ALA F 167 76.73 4.45 37.70
C ALA F 167 77.52 5.62 38.29
N PRO F 168 77.08 6.88 38.12
CA PRO F 168 77.88 7.98 38.68
C PRO F 168 77.77 8.12 40.20
N GLU F 169 76.58 8.04 40.76
CA GLU F 169 76.30 8.40 42.14
C GLU F 169 75.84 7.17 42.93
N ASN F 170 75.80 7.34 44.25
CA ASN F 170 75.24 6.34 45.14
C ASN F 170 73.72 6.27 44.96
N LEU F 171 73.15 5.16 45.44
CA LEU F 171 71.70 5.01 45.38
C LEU F 171 71.05 6.07 46.27
N PRO F 172 70.08 6.86 45.77
CA PRO F 172 69.51 7.90 46.63
C PRO F 172 68.73 7.31 47.79
N ILE F 173 68.66 8.08 48.86
CA ILE F 173 67.95 7.71 50.09
C ILE F 173 66.69 8.58 50.17
N PRO F 174 65.49 8.01 50.25
CA PRO F 174 64.28 8.86 50.29
C PRO F 174 64.15 9.55 51.63
N LEU F 175 63.21 10.49 51.68
CA LEU F 175 62.80 11.08 52.95
C LEU F 175 62.16 9.99 53.78
N ALA F 176 62.90 9.47 54.75
CA ALA F 176 62.46 8.35 55.57
C ALA F 176 62.81 8.62 57.03
N LYS F 177 61.96 8.09 57.91
CA LYS F 177 62.14 8.25 59.35
C LYS F 177 61.27 7.22 60.05
N PHE F 178 61.74 6.76 61.20
CA PHE F 178 60.98 5.84 62.04
C PHE F 178 59.97 6.63 62.86
N ILE F 179 58.68 6.35 62.66
CA ILE F 179 57.63 7.00 63.43
C ILE F 179 57.44 6.28 64.76
N ASP F 180 57.72 4.98 64.80
CA ASP F 180 57.75 4.22 66.04
C ASP F 180 58.80 3.12 65.88
N GLU F 181 58.90 2.26 66.91
CA GLU F 181 59.97 1.27 66.96
C GLU F 181 59.91 0.29 65.79
N THR F 182 58.72 0.01 65.25
CA THR F 182 58.52 -1.08 64.30
C THR F 182 57.85 -0.65 63.00
N THR F 183 57.86 0.65 62.69
CA THR F 183 57.20 1.16 61.48
C THR F 183 58.07 2.26 60.86
N ILE F 184 58.24 2.19 59.54
CA ILE F 184 58.97 3.18 58.77
C ILE F 184 57.98 4.00 57.97
N GLN F 185 58.24 5.30 57.85
CA GLN F 185 57.43 6.24 57.09
C GLN F 185 58.24 6.67 55.86
N LEU F 186 57.85 6.16 54.69
CA LEU F 186 58.49 6.53 53.44
C LEU F 186 57.77 7.73 52.84
N GLY F 187 58.55 8.76 52.48
CA GLY F 187 57.98 9.97 51.91
C GLY F 187 57.32 10.85 52.96
N GLY G 3 -25.11 5.79 -51.77
CA GLY G 3 -25.86 5.10 -52.80
C GLY G 3 -24.98 4.45 -53.84
N ILE G 4 -25.14 3.13 -54.00
CA ILE G 4 -24.36 2.34 -54.95
C ILE G 4 -25.16 2.36 -56.25
N PRO G 5 -24.52 2.26 -57.45
CA PRO G 5 -25.34 2.25 -58.68
C PRO G 5 -26.18 0.99 -58.81
N HIS G 6 -27.47 1.16 -58.52
CA HIS G 6 -28.53 0.19 -58.79
C HIS G 6 -29.34 0.69 -59.98
N ASP G 7 -30.51 0.09 -60.18
CA ASP G 7 -31.43 0.50 -61.24
C ASP G 7 -32.80 0.78 -60.62
N HIS G 8 -33.44 1.83 -61.13
CA HIS G 8 -34.69 2.30 -60.54
C HIS G 8 -35.78 1.23 -60.64
N TYR G 9 -36.85 1.46 -59.87
CA TYR G 9 -38.04 0.62 -59.93
C TYR G 9 -39.01 1.22 -60.94
N GLU G 10 -39.57 0.36 -61.80
CA GLU G 10 -40.49 0.76 -62.85
C GLU G 10 -41.85 0.14 -62.57
N PRO G 11 -42.93 0.90 -62.27
CA PRO G 11 -44.23 0.26 -62.06
C PRO G 11 -44.70 -0.51 -63.29
N ARG G 12 -44.97 -1.80 -63.10
CA ARG G 12 -45.32 -2.71 -64.18
C ARG G 12 -46.84 -2.86 -64.33
N THR G 13 -47.50 -3.39 -63.31
CA THR G 13 -48.94 -3.61 -63.39
C THR G 13 -49.68 -2.28 -63.23
N GLY G 14 -51.01 -2.34 -63.35
CA GLY G 14 -51.82 -1.15 -63.14
C GLY G 14 -51.89 -0.74 -61.68
N ILE G 15 -52.08 -1.71 -60.78
CA ILE G 15 -52.12 -1.40 -59.35
C ILE G 15 -50.81 -0.78 -58.89
N GLU G 16 -49.68 -1.27 -59.40
CA GLU G 16 -48.39 -0.71 -59.03
C GLU G 16 -48.27 0.74 -59.51
N LYS G 17 -48.85 1.05 -60.68
CA LYS G 17 -48.88 2.42 -61.15
C LYS G 17 -49.79 3.26 -60.27
N TRP G 18 -50.92 2.69 -59.84
CA TRP G 18 -51.84 3.39 -58.96
C TRP G 18 -51.16 3.74 -57.65
N LEU G 19 -50.37 2.82 -57.10
CA LEU G 19 -49.70 3.05 -55.83
C LEU G 19 -48.48 3.96 -55.97
N HIS G 20 -47.70 3.80 -57.05
CA HIS G 20 -46.43 4.50 -57.15
C HIS G 20 -46.61 6.01 -57.31
N SER G 21 -47.73 6.44 -57.91
CA SER G 21 -47.98 7.87 -58.07
C SER G 21 -48.58 8.51 -56.82
N ARG G 22 -48.81 7.74 -55.76
CA ARG G 22 -49.42 8.22 -54.52
C ARG G 22 -48.51 8.01 -53.32
N LEU G 23 -48.05 6.78 -53.12
CA LEU G 23 -47.08 6.43 -52.09
C LEU G 23 -46.07 5.48 -52.71
N PRO G 24 -44.80 5.88 -52.95
CA PRO G 24 -43.85 4.96 -53.60
C PRO G 24 -43.24 3.96 -52.61
N ILE G 25 -44.11 3.20 -51.93
CA ILE G 25 -43.64 2.21 -50.97
C ILE G 25 -43.00 1.04 -51.70
N VAL G 26 -43.53 0.69 -52.88
CA VAL G 26 -42.91 -0.38 -53.66
C VAL G 26 -41.55 0.06 -54.21
N ALA G 27 -41.39 1.34 -54.52
CA ALA G 27 -40.10 1.82 -55.02
C ALA G 27 -39.06 1.88 -53.92
N LEU G 28 -39.42 2.44 -52.75
CA LEU G 28 -38.47 2.49 -51.64
C LEU G 28 -38.06 1.10 -51.19
N ALA G 29 -39.00 0.15 -51.19
CA ALA G 29 -38.67 -1.23 -50.83
C ALA G 29 -37.73 -1.85 -51.86
N TYR G 30 -37.94 -1.55 -53.14
CA TYR G 30 -37.09 -2.11 -54.19
C TYR G 30 -35.67 -1.57 -54.08
N ASP G 31 -35.53 -0.24 -53.96
CA ASP G 31 -34.20 0.35 -53.83
C ASP G 31 -33.49 -0.15 -52.58
N THR G 32 -34.24 -0.35 -51.50
CA THR G 32 -33.64 -0.85 -50.26
C THR G 32 -33.23 -2.31 -50.42
N ILE G 33 -34.20 -3.18 -50.71
CA ILE G 33 -33.95 -4.62 -50.67
C ILE G 33 -33.10 -5.14 -51.82
N MET G 34 -32.85 -4.31 -52.85
CA MET G 34 -32.02 -4.70 -54.00
C MET G 34 -30.72 -3.93 -54.04
N ILE G 35 -30.29 -3.33 -52.94
CA ILE G 35 -29.03 -2.58 -52.96
C ILE G 35 -27.89 -3.54 -53.29
N PRO G 36 -26.91 -3.17 -54.11
CA PRO G 36 -25.80 -4.10 -54.38
C PRO G 36 -24.91 -4.28 -53.15
N THR G 37 -24.73 -5.53 -52.75
CA THR G 37 -23.91 -5.95 -51.62
C THR G 37 -22.69 -6.71 -52.16
N PRO G 38 -21.49 -6.52 -51.58
CA PRO G 38 -20.34 -7.33 -52.02
C PRO G 38 -20.60 -8.83 -51.91
N ARG G 39 -20.10 -9.57 -52.90
CA ARG G 39 -20.39 -11.00 -53.02
C ARG G 39 -19.38 -11.87 -52.28
N ASN G 40 -18.47 -11.27 -51.51
CA ASN G 40 -17.41 -11.98 -50.80
C ASN G 40 -17.65 -12.05 -49.29
N LEU G 41 -18.84 -11.66 -48.82
CA LEU G 41 -19.12 -11.69 -47.39
C LEU G 41 -19.05 -13.11 -46.85
N ASN G 42 -18.44 -13.25 -45.69
CA ASN G 42 -18.29 -14.52 -44.99
C ASN G 42 -19.36 -14.62 -43.91
N TRP G 43 -19.28 -15.67 -43.09
CA TRP G 43 -20.32 -15.96 -42.10
C TRP G 43 -20.41 -14.91 -40.98
N MET G 44 -19.45 -14.00 -40.87
CA MET G 44 -19.50 -12.98 -39.83
C MET G 44 -20.45 -11.83 -40.15
N TRP G 45 -21.08 -11.82 -41.33
CA TRP G 45 -22.04 -10.80 -41.70
C TRP G 45 -23.49 -11.24 -41.46
N ILE G 46 -23.69 -12.32 -40.69
CA ILE G 46 -25.04 -12.79 -40.37
C ILE G 46 -25.62 -12.12 -39.13
N TRP G 47 -24.77 -11.60 -38.24
CA TRP G 47 -25.24 -11.17 -36.92
C TRP G 47 -26.16 -9.96 -36.99
N GLY G 48 -26.14 -9.20 -38.09
CA GLY G 48 -27.09 -8.12 -38.23
C GLY G 48 -28.52 -8.61 -38.34
N VAL G 49 -28.75 -9.69 -39.09
CA VAL G 49 -30.09 -10.24 -39.21
C VAL G 49 -30.50 -10.93 -37.91
N VAL G 50 -29.56 -11.61 -37.25
CA VAL G 50 -29.85 -12.25 -35.97
C VAL G 50 -30.28 -11.21 -34.94
N LEU G 51 -29.59 -10.07 -34.92
CA LEU G 51 -29.99 -8.98 -34.01
C LEU G 51 -31.38 -8.48 -34.37
N ALA G 52 -31.68 -8.35 -35.66
CA ALA G 52 -33.01 -7.93 -36.08
C ALA G 52 -34.06 -8.92 -35.60
N PHE G 53 -33.79 -10.22 -35.75
CA PHE G 53 -34.73 -11.23 -35.26
C PHE G 53 -34.87 -11.14 -33.75
N CYS G 54 -33.74 -11.02 -33.04
CA CYS G 54 -33.75 -10.93 -31.59
C CYS G 54 -34.56 -9.74 -31.11
N LEU G 55 -34.39 -8.58 -31.76
CA LEU G 55 -35.15 -7.40 -31.37
C LEU G 55 -36.65 -7.61 -31.56
N VAL G 56 -37.04 -8.28 -32.64
CA VAL G 56 -38.44 -8.65 -32.83
C VAL G 56 -38.86 -9.65 -31.77
N LEU G 57 -37.99 -10.62 -31.45
CA LEU G 57 -38.34 -11.66 -30.49
C LEU G 57 -38.62 -11.08 -29.11
N GLN G 58 -37.71 -10.24 -28.61
CA GLN G 58 -37.89 -9.64 -27.29
C GLN G 58 -39.14 -8.78 -27.23
N ILE G 59 -39.35 -7.94 -28.25
CA ILE G 59 -40.51 -7.05 -28.25
C ILE G 59 -41.79 -7.88 -28.32
N VAL G 60 -41.83 -8.88 -29.21
CA VAL G 60 -43.04 -9.69 -29.36
C VAL G 60 -43.32 -10.49 -28.09
N THR G 61 -42.33 -11.22 -27.59
CA THR G 61 -42.51 -11.96 -26.35
C THR G 61 -42.67 -11.01 -25.16
N GLY G 62 -41.93 -9.91 -25.17
CA GLY G 62 -42.03 -8.94 -24.08
C GLY G 62 -43.43 -8.38 -23.92
N ILE G 63 -44.05 -7.98 -25.03
CA ILE G 63 -45.42 -7.46 -25.00
C ILE G 63 -46.37 -8.49 -24.39
N VAL G 64 -46.17 -9.76 -24.72
CA VAL G 64 -47.01 -10.81 -24.16
C VAL G 64 -46.84 -10.90 -22.63
N LEU G 65 -45.58 -10.85 -22.17
CA LEU G 65 -45.33 -10.95 -20.73
C LEU G 65 -45.99 -9.82 -19.97
N ALA G 66 -46.09 -8.64 -20.57
CA ALA G 66 -46.79 -7.52 -19.92
C ALA G 66 -48.28 -7.77 -19.76
N MET G 67 -48.84 -8.74 -20.48
CA MET G 67 -50.25 -9.08 -20.33
C MET G 67 -50.54 -9.93 -19.09
N HIS G 68 -49.51 -10.32 -18.34
CA HIS G 68 -49.69 -11.08 -17.09
C HIS G 68 -48.81 -10.59 -15.96
N TYR G 69 -47.80 -9.77 -16.21
CA TYR G 69 -46.94 -9.23 -15.17
C TYR G 69 -47.65 -8.09 -14.44
N THR G 70 -47.30 -7.93 -13.16
CA THR G 70 -47.83 -6.87 -12.31
C THR G 70 -46.66 -6.08 -11.73
N PRO G 71 -46.37 -4.85 -12.18
CA PRO G 71 -45.25 -4.10 -11.58
C PRO G 71 -45.58 -3.61 -10.17
N HIS G 72 -45.43 -4.49 -9.19
CA HIS G 72 -45.60 -4.12 -7.79
C HIS G 72 -44.77 -5.09 -6.95
N VAL G 73 -44.08 -4.53 -5.95
CA VAL G 73 -43.14 -5.31 -5.15
C VAL G 73 -43.83 -6.50 -4.48
N ASP G 74 -45.08 -6.32 -4.05
CA ASP G 74 -45.80 -7.39 -3.38
C ASP G 74 -46.30 -8.47 -4.34
N LEU G 75 -46.34 -8.18 -5.65
CA LEU G 75 -46.90 -9.07 -6.65
C LEU G 75 -45.97 -9.39 -7.81
N ALA G 76 -44.87 -8.63 -7.98
CA ALA G 76 -43.98 -8.80 -9.13
C ALA G 76 -43.44 -10.23 -9.21
N PHE G 77 -42.67 -10.63 -8.19
CA PHE G 77 -42.10 -11.98 -8.15
C PHE G 77 -43.20 -13.03 -8.23
N ALA G 78 -44.34 -12.78 -7.58
CA ALA G 78 -45.46 -13.71 -7.66
C ALA G 78 -46.05 -13.76 -9.07
N SER G 79 -46.19 -12.60 -9.72
CA SER G 79 -46.77 -12.56 -11.06
C SER G 79 -45.93 -13.31 -12.07
N VAL G 80 -44.62 -13.40 -11.84
CA VAL G 80 -43.76 -14.18 -12.74
C VAL G 80 -44.03 -15.66 -12.54
N GLU G 81 -44.16 -16.10 -11.29
CA GLU G 81 -44.44 -17.51 -11.03
C GLU G 81 -45.84 -17.89 -11.51
N HIS G 82 -46.76 -16.94 -11.56
CA HIS G 82 -48.06 -17.19 -12.19
C HIS G 82 -47.87 -17.52 -13.66
N ILE G 83 -47.05 -16.75 -14.36
CA ILE G 83 -46.73 -17.02 -15.77
C ILE G 83 -46.10 -18.40 -15.89
N MET G 84 -45.12 -18.69 -15.03
CA MET G 84 -44.38 -19.95 -15.12
C MET G 84 -45.29 -21.16 -14.95
N ARG G 85 -46.29 -21.07 -14.08
CA ARG G 85 -47.03 -22.24 -13.61
C ARG G 85 -48.39 -22.41 -14.26
N ASN G 86 -49.12 -21.32 -14.50
CA ASN G 86 -50.53 -21.37 -14.87
C ASN G 86 -50.82 -20.90 -16.29
N VAL G 87 -50.18 -19.82 -16.75
CA VAL G 87 -50.42 -19.33 -18.10
C VAL G 87 -49.99 -20.38 -19.11
N ASN G 88 -50.86 -20.64 -20.09
CA ASN G 88 -50.58 -21.65 -21.10
C ASN G 88 -49.33 -21.25 -21.88
N GLY G 89 -48.31 -22.11 -21.83
CA GLY G 89 -47.05 -21.82 -22.45
C GLY G 89 -46.28 -20.66 -21.84
N GLY G 90 -46.69 -20.18 -20.67
CA GLY G 90 -46.03 -19.04 -20.06
C GLY G 90 -44.60 -19.32 -19.64
N PHE G 91 -44.30 -20.58 -19.30
CA PHE G 91 -42.94 -20.93 -18.90
C PHE G 91 -41.98 -20.78 -20.07
N MET G 92 -42.41 -21.12 -21.28
CA MET G 92 -41.54 -20.97 -22.45
C MET G 92 -41.28 -19.52 -22.77
N LEU G 93 -42.29 -18.66 -22.63
CA LEU G 93 -42.15 -17.27 -23.04
C LEU G 93 -41.15 -16.53 -22.15
N ARG G 94 -41.16 -16.79 -20.84
CA ARG G 94 -40.20 -16.14 -19.95
C ARG G 94 -38.78 -16.60 -20.26
N TYR G 95 -38.57 -17.92 -20.40
CA TYR G 95 -37.25 -18.42 -20.72
C TYR G 95 -36.79 -17.95 -22.09
N LEU G 96 -37.73 -17.83 -23.04
CA LEU G 96 -37.37 -17.25 -24.34
C LEU G 96 -36.98 -15.79 -24.20
N HIS G 97 -37.78 -15.01 -23.46
CA HIS G 97 -37.45 -13.61 -23.26
C HIS G 97 -36.17 -13.44 -22.45
N ALA G 98 -35.89 -14.37 -21.53
CA ALA G 98 -34.69 -14.27 -20.70
C ALA G 98 -33.45 -14.68 -21.50
N ASN G 99 -33.41 -15.93 -21.97
CA ASN G 99 -32.29 -16.37 -22.79
C ASN G 99 -32.23 -15.62 -24.13
N GLY G 100 -33.36 -15.14 -24.62
CA GLY G 100 -33.35 -14.33 -25.83
C GLY G 100 -32.50 -13.09 -25.67
N ALA G 101 -32.53 -12.47 -24.49
CA ALA G 101 -31.64 -11.35 -24.22
C ALA G 101 -30.18 -11.79 -24.27
N SER G 102 -29.90 -13.01 -23.80
CA SER G 102 -28.53 -13.52 -23.87
C SER G 102 -28.10 -13.74 -25.31
N LEU G 103 -29.00 -14.28 -26.14
CA LEU G 103 -28.71 -14.35 -27.58
C LEU G 103 -28.56 -12.95 -28.16
N PHE G 104 -29.38 -12.01 -27.68
CA PHE G 104 -29.30 -10.63 -28.16
C PHE G 104 -27.98 -9.96 -27.80
N PHE G 105 -27.23 -10.49 -26.82
CA PHE G 105 -25.98 -9.90 -26.36
C PHE G 105 -24.73 -10.64 -26.78
N ILE G 106 -24.80 -11.95 -27.01
CA ILE G 106 -23.70 -12.60 -27.71
C ILE G 106 -23.63 -12.11 -29.14
N ALA G 107 -24.79 -11.76 -29.72
CA ALA G 107 -24.83 -11.25 -31.08
C ALA G 107 -24.06 -9.94 -31.22
N VAL G 108 -24.36 -8.95 -30.37
CA VAL G 108 -23.75 -7.62 -30.54
C VAL G 108 -22.24 -7.69 -30.41
N TYR G 109 -21.73 -8.51 -29.48
CA TYR G 109 -20.28 -8.59 -29.29
C TYR G 109 -19.61 -9.22 -30.52
N LEU G 110 -20.18 -10.32 -31.03
CA LEU G 110 -19.69 -10.85 -32.30
C LEU G 110 -19.91 -9.86 -33.43
N HIS G 111 -21.04 -9.16 -33.40
CA HIS G 111 -21.31 -8.11 -34.38
C HIS G 111 -20.33 -6.95 -34.24
N ILE G 112 -19.97 -6.61 -33.00
CA ILE G 112 -19.07 -5.48 -32.76
C ILE G 112 -17.64 -5.88 -33.13
N PHE G 113 -17.20 -7.06 -32.68
CA PHE G 113 -15.84 -7.49 -32.98
C PHE G 113 -15.61 -7.66 -34.47
N ARG G 114 -16.67 -8.00 -35.22
CA ARG G 114 -16.60 -7.98 -36.67
C ARG G 114 -16.24 -6.57 -37.17
N GLY G 115 -16.93 -5.56 -36.64
CA GLY G 115 -16.64 -4.20 -37.03
C GLY G 115 -15.23 -3.78 -36.65
N LEU G 116 -14.75 -4.25 -35.49
CA LEU G 116 -13.42 -3.88 -35.05
C LEU G 116 -12.35 -4.55 -35.90
N TYR G 117 -12.56 -5.82 -36.26
CA TYR G 117 -11.56 -6.53 -37.06
C TYR G 117 -11.45 -5.95 -38.46
N TYR G 118 -12.57 -5.81 -39.15
CA TYR G 118 -12.59 -5.41 -40.56
C TYR G 118 -12.62 -3.90 -40.75
N GLY G 119 -12.53 -3.12 -39.68
CA GLY G 119 -12.50 -1.68 -39.81
C GLY G 119 -13.75 -1.11 -40.44
N SER G 120 -14.91 -1.67 -40.10
CA SER G 120 -16.18 -1.12 -40.55
C SER G 120 -16.59 0.13 -39.78
N TYR G 121 -15.80 0.56 -38.80
CA TYR G 121 -16.02 1.80 -38.08
C TYR G 121 -15.32 2.97 -38.75
N LYS G 122 -14.28 2.71 -39.53
CA LYS G 122 -13.58 3.77 -40.26
C LYS G 122 -14.46 4.27 -41.39
N ALA G 123 -14.20 5.52 -41.79
CA ALA G 123 -14.99 6.26 -42.78
C ALA G 123 -15.18 5.46 -44.07
N PRO G 124 -16.30 5.62 -44.79
CA PRO G 124 -17.42 6.55 -44.58
C PRO G 124 -18.49 6.01 -43.61
N ARG G 125 -18.14 4.99 -42.82
CA ARG G 125 -19.12 4.26 -42.01
C ARG G 125 -19.09 4.69 -40.54
N GLU G 126 -18.74 5.94 -40.25
CA GLU G 126 -18.77 6.41 -38.86
C GLU G 126 -20.20 6.45 -38.34
N VAL G 127 -21.14 6.90 -39.19
CA VAL G 127 -22.54 7.04 -38.76
C VAL G 127 -23.11 5.69 -38.35
N THR G 128 -22.80 4.63 -39.10
CA THR G 128 -23.26 3.30 -38.74
C THR G 128 -22.71 2.89 -37.37
N TRP G 129 -21.45 3.23 -37.09
CA TRP G 129 -20.86 2.88 -35.80
C TRP G 129 -21.50 3.66 -34.66
N ILE G 130 -21.60 4.98 -34.79
CA ILE G 130 -22.15 5.82 -33.73
C ILE G 130 -23.61 5.49 -33.48
N VAL G 131 -24.36 5.24 -34.56
CA VAL G 131 -25.75 4.79 -34.41
C VAL G 131 -25.80 3.49 -33.62
N GLY G 132 -24.88 2.57 -33.92
CA GLY G 132 -24.79 1.34 -33.15
C GLY G 132 -24.48 1.57 -31.69
N MET G 133 -23.57 2.51 -31.40
CA MET G 133 -23.20 2.77 -30.00
C MET G 133 -24.38 3.27 -29.20
N LEU G 134 -25.20 4.15 -29.81
CA LEU G 134 -26.42 4.58 -29.14
C LEU G 134 -27.36 3.41 -28.88
N ILE G 135 -27.44 2.49 -29.85
CA ILE G 135 -28.22 1.27 -29.65
C ILE G 135 -27.65 0.45 -28.50
N TYR G 136 -26.31 0.33 -28.45
CA TYR G 136 -25.67 -0.46 -27.40
C TYR G 136 -25.96 0.12 -26.02
N LEU G 137 -25.83 1.45 -25.88
CA LEU G 137 -26.15 2.10 -24.60
C LEU G 137 -27.59 1.85 -24.19
N ALA G 138 -28.52 1.98 -25.13
CA ALA G 138 -29.91 1.69 -24.84
C ALA G 138 -30.09 0.23 -24.42
N MET G 139 -29.42 -0.68 -25.11
CA MET G 139 -29.52 -2.11 -24.79
C MET G 139 -29.06 -2.39 -23.36
N MET G 140 -27.92 -1.82 -22.97
CA MET G 140 -27.39 -2.06 -21.63
C MET G 140 -28.38 -1.58 -20.56
N ALA G 141 -28.86 -0.34 -20.69
CA ALA G 141 -29.86 0.16 -19.76
C ALA G 141 -31.16 -0.63 -19.86
N THR G 142 -31.59 -0.96 -21.07
CA THR G 142 -32.84 -1.69 -21.26
C THR G 142 -32.79 -3.07 -20.64
N ALA G 143 -31.76 -3.86 -20.98
CA ALA G 143 -31.68 -5.23 -20.49
C ALA G 143 -31.57 -5.29 -18.97
N PHE G 144 -30.92 -4.29 -18.36
CA PHE G 144 -30.84 -4.24 -16.91
C PHE G 144 -32.21 -4.10 -16.28
N MET G 145 -32.98 -3.09 -16.70
CA MET G 145 -34.27 -2.83 -16.08
C MET G 145 -35.22 -4.02 -16.19
N GLY G 146 -35.07 -4.83 -17.25
CA GLY G 146 -35.84 -6.06 -17.31
C GLY G 146 -35.46 -7.04 -16.22
N TYR G 147 -34.17 -7.08 -15.87
CA TYR G 147 -33.69 -7.95 -14.80
C TYR G 147 -34.19 -7.51 -13.44
N VAL G 148 -34.59 -6.24 -13.29
CA VAL G 148 -35.16 -5.77 -12.03
C VAL G 148 -36.58 -6.30 -11.85
N LEU G 149 -37.30 -6.54 -12.95
CA LEU G 149 -38.74 -6.81 -12.88
C LEU G 149 -39.09 -8.09 -12.12
N PRO G 150 -38.41 -9.23 -12.27
CA PRO G 150 -38.77 -10.41 -11.47
C PRO G 150 -38.69 -10.18 -9.97
N TRP G 151 -37.89 -9.22 -9.52
CA TRP G 151 -37.86 -8.81 -8.11
C TRP G 151 -37.33 -9.93 -7.23
N GLY G 152 -36.30 -10.62 -7.70
CA GLY G 152 -35.56 -11.56 -6.89
C GLY G 152 -34.48 -10.84 -6.09
N GLN G 153 -33.62 -11.65 -5.45
CA GLN G 153 -32.51 -11.08 -4.69
C GLN G 153 -31.55 -10.34 -5.61
N MET G 154 -31.21 -10.93 -6.75
CA MET G 154 -30.34 -10.25 -7.71
C MET G 154 -31.02 -8.99 -8.24
N SER G 155 -32.33 -9.06 -8.47
CA SER G 155 -33.08 -7.93 -9.02
C SER G 155 -33.02 -6.72 -8.09
N PHE G 156 -33.21 -6.92 -6.80
CA PHE G 156 -33.36 -5.80 -5.88
C PHE G 156 -32.05 -5.03 -5.74
N TRP G 157 -30.95 -5.74 -5.48
CA TRP G 157 -29.69 -5.07 -5.21
C TRP G 157 -29.00 -4.58 -6.47
N GLY G 158 -29.31 -5.17 -7.62
CA GLY G 158 -28.87 -4.59 -8.87
C GLY G 158 -29.41 -3.19 -9.06
N ALA G 159 -30.71 -2.99 -8.77
CA ALA G 159 -31.31 -1.67 -8.89
C ALA G 159 -30.67 -0.67 -7.94
N THR G 160 -30.29 -1.12 -6.74
CA THR G 160 -29.62 -0.25 -5.79
C THR G 160 -28.26 0.18 -6.31
N VAL G 161 -27.57 -0.70 -7.04
CA VAL G 161 -26.22 -0.39 -7.53
C VAL G 161 -26.27 0.72 -8.58
N ILE G 162 -27.09 0.55 -9.63
CA ILE G 162 -27.05 1.46 -10.77
C ILE G 162 -27.43 2.87 -10.36
N THR G 163 -28.42 3.00 -9.48
CA THR G 163 -28.73 4.33 -8.94
C THR G 163 -27.55 4.88 -8.15
N GLY G 164 -26.74 3.99 -7.55
CA GLY G 164 -25.51 4.44 -6.92
C GLY G 164 -24.47 4.88 -7.92
N LEU G 165 -24.44 4.26 -9.11
CA LEU G 165 -23.47 4.65 -10.13
C LEU G 165 -23.71 6.09 -10.58
N PHE G 166 -24.97 6.44 -10.82
CA PHE G 166 -25.30 7.85 -11.04
C PHE G 166 -25.22 8.63 -9.74
N GLY G 167 -25.38 7.95 -8.60
CA GLY G 167 -25.14 8.55 -7.30
C GLY G 167 -23.68 8.80 -6.98
N ALA G 168 -22.77 8.22 -7.77
CA ALA G 168 -21.34 8.38 -7.54
C ALA G 168 -20.76 9.64 -8.15
N ILE G 169 -21.52 10.37 -8.96
CA ILE G 169 -21.01 11.61 -9.54
C ILE G 169 -20.74 12.61 -8.42
N PRO G 170 -19.64 13.37 -8.43
CA PRO G 170 -19.43 14.34 -7.34
C PRO G 170 -20.50 15.42 -7.29
N GLY G 171 -20.90 15.78 -6.07
CA GLY G 171 -21.83 16.86 -5.85
C GLY G 171 -23.27 16.53 -6.20
N ILE G 172 -23.57 16.45 -7.51
CA ILE G 172 -24.93 16.22 -7.96
C ILE G 172 -25.36 14.77 -7.87
N GLY G 173 -24.47 13.85 -7.49
CA GLY G 173 -24.81 12.43 -7.49
C GLY G 173 -25.95 12.11 -6.55
N HIS G 174 -25.86 12.60 -5.31
CA HIS G 174 -26.88 12.29 -4.30
C HIS G 174 -28.26 12.76 -4.74
N SER G 175 -28.33 13.92 -5.40
CA SER G 175 -29.59 14.40 -5.94
C SER G 175 -30.12 13.45 -7.01
N ILE G 176 -29.26 13.07 -7.96
CA ILE G 176 -29.67 12.17 -9.04
C ILE G 176 -30.09 10.82 -8.46
N GLN G 177 -29.38 10.34 -7.43
CA GLN G 177 -29.69 9.04 -6.85
C GLN G 177 -31.08 9.03 -6.23
N THR G 178 -31.44 10.09 -5.52
CA THR G 178 -32.80 10.21 -4.99
C THR G 178 -33.82 10.27 -6.12
N TRP G 179 -33.53 11.07 -7.15
CA TRP G 179 -34.42 11.19 -8.30
C TRP G 179 -34.62 9.85 -9.01
N LEU G 180 -33.52 9.12 -9.22
CA LEU G 180 -33.62 7.82 -9.89
C LEU G 180 -34.38 6.81 -9.02
N LEU G 181 -34.12 6.80 -7.71
CA LEU G 181 -34.76 5.82 -6.83
C LEU G 181 -36.21 6.18 -6.51
N GLY G 182 -36.55 7.46 -6.44
CA GLY G 182 -37.87 7.83 -5.99
C GLY G 182 -38.07 7.69 -4.49
N GLY G 183 -36.99 7.73 -3.71
CA GLY G 183 -37.08 7.60 -2.28
C GLY G 183 -35.73 7.36 -1.65
N PRO G 184 -35.69 7.15 -0.33
CA PRO G 184 -34.41 6.85 0.33
C PRO G 184 -33.75 5.60 -0.20
N ALA G 185 -34.54 4.62 -0.65
CA ALA G 185 -34.00 3.34 -1.10
C ALA G 185 -34.90 2.80 -2.19
N VAL G 186 -34.48 1.68 -2.77
CA VAL G 186 -35.30 0.96 -3.74
C VAL G 186 -36.61 0.57 -3.07
N ASP G 187 -37.73 1.00 -3.66
CA ASP G 187 -39.05 0.75 -3.11
C ASP G 187 -40.02 0.57 -4.28
N ASN G 188 -41.32 0.70 -4.02
CA ASN G 188 -42.31 0.48 -5.06
C ASN G 188 -42.18 1.53 -6.17
N ALA G 189 -41.84 2.77 -5.80
CA ALA G 189 -41.62 3.81 -6.80
C ALA G 189 -40.51 3.45 -7.77
N THR G 190 -39.50 2.71 -7.29
CA THR G 190 -38.37 2.35 -8.15
C THR G 190 -38.73 1.25 -9.14
N LEU G 191 -39.43 0.21 -8.69
CA LEU G 191 -39.81 -0.87 -9.58
C LEU G 191 -40.76 -0.40 -10.67
N ASN G 192 -41.73 0.45 -10.29
CA ASN G 192 -42.78 0.85 -11.22
C ASN G 192 -42.21 1.67 -12.38
N ARG G 193 -41.23 2.54 -12.10
CA ARG G 193 -40.68 3.38 -13.16
C ARG G 193 -39.71 2.61 -14.05
N PHE G 194 -38.93 1.68 -13.47
CA PHE G 194 -38.05 0.85 -14.30
C PHE G 194 -38.83 0.03 -15.31
N PHE G 195 -40.04 -0.41 -14.93
CA PHE G 195 -40.87 -1.17 -15.87
C PHE G 195 -41.31 -0.30 -17.04
N SER G 196 -41.69 0.95 -16.77
CA SER G 196 -42.14 1.85 -17.83
C SER G 196 -41.05 2.06 -18.87
N LEU G 197 -39.82 2.32 -18.41
CA LEU G 197 -38.72 2.54 -19.35
C LEU G 197 -38.34 1.26 -20.07
N HIS G 198 -38.50 0.09 -19.42
CA HIS G 198 -38.18 -1.17 -20.10
C HIS G 198 -39.10 -1.43 -21.28
N TYR G 199 -40.33 -0.92 -21.22
CA TYR G 199 -41.24 -1.01 -22.36
C TYR G 199 -40.88 0.02 -23.43
N LEU G 200 -40.50 1.22 -23.00
CA LEU G 200 -40.24 2.32 -23.94
C LEU G 200 -39.01 2.05 -24.79
N LEU G 201 -37.85 1.93 -24.15
CA LEU G 201 -36.56 1.91 -24.84
C LEU G 201 -36.44 0.92 -25.99
N PRO G 202 -37.00 -0.30 -25.92
CA PRO G 202 -36.96 -1.17 -27.11
C PRO G 202 -37.56 -0.55 -28.37
N PHE G 203 -38.61 0.26 -28.23
CA PHE G 203 -39.13 0.96 -29.40
C PHE G 203 -38.16 2.04 -29.87
N VAL G 204 -37.51 2.73 -28.92
CA VAL G 204 -36.47 3.68 -29.30
C VAL G 204 -35.32 2.96 -29.98
N ILE G 205 -35.00 1.75 -29.52
CA ILE G 205 -33.97 0.95 -30.17
C ILE G 205 -34.40 0.61 -31.60
N ALA G 206 -35.66 0.21 -31.77
CA ALA G 206 -36.17 -0.07 -33.11
C ALA G 206 -36.07 1.14 -34.02
N ALA G 207 -36.34 2.33 -33.47
CA ALA G 207 -36.16 3.55 -34.26
C ALA G 207 -34.71 3.74 -34.69
N LEU G 208 -33.78 3.49 -33.76
CA LEU G 208 -32.36 3.59 -34.11
C LEU G 208 -31.97 2.55 -35.15
N VAL G 209 -32.54 1.34 -35.06
CA VAL G 209 -32.24 0.28 -36.02
C VAL G 209 -32.64 0.71 -37.43
N ALA G 210 -33.74 1.46 -37.56
CA ALA G 210 -34.12 2.00 -38.86
C ALA G 210 -33.02 2.90 -39.42
N ILE G 211 -32.51 3.81 -38.57
CA ILE G 211 -31.38 4.64 -38.99
C ILE G 211 -30.14 3.77 -39.21
N HIS G 212 -29.95 2.75 -38.38
CA HIS G 212 -28.85 1.81 -38.59
C HIS G 212 -28.99 1.12 -39.94
N ILE G 213 -30.21 0.71 -40.28
CA ILE G 213 -30.44 0.07 -41.58
C ILE G 213 -30.23 1.09 -42.70
N TRP G 214 -30.81 2.28 -42.55
CA TRP G 214 -30.61 3.34 -43.54
C TRP G 214 -29.13 3.70 -43.68
N ALA G 215 -28.38 3.63 -42.57
CA ALA G 215 -27.00 4.11 -42.59
C ALA G 215 -26.12 3.29 -43.52
N PHE G 216 -26.13 1.96 -43.39
CA PHE G 216 -25.25 1.15 -44.22
C PHE G 216 -25.78 0.95 -45.64
N HIS G 217 -27.09 1.14 -45.85
CA HIS G 217 -27.62 1.05 -47.20
C HIS G 217 -27.17 2.24 -48.03
N SER G 218 -27.06 3.41 -47.41
CA SER G 218 -26.62 4.60 -48.14
C SER G 218 -25.16 4.48 -48.54
N THR G 219 -24.32 3.94 -47.66
CA THR G 219 -22.88 3.85 -47.91
C THR G 219 -22.50 2.52 -48.56
N GLY G 220 -23.12 1.44 -48.15
CA GLY G 220 -22.84 0.10 -48.65
C GLY G 220 -22.18 -0.77 -47.60
N ASN G 221 -22.46 -2.07 -47.68
CA ASN G 221 -21.88 -3.03 -46.76
C ASN G 221 -20.37 -3.13 -46.95
N ASN G 222 -19.63 -3.11 -45.85
CA ASN G 222 -18.22 -3.45 -45.89
C ASN G 222 -18.08 -4.93 -46.26
N ASN G 223 -16.84 -5.34 -46.54
CA ASN G 223 -16.54 -6.69 -46.98
C ASN G 223 -15.24 -7.14 -46.34
N PRO G 224 -14.94 -8.45 -46.37
CA PRO G 224 -13.74 -8.94 -45.68
C PRO G 224 -12.44 -8.31 -46.16
N THR G 225 -12.36 -7.97 -47.45
CA THR G 225 -11.14 -7.37 -47.98
C THR G 225 -11.02 -5.90 -47.62
N GLY G 226 -12.14 -5.22 -47.39
CA GLY G 226 -12.14 -3.80 -47.15
C GLY G 226 -12.17 -2.94 -48.39
N VAL G 227 -12.16 -3.56 -49.58
CA VAL G 227 -12.18 -2.82 -50.83
C VAL G 227 -13.62 -2.40 -51.12
N GLU G 228 -13.81 -1.11 -51.37
CA GLU G 228 -15.13 -0.58 -51.64
C GLU G 228 -15.64 -1.05 -53.01
N VAL G 229 -16.97 -1.05 -53.15
CA VAL G 229 -17.60 -1.44 -54.39
C VAL G 229 -17.25 -0.46 -55.49
N ARG G 230 -17.03 -0.96 -56.70
CA ARG G 230 -16.78 -0.11 -57.85
C ARG G 230 -18.09 0.53 -58.31
N ARG G 231 -18.07 1.85 -58.45
CA ARG G 231 -19.26 2.63 -58.82
C ARG G 231 -19.08 3.36 -60.16
N THR G 232 -18.09 2.97 -60.97
CA THR G 232 -17.87 3.65 -62.24
C THR G 232 -18.87 3.25 -63.32
N SER G 233 -19.49 2.07 -63.19
CA SER G 233 -20.47 1.63 -64.16
C SER G 233 -21.33 0.54 -63.52
N LYS G 234 -22.56 0.40 -64.04
CA LYS G 234 -23.46 -0.62 -63.52
C LYS G 234 -22.92 -2.03 -63.77
N ALA G 235 -22.19 -2.22 -64.88
CA ALA G 235 -21.72 -3.55 -65.23
C ALA G 235 -20.51 -3.98 -64.43
N GLU G 236 -19.67 -3.02 -64.00
CA GLU G 236 -18.53 -3.36 -63.15
C GLU G 236 -18.98 -3.69 -61.74
N ALA G 237 -20.00 -2.98 -61.24
CA ALA G 237 -20.51 -3.26 -59.90
C ALA G 237 -21.10 -4.66 -59.80
N GLN G 238 -21.76 -5.12 -60.87
CA GLN G 238 -22.37 -6.45 -60.85
C GLN G 238 -21.33 -7.55 -60.69
N LYS G 239 -20.09 -7.31 -61.11
CA LYS G 239 -19.04 -8.31 -60.93
C LYS G 239 -18.54 -8.35 -59.50
N ASP G 240 -18.49 -7.21 -58.81
CA ASP G 240 -18.05 -7.14 -57.42
C ASP G 240 -19.19 -7.35 -56.42
N THR G 241 -20.45 -7.26 -56.86
CA THR G 241 -21.58 -7.25 -55.96
C THR G 241 -22.73 -8.05 -56.54
N VAL G 242 -23.63 -8.47 -55.64
CA VAL G 242 -24.92 -9.03 -56.00
C VAL G 242 -25.98 -8.33 -55.15
N PRO G 243 -27.25 -8.32 -55.59
CA PRO G 243 -28.28 -7.65 -54.79
C PRO G 243 -28.49 -8.36 -53.45
N PHE G 244 -28.93 -7.58 -52.47
CA PHE G 244 -29.17 -8.12 -51.12
C PHE G 244 -30.16 -9.27 -51.16
N TRP G 245 -31.33 -9.06 -51.77
CA TRP G 245 -32.29 -10.13 -52.03
C TRP G 245 -32.02 -10.73 -53.41
N PRO G 246 -32.10 -12.06 -53.61
CA PRO G 246 -32.31 -13.18 -52.69
C PRO G 246 -31.03 -13.85 -52.22
N TYR G 247 -29.87 -13.33 -52.65
CA TYR G 247 -28.62 -14.05 -52.45
C TYR G 247 -28.21 -14.09 -50.97
N PHE G 248 -28.23 -12.93 -50.31
CA PHE G 248 -27.80 -12.83 -48.92
C PHE G 248 -28.95 -12.89 -47.91
N ILE G 249 -30.19 -12.68 -48.35
CA ILE G 249 -31.32 -12.88 -47.44
C ILE G 249 -31.44 -14.36 -47.09
N ILE G 250 -31.34 -15.24 -48.09
CA ILE G 250 -31.44 -16.67 -47.82
C ILE G 250 -30.22 -17.15 -47.05
N LYS G 251 -29.04 -16.60 -47.34
CA LYS G 251 -27.84 -16.98 -46.61
C LYS G 251 -27.96 -16.59 -45.13
N ASP G 252 -28.47 -15.39 -44.86
CA ASP G 252 -28.65 -14.96 -43.47
C ASP G 252 -29.78 -15.76 -42.81
N VAL G 253 -30.86 -16.02 -43.54
CA VAL G 253 -31.96 -16.81 -43.00
C VAL G 253 -31.51 -18.24 -42.71
N PHE G 254 -30.67 -18.81 -43.58
CA PHE G 254 -30.11 -20.13 -43.32
C PHE G 254 -29.33 -20.15 -42.02
N ALA G 255 -28.39 -19.22 -41.86
CA ALA G 255 -27.61 -19.15 -40.63
C ALA G 255 -28.50 -18.89 -39.42
N LEU G 256 -29.59 -18.14 -39.61
CA LEU G 256 -30.52 -17.89 -38.51
C LEU G 256 -31.13 -19.20 -38.02
N ALA G 257 -31.53 -20.08 -38.94
CA ALA G 257 -32.11 -21.36 -38.55
C ALA G 257 -31.10 -22.20 -37.77
N VAL G 258 -29.83 -22.17 -38.17
CA VAL G 258 -28.80 -22.88 -37.41
C VAL G 258 -28.61 -22.23 -36.05
N VAL G 259 -28.62 -20.90 -35.99
CA VAL G 259 -28.55 -20.20 -34.71
C VAL G 259 -29.76 -20.55 -33.85
N LEU G 260 -30.97 -20.47 -34.44
CA LEU G 260 -32.17 -20.80 -33.69
C LEU G 260 -32.17 -22.26 -33.28
N LEU G 261 -31.63 -23.14 -34.13
CA LEU G 261 -31.50 -24.55 -33.79
C LEU G 261 -30.69 -24.72 -32.51
N VAL G 262 -29.51 -24.11 -32.46
CA VAL G 262 -28.70 -24.13 -31.25
C VAL G 262 -29.43 -23.43 -30.10
N PHE G 263 -30.00 -22.25 -30.38
CA PHE G 263 -30.60 -21.43 -29.33
C PHE G 263 -31.83 -22.10 -28.72
N PHE G 264 -32.68 -22.72 -29.53
CA PHE G 264 -33.89 -23.31 -28.98
C PHE G 264 -33.58 -24.54 -28.15
N ALA G 265 -32.48 -25.23 -28.45
CA ALA G 265 -32.05 -26.33 -27.60
C ALA G 265 -31.62 -25.84 -26.23
N ILE G 266 -30.98 -24.67 -26.16
CA ILE G 266 -30.67 -24.05 -24.87
C ILE G 266 -31.94 -23.80 -24.08
N VAL G 267 -32.87 -23.04 -24.67
CA VAL G 267 -34.13 -22.71 -24.01
C VAL G 267 -34.95 -23.96 -23.72
N GLY G 268 -34.80 -25.00 -24.55
CA GLY G 268 -35.60 -26.20 -24.38
C GLY G 268 -35.07 -27.17 -23.35
N PHE G 269 -33.79 -27.08 -22.99
CA PHE G 269 -33.13 -28.10 -22.17
C PHE G 269 -32.26 -27.56 -21.04
N MET G 270 -31.78 -26.31 -21.08
CA MET G 270 -31.06 -25.71 -19.97
C MET G 270 -31.36 -24.21 -19.94
N PRO G 271 -32.60 -23.84 -19.63
CA PRO G 271 -32.97 -22.42 -19.66
C PRO G 271 -32.29 -21.58 -18.59
N ASN G 272 -31.72 -22.21 -17.56
CA ASN G 272 -31.17 -21.51 -16.40
C ASN G 272 -29.65 -21.53 -16.35
N TYR G 273 -28.99 -22.18 -17.32
CA TYR G 273 -27.53 -22.23 -17.31
C TYR G 273 -26.93 -20.83 -17.50
N LEU G 274 -27.56 -20.02 -18.34
CA LEU G 274 -27.07 -18.66 -18.59
C LEU G 274 -27.56 -17.65 -17.56
N GLY G 275 -28.45 -18.07 -16.63
CA GLY G 275 -28.92 -17.22 -15.57
C GLY G 275 -28.24 -17.56 -14.25
N HIS G 276 -28.65 -16.83 -13.20
CA HIS G 276 -28.11 -16.99 -11.86
C HIS G 276 -29.20 -17.50 -10.93
N PRO G 277 -29.02 -18.61 -10.20
CA PRO G 277 -30.13 -19.12 -9.35
C PRO G 277 -30.61 -18.16 -8.28
N ASP G 278 -29.80 -17.20 -7.84
CA ASP G 278 -30.19 -16.33 -6.74
C ASP G 278 -31.39 -15.45 -7.06
N ASN G 279 -31.74 -15.28 -8.34
CA ASN G 279 -32.89 -14.47 -8.72
C ASN G 279 -34.22 -15.20 -8.57
N TYR G 280 -34.21 -16.46 -8.10
CA TYR G 280 -35.41 -17.18 -7.71
C TYR G 280 -35.72 -17.05 -6.22
N ILE G 281 -35.08 -16.10 -5.53
CA ILE G 281 -35.29 -15.85 -4.11
C ILE G 281 -35.88 -14.45 -3.99
N GLU G 282 -36.94 -14.31 -3.19
CA GLU G 282 -37.61 -13.03 -3.03
C GLU G 282 -36.65 -11.97 -2.50
N ALA G 283 -36.90 -10.73 -2.91
CA ALA G 283 -36.04 -9.61 -2.53
C ALA G 283 -36.01 -9.44 -1.02
N ASN G 284 -34.80 -9.28 -0.48
CA ASN G 284 -34.58 -9.05 0.95
C ASN G 284 -33.81 -7.75 1.12
N PRO G 285 -34.47 -6.63 1.47
CA PRO G 285 -33.72 -5.38 1.71
C PRO G 285 -32.72 -5.46 2.85
N LEU G 286 -32.78 -6.47 3.71
CA LEU G 286 -31.95 -6.56 4.91
C LEU G 286 -30.81 -7.56 4.78
N SER G 287 -30.64 -8.21 3.63
CA SER G 287 -29.58 -9.20 3.47
C SER G 287 -29.20 -9.31 2.00
N THR G 288 -27.90 -9.21 1.72
CA THR G 288 -27.36 -9.35 0.38
C THR G 288 -26.78 -10.75 0.18
N PRO G 289 -26.87 -11.39 -0.98
CA PRO G 289 -26.21 -12.70 -1.15
C PRO G 289 -24.70 -12.60 -1.09
N ALA G 290 -24.08 -13.71 -0.68
CA ALA G 290 -22.64 -13.79 -0.50
C ALA G 290 -21.87 -13.93 -1.82
N HIS G 291 -22.49 -14.46 -2.87
CA HIS G 291 -21.84 -14.85 -4.12
C HIS G 291 -22.50 -14.17 -5.30
N ILE G 292 -22.59 -12.84 -5.23
CA ILE G 292 -23.21 -12.07 -6.32
C ILE G 292 -22.44 -12.27 -7.60
N VAL G 293 -23.17 -12.50 -8.69
CA VAL G 293 -22.61 -12.60 -10.03
C VAL G 293 -23.66 -11.96 -10.95
N PRO G 294 -23.38 -10.84 -11.64
CA PRO G 294 -24.35 -10.32 -12.61
C PRO G 294 -24.46 -11.21 -13.83
N GLU G 295 -25.36 -10.88 -14.75
CA GLU G 295 -25.49 -11.62 -15.99
C GLU G 295 -24.17 -11.57 -16.75
N TRP G 296 -23.91 -12.63 -17.52
CA TRP G 296 -22.64 -12.76 -18.24
C TRP G 296 -22.39 -11.58 -19.17
N TYR G 297 -23.45 -10.98 -19.73
CA TYR G 297 -23.29 -9.84 -20.62
C TYR G 297 -23.09 -8.52 -19.88
N PHE G 298 -23.00 -8.53 -18.53
CA PHE G 298 -22.59 -7.39 -17.74
C PHE G 298 -21.30 -7.62 -16.97
N LEU G 299 -20.84 -8.86 -16.83
CA LEU G 299 -19.62 -9.16 -16.09
C LEU G 299 -18.38 -8.38 -16.52
N PRO G 300 -18.04 -8.23 -17.81
CA PRO G 300 -16.81 -7.48 -18.13
C PRO G 300 -16.79 -6.06 -17.59
N PHE G 301 -17.95 -5.38 -17.58
CA PHE G 301 -18.05 -4.07 -16.97
C PHE G 301 -18.15 -4.15 -15.45
N TYR G 302 -18.55 -5.31 -14.91
CA TYR G 302 -18.52 -5.51 -13.47
C TYR G 302 -17.08 -5.63 -12.97
N ALA G 303 -16.22 -6.29 -13.75
CA ALA G 303 -14.82 -6.41 -13.37
C ALA G 303 -14.12 -5.05 -13.34
N ILE G 304 -14.40 -4.21 -14.34
CA ILE G 304 -13.78 -2.88 -14.39
C ILE G 304 -14.20 -2.05 -13.19
N LEU G 305 -15.45 -2.20 -12.76
CA LEU G 305 -15.93 -1.42 -11.61
C LEU G 305 -15.20 -1.81 -10.33
N ARG G 306 -14.77 -3.07 -10.21
CA ARG G 306 -14.10 -3.55 -9.01
C ARG G 306 -12.58 -3.53 -9.11
N ALA G 307 -12.02 -3.48 -10.33
CA ALA G 307 -10.57 -3.54 -10.48
C ALA G 307 -9.87 -2.34 -9.87
N PHE G 308 -10.50 -1.16 -9.93
CA PHE G 308 -9.90 0.10 -9.47
C PHE G 308 -10.32 0.37 -8.03
N THR G 309 -9.67 -0.32 -7.10
CA THR G 309 -9.84 -0.08 -5.68
C THR G 309 -9.05 1.15 -5.26
N ALA G 310 -9.11 1.48 -3.97
CA ALA G 310 -8.50 2.72 -3.49
C ALA G 310 -6.98 2.63 -3.40
N ASP G 311 -6.40 1.42 -3.44
CA ASP G 311 -4.96 1.24 -3.32
C ASP G 311 -4.28 1.03 -4.67
N VAL G 312 -5.03 1.02 -5.77
CA VAL G 312 -4.42 0.95 -7.08
C VAL G 312 -3.56 2.19 -7.32
N TRP G 313 -2.39 1.98 -7.92
CA TRP G 313 -1.44 3.07 -8.13
C TRP G 313 -2.04 4.15 -9.02
N VAL G 314 -2.73 3.75 -10.09
CA VAL G 314 -3.33 4.72 -11.01
C VAL G 314 -4.38 5.57 -10.31
N VAL G 315 -5.17 4.96 -9.42
CA VAL G 315 -6.23 5.70 -8.73
C VAL G 315 -5.65 6.75 -7.79
N GLN G 316 -4.59 6.39 -7.05
CA GLN G 316 -4.02 7.32 -6.08
C GLN G 316 -3.46 8.58 -6.73
N ILE G 317 -2.92 8.46 -7.95
CA ILE G 317 -2.39 9.62 -8.66
C ILE G 317 -3.52 10.62 -8.94
N ALA G 318 -4.65 10.12 -9.45
CA ALA G 318 -5.79 10.99 -9.73
C ALA G 318 -6.33 11.65 -8.48
N ASN G 319 -6.23 10.97 -7.33
CA ASN G 319 -6.76 11.52 -6.09
C ASN G 319 -6.07 12.82 -5.70
N PHE G 320 -4.74 12.85 -5.77
CA PHE G 320 -4.00 14.05 -5.39
C PHE G 320 -4.24 15.19 -6.38
N ILE G 321 -4.22 14.90 -7.68
CA ILE G 321 -4.31 15.95 -8.70
C ILE G 321 -5.64 16.70 -8.57
N SER G 322 -6.73 15.99 -8.32
CA SER G 322 -8.05 16.58 -8.18
C SER G 322 -8.38 16.96 -6.74
N PHE G 323 -7.42 16.88 -5.81
CA PHE G 323 -7.64 17.22 -4.40
C PHE G 323 -8.75 16.37 -3.79
N GLY G 324 -8.73 15.07 -4.10
CA GLY G 324 -9.66 14.13 -3.50
C GLY G 324 -10.98 13.96 -4.23
N ILE G 325 -11.25 14.76 -5.26
CA ILE G 325 -12.51 14.63 -5.99
C ILE G 325 -12.61 13.26 -6.64
N ILE G 326 -11.58 12.85 -7.37
CA ILE G 326 -11.60 11.59 -8.09
C ILE G 326 -11.21 10.48 -7.12
N ASP G 327 -12.21 9.93 -6.42
CA ASP G 327 -12.00 8.82 -5.51
C ASP G 327 -12.09 7.49 -6.27
N ALA G 328 -11.97 6.39 -5.53
CA ALA G 328 -12.02 5.07 -6.14
C ALA G 328 -13.39 4.80 -6.76
N LYS G 329 -14.46 5.20 -6.06
CA LYS G 329 -15.81 4.99 -6.59
C LYS G 329 -16.01 5.71 -7.91
N PHE G 330 -15.73 7.02 -7.93
CA PHE G 330 -15.96 7.80 -9.14
C PHE G 330 -15.04 7.34 -10.27
N PHE G 331 -13.79 6.99 -9.93
CA PHE G 331 -12.87 6.48 -10.94
C PHE G 331 -13.38 5.19 -11.56
N GLY G 332 -13.93 4.30 -10.72
CA GLY G 332 -14.47 3.06 -11.24
C GLY G 332 -15.66 3.28 -12.16
N VAL G 333 -16.52 4.25 -11.81
CA VAL G 333 -17.65 4.58 -12.68
C VAL G 333 -17.16 5.19 -13.97
N LEU G 334 -16.21 6.13 -13.89
CA LEU G 334 -15.65 6.73 -15.09
C LEU G 334 -14.98 5.68 -15.96
N ALA G 335 -14.27 4.73 -15.34
CA ALA G 335 -13.66 3.66 -16.11
C ALA G 335 -14.70 2.78 -16.78
N MET G 336 -15.77 2.44 -16.05
CA MET G 336 -16.82 1.59 -16.63
C MET G 336 -17.50 2.29 -17.79
N PHE G 337 -17.99 3.52 -17.57
CA PHE G 337 -18.57 4.28 -18.68
C PHE G 337 -17.51 4.66 -19.69
N GLY G 338 -16.28 4.92 -19.23
CA GLY G 338 -15.20 5.24 -20.14
C GLY G 338 -14.89 4.12 -21.11
N ALA G 339 -15.15 2.87 -20.72
CA ALA G 339 -14.92 1.74 -21.61
C ALA G 339 -15.80 1.82 -22.85
N ILE G 340 -16.99 2.40 -22.72
CA ILE G 340 -17.81 2.68 -23.89
C ILE G 340 -17.22 3.83 -24.69
N LEU G 341 -16.81 4.89 -23.99
CA LEU G 341 -16.35 6.11 -24.66
C LEU G 341 -15.12 5.85 -25.53
N VAL G 342 -14.16 5.07 -25.01
CA VAL G 342 -12.99 4.74 -25.81
C VAL G 342 -13.39 3.86 -27.00
N MET G 343 -14.38 2.98 -26.79
CA MET G 343 -14.88 2.18 -27.89
C MET G 343 -15.76 3.00 -28.82
N ALA G 344 -16.47 4.00 -28.30
CA ALA G 344 -17.31 4.84 -29.15
C ALA G 344 -16.48 5.74 -30.05
N LEU G 345 -15.31 6.17 -29.58
CA LEU G 345 -14.47 7.12 -30.29
C LEU G 345 -13.46 6.44 -31.21
N VAL G 346 -13.55 5.13 -31.39
CA VAL G 346 -12.57 4.37 -32.16
C VAL G 346 -12.45 4.81 -33.63
N PRO G 347 -13.45 5.41 -34.28
CA PRO G 347 -13.16 5.94 -35.64
C PRO G 347 -12.12 7.05 -35.66
N TRP G 348 -11.98 7.81 -34.57
CA TRP G 348 -11.05 8.92 -34.50
C TRP G 348 -9.78 8.60 -33.71
N LEU G 349 -9.59 7.34 -33.30
CA LEU G 349 -8.37 6.88 -32.65
C LEU G 349 -7.52 5.98 -33.53
N ASP G 350 -8.13 5.23 -34.43
CA ASP G 350 -7.41 4.42 -35.42
C ASP G 350 -7.12 5.29 -36.64
N THR G 351 -5.86 5.66 -36.81
CA THR G 351 -5.44 6.54 -37.90
C THR G 351 -4.89 5.79 -39.12
N SER G 352 -4.86 4.45 -39.08
CA SER G 352 -4.38 3.69 -40.23
C SER G 352 -5.35 3.88 -41.40
N PRO G 353 -4.86 4.16 -42.63
CA PRO G 353 -5.81 4.31 -43.74
C PRO G 353 -6.32 2.99 -44.31
N VAL G 354 -5.77 1.86 -43.89
CA VAL G 354 -6.25 0.56 -44.36
C VAL G 354 -7.53 0.22 -43.62
N ARG G 355 -8.56 -0.16 -44.39
CA ARG G 355 -9.86 -0.47 -43.79
C ARG G 355 -9.82 -1.84 -43.10
N SER G 356 -9.65 -2.90 -43.88
CA SER G 356 -9.74 -4.25 -43.34
C SER G 356 -8.51 -4.60 -42.51
N GLY G 357 -8.73 -5.20 -41.35
CA GLY G 357 -7.64 -5.69 -40.53
C GLY G 357 -7.02 -6.99 -41.04
N ARG G 358 -7.61 -7.60 -42.07
CA ARG G 358 -7.01 -8.78 -42.67
C ARG G 358 -5.63 -8.48 -43.22
N TYR G 359 -5.42 -7.28 -43.75
CA TYR G 359 -4.17 -6.86 -44.36
C TYR G 359 -3.36 -5.93 -43.46
N ARG G 360 -3.64 -5.93 -42.15
CA ARG G 360 -2.86 -5.20 -41.15
C ARG G 360 -2.25 -6.24 -40.23
N PRO G 361 -0.99 -6.64 -40.40
CA PRO G 361 -0.48 -7.77 -39.60
C PRO G 361 -0.32 -7.44 -38.12
N MET G 362 0.14 -6.23 -37.80
CA MET G 362 0.37 -5.88 -36.40
C MET G 362 -0.93 -5.68 -35.65
N PHE G 363 -1.95 -5.12 -36.33
CA PHE G 363 -3.26 -4.93 -35.71
C PHE G 363 -3.88 -6.24 -35.29
N LYS G 364 -3.65 -7.32 -36.06
CA LYS G 364 -4.26 -8.61 -35.80
C LYS G 364 -3.98 -9.13 -34.39
N ILE G 365 -2.74 -8.97 -33.92
CA ILE G 365 -2.36 -9.47 -32.59
C ILE G 365 -3.16 -8.76 -31.51
N TYR G 366 -3.19 -7.43 -31.54
CA TYR G 366 -3.88 -6.68 -30.49
C TYR G 366 -5.38 -6.95 -30.51
N PHE G 367 -5.96 -7.21 -31.68
CA PHE G 367 -7.37 -7.54 -31.73
C PHE G 367 -7.65 -8.86 -31.02
N TRP G 368 -6.89 -9.91 -31.38
CA TRP G 368 -7.12 -11.22 -30.76
C TRP G 368 -6.78 -11.20 -29.28
N LEU G 369 -5.81 -10.38 -28.87
CA LEU G 369 -5.59 -10.16 -27.45
C LEU G 369 -6.79 -9.46 -26.82
N LEU G 370 -7.37 -8.48 -27.52
CA LEU G 370 -8.56 -7.81 -27.02
C LEU G 370 -9.72 -8.79 -26.92
N ALA G 371 -9.86 -9.68 -27.89
CA ALA G 371 -10.89 -10.71 -27.83
C ALA G 371 -10.66 -11.62 -26.63
N ALA G 372 -9.42 -12.05 -26.41
CA ALA G 372 -9.09 -12.80 -25.21
C ALA G 372 -9.28 -11.92 -23.96
N ASP G 373 -8.91 -10.65 -24.06
CA ASP G 373 -9.06 -9.74 -22.92
C ASP G 373 -10.53 -9.58 -22.54
N PHE G 374 -11.41 -9.45 -23.53
CA PHE G 374 -12.83 -9.31 -23.25
C PHE G 374 -13.39 -10.56 -22.58
N VAL G 375 -12.96 -11.74 -23.03
CA VAL G 375 -13.40 -12.99 -22.41
C VAL G 375 -12.85 -13.10 -21.00
N ILE G 376 -11.56 -12.79 -20.82
CA ILE G 376 -10.94 -12.82 -19.50
C ILE G 376 -11.67 -11.89 -18.54
N LEU G 377 -12.00 -10.68 -19.00
CA LEU G 377 -12.77 -9.76 -18.17
C LEU G 377 -14.09 -10.37 -17.72
N THR G 378 -14.79 -11.05 -18.63
CA THR G 378 -16.03 -11.72 -18.27
C THR G 378 -15.78 -12.81 -17.23
N TRP G 379 -14.71 -13.58 -17.39
CA TRP G 379 -14.46 -14.71 -16.50
C TRP G 379 -14.14 -14.25 -15.08
N VAL G 380 -13.36 -13.18 -14.92
CA VAL G 380 -13.02 -12.73 -13.58
C VAL G 380 -14.22 -12.10 -12.87
N GLY G 381 -15.24 -11.65 -13.62
CA GLY G 381 -16.42 -11.06 -13.00
C GLY G 381 -17.15 -12.03 -12.09
N ALA G 382 -17.11 -13.32 -12.42
CA ALA G 382 -17.72 -14.34 -11.58
C ALA G 382 -16.82 -14.75 -10.41
N GLN G 383 -15.53 -14.42 -10.47
CA GLN G 383 -14.60 -14.84 -9.44
C GLN G 383 -14.64 -13.90 -8.25
N GLN G 384 -14.22 -14.42 -7.09
CA GLN G 384 -14.09 -13.60 -5.91
C GLN G 384 -12.94 -12.61 -6.07
N THR G 385 -13.04 -11.50 -5.35
CA THR G 385 -12.08 -10.40 -5.48
C THR G 385 -10.72 -10.70 -4.87
N THR G 386 -10.56 -11.82 -4.16
CA THR G 386 -9.32 -12.10 -3.46
C THR G 386 -8.17 -12.34 -4.44
N PHE G 387 -6.98 -12.57 -3.89
CA PHE G 387 -5.80 -12.80 -4.71
C PHE G 387 -5.92 -14.17 -5.39
N PRO G 388 -5.45 -14.32 -6.65
CA PRO G 388 -4.80 -13.41 -7.60
C PRO G 388 -5.75 -12.69 -8.58
N TYR G 389 -7.06 -12.89 -8.41
CA TYR G 389 -8.02 -12.35 -9.37
C TYR G 389 -8.06 -10.82 -9.36
N ASP G 390 -7.67 -10.18 -8.24
CA ASP G 390 -7.70 -8.71 -8.18
C ASP G 390 -6.75 -8.09 -9.20
N TRP G 391 -5.55 -8.63 -9.35
CA TRP G 391 -4.58 -8.06 -10.28
C TRP G 391 -4.92 -8.40 -11.73
N ILE G 392 -5.44 -9.60 -11.98
CA ILE G 392 -5.79 -10.02 -13.33
C ILE G 392 -6.80 -9.04 -13.95
N SER G 393 -7.82 -8.66 -13.18
CA SER G 393 -8.82 -7.74 -13.70
C SER G 393 -8.25 -6.35 -13.94
N LEU G 394 -7.19 -5.97 -13.23
CA LEU G 394 -6.59 -4.65 -13.42
C LEU G 394 -5.71 -4.60 -14.65
N ILE G 395 -4.91 -5.65 -14.88
CA ILE G 395 -4.16 -5.76 -16.13
C ILE G 395 -5.13 -5.78 -17.30
N ALA G 396 -6.20 -6.57 -17.20
CA ALA G 396 -7.19 -6.62 -18.26
C ALA G 396 -7.86 -5.27 -18.47
N SER G 397 -8.23 -4.60 -17.38
CA SER G 397 -8.83 -3.27 -17.49
C SER G 397 -7.86 -2.28 -18.15
N ALA G 398 -6.59 -2.35 -17.77
CA ALA G 398 -5.60 -1.44 -18.34
C ALA G 398 -5.45 -1.65 -19.84
N TYR G 399 -5.40 -2.92 -20.27
CA TYR G 399 -5.24 -3.21 -21.69
C TYR G 399 -6.41 -2.67 -22.51
N TRP G 400 -7.61 -2.63 -21.92
CA TRP G 400 -8.78 -2.11 -22.64
C TRP G 400 -8.56 -0.66 -23.06
N PHE G 401 -8.18 0.20 -22.10
CA PHE G 401 -7.92 1.58 -22.44
C PHE G 401 -6.65 1.73 -23.28
N ALA G 402 -5.66 0.87 -23.05
CA ALA G 402 -4.43 0.91 -23.84
C ALA G 402 -4.72 0.62 -25.31
N TYR G 403 -5.61 -0.33 -25.57
CA TYR G 403 -5.91 -0.72 -26.95
C TYR G 403 -6.47 0.45 -27.76
N PHE G 404 -7.41 1.19 -27.17
CA PHE G 404 -8.10 2.26 -27.88
C PHE G 404 -7.36 3.59 -27.81
N LEU G 405 -6.89 3.98 -26.63
CA LEU G 405 -6.34 5.31 -26.42
C LEU G 405 -4.85 5.40 -26.74
N VAL G 406 -4.11 4.29 -26.65
CA VAL G 406 -2.66 4.29 -26.80
C VAL G 406 -2.21 3.52 -28.03
N ILE G 407 -2.69 2.28 -28.20
CA ILE G 407 -2.13 1.40 -29.22
C ILE G 407 -2.59 1.83 -30.61
N LEU G 408 -3.90 1.90 -30.82
CA LEU G 408 -4.43 2.21 -32.15
C LEU G 408 -3.97 3.55 -32.71
N PRO G 409 -3.91 4.66 -31.96
CA PRO G 409 -3.31 5.88 -32.50
C PRO G 409 -1.85 5.70 -32.93
N ILE G 410 -1.04 5.04 -32.09
CA ILE G 410 0.36 4.82 -32.42
C ILE G 410 0.47 3.92 -33.65
N LEU G 411 -0.43 2.93 -33.76
CA LEU G 411 -0.32 1.93 -34.82
C LEU G 411 -0.43 2.54 -36.21
N GLY G 412 -1.32 3.52 -36.38
CA GLY G 412 -1.55 4.11 -37.70
C GLY G 412 -0.32 4.71 -38.35
N ALA G 413 0.65 5.15 -37.54
CA ALA G 413 1.87 5.74 -38.09
C ALA G 413 2.85 4.65 -38.52
N ILE G 414 3.13 3.70 -37.62
CA ILE G 414 4.20 2.73 -37.85
C ILE G 414 3.72 1.46 -38.55
N GLU G 415 2.45 1.40 -38.96
CA GLU G 415 1.96 0.22 -39.66
C GLU G 415 2.70 0.05 -40.98
N LYS G 416 2.96 -1.22 -41.33
CA LYS G 416 3.51 -1.61 -42.62
C LYS G 416 2.50 -2.53 -43.29
N PRO G 417 1.38 -1.98 -43.80
CA PRO G 417 0.31 -2.84 -44.33
C PRO G 417 0.75 -3.68 -45.52
N VAL G 418 -0.07 -4.70 -45.81
CA VAL G 418 0.12 -5.57 -46.95
C VAL G 418 -0.90 -5.18 -48.01
N ALA G 419 -0.52 -5.35 -49.28
CA ALA G 419 -1.36 -4.95 -50.40
C ALA G 419 -2.65 -5.77 -50.41
N PRO G 420 -3.84 -5.15 -50.36
CA PRO G 420 -5.07 -5.93 -50.55
C PRO G 420 -5.24 -6.33 -52.01
N PRO G 421 -6.20 -7.20 -52.31
CA PRO G 421 -6.51 -7.47 -53.73
C PRO G 421 -6.98 -6.22 -54.44
N ALA G 422 -6.86 -6.25 -55.77
CA ALA G 422 -7.25 -5.09 -56.57
C ALA G 422 -8.75 -4.84 -56.51
N THR G 423 -9.55 -5.90 -56.51
CA THR G 423 -11.01 -5.77 -56.53
C THR G 423 -11.62 -6.92 -55.74
N ILE G 424 -12.90 -6.73 -55.38
CA ILE G 424 -13.65 -7.79 -54.70
C ILE G 424 -13.74 -9.03 -55.58
N GLU G 425 -13.82 -8.84 -56.90
CA GLU G 425 -13.89 -9.97 -57.82
C GLU G 425 -12.64 -10.84 -57.72
N GLU G 426 -11.47 -10.22 -57.53
CA GLU G 426 -10.24 -10.98 -57.43
C GLU G 426 -10.26 -11.90 -56.21
N ASP G 427 -10.73 -11.38 -55.07
CA ASP G 427 -10.84 -12.21 -53.88
C ASP G 427 -11.87 -13.32 -54.06
N PHE G 428 -13.04 -12.98 -54.62
CA PHE G 428 -14.08 -13.98 -54.80
C PHE G 428 -13.67 -15.06 -55.79
N ASN G 429 -13.08 -14.67 -56.93
CA ASN G 429 -12.75 -15.65 -57.96
C ASN G 429 -11.51 -16.46 -57.60
N ALA G 430 -10.57 -15.88 -56.86
CA ALA G 430 -9.39 -16.62 -56.45
C ALA G 430 -9.75 -17.75 -55.49
N HIS G 431 -10.68 -17.49 -54.57
CA HIS G 431 -11.12 -18.50 -53.62
C HIS G 431 -11.83 -19.65 -54.33
N ALA H 1 -19.46 -17.39 2.59
CA ALA H 1 -19.91 -18.78 2.28
C ALA H 1 -18.94 -19.42 1.28
N GLY H 2 -19.44 -20.30 0.41
CA GLY H 2 -18.57 -20.92 -0.58
C GLY H 2 -19.36 -21.88 -1.45
N GLY H 3 -18.62 -22.58 -2.31
CA GLY H 3 -19.21 -23.62 -3.15
C GLY H 3 -18.37 -24.89 -3.10
N GLY H 4 -18.93 -25.94 -2.51
CA GLY H 4 -18.22 -27.18 -2.28
C GLY H 4 -18.66 -28.33 -3.15
N HIS H 5 -18.67 -29.53 -2.57
CA HIS H 5 -18.96 -30.77 -3.26
C HIS H 5 -20.42 -31.17 -3.03
N VAL H 6 -20.87 -32.16 -3.80
CA VAL H 6 -22.26 -32.61 -3.76
C VAL H 6 -22.31 -34.08 -4.14
N GLU H 7 -23.39 -34.74 -3.73
CA GLU H 7 -23.62 -36.14 -4.06
C GLU H 7 -24.39 -36.20 -5.37
N ASP H 8 -23.78 -36.81 -6.39
CA ASP H 8 -24.38 -36.88 -7.71
C ASP H 8 -25.50 -37.94 -7.71
N VAL H 9 -26.72 -37.49 -7.95
CA VAL H 9 -27.90 -38.35 -7.96
C VAL H 9 -28.38 -38.50 -9.40
N PRO H 10 -28.57 -39.73 -9.93
CA PRO H 10 -29.21 -39.84 -11.26
C PRO H 10 -30.72 -39.68 -11.18
N PHE H 11 -31.18 -38.45 -10.98
CA PHE H 11 -32.61 -38.18 -10.98
C PHE H 11 -33.23 -38.50 -12.33
N SER H 12 -34.48 -38.96 -12.30
CA SER H 12 -35.16 -39.37 -13.55
C SER H 12 -35.35 -38.17 -14.48
N PHE H 13 -35.62 -36.99 -13.91
CA PHE H 13 -35.85 -35.81 -14.75
C PHE H 13 -34.58 -35.29 -15.42
N GLU H 14 -33.40 -35.77 -15.01
CA GLU H 14 -32.16 -35.31 -15.63
C GLU H 14 -31.98 -35.92 -17.01
N GLY H 15 -31.52 -35.09 -17.95
CA GLY H 15 -31.21 -35.52 -19.29
C GLY H 15 -32.22 -35.01 -20.29
N PRO H 16 -31.85 -34.98 -21.59
CA PRO H 16 -32.80 -34.48 -22.60
C PRO H 16 -34.08 -35.29 -22.66
N PHE H 17 -34.01 -36.60 -22.42
CA PHE H 17 -35.17 -37.49 -22.41
C PHE H 17 -35.66 -37.79 -20.99
N GLY H 18 -35.18 -37.07 -19.98
CA GLY H 18 -35.60 -37.34 -18.63
C GLY H 18 -37.05 -36.94 -18.39
N THR H 19 -37.73 -37.72 -17.56
CA THR H 19 -39.12 -37.47 -17.20
C THR H 19 -39.33 -37.83 -15.73
N PHE H 20 -40.31 -37.16 -15.12
CA PHE H 20 -40.61 -37.41 -13.73
C PHE H 20 -41.15 -38.82 -13.52
N ASP H 21 -40.75 -39.44 -12.40
CA ASP H 21 -41.33 -40.69 -11.95
C ASP H 21 -42.56 -40.36 -11.13
N GLN H 22 -43.74 -40.72 -11.66
CA GLN H 22 -45.01 -40.31 -11.05
C GLN H 22 -45.13 -40.81 -9.61
N HIS H 23 -44.70 -42.05 -9.35
CA HIS H 23 -44.77 -42.57 -8.00
C HIS H 23 -43.79 -41.85 -7.07
N GLN H 24 -42.62 -41.47 -7.60
CA GLN H 24 -41.63 -40.79 -6.77
C GLN H 24 -42.15 -39.45 -6.27
N LEU H 25 -42.83 -38.69 -7.13
CA LEU H 25 -43.36 -37.41 -6.70
C LEU H 25 -44.47 -37.58 -5.67
N GLN H 26 -45.23 -38.69 -5.76
CA GLN H 26 -46.22 -38.98 -4.73
C GLN H 26 -45.54 -39.30 -3.41
N ARG H 27 -44.43 -40.04 -3.46
CA ARG H 27 -43.64 -40.31 -2.26
C ARG H 27 -43.06 -39.01 -1.69
N GLY H 28 -42.46 -38.19 -2.56
CA GLY H 28 -41.91 -36.92 -2.11
C GLY H 28 -42.96 -36.00 -1.54
N LEU H 29 -44.18 -36.04 -2.10
CA LEU H 29 -45.28 -35.27 -1.55
C LEU H 29 -45.58 -35.68 -0.11
N GLN H 30 -45.57 -36.99 0.16
CA GLN H 30 -45.81 -37.48 1.51
C GLN H 30 -44.73 -37.01 2.48
N VAL H 31 -43.46 -37.04 2.05
CA VAL H 31 -42.36 -36.63 2.92
C VAL H 31 -42.48 -35.15 3.27
N TYR H 32 -42.87 -34.31 2.30
CA TYR H 32 -43.02 -32.88 2.57
C TYR H 32 -44.12 -32.63 3.58
N THR H 33 -45.27 -33.30 3.42
CA THR H 33 -46.41 -33.08 4.31
C THR H 33 -46.09 -33.47 5.74
N GLU H 34 -45.42 -34.60 5.94
CA GLU H 34 -45.26 -35.19 7.26
C GLU H 34 -44.07 -34.64 8.04
N VAL H 35 -43.05 -34.10 7.37
CA VAL H 35 -41.81 -33.67 8.02
C VAL H 35 -41.58 -32.18 7.76
N CYS H 36 -41.37 -31.83 6.49
CA CYS H 36 -40.94 -30.49 6.14
C CYS H 36 -42.01 -29.44 6.43
N ALA H 37 -43.29 -29.80 6.27
CA ALA H 37 -44.37 -28.83 6.44
C ALA H 37 -44.46 -28.27 7.85
N ALA H 38 -43.91 -28.97 8.85
CA ALA H 38 -43.99 -28.47 10.22
C ALA H 38 -43.29 -27.13 10.38
N CYS H 39 -42.24 -26.87 9.61
CA CYS H 39 -41.47 -25.63 9.64
C CYS H 39 -41.54 -24.86 8.33
N HIS H 40 -41.45 -25.55 7.20
CA HIS H 40 -41.39 -24.91 5.88
C HIS H 40 -42.79 -24.74 5.28
N GLY H 41 -42.84 -23.93 4.22
CA GLY H 41 -44.04 -23.74 3.44
C GLY H 41 -43.68 -23.48 2.00
N MET H 42 -44.72 -23.47 1.13
CA MET H 42 -44.56 -23.21 -0.31
C MET H 42 -45.63 -22.20 -0.72
N LYS H 43 -45.35 -20.92 -0.49
CA LYS H 43 -46.34 -19.88 -0.75
C LYS H 43 -46.66 -19.72 -2.24
N PHE H 44 -45.85 -20.27 -3.14
CA PHE H 44 -46.02 -20.10 -4.58
C PHE H 44 -46.61 -21.31 -5.29
N VAL H 45 -46.68 -22.47 -4.66
CA VAL H 45 -47.05 -23.72 -5.31
C VAL H 45 -48.58 -23.87 -5.21
N PRO H 46 -49.32 -23.91 -6.34
CA PRO H 46 -50.74 -24.24 -6.24
C PRO H 46 -50.95 -25.73 -5.94
N ILE H 47 -51.91 -26.01 -5.07
CA ILE H 47 -52.21 -27.38 -4.68
C ILE H 47 -52.81 -28.16 -5.86
N ARG H 48 -53.53 -27.47 -6.75
CA ARG H 48 -54.22 -28.13 -7.86
C ARG H 48 -53.28 -28.90 -8.79
N SER H 49 -51.99 -28.57 -8.81
CA SER H 49 -51.06 -29.21 -9.73
C SER H 49 -50.77 -30.67 -9.40
N LEU H 50 -51.23 -31.17 -8.26
CA LEU H 50 -51.00 -32.57 -7.91
C LEU H 50 -51.77 -33.54 -8.80
N SER H 51 -52.71 -33.06 -9.61
CA SER H 51 -53.41 -33.86 -10.61
C SER H 51 -53.09 -33.42 -12.03
N GLU H 52 -52.44 -32.28 -12.21
CA GLU H 52 -52.04 -31.83 -13.55
C GLU H 52 -51.07 -32.83 -14.17
N PRO H 53 -51.05 -32.95 -15.50
CA PRO H 53 -50.12 -33.89 -16.14
C PRO H 53 -48.67 -33.49 -15.90
N GLY H 54 -47.78 -34.46 -16.04
CA GLY H 54 -46.37 -34.23 -15.78
C GLY H 54 -46.12 -33.92 -14.32
N GLY H 55 -46.65 -34.77 -13.44
CA GLY H 55 -46.52 -34.57 -12.02
C GLY H 55 -46.97 -35.80 -11.26
N PRO H 56 -47.38 -35.64 -9.99
CA PRO H 56 -47.92 -36.80 -9.26
C PRO H 56 -49.15 -37.40 -9.91
N GLU H 57 -49.96 -36.58 -10.57
CA GLU H 57 -51.16 -37.01 -11.31
C GLU H 57 -52.07 -37.88 -10.43
N LEU H 58 -52.53 -37.26 -9.35
CA LEU H 58 -53.45 -37.90 -8.42
C LEU H 58 -54.88 -37.72 -8.90
N PRO H 59 -55.82 -38.53 -8.41
CA PRO H 59 -57.24 -38.24 -8.68
C PRO H 59 -57.63 -36.91 -8.04
N GLU H 60 -58.49 -36.17 -8.73
CA GLU H 60 -58.89 -34.84 -8.26
C GLU H 60 -59.58 -34.91 -6.90
N ASP H 61 -60.22 -36.04 -6.59
CA ASP H 61 -60.84 -36.19 -5.28
C ASP H 61 -59.79 -36.30 -4.18
N GLN H 62 -58.71 -37.04 -4.43
CA GLN H 62 -57.62 -37.13 -3.45
C GLN H 62 -56.98 -35.77 -3.22
N VAL H 63 -56.77 -35.01 -4.30
CA VAL H 63 -56.27 -33.65 -4.16
C VAL H 63 -57.22 -32.82 -3.32
N ARG H 64 -58.53 -32.96 -3.57
CA ARG H 64 -59.53 -32.26 -2.78
C ARG H 64 -59.44 -32.63 -1.31
N ALA H 65 -59.21 -33.90 -1.01
CA ALA H 65 -59.10 -34.33 0.39
C ALA H 65 -57.79 -33.86 1.02
N TYR H 66 -56.70 -33.91 0.26
CA TYR H 66 -55.40 -33.48 0.78
C TYR H 66 -55.40 -32.01 1.17
N ALA H 67 -56.07 -31.16 0.38
CA ALA H 67 -56.02 -29.72 0.61
C ALA H 67 -56.74 -29.32 1.89
N THR H 68 -57.71 -30.10 2.36
CA THR H 68 -58.52 -29.69 3.49
C THR H 68 -57.74 -29.61 4.80
N GLN H 69 -56.63 -30.34 4.93
CA GLN H 69 -55.90 -30.35 6.20
C GLN H 69 -55.27 -28.99 6.49
N PHE H 70 -54.97 -28.20 5.46
CA PHE H 70 -54.37 -26.90 5.65
C PHE H 70 -55.42 -25.86 6.01
N THR H 71 -55.07 -24.97 6.94
CA THR H 71 -55.92 -23.83 7.28
C THR H 71 -55.61 -22.67 6.34
N VAL H 72 -56.65 -21.96 5.93
CA VAL H 72 -56.54 -20.86 4.97
C VAL H 72 -57.42 -19.71 5.45
N THR H 73 -56.88 -18.50 5.41
CA THR H 73 -57.61 -17.29 5.77
C THR H 73 -58.31 -16.74 4.52
N ASP H 74 -59.64 -16.80 4.52
CA ASP H 74 -60.43 -16.35 3.37
C ASP H 74 -60.11 -14.90 3.03
N GLU H 75 -59.86 -14.64 1.74
CA GLU H 75 -59.46 -13.32 1.30
C GLU H 75 -60.55 -12.28 1.54
N GLU H 76 -61.82 -12.66 1.36
CA GLU H 76 -62.93 -11.72 1.47
C GLU H 76 -63.49 -11.68 2.90
N THR H 77 -64.03 -12.80 3.37
CA THR H 77 -64.62 -12.88 4.70
C THR H 77 -63.64 -12.44 5.77
N GLY H 78 -62.52 -13.16 5.90
CA GLY H 78 -61.53 -12.93 6.94
C GLY H 78 -61.39 -14.10 7.89
N GLU H 79 -62.47 -14.87 8.08
CA GLU H 79 -62.44 -16.03 8.95
C GLU H 79 -61.77 -17.20 8.25
N ASP H 80 -61.04 -18.00 9.04
CA ASP H 80 -60.32 -19.13 8.51
C ASP H 80 -61.29 -20.20 8.00
N ARG H 81 -60.76 -21.11 7.19
CA ARG H 81 -61.58 -22.16 6.59
C ARG H 81 -60.65 -23.27 6.11
N GLU H 82 -61.26 -24.37 5.68
CA GLU H 82 -60.49 -25.49 5.15
C GLU H 82 -59.87 -25.14 3.81
N GLY H 83 -58.74 -25.79 3.50
CA GLY H 83 -58.02 -25.50 2.28
C GLY H 83 -58.67 -26.18 1.09
N LYS H 84 -58.82 -25.42 0.01
CA LYS H 84 -59.35 -25.89 -1.27
C LYS H 84 -58.21 -26.21 -2.23
N PRO H 85 -58.49 -26.91 -3.34
CA PRO H 85 -57.42 -27.11 -4.34
C PRO H 85 -56.96 -25.84 -5.02
N THR H 86 -57.75 -24.77 -4.98
CA THR H 86 -57.36 -23.51 -5.60
C THR H 86 -56.34 -22.75 -4.76
N ASP H 87 -56.27 -23.01 -3.45
CA ASP H 87 -55.34 -22.30 -2.58
C ASP H 87 -53.92 -22.84 -2.73
N HIS H 88 -52.96 -22.02 -2.34
CA HIS H 88 -51.56 -22.41 -2.29
C HIS H 88 -51.26 -23.12 -0.97
N PHE H 89 -50.10 -23.76 -0.90
CA PHE H 89 -49.63 -24.29 0.37
C PHE H 89 -49.40 -23.13 1.33
N PRO H 90 -49.44 -23.36 2.64
CA PRO H 90 -49.32 -22.24 3.58
C PRO H 90 -47.91 -21.66 3.57
N HIS H 91 -47.80 -20.45 4.13
CA HIS H 91 -46.50 -19.86 4.38
C HIS H 91 -45.70 -20.76 5.34
N SER H 92 -44.40 -20.52 5.40
CA SER H 92 -43.54 -21.25 6.31
C SER H 92 -43.99 -21.00 7.75
N ALA H 93 -44.37 -22.08 8.44
CA ALA H 93 -44.82 -21.97 9.83
C ALA H 93 -43.70 -21.46 10.72
N LEU H 94 -42.45 -21.74 10.37
CA LEU H 94 -41.28 -21.30 11.12
C LEU H 94 -40.71 -20.08 10.40
N GLU H 95 -40.59 -18.96 11.13
CA GLU H 95 -40.22 -17.67 10.55
C GLU H 95 -38.94 -17.74 9.74
N ASN H 96 -37.87 -18.27 10.32
CA ASN H 96 -36.57 -18.30 9.67
C ASN H 96 -36.37 -19.53 8.78
N ALA H 97 -37.44 -20.27 8.49
CA ALA H 97 -37.37 -21.40 7.57
C ALA H 97 -37.69 -20.89 6.16
N PRO H 98 -36.75 -20.95 5.20
CA PRO H 98 -37.05 -20.40 3.87
C PRO H 98 -38.11 -21.21 3.14
N ASP H 99 -38.77 -20.53 2.20
CA ASP H 99 -39.80 -21.17 1.40
C ASP H 99 -39.17 -22.14 0.41
N LEU H 100 -39.78 -23.33 0.30
CA LEU H 100 -39.23 -24.42 -0.51
C LEU H 100 -39.81 -24.48 -1.92
N SER H 101 -40.61 -23.49 -2.32
CA SER H 101 -41.22 -23.51 -3.65
C SER H 101 -40.16 -23.55 -4.75
N LEU H 102 -39.22 -22.60 -4.72
CA LEU H 102 -38.18 -22.46 -5.73
C LEU H 102 -36.80 -22.83 -5.22
N MET H 103 -36.72 -23.59 -4.12
CA MET H 103 -35.42 -23.97 -3.58
C MET H 103 -34.68 -24.89 -4.56
N ALA H 104 -35.40 -25.75 -5.26
CA ALA H 104 -34.79 -26.69 -6.19
C ALA H 104 -34.21 -26.03 -7.44
N LYS H 105 -34.52 -24.75 -7.68
CA LYS H 105 -33.89 -23.97 -8.75
C LYS H 105 -33.11 -22.76 -8.26
N ALA H 106 -33.19 -22.43 -6.97
CA ALA H 106 -32.53 -21.26 -6.42
C ALA H 106 -31.15 -21.54 -5.85
N ARG H 107 -30.70 -22.80 -5.85
CA ARG H 107 -29.40 -23.20 -5.35
C ARG H 107 -28.63 -23.94 -6.43
N ALA H 108 -27.34 -23.63 -6.55
CA ALA H 108 -26.46 -24.33 -7.48
C ALA H 108 -25.75 -25.45 -6.74
N GLY H 109 -25.79 -26.65 -7.30
CA GLY H 109 -25.15 -27.80 -6.71
C GLY H 109 -23.77 -28.07 -7.27
N PHE H 110 -23.48 -27.54 -8.45
CA PHE H 110 -22.20 -27.71 -9.13
C PHE H 110 -21.56 -26.36 -9.37
N HIS H 111 -20.24 -26.35 -9.47
CA HIS H 111 -19.46 -25.14 -9.65
C HIS H 111 -18.36 -25.45 -10.65
N GLY H 112 -18.24 -24.60 -11.67
CA GLY H 112 -17.25 -24.77 -12.72
C GLY H 112 -15.84 -24.89 -12.18
N PRO H 113 -14.92 -25.58 -12.93
CA PRO H 113 -13.53 -25.76 -12.46
C PRO H 113 -12.87 -24.50 -11.90
N MET H 114 -12.84 -23.44 -12.70
CA MET H 114 -12.37 -22.13 -12.28
C MET H 114 -13.48 -21.10 -12.49
N GLY H 115 -14.69 -21.44 -12.04
CA GLY H 115 -15.84 -20.59 -12.26
C GLY H 115 -16.14 -20.38 -13.72
N THR H 116 -15.93 -21.41 -14.54
CA THR H 116 -16.15 -21.36 -15.97
C THR H 116 -17.48 -21.96 -16.39
N GLY H 117 -18.29 -22.45 -15.45
CA GLY H 117 -19.56 -23.04 -15.78
C GLY H 117 -19.47 -24.28 -16.65
N ILE H 118 -18.32 -24.95 -16.67
CA ILE H 118 -18.20 -26.17 -17.46
C ILE H 118 -18.91 -27.31 -16.77
N SER H 119 -18.86 -27.36 -15.44
CA SER H 119 -19.55 -28.41 -14.71
C SER H 119 -21.06 -28.26 -14.84
N GLN H 120 -21.56 -27.04 -14.72
CA GLN H 120 -22.99 -26.80 -14.91
C GLN H 120 -23.43 -27.12 -16.34
N LEU H 121 -22.55 -26.91 -17.32
CA LEU H 121 -22.90 -27.17 -18.71
C LEU H 121 -23.19 -28.64 -18.95
N PHE H 122 -22.52 -29.54 -18.21
CA PHE H 122 -22.65 -30.98 -18.39
C PHE H 122 -23.46 -31.66 -17.30
N ASN H 123 -23.65 -31.02 -16.14
CA ASN H 123 -24.33 -31.62 -15.00
C ASN H 123 -25.58 -30.87 -14.58
N GLY H 124 -25.80 -29.65 -15.06
CA GLY H 124 -26.95 -28.86 -14.66
C GLY H 124 -26.64 -27.95 -13.51
N ILE H 125 -27.67 -27.19 -13.10
CA ILE H 125 -27.52 -26.24 -12.00
C ILE H 125 -27.20 -26.99 -10.71
N GLY H 126 -27.91 -28.10 -10.47
CA GLY H 126 -27.62 -28.96 -9.34
C GLY H 126 -28.48 -28.72 -8.11
N GLY H 127 -29.55 -27.96 -8.22
CA GLY H 127 -30.46 -27.71 -7.11
C GLY H 127 -30.99 -28.96 -6.44
N PRO H 128 -31.69 -29.83 -7.19
CA PRO H 128 -32.20 -31.07 -6.56
C PRO H 128 -31.10 -31.98 -6.05
N GLU H 129 -29.91 -31.93 -6.65
CA GLU H 129 -28.79 -32.74 -6.16
C GLU H 129 -28.12 -32.11 -4.94
N TYR H 130 -28.28 -30.80 -4.74
CA TYR H 130 -27.75 -30.15 -3.56
C TYR H 130 -28.63 -30.38 -2.35
N ILE H 131 -29.96 -30.41 -2.55
CA ILE H 131 -30.88 -30.69 -1.45
C ILE H 131 -30.65 -32.08 -0.90
N TYR H 132 -30.44 -33.06 -1.80
CA TYR H 132 -30.13 -34.42 -1.36
C TYR H 132 -28.89 -34.45 -0.47
N SER H 133 -27.91 -33.60 -0.76
CA SER H 133 -26.67 -33.60 0.03
C SER H 133 -26.85 -32.96 1.39
N VAL H 134 -27.77 -32.00 1.52
CA VAL H 134 -28.00 -31.37 2.81
C VAL H 134 -28.72 -32.32 3.76
N LEU H 135 -29.73 -33.03 3.26
CA LEU H 135 -30.49 -33.95 4.10
C LEU H 135 -29.62 -35.12 4.56
N THR H 136 -28.81 -35.67 3.66
CA THR H 136 -27.96 -36.81 3.99
C THR H 136 -26.58 -36.40 4.52
N GLY H 137 -26.34 -35.10 4.73
CA GLY H 137 -25.03 -34.60 5.09
C GLY H 137 -24.88 -34.26 6.56
N PHE H 138 -25.75 -34.80 7.41
CA PHE H 138 -25.65 -34.59 8.85
C PHE H 138 -24.83 -35.72 9.46
N PRO H 139 -23.60 -35.49 9.94
CA PRO H 139 -22.83 -36.58 10.55
C PRO H 139 -23.27 -36.83 11.99
N GLU H 140 -22.79 -37.95 12.52
CA GLU H 140 -23.14 -38.33 13.88
C GLU H 140 -22.58 -37.34 14.91
N GLU H 141 -21.29 -37.05 14.81
CA GLU H 141 -20.58 -36.13 15.69
C GLU H 141 -19.96 -34.99 14.89
N PRO H 142 -19.70 -33.83 15.51
CA PRO H 142 -19.13 -32.71 14.75
C PRO H 142 -17.68 -32.97 14.39
N PRO H 143 -17.03 -32.07 13.64
CA PRO H 143 -15.59 -32.17 13.45
C PRO H 143 -14.83 -32.02 14.76
N LYS H 144 -13.64 -32.60 14.81
CA LYS H 144 -12.84 -32.59 16.03
C LYS H 144 -12.45 -31.17 16.45
N CYS H 145 -12.27 -30.26 15.49
CA CYS H 145 -11.90 -28.89 15.82
C CYS H 145 -12.97 -28.16 16.62
N ALA H 146 -14.23 -28.62 16.57
CA ALA H 146 -15.35 -27.96 17.20
C ALA H 146 -15.85 -28.67 18.45
N GLU H 147 -15.25 -29.82 18.82
CA GLU H 147 -15.70 -30.56 19.99
C GLU H 147 -15.59 -29.69 21.23
N GLY H 148 -16.74 -29.27 21.76
CA GLY H 148 -16.78 -28.35 22.86
C GLY H 148 -16.77 -26.89 22.46
N HIS H 149 -17.04 -26.58 21.18
CA HIS H 149 -17.04 -25.22 20.68
C HIS H 149 -18.19 -24.95 19.70
N GLU H 150 -19.20 -25.82 19.67
CA GLU H 150 -20.30 -25.62 18.74
C GLU H 150 -21.12 -24.39 19.16
N PRO H 151 -21.47 -23.49 18.25
CA PRO H 151 -22.43 -22.44 18.63
C PRO H 151 -23.75 -23.06 19.05
N ASP H 152 -24.29 -22.57 20.17
CA ASP H 152 -25.52 -23.12 20.71
C ASP H 152 -26.69 -22.85 19.77
N GLY H 153 -27.43 -23.91 19.43
CA GLY H 153 -28.57 -23.81 18.54
C GLY H 153 -28.28 -24.09 17.09
N PHE H 154 -27.09 -24.59 16.75
CA PHE H 154 -26.71 -24.90 15.38
C PHE H 154 -26.18 -26.32 15.30
N TYR H 155 -26.17 -26.87 14.09
CA TYR H 155 -25.81 -28.26 13.84
C TYR H 155 -24.91 -28.32 12.61
N TYR H 156 -23.94 -29.21 12.62
CA TYR H 156 -22.99 -29.32 11.53
C TYR H 156 -23.58 -30.12 10.38
N ASN H 157 -23.42 -29.61 9.17
CA ASN H 157 -23.86 -30.28 7.94
C ASN H 157 -22.74 -30.19 6.91
N ARG H 158 -22.44 -31.32 6.26
CA ARG H 158 -21.35 -31.36 5.30
C ARG H 158 -21.59 -30.42 4.11
N ALA H 159 -22.82 -30.38 3.62
CA ALA H 159 -23.11 -29.69 2.35
C ALA H 159 -23.46 -28.23 2.52
N PHE H 160 -23.96 -27.82 3.69
CA PHE H 160 -24.29 -26.41 3.89
C PHE H 160 -23.02 -25.57 3.94
N GLN H 161 -23.11 -24.36 3.37
CA GLN H 161 -21.96 -23.48 3.17
C GLN H 161 -22.11 -22.10 3.81
N ASN H 162 -23.33 -21.61 4.01
CA ASN H 162 -23.56 -20.26 4.50
C ASN H 162 -23.64 -20.19 6.03
N GLY H 163 -23.11 -21.19 6.74
CA GLY H 163 -23.19 -21.25 8.18
C GLY H 163 -21.96 -20.71 8.88
N SER H 164 -22.14 -20.41 10.17
CA SER H 164 -21.03 -19.95 11.00
C SER H 164 -20.07 -21.10 11.26
N VAL H 165 -18.86 -20.75 11.73
CA VAL H 165 -17.81 -21.70 12.04
C VAL H 165 -17.09 -21.20 13.30
N PRO H 166 -16.75 -22.05 14.29
CA PRO H 166 -15.96 -21.56 15.42
C PRO H 166 -14.60 -21.05 14.99
N ASP H 167 -14.11 -20.04 15.70
CA ASP H 167 -12.77 -19.51 15.43
C ASP H 167 -11.69 -20.57 15.64
N THR H 168 -11.96 -21.55 16.52
CA THR H 168 -11.00 -22.64 16.72
C THR H 168 -10.88 -23.55 15.50
N CYS H 169 -11.82 -23.48 14.56
CA CYS H 169 -11.83 -24.32 13.37
C CYS H 169 -11.28 -23.62 12.13
N LYS H 170 -11.02 -22.32 12.19
CA LYS H 170 -10.44 -21.61 11.06
C LYS H 170 -8.93 -21.75 11.04
N ASP H 171 -8.36 -21.64 9.84
CA ASP H 171 -6.92 -21.79 9.66
C ASP H 171 -6.22 -20.47 9.98
N ALA H 172 -4.98 -20.31 9.52
CA ALA H 172 -4.18 -19.15 9.92
C ALA H 172 -4.63 -17.86 9.26
N ASN H 173 -5.21 -17.94 8.06
CA ASN H 173 -5.62 -16.77 7.28
C ASN H 173 -7.13 -16.74 7.05
N GLY H 174 -7.90 -17.16 8.06
CA GLY H 174 -9.32 -16.89 8.09
C GLY H 174 -10.20 -17.86 7.33
N VAL H 175 -9.63 -18.80 6.59
CA VAL H 175 -10.41 -19.73 5.77
C VAL H 175 -10.84 -20.91 6.63
N LYS H 176 -12.08 -21.33 6.45
CA LYS H 176 -12.60 -22.46 7.22
C LYS H 176 -11.97 -23.76 6.73
N THR H 177 -11.72 -24.68 7.66
CA THR H 177 -11.06 -25.94 7.36
C THR H 177 -12.06 -27.08 7.10
N THR H 178 -13.32 -26.91 7.52
CA THR H 178 -14.32 -27.94 7.34
C THR H 178 -14.93 -27.86 5.94
N ALA H 179 -15.37 -29.02 5.43
CA ALA H 179 -16.04 -29.04 4.14
C ALA H 179 -17.31 -28.22 4.15
N GLY H 180 -18.12 -28.36 5.21
CA GLY H 180 -19.37 -27.66 5.36
C GLY H 180 -19.33 -26.59 6.42
N SER H 181 -20.46 -26.36 7.08
CA SER H 181 -20.57 -25.37 8.15
C SER H 181 -21.75 -25.73 9.02
N TRP H 182 -22.02 -24.88 10.02
CA TRP H 182 -23.06 -25.15 11.01
C TRP H 182 -24.36 -24.49 10.57
N ILE H 183 -25.38 -25.32 10.36
CA ILE H 183 -26.69 -24.87 9.90
C ILE H 183 -27.63 -24.81 11.10
N ALA H 184 -28.66 -23.98 11.00
CA ALA H 184 -29.65 -23.80 12.06
C ALA H 184 -30.81 -24.77 11.94
N MET H 185 -30.77 -25.70 10.99
CA MET H 185 -31.84 -26.68 10.79
C MET H 185 -31.47 -27.96 11.53
N PRO H 186 -32.26 -28.45 12.49
CA PRO H 186 -31.95 -29.77 13.07
C PRO H 186 -32.10 -30.86 12.02
N PRO H 187 -31.42 -32.00 12.16
CA PRO H 187 -31.59 -33.09 11.17
C PRO H 187 -33.05 -33.48 11.01
N PRO H 188 -33.68 -33.20 9.86
CA PRO H 188 -35.11 -33.45 9.76
C PRO H 188 -35.46 -34.89 9.44
N LEU H 189 -34.54 -35.65 8.83
CA LEU H 189 -34.78 -37.02 8.41
C LEU H 189 -34.20 -37.97 9.46
N MET H 190 -35.02 -38.92 9.90
CA MET H 190 -34.61 -40.01 10.77
C MET H 190 -35.06 -41.30 10.10
N ASP H 191 -34.25 -42.35 10.27
CA ASP H 191 -34.46 -43.61 9.58
C ASP H 191 -35.86 -44.17 9.83
N ASP H 192 -36.55 -44.48 8.73
CA ASP H 192 -37.89 -45.06 8.74
C ASP H 192 -38.91 -44.14 9.42
N LEU H 193 -38.67 -42.82 9.38
CA LEU H 193 -39.63 -41.88 9.95
C LEU H 193 -40.94 -41.82 9.16
N VAL H 194 -40.95 -42.27 7.90
CA VAL H 194 -42.13 -42.21 7.04
C VAL H 194 -42.40 -43.60 6.49
N GLU H 195 -43.68 -43.95 6.37
CA GLU H 195 -44.15 -45.19 5.77
C GLU H 195 -44.88 -44.85 4.47
N TYR H 196 -44.36 -45.32 3.35
CA TYR H 196 -44.88 -44.93 2.05
C TYR H 196 -46.09 -45.77 1.66
N ALA H 197 -46.85 -45.26 0.69
CA ALA H 197 -48.04 -45.97 0.22
C ALA H 197 -47.67 -47.30 -0.45
N ASP H 198 -46.76 -47.25 -1.41
CA ASP H 198 -46.39 -48.43 -2.19
C ASP H 198 -45.27 -49.25 -1.53
N GLY H 199 -45.02 -49.06 -0.24
CA GLY H 199 -44.01 -49.82 0.45
C GLY H 199 -42.60 -49.58 -0.02
N HIS H 200 -42.35 -48.46 -0.69
CA HIS H 200 -41.01 -48.15 -1.18
C HIS H 200 -40.04 -47.95 -0.01
N ASP H 201 -38.75 -48.12 -0.30
CA ASP H 201 -37.72 -47.93 0.70
C ASP H 201 -37.78 -46.52 1.29
N ALA H 202 -37.69 -46.44 2.62
CA ALA H 202 -37.82 -45.18 3.36
C ALA H 202 -36.56 -44.90 4.18
N SER H 203 -35.39 -45.15 3.59
CA SER H 203 -34.14 -44.76 4.21
C SER H 203 -33.94 -43.25 4.09
N VAL H 204 -32.92 -42.74 4.79
CA VAL H 204 -32.59 -41.32 4.71
C VAL H 204 -32.20 -40.95 3.29
N HIS H 205 -31.39 -41.78 2.64
CA HIS H 205 -31.01 -41.52 1.25
C HIS H 205 -32.23 -41.62 0.32
N ALA H 206 -33.13 -42.57 0.60
CA ALA H 206 -34.29 -42.74 -0.26
C ALA H 206 -35.27 -41.58 -0.10
N MET H 207 -35.53 -41.16 1.15
CA MET H 207 -36.45 -40.05 1.38
C MET H 207 -35.91 -38.77 0.78
N ALA H 208 -34.60 -38.53 0.88
CA ALA H 208 -34.01 -37.34 0.30
C ALA H 208 -34.15 -37.33 -1.22
N GLU H 209 -33.93 -38.49 -1.85
CA GLU H 209 -34.08 -38.58 -3.29
C GLU H 209 -35.53 -38.37 -3.72
N ASP H 210 -36.47 -39.01 -3.02
CA ASP H 210 -37.88 -38.87 -3.39
C ASP H 210 -38.38 -37.45 -3.18
N VAL H 211 -38.08 -36.86 -2.03
CA VAL H 211 -38.55 -35.50 -1.76
C VAL H 211 -37.84 -34.50 -2.65
N SER H 212 -36.59 -34.78 -3.03
CA SER H 212 -35.89 -33.90 -3.96
C SER H 212 -36.59 -33.88 -5.31
N ALA H 213 -37.03 -35.04 -5.80
CA ALA H 213 -37.79 -35.08 -7.05
C ALA H 213 -39.07 -34.27 -6.93
N PHE H 214 -39.79 -34.41 -5.82
CA PHE H 214 -40.98 -33.59 -5.59
C PHE H 214 -40.61 -32.11 -5.49
N LEU H 215 -39.46 -31.82 -4.88
CA LEU H 215 -39.05 -30.41 -4.76
C LEU H 215 -38.63 -29.83 -6.10
N MET H 216 -38.11 -30.66 -7.01
CA MET H 216 -37.83 -30.17 -8.36
C MET H 216 -39.12 -29.91 -9.12
N TRP H 217 -40.10 -30.81 -9.00
CA TRP H 217 -41.37 -30.61 -9.69
C TRP H 217 -42.10 -29.40 -9.15
N ALA H 218 -41.99 -29.13 -7.85
CA ALA H 218 -42.62 -27.95 -7.28
C ALA H 218 -42.04 -26.67 -7.86
N ALA H 219 -40.72 -26.66 -8.10
CA ALA H 219 -40.09 -25.47 -8.66
C ALA H 219 -40.34 -25.34 -10.15
N GLU H 220 -40.37 -26.46 -10.88
CA GLU H 220 -40.59 -26.50 -12.32
C GLU H 220 -41.61 -27.59 -12.61
N PRO H 221 -42.91 -27.29 -12.46
CA PRO H 221 -43.91 -28.31 -12.77
C PRO H 221 -43.99 -28.65 -14.26
N LYS H 222 -43.68 -27.69 -15.13
CA LYS H 222 -43.84 -27.86 -16.58
C LYS H 222 -42.55 -28.34 -17.26
N LEU H 223 -41.69 -29.06 -16.54
CA LEU H 223 -40.44 -29.54 -17.13
C LEU H 223 -40.70 -30.53 -18.25
N MET H 224 -41.66 -31.44 -18.06
CA MET H 224 -41.90 -32.45 -19.09
C MET H 224 -42.54 -31.86 -20.33
N ALA H 225 -43.36 -30.82 -20.18
CA ALA H 225 -43.91 -30.13 -21.34
C ALA H 225 -42.83 -29.33 -22.05
N ARG H 226 -41.91 -28.72 -21.28
CA ARG H 226 -40.87 -27.90 -21.88
C ARG H 226 -39.95 -28.71 -22.77
N LYS H 227 -39.60 -29.93 -22.35
CA LYS H 227 -38.66 -30.74 -23.13
C LYS H 227 -39.31 -31.30 -24.38
N GLN H 228 -40.62 -31.54 -24.35
CA GLN H 228 -41.33 -31.95 -25.55
C GLN H 228 -41.29 -30.85 -26.60
N ALA H 229 -41.58 -29.61 -26.20
CA ALA H 229 -41.52 -28.48 -27.12
C ALA H 229 -40.10 -28.25 -27.62
N GLY H 230 -39.11 -28.36 -26.73
CA GLY H 230 -37.73 -28.16 -27.14
C GLY H 230 -37.29 -29.12 -28.23
N PHE H 231 -37.56 -30.41 -28.05
CA PHE H 231 -37.21 -31.40 -29.07
C PHE H 231 -37.94 -31.11 -30.38
N THR H 232 -39.20 -30.68 -30.29
CA THR H 232 -39.94 -30.34 -31.50
C THR H 232 -39.29 -29.18 -32.24
N ALA H 233 -39.03 -28.07 -31.53
CA ALA H 233 -38.36 -26.93 -32.15
C ALA H 233 -37.00 -27.31 -32.71
N VAL H 234 -36.28 -28.20 -32.02
CA VAL H 234 -35.00 -28.67 -32.53
C VAL H 234 -35.21 -29.47 -33.81
N MET H 235 -36.18 -30.38 -33.81
CA MET H 235 -36.46 -31.17 -35.01
C MET H 235 -36.96 -30.29 -36.15
N PHE H 236 -37.85 -29.34 -35.84
CA PHE H 236 -38.39 -28.48 -36.87
C PHE H 236 -37.33 -27.56 -37.45
N LEU H 237 -36.62 -26.84 -36.58
CA LEU H 237 -35.57 -25.92 -37.05
C LEU H 237 -34.44 -26.68 -37.73
N THR H 238 -34.20 -27.93 -37.33
CA THR H 238 -33.24 -28.76 -38.05
C THR H 238 -33.71 -28.99 -39.48
N VAL H 239 -35.00 -29.31 -39.66
CA VAL H 239 -35.56 -29.45 -41.00
C VAL H 239 -35.45 -28.14 -41.75
N LEU H 240 -35.81 -27.03 -41.11
CA LEU H 240 -35.74 -25.73 -41.75
C LEU H 240 -34.31 -25.38 -42.12
N SER H 241 -33.35 -25.69 -41.23
CA SER H 241 -31.94 -25.47 -41.55
C SER H 241 -31.49 -26.31 -42.74
N VAL H 242 -31.90 -27.58 -42.78
CA VAL H 242 -31.49 -28.47 -43.86
C VAL H 242 -32.02 -27.97 -45.20
N LEU H 243 -33.30 -27.62 -45.26
CA LEU H 243 -33.87 -27.13 -46.51
C LEU H 243 -33.24 -25.81 -46.93
N LEU H 244 -33.02 -24.91 -45.96
CA LEU H 244 -32.37 -23.64 -46.27
C LEU H 244 -30.93 -23.84 -46.74
N TYR H 245 -30.27 -24.91 -46.28
CA TYR H 245 -28.91 -25.19 -46.74
C TYR H 245 -28.89 -25.52 -48.22
N LEU H 246 -29.71 -26.46 -48.65
CA LEU H 246 -29.75 -26.86 -50.06
C LEU H 246 -30.19 -25.70 -50.96
N THR H 247 -31.16 -24.90 -50.48
CA THR H 247 -31.59 -23.72 -51.25
C THR H 247 -30.43 -22.74 -51.40
N ASN H 248 -29.75 -22.42 -50.30
CA ASN H 248 -28.61 -21.52 -50.36
C ASN H 248 -27.50 -22.09 -51.25
N LYS H 249 -27.33 -23.42 -51.23
CA LYS H 249 -26.26 -24.05 -52.00
C LYS H 249 -26.49 -23.90 -53.50
N ARG H 250 -27.72 -24.13 -53.96
CA ARG H 250 -28.00 -24.05 -55.39
C ARG H 250 -28.07 -22.60 -55.88
N LEU H 251 -28.42 -21.65 -55.01
CA LEU H 251 -28.61 -20.28 -55.45
C LEU H 251 -27.31 -19.64 -55.92
N TRP H 252 -26.19 -19.92 -55.24
CA TRP H 252 -24.92 -19.31 -55.59
C TRP H 252 -24.25 -19.95 -56.81
N ALA H 253 -24.79 -21.05 -57.33
CA ALA H 253 -24.18 -21.70 -58.49
C ALA H 253 -24.16 -20.78 -59.71
N GLY H 254 -25.14 -19.89 -59.84
CA GLY H 254 -25.25 -19.01 -60.99
C GLY H 254 -24.46 -17.73 -60.87
N VAL H 255 -23.40 -17.73 -60.07
CA VAL H 255 -22.53 -16.57 -59.87
C VAL H 255 -21.10 -17.01 -60.17
N LYS H 256 -20.62 -17.99 -59.42
CA LYS H 256 -19.27 -18.53 -59.60
C LYS H 256 -19.27 -19.69 -60.58
N GLY I 9 -38.16 -31.47 -63.90
CA GLY I 9 -37.28 -31.77 -62.78
C GLY I 9 -37.96 -31.63 -61.44
N THR I 10 -38.13 -32.75 -60.73
CA THR I 10 -38.77 -32.71 -59.43
C THR I 10 -37.89 -32.11 -58.35
N ARG I 11 -36.56 -32.15 -58.52
CA ARG I 11 -35.66 -31.52 -57.56
C ARG I 11 -35.64 -30.00 -57.66
N ARG I 12 -36.20 -29.42 -58.73
CA ARG I 12 -35.98 -27.99 -59.01
C ARG I 12 -37.06 -27.14 -58.36
N ASP I 13 -38.30 -27.29 -58.79
CA ASP I 13 -39.38 -26.45 -58.30
C ASP I 13 -39.76 -26.81 -56.86
N PHE I 14 -39.66 -28.09 -56.51
CA PHE I 14 -39.94 -28.56 -55.14
C PHE I 14 -39.18 -27.77 -54.09
N LEU I 15 -37.88 -27.54 -54.30
CA LEU I 15 -37.08 -26.88 -53.29
C LEU I 15 -37.53 -25.43 -53.06
N TYR I 16 -37.94 -24.74 -54.13
CA TYR I 16 -38.41 -23.37 -54.03
C TYR I 16 -39.85 -23.27 -53.52
N TYR I 17 -40.46 -24.39 -53.09
CA TYR I 17 -41.75 -24.42 -52.44
C TYR I 17 -41.69 -24.99 -51.03
N ALA I 18 -40.95 -26.08 -50.84
CA ALA I 18 -40.80 -26.68 -49.51
C ALA I 18 -40.13 -25.70 -48.55
N THR I 19 -39.17 -24.92 -49.05
CA THR I 19 -38.50 -23.93 -48.20
C THR I 19 -39.48 -22.85 -47.76
N ALA I 20 -40.39 -22.44 -48.65
CA ALA I 20 -41.41 -21.47 -48.27
C ALA I 20 -42.42 -22.07 -47.30
N GLY I 21 -42.79 -23.33 -47.53
CA GLY I 21 -43.72 -23.98 -46.61
C GLY I 21 -43.14 -24.14 -45.22
N ALA I 22 -41.87 -24.52 -45.13
CA ALA I 22 -41.20 -24.59 -43.83
C ALA I 22 -41.14 -23.20 -43.19
N GLY I 23 -40.85 -22.18 -43.99
CA GLY I 23 -40.87 -20.82 -43.46
C GLY I 23 -42.27 -20.39 -43.05
N ALA I 24 -43.28 -20.77 -43.85
CA ALA I 24 -44.66 -20.47 -43.48
C ALA I 24 -45.04 -21.16 -42.18
N VAL I 25 -44.69 -22.44 -42.05
CA VAL I 25 -44.94 -23.17 -40.81
C VAL I 25 -44.16 -22.55 -39.67
N ALA I 26 -42.95 -22.05 -39.95
CA ALA I 26 -42.15 -21.41 -38.91
C ALA I 26 -42.84 -20.17 -38.38
N THR I 27 -43.34 -19.31 -39.28
CA THR I 27 -44.12 -18.16 -38.86
C THR I 27 -45.37 -18.59 -38.10
N GLY I 28 -46.08 -19.60 -38.60
CA GLY I 28 -47.29 -20.06 -37.94
C GLY I 28 -47.00 -20.74 -36.61
N ALA I 29 -45.97 -21.59 -36.57
CA ALA I 29 -45.63 -22.28 -35.33
C ALA I 29 -45.11 -21.35 -34.26
N ALA I 30 -44.61 -20.17 -34.64
CA ALA I 30 -44.19 -19.16 -33.66
C ALA I 30 -45.32 -18.22 -33.26
N VAL I 31 -46.41 -18.18 -34.04
CA VAL I 31 -47.53 -17.29 -33.74
C VAL I 31 -48.57 -17.98 -32.88
N TRP I 32 -48.77 -19.29 -33.07
CA TRP I 32 -49.76 -20.01 -32.27
C TRP I 32 -49.49 -19.97 -30.77
N PRO I 33 -48.26 -20.15 -30.28
CA PRO I 33 -48.03 -19.93 -28.84
C PRO I 33 -48.39 -18.53 -28.37
N LEU I 34 -48.23 -17.52 -29.22
CA LEU I 34 -48.53 -16.15 -28.84
C LEU I 34 -50.03 -15.90 -28.72
N ILE I 35 -50.86 -16.74 -29.35
CA ILE I 35 -52.31 -16.58 -29.28
C ILE I 35 -52.89 -17.35 -28.10
N ASN I 36 -52.47 -18.61 -27.92
CA ASN I 36 -53.05 -19.46 -26.89
C ASN I 36 -52.75 -18.94 -25.48
N GLN I 37 -51.73 -18.11 -25.31
CA GLN I 37 -51.40 -17.57 -23.98
C GLN I 37 -52.55 -16.74 -23.41
N MET I 38 -53.29 -16.03 -24.26
CA MET I 38 -54.38 -15.19 -23.78
C MET I 38 -55.59 -16.00 -23.30
N ASN I 39 -55.64 -17.29 -23.58
CA ASN I 39 -56.76 -18.11 -23.13
C ASN I 39 -56.70 -18.28 -21.61
N PRO I 40 -57.81 -18.70 -20.98
CA PRO I 40 -57.80 -18.82 -19.52
C PRO I 40 -56.78 -19.84 -19.03
N SER I 41 -56.20 -19.55 -17.87
CA SER I 41 -55.18 -20.39 -17.28
C SER I 41 -55.83 -21.49 -16.44
N ALA I 42 -54.97 -22.31 -15.80
CA ALA I 42 -55.48 -23.45 -15.05
C ALA I 42 -56.22 -23.02 -13.78
N ASP I 43 -55.88 -21.86 -13.23
CA ASP I 43 -56.50 -21.42 -11.98
C ASP I 43 -57.99 -21.12 -12.16
N VAL I 44 -58.40 -20.68 -13.35
CA VAL I 44 -59.80 -20.32 -13.58
C VAL I 44 -60.64 -21.53 -14.01
N GLN I 45 -60.06 -22.47 -14.76
CA GLN I 45 -60.81 -23.64 -15.21
C GLN I 45 -61.38 -24.46 -14.05
N ALA I 46 -60.73 -24.44 -12.89
CA ALA I 46 -61.03 -25.35 -11.79
C ALA I 46 -61.92 -24.71 -10.71
N LEU I 47 -62.76 -23.74 -11.09
CA LEU I 47 -63.73 -23.20 -10.15
C LEU I 47 -64.83 -24.21 -9.88
N ALA I 48 -65.56 -24.01 -8.77
CA ALA I 48 -66.51 -24.99 -8.27
C ALA I 48 -67.74 -24.29 -7.73
N SER I 49 -68.66 -25.08 -7.15
CA SER I 49 -69.96 -24.64 -6.70
C SER I 49 -69.88 -23.83 -5.40
N ILE I 50 -70.98 -23.14 -5.09
CA ILE I 50 -71.15 -22.39 -3.86
C ILE I 50 -72.53 -22.68 -3.28
N PHE I 51 -72.72 -22.25 -2.03
CA PHE I 51 -73.99 -22.41 -1.30
C PHE I 51 -74.44 -21.05 -0.79
N VAL I 52 -75.70 -20.71 -1.04
CA VAL I 52 -76.28 -19.41 -0.66
C VAL I 52 -77.37 -19.64 0.36
N ASP I 53 -77.36 -18.83 1.42
CA ASP I 53 -78.33 -18.90 2.51
C ASP I 53 -79.40 -17.84 2.28
N VAL I 54 -80.59 -18.28 1.82
CA VAL I 54 -81.68 -17.39 1.46
C VAL I 54 -82.69 -17.31 2.61
N SER I 55 -82.22 -17.54 3.84
CA SER I 55 -83.12 -17.63 4.99
C SER I 55 -83.86 -16.32 5.25
N SER I 56 -83.26 -15.17 4.94
CA SER I 56 -83.77 -13.86 5.30
C SER I 56 -84.16 -13.02 4.08
N VAL I 57 -84.57 -13.67 3.00
CA VAL I 57 -85.01 -12.99 1.79
C VAL I 57 -86.53 -12.95 1.81
N GLU I 58 -87.09 -11.79 2.16
CA GLU I 58 -88.53 -11.62 2.13
C GLU I 58 -89.01 -11.46 0.69
N PRO I 59 -90.32 -11.59 0.43
CA PRO I 59 -90.82 -11.36 -0.93
C PRO I 59 -90.55 -9.94 -1.40
N GLY I 60 -90.13 -9.81 -2.65
CA GLY I 60 -89.81 -8.53 -3.24
C GLY I 60 -88.34 -8.13 -3.13
N VAL I 61 -87.57 -8.81 -2.28
CA VAL I 61 -86.16 -8.48 -2.04
C VAL I 61 -85.30 -9.39 -2.90
N GLN I 62 -84.34 -8.80 -3.60
CA GLN I 62 -83.39 -9.52 -4.43
C GLN I 62 -82.07 -9.66 -3.70
N LEU I 63 -81.43 -10.83 -3.86
CA LEU I 63 -80.17 -11.17 -3.21
C LEU I 63 -79.16 -11.52 -4.30
N THR I 64 -78.14 -10.69 -4.46
CA THR I 64 -77.15 -10.85 -5.52
C THR I 64 -75.89 -11.52 -4.98
N VAL I 65 -75.43 -12.58 -5.65
CA VAL I 65 -74.28 -13.36 -5.22
C VAL I 65 -73.40 -13.61 -6.44
N LYS I 66 -72.09 -13.52 -6.24
CA LYS I 66 -71.12 -13.73 -7.32
C LYS I 66 -70.83 -15.21 -7.52
N PHE I 67 -70.74 -15.61 -8.79
CA PHE I 67 -70.42 -17.00 -9.13
C PHE I 67 -69.80 -17.01 -10.52
N LEU I 68 -68.58 -17.54 -10.63
CA LEU I 68 -67.82 -17.56 -11.88
C LEU I 68 -67.64 -16.15 -12.45
N GLY I 69 -67.38 -15.18 -11.58
CA GLY I 69 -67.06 -13.84 -11.99
C GLY I 69 -68.24 -12.94 -12.26
N LYS I 70 -69.44 -13.50 -12.45
CA LYS I 70 -70.64 -12.76 -12.83
C LYS I 70 -71.65 -12.75 -11.69
N PRO I 71 -72.65 -11.86 -11.73
CA PRO I 71 -73.68 -11.87 -10.67
C PRO I 71 -74.80 -12.85 -10.96
N ILE I 72 -75.30 -13.47 -9.89
CA ILE I 72 -76.49 -14.31 -9.92
C ILE I 72 -77.57 -13.61 -9.12
N PHE I 73 -78.77 -13.53 -9.69
CA PHE I 73 -79.92 -12.92 -9.04
C PHE I 73 -80.71 -13.97 -8.29
N ILE I 74 -81.13 -13.63 -7.06
CA ILE I 74 -81.99 -14.48 -6.26
C ILE I 74 -83.08 -13.58 -5.71
N ARG I 75 -84.24 -13.58 -6.37
CA ARG I 75 -85.40 -12.77 -5.99
C ARG I 75 -86.52 -13.68 -5.52
N ARG I 76 -87.03 -13.39 -4.32
CA ARG I 76 -88.28 -14.00 -3.85
C ARG I 76 -89.42 -13.14 -4.41
N ARG I 77 -90.12 -13.66 -5.41
CA ARG I 77 -91.09 -12.86 -6.14
C ARG I 77 -92.35 -12.65 -5.33
N THR I 78 -93.03 -11.53 -5.59
CA THR I 78 -94.23 -11.15 -4.88
C THR I 78 -95.46 -11.76 -5.55
N GLU I 79 -96.63 -11.53 -4.94
CA GLU I 79 -97.89 -12.03 -5.48
C GLU I 79 -98.12 -11.60 -6.92
N ALA I 80 -97.87 -10.34 -7.24
CA ALA I 80 -98.17 -9.83 -8.58
C ALA I 80 -97.20 -10.38 -9.62
N ASP I 81 -95.92 -10.49 -9.24
CA ASP I 81 -94.90 -10.94 -10.18
C ASP I 81 -95.18 -12.33 -10.73
N ILE I 82 -95.74 -13.23 -9.90
CA ILE I 82 -95.88 -14.62 -10.31
C ILE I 82 -96.95 -14.77 -11.40
N GLU I 83 -98.11 -14.16 -11.20
CA GLU I 83 -99.17 -14.29 -12.19
C GLU I 83 -98.82 -13.55 -13.48
N LEU I 84 -98.23 -12.36 -13.34
CA LEU I 84 -97.76 -11.59 -14.51
C LEU I 84 -96.90 -12.45 -15.42
N GLY I 85 -96.03 -13.28 -14.84
CA GLY I 85 -95.29 -14.23 -15.64
C GLY I 85 -96.20 -15.22 -16.32
N ARG I 86 -97.15 -15.80 -15.57
CA ARG I 86 -98.07 -16.77 -16.15
C ARG I 86 -99.08 -16.13 -17.08
N SER I 87 -99.20 -14.81 -17.08
CA SER I 87 -100.12 -14.13 -17.99
C SER I 87 -99.54 -14.05 -19.40
N VAL I 88 -98.23 -14.05 -19.53
CA VAL I 88 -97.58 -13.93 -20.83
C VAL I 88 -97.69 -15.25 -21.57
N GLN I 89 -98.06 -15.18 -22.84
CA GLN I 89 -98.18 -16.36 -23.69
C GLN I 89 -96.90 -16.59 -24.48
N LEU I 90 -96.71 -17.85 -24.90
CA LEU I 90 -95.48 -18.22 -25.60
C LEU I 90 -95.30 -17.45 -26.90
N GLY I 91 -96.41 -17.03 -27.53
CA GLY I 91 -96.30 -16.23 -28.73
C GLY I 91 -95.90 -14.80 -28.46
N GLN I 92 -96.24 -14.29 -27.28
CA GLN I 92 -95.91 -12.93 -26.88
C GLN I 92 -94.43 -12.74 -26.56
N LEU I 93 -93.66 -13.81 -26.37
CA LEU I 93 -92.26 -13.72 -25.98
C LEU I 93 -91.37 -13.62 -27.21
N VAL I 94 -90.33 -12.80 -27.10
CA VAL I 94 -89.36 -12.69 -28.19
C VAL I 94 -88.62 -14.01 -28.37
N ASP I 95 -88.28 -14.67 -27.26
CA ASP I 95 -87.54 -15.93 -27.25
C ASP I 95 -88.37 -16.97 -26.51
N THR I 96 -88.66 -18.09 -27.17
CA THR I 96 -89.47 -19.15 -26.60
C THR I 96 -88.64 -20.21 -25.88
N ASN I 97 -87.33 -20.02 -25.78
CA ASN I 97 -86.45 -20.93 -25.05
C ASN I 97 -86.24 -20.40 -23.65
N ALA I 98 -86.29 -21.30 -22.67
CA ALA I 98 -86.11 -20.90 -21.28
C ALA I 98 -84.65 -20.57 -20.96
N ARG I 99 -83.70 -21.10 -21.74
CA ARG I 99 -82.27 -20.88 -21.52
C ARG I 99 -81.88 -21.28 -20.10
N ASN I 100 -82.20 -22.53 -19.77
CA ASN I 100 -82.03 -23.07 -18.42
C ASN I 100 -81.19 -24.34 -18.50
N ALA I 101 -80.15 -24.39 -17.68
CA ALA I 101 -79.24 -25.54 -17.67
C ALA I 101 -79.84 -26.75 -16.96
N ASN I 102 -80.82 -26.55 -16.08
CA ASN I 102 -81.42 -27.68 -15.37
C ASN I 102 -82.34 -28.47 -16.27
N ILE I 103 -83.43 -27.86 -16.73
CA ILE I 103 -84.34 -28.50 -17.67
C ILE I 103 -83.69 -28.49 -19.05
N ASP I 104 -84.28 -29.22 -19.99
CA ASP I 104 -83.68 -29.39 -21.31
C ASP I 104 -83.65 -28.05 -22.06
N ALA I 105 -82.75 -27.97 -23.04
CA ALA I 105 -82.58 -26.73 -23.79
C ALA I 105 -83.81 -26.39 -24.61
N GLY I 106 -84.59 -27.39 -25.01
CA GLY I 106 -85.79 -27.19 -25.80
C GLY I 106 -87.03 -26.78 -25.03
N ALA I 107 -86.95 -26.73 -23.70
CA ALA I 107 -88.09 -26.39 -22.87
C ALA I 107 -88.63 -25.01 -23.22
N GLU I 108 -89.94 -24.85 -23.03
CA GLU I 108 -90.61 -23.60 -23.36
C GLU I 108 -90.42 -22.59 -22.25
N ALA I 109 -90.52 -21.30 -22.61
CA ALA I 109 -90.25 -20.21 -21.68
C ALA I 109 -91.48 -19.82 -20.88
N THR I 110 -92.16 -20.81 -20.30
CA THR I 110 -93.26 -20.53 -19.39
C THR I 110 -92.73 -20.10 -18.04
N ASP I 111 -93.57 -19.37 -17.29
CA ASP I 111 -93.16 -18.88 -15.98
C ASP I 111 -92.86 -20.02 -15.02
N GLN I 112 -93.53 -21.16 -15.16
CA GLN I 112 -93.22 -22.30 -14.30
C GLN I 112 -91.89 -22.94 -14.66
N ASN I 113 -91.35 -22.65 -15.85
CA ASN I 113 -90.06 -23.17 -16.29
C ASN I 113 -88.92 -22.20 -16.07
N ARG I 114 -89.17 -21.01 -15.50
CA ARG I 114 -88.15 -20.03 -15.18
C ARG I 114 -87.83 -19.96 -13.69
N THR I 115 -88.60 -20.62 -12.85
CA THR I 115 -88.43 -20.64 -11.40
C THR I 115 -88.13 -22.07 -10.96
N LEU I 116 -87.75 -22.21 -9.69
CA LEU I 116 -87.39 -23.52 -9.17
C LEU I 116 -88.61 -24.31 -8.67
N ASP I 117 -89.57 -23.61 -8.07
CA ASP I 117 -90.78 -24.22 -7.54
C ASP I 117 -91.97 -23.93 -8.45
N GLU I 118 -92.96 -24.83 -8.41
CA GLU I 118 -94.15 -24.64 -9.23
C GLU I 118 -94.94 -23.40 -8.80
N ALA I 119 -94.83 -23.02 -7.52
CA ALA I 119 -95.44 -21.78 -7.06
C ALA I 119 -94.77 -20.54 -7.63
N GLY I 120 -93.58 -20.68 -8.21
CA GLY I 120 -92.88 -19.56 -8.81
C GLY I 120 -92.46 -18.47 -7.86
N GLU I 121 -92.14 -18.82 -6.62
CA GLU I 121 -91.82 -17.80 -5.62
C GLU I 121 -90.35 -17.42 -5.66
N TRP I 122 -89.46 -18.39 -5.91
CA TRP I 122 -88.03 -18.16 -5.95
C TRP I 122 -87.56 -18.17 -7.40
N LEU I 123 -87.03 -17.03 -7.86
CA LEU I 123 -86.52 -16.87 -9.21
C LEU I 123 -85.00 -16.73 -9.12
N VAL I 124 -84.28 -17.70 -9.66
CA VAL I 124 -82.82 -17.74 -9.64
C VAL I 124 -82.33 -17.74 -11.08
N MET I 125 -81.51 -16.75 -11.43
CA MET I 125 -81.03 -16.60 -12.80
C MET I 125 -79.73 -15.83 -12.79
N TRP I 126 -78.95 -16.03 -13.85
CA TRP I 126 -77.73 -15.26 -14.06
C TRP I 126 -78.06 -13.77 -14.17
N GLY I 127 -77.34 -12.95 -13.41
CA GLY I 127 -77.44 -11.51 -13.55
C GLY I 127 -76.57 -10.99 -14.68
N VAL I 128 -76.72 -11.57 -15.87
CA VAL I 128 -75.87 -11.30 -17.03
C VAL I 128 -76.82 -11.03 -18.18
N CYS I 129 -76.97 -9.75 -18.56
CA CYS I 129 -77.78 -9.39 -19.70
C CYS I 129 -77.25 -10.11 -20.95
N THR I 130 -78.16 -10.75 -21.69
CA THR I 130 -77.73 -11.53 -22.84
C THR I 130 -77.31 -10.66 -24.01
N HIS I 131 -77.47 -9.34 -23.94
CA HIS I 131 -76.96 -8.49 -25.00
C HIS I 131 -75.44 -8.48 -24.92
N LEU I 132 -74.87 -7.85 -23.87
CA LEU I 132 -73.41 -7.76 -23.77
C LEU I 132 -72.90 -7.88 -22.32
N GLY I 133 -73.73 -8.33 -21.38
CA GLY I 133 -73.25 -8.73 -20.07
C GLY I 133 -73.32 -7.70 -18.97
N CYS I 134 -74.15 -6.67 -19.09
CA CYS I 134 -74.36 -5.74 -17.99
C CYS I 134 -75.33 -6.35 -16.98
N VAL I 135 -75.50 -5.66 -15.85
CA VAL I 135 -76.38 -6.11 -14.77
C VAL I 135 -77.67 -5.30 -14.89
N PRO I 136 -78.81 -5.91 -15.22
CA PRO I 136 -80.07 -5.15 -15.20
C PRO I 136 -80.42 -4.67 -13.80
N ILE I 137 -81.06 -3.50 -13.74
CA ILE I 137 -81.52 -2.96 -12.48
C ILE I 137 -82.67 -3.81 -11.97
N GLY I 138 -82.64 -4.13 -10.68
CA GLY I 138 -83.57 -5.05 -10.09
C GLY I 138 -84.84 -4.40 -9.59
N GLY I 139 -85.49 -5.07 -8.64
CA GLY I 139 -86.79 -4.60 -8.19
C GLY I 139 -87.83 -4.75 -9.28
N VAL I 140 -88.67 -3.74 -9.42
CA VAL I 140 -89.75 -3.71 -10.42
C VAL I 140 -89.48 -2.50 -11.30
N SER I 141 -88.78 -2.72 -12.41
CA SER I 141 -88.39 -1.65 -13.32
C SER I 141 -88.65 -2.07 -14.77
N GLY I 142 -88.71 -1.08 -15.65
CA GLY I 142 -88.98 -1.30 -17.05
C GLY I 142 -90.46 -1.17 -17.38
N ASP I 143 -90.78 -1.62 -18.59
CA ASP I 143 -92.13 -1.56 -19.13
C ASP I 143 -92.92 -2.85 -18.94
N PHE I 144 -92.33 -3.86 -18.26
CA PHE I 144 -92.98 -5.15 -18.05
C PHE I 144 -92.92 -5.58 -16.59
N GLY I 145 -92.73 -4.63 -15.66
CA GLY I 145 -92.69 -4.95 -14.24
C GLY I 145 -91.58 -5.90 -13.86
N GLY I 146 -90.43 -5.82 -14.53
CA GLY I 146 -89.31 -6.72 -14.30
C GLY I 146 -87.98 -6.03 -14.11
N TRP I 147 -87.05 -6.33 -15.01
CA TRP I 147 -85.67 -5.86 -14.94
C TRP I 147 -85.39 -4.96 -16.16
N PHE I 148 -84.62 -3.90 -15.93
CA PHE I 148 -84.27 -2.93 -16.96
C PHE I 148 -82.76 -2.83 -17.06
N CYS I 149 -82.24 -2.95 -18.30
CA CYS I 149 -80.81 -2.88 -18.54
C CYS I 149 -80.43 -1.45 -18.89
N PRO I 150 -79.53 -0.78 -18.15
CA PRO I 150 -79.23 0.62 -18.49
C PRO I 150 -78.17 0.79 -19.56
N CYS I 151 -77.53 -0.29 -20.00
CA CYS I 151 -76.45 -0.15 -20.98
C CYS I 151 -76.99 0.22 -22.36
N HIS I 152 -78.05 -0.47 -22.81
CA HIS I 152 -78.61 -0.24 -24.15
C HIS I 152 -80.13 -0.25 -24.20
N GLY I 153 -80.82 -0.51 -23.09
CA GLY I 153 -82.26 -0.35 -23.05
C GLY I 153 -83.04 -1.61 -23.32
N SER I 154 -82.72 -2.69 -22.60
CA SER I 154 -83.44 -3.95 -22.69
C SER I 154 -84.38 -4.09 -21.51
N HIS I 155 -85.62 -4.47 -21.79
CA HIS I 155 -86.67 -4.62 -20.79
C HIS I 155 -87.02 -6.09 -20.64
N TYR I 156 -87.08 -6.56 -19.39
CA TYR I 156 -87.47 -7.92 -19.05
C TYR I 156 -88.73 -7.89 -18.19
N ASP I 157 -89.42 -9.03 -18.16
CA ASP I 157 -90.65 -9.16 -17.38
C ASP I 157 -90.32 -9.69 -15.98
N SER I 158 -91.36 -9.92 -15.19
CA SER I 158 -91.17 -10.34 -13.80
C SER I 158 -90.65 -11.78 -13.67
N ALA I 159 -90.63 -12.54 -14.77
CA ALA I 159 -90.10 -13.90 -14.78
C ALA I 159 -88.67 -13.98 -15.32
N GLY I 160 -88.08 -12.85 -15.74
CA GLY I 160 -86.73 -12.87 -16.25
C GLY I 160 -86.61 -13.24 -17.71
N ARG I 161 -87.65 -12.97 -18.51
CA ARG I 161 -87.66 -13.25 -19.94
C ARG I 161 -87.58 -11.95 -20.71
N ILE I 162 -86.89 -11.99 -21.86
CA ILE I 162 -86.71 -10.78 -22.66
C ILE I 162 -88.00 -10.45 -23.39
N ARG I 163 -88.34 -9.16 -23.41
CA ARG I 163 -89.58 -8.67 -24.00
C ARG I 163 -89.32 -7.56 -25.01
N LYS I 164 -88.24 -6.79 -24.80
CA LYS I 164 -87.97 -5.63 -25.63
C LYS I 164 -86.51 -5.24 -25.48
N GLY I 165 -85.84 -4.98 -26.62
CA GLY I 165 -84.48 -4.51 -26.64
C GLY I 165 -83.56 -5.33 -27.51
N PRO I 166 -82.28 -4.93 -27.61
CA PRO I 166 -81.34 -5.65 -28.47
C PRO I 166 -81.06 -7.08 -28.03
N ALA I 167 -81.33 -7.43 -26.76
CA ALA I 167 -80.94 -8.73 -26.24
C ALA I 167 -81.67 -9.85 -26.98
N PRO I 168 -80.98 -10.86 -27.52
CA PRO I 168 -81.72 -11.91 -28.24
C PRO I 168 -82.48 -12.87 -27.34
N GLU I 169 -81.85 -13.32 -26.26
CA GLU I 169 -82.36 -14.42 -25.45
C GLU I 169 -82.74 -13.95 -24.06
N ASN I 170 -83.43 -14.82 -23.34
CA ASN I 170 -83.72 -14.59 -21.93
C ASN I 170 -82.44 -14.71 -21.10
N LEU I 171 -82.50 -14.19 -19.89
CA LEU I 171 -81.35 -14.30 -18.99
C LEU I 171 -81.12 -15.78 -18.67
N PRO I 172 -79.89 -16.31 -18.82
CA PRO I 172 -79.71 -17.74 -18.55
C PRO I 172 -79.90 -18.05 -17.07
N ILE I 173 -80.32 -19.28 -16.80
CA ILE I 173 -80.58 -19.76 -15.45
C ILE I 173 -79.46 -20.75 -15.08
N PRO I 174 -78.71 -20.55 -13.99
CA PRO I 174 -77.64 -21.50 -13.67
C PRO I 174 -78.19 -22.82 -13.15
N LEU I 175 -77.30 -23.79 -13.05
CA LEU I 175 -77.61 -25.04 -12.36
C LEU I 175 -77.83 -24.75 -10.89
N ALA I 176 -79.09 -24.74 -10.46
CA ALA I 176 -79.47 -24.39 -9.09
C ALA I 176 -80.49 -25.38 -8.58
N LYS I 177 -80.44 -25.64 -7.27
CA LYS I 177 -81.35 -26.56 -6.62
C LYS I 177 -81.27 -26.32 -5.12
N PHE I 178 -82.39 -26.56 -4.44
CA PHE I 178 -82.42 -26.46 -2.98
C PHE I 178 -81.87 -27.74 -2.38
N ILE I 179 -80.78 -27.61 -1.62
CA ILE I 179 -80.18 -28.75 -0.95
C ILE I 179 -80.86 -29.00 0.40
N ASP I 180 -81.41 -27.95 1.02
CA ASP I 180 -82.24 -28.10 2.21
C ASP I 180 -83.28 -26.99 2.17
N GLU I 181 -84.06 -26.89 3.25
CA GLU I 181 -85.23 -25.99 3.27
C GLU I 181 -84.86 -24.53 3.06
N THR I 182 -83.66 -24.11 3.51
CA THR I 182 -83.31 -22.70 3.59
C THR I 182 -81.97 -22.38 2.92
N THR I 183 -81.48 -23.25 2.03
CA THR I 183 -80.19 -23.06 1.38
C THR I 183 -80.29 -23.48 -0.09
N ILE I 184 -79.74 -22.65 -0.97
CA ILE I 184 -79.68 -22.93 -2.40
C ILE I 184 -78.24 -23.25 -2.74
N GLN I 185 -78.05 -24.22 -3.65
CA GLN I 185 -76.74 -24.65 -4.13
C GLN I 185 -76.62 -24.19 -5.58
N LEU I 186 -75.79 -23.18 -5.82
CA LEU I 186 -75.55 -22.67 -7.17
C LEU I 186 -74.40 -23.43 -7.81
N GLY I 187 -74.63 -23.91 -9.03
CA GLY I 187 -73.63 -24.67 -9.76
C GLY I 187 -73.52 -26.10 -9.24
N GLY J 3 -43.90 14.11 -57.64
CA GLY J 3 -42.81 15.03 -57.34
C GLY J 3 -43.09 16.43 -57.84
N ILE J 4 -43.06 17.39 -56.92
CA ILE J 4 -43.36 18.79 -57.23
C ILE J 4 -42.03 19.50 -57.55
N PRO J 5 -41.97 20.43 -58.52
CA PRO J 5 -40.71 21.15 -58.74
C PRO J 5 -40.33 22.05 -57.56
N HIS J 6 -39.40 21.56 -56.73
CA HIS J 6 -38.69 22.33 -55.72
C HIS J 6 -37.24 22.50 -56.21
N ASP J 7 -36.30 22.67 -55.30
CA ASP J 7 -34.89 22.74 -55.63
C ASP J 7 -34.08 21.99 -54.60
N HIS J 8 -33.00 21.35 -55.06
CA HIS J 8 -32.20 20.45 -54.25
C HIS J 8 -31.67 21.17 -53.00
N TYR J 9 -31.15 20.37 -52.08
CA TYR J 9 -30.46 20.87 -50.91
C TYR J 9 -28.98 20.94 -51.25
N GLU J 10 -28.33 22.03 -50.89
CA GLU J 10 -26.92 22.24 -51.21
C GLU J 10 -26.13 22.33 -49.91
N PRO J 11 -25.19 21.42 -49.62
CA PRO J 11 -24.39 21.53 -48.37
C PRO J 11 -23.66 22.85 -48.28
N ARG J 12 -23.90 23.55 -47.17
CA ARG J 12 -23.37 24.91 -47.00
C ARG J 12 -22.06 24.87 -46.22
N THR J 13 -22.14 24.61 -44.92
CA THR J 13 -20.97 24.61 -44.06
C THR J 13 -20.07 23.41 -44.35
N GLY J 14 -19.01 23.28 -43.56
CA GLY J 14 -18.11 22.14 -43.67
C GLY J 14 -18.73 20.86 -43.13
N ILE J 15 -19.30 20.95 -41.93
CA ILE J 15 -20.00 19.81 -41.31
C ILE J 15 -21.09 19.28 -42.23
N GLU J 16 -21.86 20.18 -42.84
CA GLU J 16 -22.96 19.75 -43.71
C GLU J 16 -22.47 18.93 -44.89
N LYS J 17 -21.27 19.25 -45.40
CA LYS J 17 -20.71 18.44 -46.49
C LYS J 17 -20.24 17.09 -45.99
N TRP J 18 -19.59 17.07 -44.82
CA TRP J 18 -19.13 15.81 -44.21
C TRP J 18 -20.30 14.85 -43.98
N LEU J 19 -21.44 15.36 -43.56
CA LEU J 19 -22.59 14.52 -43.19
C LEU J 19 -23.31 13.95 -44.41
N HIS J 20 -23.46 14.75 -45.47
CA HIS J 20 -24.29 14.36 -46.61
C HIS J 20 -23.72 13.18 -47.38
N SER J 21 -22.41 12.94 -47.32
CA SER J 21 -21.79 11.85 -48.05
C SER J 21 -21.88 10.50 -47.32
N ARG J 22 -22.56 10.45 -46.17
CA ARG J 22 -22.65 9.26 -45.33
C ARG J 22 -24.11 8.90 -45.06
N LEU J 23 -24.85 9.86 -44.52
CA LEU J 23 -26.29 9.75 -44.31
C LEU J 23 -26.92 11.08 -44.72
N PRO J 24 -27.70 11.16 -45.87
CA PRO J 24 -28.28 12.44 -46.31
C PRO J 24 -29.55 12.81 -45.56
N ILE J 25 -29.48 12.84 -44.23
CA ILE J 25 -30.64 13.21 -43.43
C ILE J 25 -30.89 14.71 -43.54
N VAL J 26 -29.83 15.50 -43.68
CA VAL J 26 -30.02 16.95 -43.83
C VAL J 26 -30.67 17.27 -45.17
N ALA J 27 -30.43 16.45 -46.20
CA ALA J 27 -31.07 16.66 -47.49
C ALA J 27 -32.54 16.28 -47.40
N LEU J 28 -32.83 15.07 -46.89
CA LEU J 28 -34.20 14.64 -46.69
C LEU J 28 -34.97 15.61 -45.81
N ALA J 29 -34.31 16.17 -44.80
CA ALA J 29 -34.96 17.15 -43.93
C ALA J 29 -35.26 18.44 -44.67
N TYR J 30 -34.32 18.90 -45.49
CA TYR J 30 -34.54 20.15 -46.21
C TYR J 30 -35.64 19.99 -47.25
N ASP J 31 -35.55 18.93 -48.07
CA ASP J 31 -36.58 18.68 -49.07
C ASP J 31 -37.95 18.53 -48.44
N THR J 32 -38.01 17.89 -47.26
CA THR J 32 -39.28 17.70 -46.57
C THR J 32 -39.84 19.03 -46.08
N ILE J 33 -39.07 19.75 -45.24
CA ILE J 33 -39.57 20.96 -44.61
C ILE J 33 -39.71 22.14 -45.56
N MET J 34 -39.23 22.02 -46.80
CA MET J 34 -39.27 23.10 -47.79
C MET J 34 -40.19 22.75 -48.96
N ILE J 35 -41.02 21.72 -48.82
CA ILE J 35 -41.91 21.27 -49.91
C ILE J 35 -42.80 22.43 -50.34
N PRO J 36 -43.11 22.62 -51.62
CA PRO J 36 -44.04 23.70 -51.99
C PRO J 36 -45.47 23.34 -51.62
N THR J 37 -46.10 24.22 -50.81
CA THR J 37 -47.45 24.07 -50.30
C THR J 37 -48.36 25.17 -50.87
N PRO J 38 -49.61 24.86 -51.26
CA PRO J 38 -50.54 25.92 -51.67
C PRO J 38 -50.63 27.07 -50.67
N ARG J 39 -50.69 28.29 -51.21
CA ARG J 39 -50.63 29.51 -50.40
C ARG J 39 -52.01 30.05 -50.02
N ASN J 40 -53.08 29.28 -50.26
CA ASN J 40 -54.45 29.71 -49.99
C ASN J 40 -55.08 28.97 -48.80
N LEU J 41 -54.30 28.18 -48.06
CA LEU J 41 -54.83 27.44 -46.93
C LEU J 41 -55.42 28.37 -45.88
N ASN J 42 -56.61 28.03 -45.40
CA ASN J 42 -57.30 28.77 -44.35
C ASN J 42 -57.12 28.03 -43.02
N TRP J 43 -57.78 28.51 -41.97
CA TRP J 43 -57.54 27.99 -40.62
C TRP J 43 -57.95 26.54 -40.44
N MET J 44 -58.68 25.94 -41.38
CA MET J 44 -59.07 24.53 -41.28
C MET J 44 -57.95 23.56 -41.61
N TRP J 45 -56.78 24.04 -42.03
CA TRP J 45 -55.63 23.22 -42.36
C TRP J 45 -54.61 23.18 -41.22
N ILE J 46 -55.02 23.57 -40.02
CA ILE J 46 -54.17 23.54 -38.84
C ILE J 46 -54.31 22.24 -38.04
N TRP J 47 -55.47 21.57 -38.17
CA TRP J 47 -55.78 20.46 -37.27
C TRP J 47 -54.84 19.26 -37.47
N GLY J 48 -54.15 19.19 -38.62
CA GLY J 48 -53.16 18.15 -38.80
C GLY J 48 -52.00 18.29 -37.83
N VAL J 49 -51.56 19.53 -37.58
CA VAL J 49 -50.44 19.78 -36.68
C VAL J 49 -50.89 19.56 -35.24
N VAL J 50 -52.11 20.00 -34.91
CA VAL J 50 -52.65 19.81 -33.56
C VAL J 50 -52.67 18.33 -33.21
N LEU J 51 -53.05 17.48 -34.17
CA LEU J 51 -53.04 16.04 -33.96
C LEU J 51 -51.63 15.53 -33.65
N ALA J 52 -50.63 16.03 -34.38
CA ALA J 52 -49.26 15.64 -34.13
C ALA J 52 -48.84 15.96 -32.69
N PHE J 53 -49.15 17.17 -32.23
CA PHE J 53 -48.79 17.55 -30.86
C PHE J 53 -49.48 16.64 -29.85
N CYS J 54 -50.80 16.48 -29.98
CA CYS J 54 -51.58 15.64 -29.08
C CYS J 54 -50.99 14.24 -28.95
N LEU J 55 -50.61 13.64 -30.08
CA LEU J 55 -50.08 12.29 -30.06
C LEU J 55 -48.79 12.24 -29.23
N VAL J 56 -47.95 13.27 -29.37
CA VAL J 56 -46.75 13.38 -28.55
C VAL J 56 -47.13 13.62 -27.10
N LEU J 57 -48.14 14.47 -26.86
CA LEU J 57 -48.55 14.80 -25.50
C LEU J 57 -49.02 13.56 -24.75
N GLN J 58 -49.94 12.81 -25.37
CA GLN J 58 -50.43 11.58 -24.75
C GLN J 58 -49.27 10.62 -24.47
N ILE J 59 -48.41 10.42 -25.47
CA ILE J 59 -47.29 9.50 -25.31
C ILE J 59 -46.37 9.96 -24.18
N VAL J 60 -46.05 11.25 -24.15
CA VAL J 60 -45.13 11.77 -23.14
C VAL J 60 -45.77 11.65 -21.75
N THR J 61 -46.98 12.19 -21.59
CA THR J 61 -47.67 12.08 -20.31
C THR J 61 -47.96 10.63 -19.96
N GLY J 62 -48.34 9.84 -20.97
CA GLY J 62 -48.59 8.42 -20.76
C GLY J 62 -47.43 7.69 -20.12
N ILE J 63 -46.24 7.81 -20.72
CA ILE J 63 -45.03 7.19 -20.18
C ILE J 63 -44.82 7.57 -18.72
N VAL J 64 -45.05 8.84 -18.39
CA VAL J 64 -44.91 9.28 -17.01
C VAL J 64 -45.91 8.56 -16.12
N LEU J 65 -47.19 8.56 -16.51
CA LEU J 65 -48.24 7.91 -15.72
C LEU J 65 -47.92 6.43 -15.48
N ALA J 66 -47.32 5.77 -16.47
CA ALA J 66 -46.95 4.37 -16.34
C ALA J 66 -45.88 4.13 -15.27
N MET J 67 -45.18 5.17 -14.82
CA MET J 67 -44.17 5.05 -13.78
C MET J 67 -44.77 4.97 -12.37
N HIS J 68 -46.10 5.07 -12.24
CA HIS J 68 -46.78 5.06 -10.95
C HIS J 68 -48.06 4.22 -10.95
N TYR J 69 -48.57 3.82 -12.12
CA TYR J 69 -49.75 2.98 -12.22
C TYR J 69 -49.37 1.52 -11.94
N THR J 70 -50.34 0.74 -11.46
CA THR J 70 -50.16 -0.68 -11.20
C THR J 70 -51.30 -1.43 -11.88
N PRO J 71 -51.05 -2.20 -12.97
CA PRO J 71 -52.14 -2.94 -13.61
C PRO J 71 -52.57 -4.15 -12.79
N HIS J 72 -53.36 -3.90 -11.75
CA HIS J 72 -53.94 -4.99 -10.97
C HIS J 72 -55.22 -4.47 -10.34
N VAL J 73 -56.29 -5.27 -10.44
CA VAL J 73 -57.62 -4.89 -9.97
C VAL J 73 -57.62 -4.41 -8.53
N ASP J 74 -56.77 -4.97 -7.69
CA ASP J 74 -56.74 -4.59 -6.28
C ASP J 74 -55.98 -3.29 -6.04
N LEU J 75 -55.17 -2.85 -7.00
CA LEU J 75 -54.27 -1.71 -6.83
C LEU J 75 -54.42 -0.63 -7.89
N ALA J 76 -55.04 -0.94 -9.04
CA ALA J 76 -55.16 0.01 -10.15
C ALA J 76 -55.82 1.31 -9.70
N PHE J 77 -57.12 1.24 -9.37
CA PHE J 77 -57.87 2.42 -8.92
C PHE J 77 -57.13 3.14 -7.80
N ALA J 78 -56.54 2.40 -6.88
CA ALA J 78 -55.80 3.01 -5.78
C ALA J 78 -54.54 3.71 -6.30
N SER J 79 -53.81 3.04 -7.20
CA SER J 79 -52.57 3.61 -7.73
C SER J 79 -52.82 4.93 -8.46
N VAL J 80 -54.03 5.16 -8.95
CA VAL J 80 -54.36 6.42 -9.61
C VAL J 80 -54.58 7.51 -8.56
N GLU J 81 -55.33 7.21 -7.50
CA GLU J 81 -55.53 8.20 -6.45
C GLU J 81 -54.22 8.49 -5.71
N HIS J 82 -53.28 7.55 -5.73
CA HIS J 82 -51.94 7.82 -5.22
C HIS J 82 -51.29 8.93 -6.03
N ILE J 83 -51.30 8.78 -7.36
CA ILE J 83 -50.77 9.80 -8.26
C ILE J 83 -51.44 11.15 -8.01
N MET J 84 -52.78 11.16 -7.97
CA MET J 84 -53.54 12.40 -7.78
C MET J 84 -53.15 13.16 -6.52
N ARG J 85 -52.80 12.45 -5.45
CA ARG J 85 -52.66 13.04 -4.13
C ARG J 85 -51.22 13.25 -3.70
N ASN J 86 -50.31 12.33 -4.06
CA ASN J 86 -48.96 12.27 -3.51
C ASN J 86 -47.88 12.52 -4.54
N VAL J 87 -47.96 11.92 -5.73
CA VAL J 87 -46.96 12.17 -6.76
C VAL J 87 -46.95 13.64 -7.14
N ASN J 88 -45.75 14.23 -7.15
CA ASN J 88 -45.59 15.64 -7.47
C ASN J 88 -46.15 15.95 -8.87
N GLY J 89 -47.10 16.89 -8.93
CA GLY J 89 -47.74 17.23 -10.18
C GLY J 89 -48.56 16.16 -10.83
N GLY J 90 -48.87 15.08 -10.10
CA GLY J 90 -49.60 13.96 -10.68
C GLY J 90 -51.02 14.30 -11.12
N PHE J 91 -51.64 15.29 -10.47
CA PHE J 91 -52.99 15.69 -10.86
C PHE J 91 -53.00 16.38 -12.23
N MET J 92 -52.03 17.25 -12.51
CA MET J 92 -52.01 17.92 -13.82
C MET J 92 -51.69 16.95 -14.95
N LEU J 93 -50.75 16.02 -14.72
CA LEU J 93 -50.33 15.12 -15.79
C LEU J 93 -51.45 14.16 -16.18
N ARG J 94 -52.21 13.66 -15.21
CA ARG J 94 -53.34 12.80 -15.56
C ARG J 94 -54.44 13.60 -16.26
N TYR J 95 -54.79 14.76 -15.71
CA TYR J 95 -55.82 15.59 -16.33
C TYR J 95 -55.42 16.00 -17.75
N LEU J 96 -54.11 16.19 -17.98
CA LEU J 96 -53.64 16.45 -19.34
C LEU J 96 -53.89 15.23 -20.24
N HIS J 97 -53.46 14.05 -19.79
CA HIS J 97 -53.60 12.85 -20.60
C HIS J 97 -55.07 12.54 -20.86
N ALA J 98 -55.94 12.87 -19.91
CA ALA J 98 -57.36 12.57 -20.03
C ALA J 98 -58.04 13.54 -21.00
N ASN J 99 -58.02 14.84 -20.68
CA ASN J 99 -58.56 15.83 -21.61
C ASN J 99 -57.77 15.88 -22.90
N GLY J 100 -56.47 15.56 -22.83
CA GLY J 100 -55.66 15.51 -24.05
C GLY J 100 -56.25 14.55 -25.06
N ALA J 101 -56.78 13.43 -24.60
CA ALA J 101 -57.46 12.51 -25.50
C ALA J 101 -58.70 13.17 -26.09
N SER J 102 -59.38 14.02 -25.31
CA SER J 102 -60.56 14.68 -25.83
C SER J 102 -60.17 15.72 -26.86
N LEU J 103 -59.08 16.45 -26.61
CA LEU J 103 -58.56 17.36 -27.63
C LEU J 103 -58.15 16.56 -28.86
N PHE J 104 -57.52 15.41 -28.64
CA PHE J 104 -57.04 14.56 -29.73
C PHE J 104 -58.17 14.04 -30.61
N PHE J 105 -59.43 14.11 -30.15
CA PHE J 105 -60.55 13.51 -30.86
C PHE J 105 -61.48 14.54 -31.49
N ILE J 106 -61.61 15.74 -30.92
CA ILE J 106 -62.25 16.80 -31.68
C ILE J 106 -61.37 17.16 -32.87
N ALA J 107 -60.06 17.00 -32.71
CA ALA J 107 -59.10 17.24 -33.79
C ALA J 107 -59.41 16.37 -35.00
N VAL J 108 -59.38 15.03 -34.83
CA VAL J 108 -59.57 14.12 -35.97
C VAL J 108 -60.91 14.39 -36.66
N TYR J 109 -61.95 14.67 -35.89
CA TYR J 109 -63.27 14.88 -36.48
C TYR J 109 -63.27 16.15 -37.34
N LEU J 110 -62.71 17.24 -36.81
CA LEU J 110 -62.54 18.43 -37.64
C LEU J 110 -61.59 18.15 -38.79
N HIS J 111 -60.54 17.35 -38.51
CA HIS J 111 -59.58 16.95 -39.53
C HIS J 111 -60.24 16.08 -40.59
N ILE J 112 -61.16 15.20 -40.18
CA ILE J 112 -61.82 14.29 -41.11
C ILE J 112 -62.87 15.04 -41.91
N PHE J 113 -63.73 15.81 -41.22
CA PHE J 113 -64.79 16.54 -41.91
C PHE J 113 -64.22 17.57 -42.87
N ARG J 114 -63.01 18.08 -42.60
CA ARG J 114 -62.31 18.90 -43.57
C ARG J 114 -62.10 18.13 -44.87
N GLY J 115 -61.61 16.88 -44.75
CA GLY J 115 -61.38 16.05 -45.92
C GLY J 115 -62.66 15.79 -46.70
N LEU J 116 -63.79 15.68 -46.00
CA LEU J 116 -65.05 15.36 -46.67
C LEU J 116 -65.55 16.55 -47.48
N TYR J 117 -65.36 17.76 -46.97
CA TYR J 117 -65.83 18.95 -47.68
C TYR J 117 -65.03 19.21 -48.95
N TYR J 118 -63.70 19.21 -48.83
CA TYR J 118 -62.82 19.61 -49.91
C TYR J 118 -62.40 18.44 -50.78
N GLY J 119 -62.99 17.26 -50.57
CA GLY J 119 -62.71 16.12 -51.42
C GLY J 119 -61.25 15.70 -51.37
N SER J 120 -60.66 15.70 -50.17
CA SER J 120 -59.29 15.24 -49.99
C SER J 120 -59.17 13.73 -50.02
N TYR J 121 -60.29 13.01 -50.20
CA TYR J 121 -60.33 11.56 -50.30
C TYR J 121 -60.36 11.10 -51.76
N LYS J 122 -60.81 11.97 -52.65
CA LYS J 122 -60.84 11.66 -54.08
C LYS J 122 -59.41 11.69 -54.63
N ALA J 123 -59.18 10.87 -55.66
CA ALA J 123 -57.87 10.60 -56.25
C ALA J 123 -57.08 11.88 -56.52
N PRO J 124 -55.73 11.88 -56.41
CA PRO J 124 -54.82 10.76 -56.12
C PRO J 124 -54.62 10.48 -54.62
N ARG J 125 -55.55 10.93 -53.78
CA ARG J 125 -55.35 10.93 -52.33
C ARG J 125 -56.04 9.74 -51.65
N GLU J 126 -56.15 8.62 -52.36
CA GLU J 126 -56.78 7.44 -51.76
C GLU J 126 -55.93 6.89 -50.62
N VAL J 127 -54.63 6.74 -50.87
CA VAL J 127 -53.74 6.13 -49.87
C VAL J 127 -53.69 6.98 -48.61
N THR J 128 -53.66 8.31 -48.76
CA THR J 128 -53.70 9.19 -47.60
C THR J 128 -54.97 8.95 -46.77
N TRP J 129 -56.09 8.71 -47.44
CA TRP J 129 -57.34 8.47 -46.74
C TRP J 129 -57.33 7.11 -46.04
N ILE J 130 -57.00 6.06 -46.78
CA ILE J 130 -57.01 4.70 -46.23
C ILE J 130 -56.04 4.58 -45.07
N VAL J 131 -54.85 5.19 -45.20
CA VAL J 131 -53.91 5.22 -44.09
C VAL J 131 -54.54 5.93 -42.91
N GLY J 132 -55.21 7.06 -43.18
CA GLY J 132 -55.91 7.77 -42.13
C GLY J 132 -56.95 6.94 -41.42
N MET J 133 -57.67 6.08 -42.16
CA MET J 133 -58.69 5.26 -41.53
C MET J 133 -58.09 4.26 -40.56
N LEU J 134 -56.97 3.62 -40.94
CA LEU J 134 -56.32 2.69 -40.01
C LEU J 134 -55.88 3.41 -38.76
N ILE J 135 -55.38 4.64 -38.90
CA ILE J 135 -54.97 5.45 -37.75
C ILE J 135 -56.16 5.69 -36.83
N TYR J 136 -57.30 6.04 -37.41
CA TYR J 136 -58.50 6.32 -36.63
C TYR J 136 -58.93 5.11 -35.81
N LEU J 137 -58.98 3.93 -36.44
CA LEU J 137 -59.32 2.71 -35.72
C LEU J 137 -58.37 2.47 -34.56
N ALA J 138 -57.07 2.63 -34.80
CA ALA J 138 -56.09 2.46 -33.74
C ALA J 138 -56.34 3.46 -32.62
N MET J 139 -56.58 4.72 -32.97
CA MET J 139 -56.86 5.75 -31.97
C MET J 139 -58.08 5.38 -31.15
N MET J 140 -59.18 5.02 -31.82
CA MET J 140 -60.40 4.63 -31.13
C MET J 140 -60.14 3.46 -30.20
N ALA J 141 -59.54 2.39 -30.73
CA ALA J 141 -59.19 1.22 -29.92
C ALA J 141 -58.28 1.61 -28.77
N THR J 142 -57.31 2.48 -29.05
CA THR J 142 -56.36 2.92 -28.03
C THR J 142 -57.07 3.65 -26.89
N ALA J 143 -57.86 4.67 -27.23
CA ALA J 143 -58.52 5.49 -26.21
C ALA J 143 -59.42 4.63 -25.32
N PHE J 144 -60.01 3.57 -25.89
CA PHE J 144 -60.86 2.68 -25.12
C PHE J 144 -60.08 1.99 -24.01
N MET J 145 -59.09 1.18 -24.39
CA MET J 145 -58.32 0.40 -23.43
C MET J 145 -57.66 1.28 -22.37
N GLY J 146 -57.35 2.53 -22.70
CA GLY J 146 -56.77 3.41 -21.70
C GLY J 146 -57.79 3.76 -20.64
N TYR J 147 -59.06 3.91 -21.05
CA TYR J 147 -60.12 4.24 -20.12
C TYR J 147 -60.44 3.07 -19.20
N VAL J 148 -60.11 1.84 -19.61
CA VAL J 148 -60.39 0.70 -18.75
C VAL J 148 -59.42 0.70 -17.56
N LEU J 149 -58.22 1.25 -17.75
CA LEU J 149 -57.14 1.07 -16.78
C LEU J 149 -57.45 1.59 -15.38
N PRO J 150 -58.04 2.79 -15.17
CA PRO J 150 -58.37 3.24 -13.81
C PRO J 150 -59.26 2.27 -13.04
N TRP J 151 -60.04 1.44 -13.73
CA TRP J 151 -60.84 0.39 -13.10
C TRP J 151 -61.91 0.97 -12.17
N GLY J 152 -62.58 2.01 -12.66
CA GLY J 152 -63.76 2.55 -12.03
C GLY J 152 -64.99 1.81 -12.54
N GLN J 153 -66.17 2.32 -12.16
CA GLN J 153 -67.41 1.67 -12.59
C GLN J 153 -67.54 1.72 -14.11
N MET J 154 -67.33 2.90 -14.69
CA MET J 154 -67.38 3.04 -16.14
C MET J 154 -66.33 2.18 -16.81
N SER J 155 -65.13 2.13 -16.22
CA SER J 155 -64.02 1.33 -16.77
C SER J 155 -64.39 -0.15 -16.87
N PHE J 156 -65.00 -0.69 -15.81
CA PHE J 156 -65.22 -2.13 -15.73
C PHE J 156 -66.29 -2.59 -16.71
N TRP J 157 -67.41 -1.86 -16.76
CA TRP J 157 -68.53 -2.30 -17.59
C TRP J 157 -68.31 -1.94 -19.05
N GLY J 158 -67.51 -0.90 -19.32
CA GLY J 158 -67.08 -0.65 -20.68
C GLY J 158 -66.33 -1.85 -21.24
N ALA J 159 -65.39 -2.40 -20.45
CA ALA J 159 -64.65 -3.57 -20.89
C ALA J 159 -65.59 -4.76 -21.09
N THR J 160 -66.62 -4.88 -20.24
CA THR J 160 -67.58 -5.97 -20.37
C THR J 160 -68.38 -5.85 -21.67
N VAL J 161 -68.71 -4.61 -22.05
CA VAL J 161 -69.48 -4.35 -23.26
C VAL J 161 -68.67 -4.65 -24.51
N ILE J 162 -67.49 -4.01 -24.66
CA ILE J 162 -66.71 -4.14 -25.90
C ILE J 162 -66.32 -5.59 -26.17
N THR J 163 -65.91 -6.33 -25.13
CA THR J 163 -65.62 -7.73 -25.37
C THR J 163 -66.90 -8.48 -25.77
N GLY J 164 -68.06 -7.97 -25.35
CA GLY J 164 -69.31 -8.57 -25.77
C GLY J 164 -69.57 -8.36 -27.25
N LEU J 165 -69.08 -7.25 -27.83
CA LEU J 165 -69.28 -7.01 -29.25
C LEU J 165 -68.61 -8.09 -30.07
N PHE J 166 -67.41 -8.50 -29.66
CA PHE J 166 -66.74 -9.57 -30.37
C PHE J 166 -67.45 -10.89 -30.09
N GLY J 167 -68.17 -10.98 -28.96
CA GLY J 167 -68.98 -12.11 -28.58
C GLY J 167 -70.23 -12.28 -29.43
N ALA J 168 -70.57 -11.27 -30.22
CA ALA J 168 -71.81 -11.24 -31.01
C ALA J 168 -71.65 -11.91 -32.37
N ILE J 169 -70.42 -12.27 -32.75
CA ILE J 169 -70.21 -12.95 -34.03
C ILE J 169 -70.90 -14.31 -33.97
N PRO J 170 -71.55 -14.79 -35.04
CA PRO J 170 -72.17 -16.11 -34.97
C PRO J 170 -71.17 -17.23 -34.77
N GLY J 171 -71.56 -18.21 -33.94
CA GLY J 171 -70.76 -19.39 -33.69
C GLY J 171 -69.49 -19.11 -32.90
N ILE J 172 -68.48 -18.53 -33.55
CA ILE J 172 -67.18 -18.34 -32.91
C ILE J 172 -67.16 -17.20 -31.91
N GLY J 173 -68.26 -16.42 -31.81
CA GLY J 173 -68.25 -15.24 -30.97
C GLY J 173 -67.94 -15.54 -29.52
N HIS J 174 -68.58 -16.57 -28.96
CA HIS J 174 -68.39 -16.91 -27.55
C HIS J 174 -66.94 -17.26 -27.28
N SER J 175 -66.32 -18.01 -28.19
CA SER J 175 -64.91 -18.38 -28.03
C SER J 175 -64.04 -17.13 -28.02
N ILE J 176 -64.21 -16.27 -29.05
CA ILE J 176 -63.46 -15.03 -29.17
C ILE J 176 -63.61 -14.19 -27.91
N GLN J 177 -64.83 -14.16 -27.33
CA GLN J 177 -65.07 -13.35 -26.14
C GLN J 177 -64.26 -13.89 -24.97
N THR J 178 -64.24 -15.21 -24.80
CA THR J 178 -63.43 -15.82 -23.75
C THR J 178 -61.96 -15.45 -23.94
N TRP J 179 -61.46 -15.64 -25.16
CA TRP J 179 -60.06 -15.32 -25.49
C TRP J 179 -59.73 -13.87 -25.18
N LEU J 180 -60.63 -12.94 -25.53
CA LEU J 180 -60.37 -11.52 -25.24
C LEU J 180 -60.34 -11.28 -23.73
N LEU J 181 -61.26 -11.90 -22.99
CA LEU J 181 -61.36 -11.69 -21.56
C LEU J 181 -60.34 -12.52 -20.79
N GLY J 182 -59.99 -13.70 -21.31
CA GLY J 182 -59.11 -14.60 -20.60
C GLY J 182 -59.81 -15.36 -19.49
N GLY J 183 -61.13 -15.51 -19.58
CA GLY J 183 -61.89 -16.19 -18.57
C GLY J 183 -63.38 -15.93 -18.71
N PRO J 184 -64.17 -16.39 -17.73
CA PRO J 184 -65.62 -16.19 -17.80
C PRO J 184 -66.05 -14.73 -17.89
N ALA J 185 -65.32 -13.81 -17.27
CA ALA J 185 -65.72 -12.42 -17.23
C ALA J 185 -64.49 -11.52 -17.19
N VAL J 186 -64.76 -10.21 -17.29
CA VAL J 186 -63.75 -9.17 -17.08
C VAL J 186 -63.15 -9.34 -15.69
N ASP J 187 -61.86 -9.62 -15.64
CA ASP J 187 -61.13 -9.80 -14.39
C ASP J 187 -59.71 -9.28 -14.57
N ASN J 188 -58.77 -9.75 -13.75
CA ASN J 188 -57.40 -9.22 -13.78
C ASN J 188 -56.71 -9.55 -15.10
N ALA J 189 -56.95 -10.75 -15.65
CA ALA J 189 -56.34 -11.10 -16.93
C ALA J 189 -56.69 -10.09 -18.02
N THR J 190 -57.88 -9.48 -17.94
CA THR J 190 -58.30 -8.51 -18.94
C THR J 190 -57.64 -7.16 -18.71
N LEU J 191 -57.62 -6.69 -17.46
CA LEU J 191 -56.96 -5.42 -17.16
C LEU J 191 -55.48 -5.47 -17.50
N ASN J 192 -54.83 -6.59 -17.20
CA ASN J 192 -53.38 -6.70 -17.39
C ASN J 192 -53.02 -6.63 -18.86
N ARG J 193 -53.85 -7.22 -19.73
CA ARG J 193 -53.55 -7.23 -21.16
C ARG J 193 -53.92 -5.90 -21.82
N PHE J 194 -55.06 -5.31 -21.40
CA PHE J 194 -55.47 -4.03 -21.96
C PHE J 194 -54.40 -2.96 -21.74
N PHE J 195 -53.67 -3.05 -20.61
CA PHE J 195 -52.62 -2.08 -20.34
C PHE J 195 -51.46 -2.26 -21.31
N SER J 196 -51.08 -3.52 -21.58
CA SER J 196 -50.00 -3.79 -22.52
C SER J 196 -50.36 -3.26 -23.90
N LEU J 197 -51.56 -3.56 -24.39
CA LEU J 197 -51.95 -3.10 -25.72
C LEU J 197 -52.11 -1.59 -25.77
N HIS J 198 -52.56 -0.96 -24.67
CA HIS J 198 -52.68 0.49 -24.66
C HIS J 198 -51.30 1.13 -24.80
N TYR J 199 -50.26 0.45 -24.31
CA TYR J 199 -48.89 0.93 -24.42
C TYR J 199 -48.37 0.72 -25.83
N LEU J 200 -48.70 -0.42 -26.44
CA LEU J 200 -48.19 -0.80 -27.75
C LEU J 200 -48.75 0.13 -28.83
N LEU J 201 -50.07 0.08 -29.06
CA LEU J 201 -50.77 0.72 -30.19
C LEU J 201 -50.31 2.15 -30.49
N PRO J 202 -50.09 3.03 -29.49
CA PRO J 202 -49.63 4.38 -29.82
C PRO J 202 -48.34 4.40 -30.64
N PHE J 203 -47.44 3.43 -30.40
CA PHE J 203 -46.27 3.30 -31.24
C PHE J 203 -46.66 2.83 -32.64
N VAL J 204 -47.62 1.91 -32.73
CA VAL J 204 -48.13 1.48 -34.02
C VAL J 204 -48.77 2.67 -34.75
N ILE J 205 -49.42 3.55 -33.99
CA ILE J 205 -50.02 4.74 -34.57
C ILE J 205 -48.93 5.64 -35.15
N ALA J 206 -47.87 5.87 -34.36
CA ALA J 206 -46.73 6.66 -34.80
C ALA J 206 -46.16 6.12 -36.11
N ALA J 207 -46.05 4.80 -36.23
CA ALA J 207 -45.59 4.19 -37.47
C ALA J 207 -46.53 4.53 -38.63
N LEU J 208 -47.84 4.45 -38.39
CA LEU J 208 -48.82 4.79 -39.42
C LEU J 208 -48.72 6.26 -39.80
N VAL J 209 -48.57 7.15 -38.80
CA VAL J 209 -48.47 8.58 -39.05
C VAL J 209 -47.30 8.90 -39.98
N ALA J 210 -46.23 8.11 -39.89
CA ALA J 210 -45.11 8.28 -40.82
C ALA J 210 -45.58 8.08 -42.26
N ILE J 211 -46.24 6.94 -42.51
CA ILE J 211 -46.81 6.69 -43.83
C ILE J 211 -47.82 7.78 -44.19
N HIS J 212 -48.60 8.23 -43.20
CA HIS J 212 -49.56 9.32 -43.43
C HIS J 212 -48.83 10.56 -43.93
N ILE J 213 -47.73 10.94 -43.26
CA ILE J 213 -47.00 12.12 -43.68
C ILE J 213 -46.35 11.90 -45.04
N TRP J 214 -45.69 10.75 -45.21
CA TRP J 214 -45.09 10.38 -46.49
C TRP J 214 -46.15 10.40 -47.60
N ALA J 215 -47.37 9.98 -47.29
CA ALA J 215 -48.41 9.86 -48.31
C ALA J 215 -48.80 11.22 -48.89
N PHE J 216 -49.08 12.20 -48.04
CA PHE J 216 -49.56 13.48 -48.56
C PHE J 216 -48.40 14.35 -49.06
N HIS J 217 -47.17 14.06 -48.63
CA HIS J 217 -46.02 14.73 -49.21
C HIS J 217 -45.76 14.25 -50.63
N SER J 218 -46.03 12.98 -50.91
CA SER J 218 -45.78 12.46 -52.25
C SER J 218 -46.70 13.10 -53.29
N THR J 219 -47.97 13.33 -52.93
CA THR J 219 -48.94 13.88 -53.87
C THR J 219 -49.07 15.40 -53.76
N GLY J 220 -48.99 15.93 -52.55
CA GLY J 220 -49.15 17.35 -52.30
C GLY J 220 -50.43 17.65 -51.54
N ASN J 221 -50.37 18.69 -50.71
CA ASN J 221 -51.51 19.10 -49.91
C ASN J 221 -52.64 19.60 -50.81
N ASN J 222 -53.86 19.11 -50.57
CA ASN J 222 -55.02 19.68 -51.23
C ASN J 222 -55.21 21.13 -50.74
N ASN J 223 -56.13 21.85 -51.37
CA ASN J 223 -56.37 23.25 -51.02
C ASN J 223 -57.82 23.57 -51.35
N PRO J 224 -58.32 24.71 -50.86
CA PRO J 224 -59.76 25.00 -51.05
C PRO J 224 -60.26 25.00 -52.49
N THR J 225 -59.41 25.37 -53.46
CA THR J 225 -59.87 25.43 -54.84
C THR J 225 -59.90 24.06 -55.53
N GLY J 226 -59.00 23.14 -55.15
CA GLY J 226 -58.93 21.87 -55.83
C GLY J 226 -58.04 21.85 -57.05
N VAL J 227 -57.51 22.99 -57.46
CA VAL J 227 -56.61 23.09 -58.61
C VAL J 227 -55.20 22.70 -58.18
N GLU J 228 -54.62 21.74 -58.89
CA GLU J 228 -53.29 21.25 -58.53
C GLU J 228 -52.25 22.32 -58.82
N VAL J 229 -51.13 22.23 -58.11
CA VAL J 229 -50.01 23.15 -58.34
C VAL J 229 -49.43 22.92 -59.73
N ARG J 230 -49.01 24.01 -60.36
CA ARG J 230 -48.37 23.92 -61.67
C ARG J 230 -46.97 23.36 -61.49
N ARG J 231 -46.63 22.33 -62.27
CA ARG J 231 -45.35 21.63 -62.14
C ARG J 231 -44.52 21.77 -63.42
N THR J 232 -44.87 22.73 -64.28
CA THR J 232 -44.17 22.90 -65.56
C THR J 232 -42.84 23.62 -65.39
N SER J 233 -42.66 24.38 -64.31
CA SER J 233 -41.42 25.09 -64.06
C SER J 233 -41.36 25.48 -62.60
N LYS J 234 -40.13 25.66 -62.11
CA LYS J 234 -39.92 26.05 -60.71
C LYS J 234 -40.56 27.40 -60.42
N ALA J 235 -40.62 28.30 -61.41
CA ALA J 235 -41.09 29.65 -61.16
C ALA J 235 -42.61 29.75 -61.21
N GLU J 236 -43.26 28.84 -61.94
CA GLU J 236 -44.73 28.84 -61.97
C GLU J 236 -45.26 28.28 -60.66
N ALA J 237 -44.62 27.23 -60.14
CA ALA J 237 -45.03 26.65 -58.87
C ALA J 237 -44.87 27.67 -57.75
N GLN J 238 -43.81 28.48 -57.82
CA GLN J 238 -43.55 29.49 -56.78
C GLN J 238 -44.65 30.54 -56.72
N LYS J 239 -45.41 30.73 -57.80
CA LYS J 239 -46.53 31.67 -57.77
C LYS J 239 -47.75 31.03 -57.12
N ASP J 240 -47.91 29.72 -57.28
CA ASP J 240 -49.02 28.96 -56.71
C ASP J 240 -48.75 28.49 -55.28
N THR J 241 -47.50 28.55 -54.81
CA THR J 241 -47.10 27.93 -53.56
C THR J 241 -46.08 28.78 -52.83
N VAL J 242 -45.98 28.53 -51.52
CA VAL J 242 -44.88 29.00 -50.69
C VAL J 242 -44.34 27.80 -49.91
N PRO J 243 -43.09 27.85 -49.46
CA PRO J 243 -42.55 26.70 -48.72
C PRO J 243 -43.22 26.53 -47.37
N PHE J 244 -43.30 25.26 -46.93
CA PHE J 244 -43.91 24.92 -45.65
C PHE J 244 -43.31 25.74 -44.51
N TRP J 245 -41.99 25.65 -44.34
CA TRP J 245 -41.26 26.50 -43.40
C TRP J 245 -40.84 27.81 -44.08
N PRO J 246 -40.97 28.99 -43.45
CA PRO J 246 -41.55 29.34 -42.14
C PRO J 246 -43.01 29.79 -42.22
N TYR J 247 -43.60 29.78 -43.42
CA TYR J 247 -44.88 30.48 -43.62
C TYR J 247 -46.01 29.74 -42.94
N PHE J 248 -46.12 28.43 -43.16
CA PHE J 248 -47.18 27.62 -42.59
C PHE J 248 -46.78 26.92 -41.30
N ILE J 249 -45.48 26.84 -41.01
CA ILE J 249 -45.05 26.32 -39.72
C ILE J 249 -45.47 27.28 -38.62
N ILE J 250 -45.19 28.57 -38.83
CA ILE J 250 -45.53 29.57 -37.81
C ILE J 250 -47.04 29.77 -37.76
N LYS J 251 -47.72 29.68 -38.92
CA LYS J 251 -49.17 29.81 -38.91
C LYS J 251 -49.80 28.65 -38.14
N ASP J 252 -49.29 27.44 -38.37
CA ASP J 252 -49.80 26.26 -37.67
C ASP J 252 -49.40 26.32 -36.21
N VAL J 253 -48.16 26.73 -35.94
CA VAL J 253 -47.70 26.86 -34.55
C VAL J 253 -48.54 27.90 -33.83
N PHE J 254 -48.85 29.02 -34.51
CA PHE J 254 -49.73 30.02 -33.91
C PHE J 254 -51.07 29.40 -33.55
N ALA J 255 -51.68 28.68 -34.50
CA ALA J 255 -52.95 28.02 -34.24
C ALA J 255 -52.83 27.05 -33.08
N LEU J 256 -51.67 26.38 -32.96
CA LEU J 256 -51.48 25.44 -31.87
C LEU J 256 -51.51 26.17 -30.53
N ALA J 257 -50.86 27.35 -30.47
CA ALA J 257 -50.84 28.12 -29.23
C ALA J 257 -52.25 28.51 -28.81
N VAL J 258 -53.10 28.85 -29.79
CA VAL J 258 -54.48 29.20 -29.50
C VAL J 258 -55.23 27.96 -29.03
N VAL J 259 -55.02 26.84 -29.71
CA VAL J 259 -55.62 25.57 -29.29
C VAL J 259 -55.16 25.22 -27.88
N LEU J 260 -53.83 25.23 -27.67
CA LEU J 260 -53.30 24.88 -26.35
C LEU J 260 -53.82 25.82 -25.27
N LEU J 261 -53.98 27.11 -25.63
CA LEU J 261 -54.53 28.08 -24.69
C LEU J 261 -55.89 27.64 -24.20
N VAL J 262 -56.82 27.37 -25.13
CA VAL J 262 -58.13 26.85 -24.76
C VAL J 262 -57.99 25.54 -23.98
N PHE J 263 -57.16 24.62 -24.49
CA PHE J 263 -57.05 23.29 -23.88
C PHE J 263 -56.52 23.38 -22.45
N PHE J 264 -55.55 24.26 -22.20
CA PHE J 264 -55.02 24.37 -20.84
C PHE J 264 -56.00 25.05 -19.91
N ALA J 265 -56.88 25.89 -20.45
CA ALA J 265 -57.92 26.50 -19.63
C ALA J 265 -58.91 25.43 -19.17
N ILE J 266 -59.22 24.46 -20.03
CA ILE J 266 -60.07 23.34 -19.62
C ILE J 266 -59.40 22.59 -18.48
N VAL J 267 -58.21 22.03 -18.76
CA VAL J 267 -57.43 21.28 -17.78
C VAL J 267 -57.18 22.11 -16.52
N GLY J 268 -57.10 23.44 -16.64
CA GLY J 268 -56.78 24.29 -15.53
C GLY J 268 -57.96 24.69 -14.67
N PHE J 269 -59.19 24.62 -15.22
CA PHE J 269 -60.37 25.20 -14.57
C PHE J 269 -61.63 24.35 -14.65
N MET J 270 -61.76 23.41 -15.58
CA MET J 270 -62.88 22.46 -15.59
C MET J 270 -62.36 21.12 -16.12
N PRO J 271 -61.45 20.47 -15.40
CA PRO J 271 -60.85 19.23 -15.92
C PRO J 271 -61.84 18.06 -16.01
N ASN J 272 -63.02 18.17 -15.41
CA ASN J 272 -63.97 17.07 -15.31
C ASN J 272 -65.24 17.30 -16.11
N TYR J 273 -65.37 18.44 -16.80
CA TYR J 273 -66.58 18.71 -17.56
C TYR J 273 -66.74 17.69 -18.69
N LEU J 274 -65.62 17.27 -19.28
CA LEU J 274 -65.61 16.35 -20.40
C LEU J 274 -65.60 14.89 -19.95
N GLY J 275 -65.55 14.63 -18.64
CA GLY J 275 -65.50 13.30 -18.09
C GLY J 275 -66.86 12.90 -17.53
N HIS J 276 -66.91 11.68 -17.00
CA HIS J 276 -68.13 11.11 -16.44
C HIS J 276 -67.92 10.85 -14.94
N PRO J 277 -68.73 11.43 -14.04
CA PRO J 277 -68.49 11.25 -12.59
C PRO J 277 -68.43 9.79 -12.11
N ASP J 278 -69.06 8.86 -12.83
CA ASP J 278 -69.09 7.46 -12.38
C ASP J 278 -67.72 6.81 -12.34
N ASN J 279 -66.71 7.36 -13.01
CA ASN J 279 -65.37 6.77 -13.00
C ASN J 279 -64.56 7.17 -11.77
N TYR J 280 -65.14 7.94 -10.85
CA TYR J 280 -64.57 8.17 -9.52
C TYR J 280 -65.13 7.20 -8.48
N ILE J 281 -65.79 6.12 -8.92
CA ILE J 281 -66.30 5.06 -8.06
C ILE J 281 -65.57 3.78 -8.41
N GLU J 282 -65.12 3.05 -7.38
CA GLU J 282 -64.41 1.79 -7.61
C GLU J 282 -65.32 0.81 -8.35
N ALA J 283 -64.69 -0.05 -9.15
CA ALA J 283 -65.43 -1.02 -9.95
C ALA J 283 -66.26 -1.92 -9.05
N ASN J 284 -67.52 -2.13 -9.44
CA ASN J 284 -68.45 -3.03 -8.74
C ASN J 284 -68.93 -4.09 -9.71
N PRO J 285 -68.37 -5.31 -9.69
CA PRO J 285 -68.84 -6.37 -10.60
C PRO J 285 -70.32 -6.74 -10.44
N LEU J 286 -70.98 -6.36 -9.33
CA LEU J 286 -72.34 -6.79 -9.04
C LEU J 286 -73.37 -5.69 -9.19
N SER J 287 -72.99 -4.48 -9.61
CA SER J 287 -73.95 -3.40 -9.77
C SER J 287 -73.47 -2.45 -10.85
N THR J 288 -74.33 -2.19 -11.84
CA THR J 288 -74.06 -1.31 -12.96
C THR J 288 -74.66 0.07 -12.70
N PRO J 289 -74.07 1.21 -13.13
CA PRO J 289 -74.77 2.49 -12.97
C PRO J 289 -76.07 2.58 -13.75
N ALA J 290 -76.96 3.45 -13.26
CA ALA J 290 -78.28 3.61 -13.86
C ALA J 290 -78.24 4.36 -15.20
N HIS J 291 -77.27 5.26 -15.38
CA HIS J 291 -77.20 6.15 -16.56
C HIS J 291 -75.81 6.14 -17.16
N ILE J 292 -75.39 4.97 -17.63
CA ILE J 292 -74.10 4.84 -18.29
C ILE J 292 -74.09 5.65 -19.57
N VAL J 293 -72.98 6.34 -19.83
CA VAL J 293 -72.84 7.16 -21.03
C VAL J 293 -71.38 7.06 -21.47
N PRO J 294 -71.08 6.84 -22.76
CA PRO J 294 -69.69 6.86 -23.22
C PRO J 294 -69.13 8.26 -23.31
N GLU J 295 -67.80 8.30 -23.47
CA GLU J 295 -67.11 9.56 -23.69
C GLU J 295 -67.64 10.16 -24.98
N TRP J 296 -67.65 11.51 -25.04
CA TRP J 296 -68.34 12.22 -26.12
C TRP J 296 -67.90 11.70 -27.49
N TYR J 297 -66.62 11.34 -27.61
CA TYR J 297 -66.04 10.90 -28.88
C TYR J 297 -66.37 9.43 -29.20
N PHE J 298 -67.22 8.78 -28.38
CA PHE J 298 -67.76 7.45 -28.65
C PHE J 298 -69.27 7.44 -28.83
N LEU J 299 -69.95 8.51 -28.40
CA LEU J 299 -71.40 8.62 -28.48
C LEU J 299 -72.00 8.34 -29.86
N PRO J 300 -71.51 8.94 -30.96
CA PRO J 300 -72.16 8.70 -32.26
C PRO J 300 -72.21 7.23 -32.64
N PHE J 301 -71.16 6.48 -32.34
CA PHE J 301 -71.15 5.06 -32.65
C PHE J 301 -71.92 4.27 -31.60
N TYR J 302 -72.14 4.87 -30.41
CA TYR J 302 -72.98 4.24 -29.40
C TYR J 302 -74.45 4.32 -29.82
N ALA J 303 -74.83 5.43 -30.46
CA ALA J 303 -76.19 5.58 -30.95
C ALA J 303 -76.51 4.52 -31.99
N ILE J 304 -75.57 4.28 -32.91
CA ILE J 304 -75.76 3.28 -33.95
C ILE J 304 -75.94 1.91 -33.33
N LEU J 305 -75.19 1.61 -32.26
CA LEU J 305 -75.28 0.29 -31.65
C LEU J 305 -76.67 0.03 -31.07
N ARG J 306 -77.35 1.08 -30.59
CA ARG J 306 -78.64 0.92 -29.93
C ARG J 306 -79.82 1.25 -30.83
N ALA J 307 -79.59 1.99 -31.93
CA ALA J 307 -80.69 2.40 -32.77
C ALA J 307 -81.40 1.23 -33.42
N PHE J 308 -80.67 0.14 -33.69
CA PHE J 308 -81.22 -1.01 -34.40
C PHE J 308 -81.65 -2.07 -33.39
N THR J 309 -82.81 -1.82 -32.79
CA THR J 309 -83.44 -2.77 -31.88
C THR J 309 -84.08 -3.90 -32.69
N ALA J 310 -84.68 -4.86 -32.01
CA ALA J 310 -85.16 -6.06 -32.70
C ALA J 310 -86.42 -5.81 -33.51
N ASP J 311 -87.11 -4.69 -33.32
CA ASP J 311 -88.37 -4.39 -34.00
C ASP J 311 -88.20 -3.42 -35.16
N VAL J 312 -86.99 -2.92 -35.41
CA VAL J 312 -86.73 -2.13 -36.61
C VAL J 312 -86.98 -2.96 -37.86
N TRP J 313 -87.64 -2.33 -38.84
CA TRP J 313 -88.09 -3.02 -40.04
C TRP J 313 -86.92 -3.64 -40.81
N VAL J 314 -85.86 -2.85 -41.04
CA VAL J 314 -84.69 -3.34 -41.77
C VAL J 314 -84.06 -4.54 -41.05
N VAL J 315 -84.05 -4.51 -39.71
CA VAL J 315 -83.48 -5.64 -38.97
C VAL J 315 -84.31 -6.89 -39.22
N GLN J 316 -85.64 -6.77 -39.19
CA GLN J 316 -86.51 -7.92 -39.40
C GLN J 316 -86.28 -8.53 -40.78
N ILE J 317 -86.03 -7.70 -41.79
CA ILE J 317 -85.72 -8.22 -43.13
C ILE J 317 -84.44 -9.03 -43.10
N ALA J 318 -83.38 -8.47 -42.49
CA ALA J 318 -82.10 -9.16 -42.43
C ALA J 318 -82.23 -10.49 -41.69
N ASN J 319 -83.06 -10.52 -40.64
CA ASN J 319 -83.26 -11.75 -39.88
C ASN J 319 -83.94 -12.81 -40.75
N PHE J 320 -85.00 -12.42 -41.46
CA PHE J 320 -85.70 -13.37 -42.33
C PHE J 320 -84.81 -13.83 -43.48
N ILE J 321 -84.19 -12.88 -44.19
CA ILE J 321 -83.36 -13.22 -45.35
C ILE J 321 -82.23 -14.14 -44.96
N SER J 322 -81.62 -13.92 -43.78
CA SER J 322 -80.48 -14.70 -43.35
C SER J 322 -80.88 -15.93 -42.52
N PHE J 323 -82.17 -16.28 -42.50
CA PHE J 323 -82.65 -17.46 -41.79
C PHE J 323 -82.31 -17.41 -40.30
N GLY J 324 -82.48 -16.23 -39.69
CA GLY J 324 -82.29 -16.09 -38.26
C GLY J 324 -80.86 -15.86 -37.81
N ILE J 325 -79.88 -16.01 -38.71
CA ILE J 325 -78.47 -15.82 -38.35
C ILE J 325 -78.24 -14.41 -37.82
N ILE J 326 -78.61 -13.40 -38.61
CA ILE J 326 -78.37 -12.02 -38.21
C ILE J 326 -79.50 -11.55 -37.30
N ASP J 327 -79.28 -11.70 -36.00
CA ASP J 327 -80.17 -11.22 -34.97
C ASP J 327 -79.90 -9.74 -34.71
N ALA J 328 -80.63 -9.17 -33.75
CA ALA J 328 -80.51 -7.74 -33.47
C ALA J 328 -79.11 -7.42 -32.95
N LYS J 329 -78.56 -8.29 -32.09
CA LYS J 329 -77.23 -8.06 -31.53
C LYS J 329 -76.17 -7.96 -32.60
N PHE J 330 -76.09 -8.96 -33.49
CA PHE J 330 -75.10 -8.94 -34.56
C PHE J 330 -75.32 -7.79 -35.52
N PHE J 331 -76.57 -7.48 -35.85
CA PHE J 331 -76.85 -6.35 -36.74
C PHE J 331 -76.35 -5.04 -36.15
N GLY J 332 -76.51 -4.85 -34.84
CA GLY J 332 -76.02 -3.64 -34.21
C GLY J 332 -74.52 -3.50 -34.29
N VAL J 333 -73.80 -4.62 -34.17
CA VAL J 333 -72.35 -4.60 -34.28
C VAL J 333 -71.94 -4.24 -35.70
N LEU J 334 -72.54 -4.92 -36.69
CA LEU J 334 -72.24 -4.65 -38.09
C LEU J 334 -72.53 -3.19 -38.44
N ALA J 335 -73.58 -2.61 -37.87
CA ALA J 335 -73.89 -1.21 -38.12
C ALA J 335 -72.78 -0.31 -37.58
N MET J 336 -72.33 -0.59 -36.36
CA MET J 336 -71.26 0.21 -35.75
C MET J 336 -69.99 0.11 -36.60
N PHE J 337 -69.56 -1.13 -36.90
CA PHE J 337 -68.40 -1.31 -37.77
C PHE J 337 -68.70 -0.83 -39.17
N GLY J 338 -69.94 -0.98 -39.62
CA GLY J 338 -70.33 -0.51 -40.94
C GLY J 338 -70.16 0.99 -41.12
N ALA J 339 -70.29 1.75 -40.03
CA ALA J 339 -70.16 3.19 -40.13
C ALA J 339 -68.74 3.61 -40.50
N ILE J 340 -67.74 2.81 -40.13
CA ILE J 340 -66.37 3.10 -40.53
C ILE J 340 -66.16 2.69 -41.99
N LEU J 341 -66.62 1.49 -42.35
CA LEU J 341 -66.38 0.95 -43.68
C LEU J 341 -66.93 1.85 -44.77
N VAL J 342 -68.14 2.38 -44.58
CA VAL J 342 -68.71 3.26 -45.60
C VAL J 342 -67.90 4.55 -45.67
N MET J 343 -67.34 5.00 -44.53
CA MET J 343 -66.50 6.18 -44.52
C MET J 343 -65.14 5.90 -45.14
N ALA J 344 -64.63 4.68 -44.96
CA ALA J 344 -63.38 4.28 -45.57
C ALA J 344 -63.47 4.13 -47.08
N LEU J 345 -64.63 3.73 -47.59
CA LEU J 345 -64.80 3.42 -49.00
C LEU J 345 -65.28 4.62 -49.82
N VAL J 346 -65.39 5.80 -49.22
CA VAL J 346 -65.95 6.97 -49.89
C VAL J 346 -65.15 7.37 -51.14
N PRO J 347 -63.84 7.09 -51.31
CA PRO J 347 -63.22 7.44 -52.61
C PRO J 347 -63.81 6.70 -53.79
N TRP J 348 -64.41 5.53 -53.57
CA TRP J 348 -64.99 4.72 -54.64
C TRP J 348 -66.52 4.79 -54.67
N LEU J 349 -67.12 5.64 -53.85
CA LEU J 349 -68.55 5.88 -53.83
C LEU J 349 -68.92 7.26 -54.36
N ASP J 350 -68.05 8.24 -54.17
CA ASP J 350 -68.25 9.58 -54.71
C ASP J 350 -67.71 9.60 -56.14
N THR J 351 -68.63 9.68 -57.11
CA THR J 351 -68.28 9.59 -58.52
C THR J 351 -68.19 10.96 -59.18
N SER J 352 -68.42 12.04 -58.44
CA SER J 352 -68.27 13.37 -59.00
C SER J 352 -66.80 13.63 -59.33
N PRO J 353 -66.46 14.08 -60.55
CA PRO J 353 -65.04 14.34 -60.82
C PRO J 353 -64.55 15.66 -60.24
N VAL J 354 -65.43 16.49 -59.70
CA VAL J 354 -65.01 17.73 -59.06
C VAL J 354 -64.41 17.40 -57.70
N ARG J 355 -63.23 17.94 -57.43
CA ARG J 355 -62.54 17.65 -56.18
C ARG J 355 -63.20 18.37 -55.00
N SER J 356 -63.01 19.68 -54.92
CA SER J 356 -63.48 20.47 -53.78
C SER J 356 -64.99 20.70 -53.82
N GLY J 357 -65.62 20.52 -52.67
CA GLY J 357 -67.05 20.78 -52.54
C GLY J 357 -67.43 22.24 -52.50
N ARG J 358 -66.46 23.15 -52.49
CA ARG J 358 -66.77 24.58 -52.53
C ARG J 358 -67.54 24.93 -53.79
N TYR J 359 -67.24 24.27 -54.91
CA TYR J 359 -67.82 24.56 -56.20
C TYR J 359 -68.88 23.54 -56.60
N ARG J 360 -69.41 22.80 -55.62
CA ARG J 360 -70.49 21.83 -55.83
C ARG J 360 -71.70 22.32 -55.03
N PRO J 361 -72.72 22.92 -55.67
CA PRO J 361 -73.79 23.53 -54.87
C PRO J 361 -74.69 22.52 -54.17
N MET J 362 -75.01 21.41 -54.83
CA MET J 362 -75.89 20.41 -54.25
C MET J 362 -75.18 19.59 -53.18
N PHE J 363 -73.91 19.24 -53.39
CA PHE J 363 -73.13 18.52 -52.40
C PHE J 363 -73.08 19.28 -51.06
N LYS J 364 -72.93 20.61 -51.14
CA LYS J 364 -72.86 21.44 -49.93
C LYS J 364 -74.02 21.20 -48.97
N ILE J 365 -75.24 21.07 -49.48
CA ILE J 365 -76.39 20.82 -48.61
C ILE J 365 -76.23 19.50 -47.87
N TYR J 366 -76.05 18.40 -48.63
CA TYR J 366 -75.96 17.08 -48.02
C TYR J 366 -74.77 16.95 -47.07
N PHE J 367 -73.68 17.68 -47.35
CA PHE J 367 -72.52 17.66 -46.46
C PHE J 367 -72.85 18.20 -45.08
N TRP J 368 -73.46 19.39 -45.03
CA TRP J 368 -73.74 20.01 -43.74
C TRP J 368 -74.75 19.20 -42.94
N LEU J 369 -75.63 18.46 -43.62
CA LEU J 369 -76.48 17.52 -42.91
C LEU J 369 -75.65 16.44 -42.23
N LEU J 370 -74.61 15.94 -42.90
CA LEU J 370 -73.74 14.95 -42.27
C LEU J 370 -73.04 15.52 -41.04
N ALA J 371 -72.64 16.79 -41.11
CA ALA J 371 -72.04 17.44 -39.95
C ALA J 371 -73.05 17.53 -38.81
N ALA J 372 -74.27 17.97 -39.14
CA ALA J 372 -75.33 18.01 -38.14
C ALA J 372 -75.66 16.60 -37.67
N ASP J 373 -75.67 15.63 -38.59
CA ASP J 373 -75.96 14.25 -38.23
C ASP J 373 -74.95 13.72 -37.23
N PHE J 374 -73.67 14.00 -37.44
CA PHE J 374 -72.64 13.53 -36.51
C PHE J 374 -72.83 14.18 -35.14
N VAL J 375 -73.20 15.46 -35.12
CA VAL J 375 -73.50 16.14 -33.86
C VAL J 375 -74.74 15.55 -33.22
N ILE J 376 -75.84 15.47 -34.00
CA ILE J 376 -77.07 14.86 -33.53
C ILE J 376 -76.80 13.46 -32.99
N LEU J 377 -76.09 12.64 -33.77
CA LEU J 377 -75.72 11.28 -33.36
C LEU J 377 -75.02 11.31 -32.01
N THR J 378 -74.05 12.21 -31.85
CA THR J 378 -73.32 12.34 -30.60
C THR J 378 -74.27 12.67 -29.45
N TRP J 379 -75.21 13.58 -29.67
CA TRP J 379 -76.10 14.02 -28.60
C TRP J 379 -77.06 12.91 -28.15
N VAL J 380 -77.57 12.11 -29.10
CA VAL J 380 -78.51 11.05 -28.71
C VAL J 380 -77.84 9.89 -28.00
N GLY J 381 -76.53 9.69 -28.18
CA GLY J 381 -75.85 8.60 -27.48
C GLY J 381 -75.93 8.74 -25.98
N ALA J 382 -76.03 9.97 -25.47
CA ALA J 382 -76.14 10.23 -24.05
C ALA J 382 -77.58 10.11 -23.53
N GLN J 383 -78.58 10.15 -24.42
CA GLN J 383 -79.96 10.16 -23.99
C GLN J 383 -80.48 8.76 -23.70
N GLN J 384 -81.51 8.70 -22.86
CA GLN J 384 -82.17 7.45 -22.56
C GLN J 384 -82.89 6.91 -23.79
N THR J 385 -83.02 5.58 -23.83
CA THR J 385 -83.54 4.88 -25.00
C THR J 385 -85.03 5.10 -25.24
N THR J 386 -85.74 5.74 -24.30
CA THR J 386 -87.19 5.86 -24.42
C THR J 386 -87.57 6.76 -25.61
N PHE J 387 -88.87 6.91 -25.80
CA PHE J 387 -89.44 7.74 -26.86
C PHE J 387 -89.31 9.22 -26.49
N PRO J 388 -89.03 10.12 -27.44
CA PRO J 388 -88.82 9.98 -28.90
C PRO J 388 -87.36 9.77 -29.32
N TYR J 389 -86.45 9.66 -28.34
CA TYR J 389 -85.03 9.54 -28.65
C TYR J 389 -84.70 8.27 -29.43
N ASP J 390 -85.49 7.22 -29.28
CA ASP J 390 -85.29 6.01 -30.07
C ASP J 390 -85.41 6.26 -31.57
N TRP J 391 -86.38 7.09 -31.98
CA TRP J 391 -86.56 7.36 -33.40
C TRP J 391 -85.52 8.36 -33.93
N ILE J 392 -85.26 9.43 -33.16
CA ILE J 392 -84.27 10.43 -33.55
C ILE J 392 -82.93 9.76 -33.86
N SER J 393 -82.48 8.87 -32.98
CA SER J 393 -81.20 8.22 -33.18
C SER J 393 -81.22 7.28 -34.38
N LEU J 394 -82.40 6.79 -34.77
CA LEU J 394 -82.50 5.87 -35.90
C LEU J 394 -82.52 6.63 -37.22
N ILE J 395 -83.28 7.73 -37.28
CA ILE J 395 -83.21 8.64 -38.43
C ILE J 395 -81.78 9.11 -38.63
N ALA J 396 -81.14 9.54 -37.55
CA ALA J 396 -79.77 10.04 -37.63
C ALA J 396 -78.82 8.97 -38.15
N SER J 397 -78.91 7.76 -37.58
CA SER J 397 -78.08 6.64 -38.01
C SER J 397 -78.31 6.33 -39.48
N ALA J 398 -79.57 6.37 -39.91
CA ALA J 398 -79.92 6.04 -41.30
C ALA J 398 -79.25 7.00 -42.28
N TYR J 399 -79.32 8.31 -42.00
CA TYR J 399 -78.76 9.29 -42.91
C TYR J 399 -77.26 9.11 -43.08
N TRP J 400 -76.56 8.65 -42.04
CA TRP J 400 -75.11 8.42 -42.12
C TRP J 400 -74.77 7.48 -43.28
N PHE J 401 -75.40 6.30 -43.31
CA PHE J 401 -75.11 5.37 -44.39
C PHE J 401 -75.68 5.89 -45.72
N ALA J 402 -76.77 6.67 -45.65
CA ALA J 402 -77.37 7.23 -46.86
C ALA J 402 -76.41 8.19 -47.56
N TYR J 403 -75.69 9.02 -46.79
CA TYR J 403 -74.79 10.00 -47.38
C TYR J 403 -73.69 9.32 -48.20
N PHE J 404 -73.11 8.25 -47.68
CA PHE J 404 -71.99 7.61 -48.36
C PHE J 404 -72.44 6.61 -49.42
N LEU J 405 -73.42 5.77 -49.10
CA LEU J 405 -73.78 4.65 -49.97
C LEU J 405 -74.82 5.01 -51.03
N VAL J 406 -75.65 6.03 -50.79
CA VAL J 406 -76.75 6.39 -51.68
C VAL J 406 -76.54 7.77 -52.29
N ILE J 407 -76.26 8.79 -51.47
CA ILE J 407 -76.29 10.16 -51.95
C ILE J 407 -75.08 10.47 -52.83
N LEU J 408 -73.88 10.30 -52.28
CA LEU J 408 -72.65 10.60 -53.02
C LEU J 408 -72.53 9.89 -54.37
N PRO J 409 -72.88 8.61 -54.53
CA PRO J 409 -72.88 8.03 -55.89
C PRO J 409 -73.86 8.73 -56.83
N ILE J 410 -75.11 8.86 -56.39
CA ILE J 410 -76.14 9.52 -57.20
C ILE J 410 -75.78 10.96 -57.47
N LEU J 411 -75.24 11.67 -56.46
CA LEU J 411 -74.98 13.10 -56.60
C LEU J 411 -74.03 13.39 -57.75
N GLY J 412 -73.01 12.56 -57.92
CA GLY J 412 -72.01 12.73 -58.97
C GLY J 412 -72.59 12.87 -60.36
N ALA J 413 -73.79 12.34 -60.59
CA ALA J 413 -74.46 12.41 -61.89
C ALA J 413 -75.17 13.74 -62.09
N ILE J 414 -76.09 14.13 -61.18
CA ILE J 414 -76.97 15.27 -61.42
C ILE J 414 -76.37 16.57 -60.88
N GLU J 415 -75.17 16.53 -60.30
CA GLU J 415 -74.53 17.74 -59.80
C GLU J 415 -74.36 18.73 -60.96
N LYS J 416 -74.45 20.02 -60.65
CA LYS J 416 -74.19 21.10 -61.59
C LYS J 416 -73.01 21.95 -61.12
N PRO J 417 -71.77 21.45 -61.31
CA PRO J 417 -70.58 22.16 -60.81
C PRO J 417 -70.47 23.61 -61.26
N VAL J 418 -69.65 24.37 -60.56
CA VAL J 418 -69.29 25.73 -60.92
C VAL J 418 -67.83 25.68 -61.38
N ALA J 419 -67.47 26.59 -62.27
CA ALA J 419 -66.13 26.62 -62.83
C ALA J 419 -65.12 26.91 -61.72
N PRO J 420 -64.15 26.04 -61.45
CA PRO J 420 -63.09 26.42 -60.50
C PRO J 420 -62.17 27.47 -61.10
N PRO J 421 -61.33 28.11 -60.29
CA PRO J 421 -60.30 28.99 -60.84
C PRO J 421 -59.34 28.25 -61.77
N ALA J 422 -58.66 29.03 -62.61
CA ALA J 422 -57.70 28.44 -63.53
C ALA J 422 -56.48 27.93 -62.78
N THR J 423 -56.04 28.67 -61.76
CA THR J 423 -54.86 28.35 -60.97
C THR J 423 -55.07 28.80 -59.54
N ILE J 424 -54.25 28.24 -58.65
CA ILE J 424 -54.25 28.61 -57.23
C ILE J 424 -53.93 30.10 -57.09
N GLU J 425 -53.10 30.63 -57.99
CA GLU J 425 -52.73 32.04 -57.97
C GLU J 425 -53.95 32.95 -58.11
N GLU J 426 -54.94 32.56 -58.91
CA GLU J 426 -56.12 33.41 -59.10
C GLU J 426 -56.87 33.62 -57.79
N ASP J 427 -57.08 32.55 -57.02
CA ASP J 427 -57.81 32.70 -55.76
C ASP J 427 -57.00 33.53 -54.77
N PHE J 428 -55.70 33.26 -54.71
CA PHE J 428 -54.79 33.95 -53.79
C PHE J 428 -54.74 35.45 -54.07
N ASN J 429 -54.81 35.86 -55.33
CA ASN J 429 -54.75 37.28 -55.64
C ASN J 429 -56.07 37.96 -55.37
N ALA J 430 -57.18 37.21 -55.36
CA ALA J 430 -58.47 37.82 -55.08
C ALA J 430 -58.47 38.34 -53.64
N HIS J 431 -57.78 37.64 -52.74
CA HIS J 431 -57.64 38.03 -51.35
C HIS J 431 -56.92 39.37 -51.24
N ALA K 1 -83.15 5.55 -12.26
CA ALA K 1 -83.15 6.74 -11.38
C ALA K 1 -83.29 8.01 -12.24
N GLY K 2 -82.60 9.09 -11.88
CA GLY K 2 -82.73 10.32 -12.66
C GLY K 2 -81.88 11.41 -12.05
N GLY K 3 -82.03 12.61 -12.60
CA GLY K 3 -81.37 13.79 -12.09
C GLY K 3 -82.31 14.97 -12.00
N GLY K 4 -82.67 15.36 -10.79
CA GLY K 4 -83.69 16.35 -10.52
C GLY K 4 -83.10 17.69 -10.11
N HIS K 5 -83.73 18.33 -9.14
CA HIS K 5 -83.40 19.70 -8.77
C HIS K 5 -82.39 19.69 -7.63
N VAL K 6 -81.75 20.85 -7.43
CA VAL K 6 -80.68 20.99 -6.44
C VAL K 6 -80.58 22.45 -6.06
N GLU K 7 -80.06 22.71 -4.86
CA GLU K 7 -79.87 24.06 -4.37
C GLU K 7 -78.47 24.52 -4.76
N ASP K 8 -78.41 25.61 -5.51
CA ASP K 8 -77.13 26.18 -5.94
C ASP K 8 -76.48 26.85 -4.74
N VAL K 9 -75.31 26.36 -4.33
CA VAL K 9 -74.59 26.89 -3.18
C VAL K 9 -73.37 27.66 -3.68
N PRO K 10 -73.16 28.94 -3.24
CA PRO K 10 -71.93 29.68 -3.61
C PRO K 10 -70.69 29.21 -2.85
N PHE K 11 -70.19 28.02 -3.17
CA PHE K 11 -68.95 27.57 -2.55
C PHE K 11 -67.79 28.50 -2.91
N SER K 12 -66.88 28.68 -1.95
CA SER K 12 -65.74 29.56 -2.15
C SER K 12 -64.80 29.04 -3.23
N PHE K 13 -64.65 27.71 -3.32
CA PHE K 13 -63.72 27.15 -4.29
C PHE K 13 -64.23 27.24 -5.73
N GLU K 14 -65.50 27.60 -5.94
CA GLU K 14 -66.05 27.76 -7.27
C GLU K 14 -65.57 29.07 -7.89
N GLY K 15 -65.18 29.00 -9.16
CA GLY K 15 -64.73 30.17 -9.89
C GLY K 15 -63.27 30.10 -10.24
N PRO K 16 -62.83 30.86 -11.26
CA PRO K 16 -61.40 30.81 -11.63
C PRO K 16 -60.46 31.23 -10.51
N PHE K 17 -60.89 32.15 -9.65
CA PHE K 17 -60.09 32.61 -8.52
C PHE K 17 -60.54 31.99 -7.19
N GLY K 18 -61.38 30.96 -7.24
CA GLY K 18 -61.88 30.35 -6.02
C GLY K 18 -60.79 29.58 -5.27
N THR K 19 -60.83 29.66 -3.94
CA THR K 19 -59.88 28.99 -3.07
C THR K 19 -60.60 28.49 -1.83
N PHE K 20 -60.07 27.42 -1.24
CA PHE K 20 -60.66 26.85 -0.03
C PHE K 20 -60.58 27.83 1.14
N ASP K 21 -61.65 27.85 1.94
CA ASP K 21 -61.68 28.57 3.21
C ASP K 21 -61.11 27.65 4.30
N GLN K 22 -59.89 27.95 4.74
CA GLN K 22 -59.16 27.07 5.65
C GLN K 22 -59.96 26.74 6.91
N HIS K 23 -60.70 27.73 7.45
CA HIS K 23 -61.50 27.49 8.64
C HIS K 23 -62.66 26.54 8.35
N GLN K 24 -63.29 26.67 7.17
CA GLN K 24 -64.42 25.81 6.84
C GLN K 24 -64.00 24.34 6.78
N LEU K 25 -62.80 24.07 6.25
CA LEU K 25 -62.34 22.69 6.17
C LEU K 25 -62.06 22.12 7.56
N GLN K 26 -61.67 22.98 8.51
CA GLN K 26 -61.43 22.50 9.86
C GLN K 26 -62.74 22.13 10.55
N ARG K 27 -63.77 22.96 10.35
CA ARG K 27 -65.10 22.64 10.86
C ARG K 27 -65.61 21.34 10.24
N GLY K 28 -65.52 21.23 8.91
CA GLY K 28 -65.96 20.02 8.23
C GLY K 28 -65.24 18.79 8.73
N LEU K 29 -63.94 18.93 9.03
CA LEU K 29 -63.18 17.82 9.59
C LEU K 29 -63.79 17.39 10.93
N GLN K 30 -64.15 18.37 11.76
CA GLN K 30 -64.77 18.05 13.05
C GLN K 30 -66.09 17.34 12.85
N VAL K 31 -66.91 17.82 11.91
CA VAL K 31 -68.20 17.19 11.65
C VAL K 31 -68.00 15.76 11.16
N TYR K 32 -66.98 15.54 10.32
CA TYR K 32 -66.70 14.20 9.84
C TYR K 32 -66.27 13.30 10.99
N THR K 33 -65.35 13.79 11.82
CA THR K 33 -64.82 12.97 12.91
C THR K 33 -65.91 12.60 13.90
N GLU K 34 -66.77 13.56 14.27
CA GLU K 34 -67.73 13.36 15.33
C GLU K 34 -69.03 12.71 14.89
N VAL K 35 -69.41 12.84 13.61
CA VAL K 35 -70.68 12.34 13.10
C VAL K 35 -70.45 11.29 12.01
N CYS K 36 -69.93 11.74 10.86
CA CYS K 36 -69.88 10.89 9.68
C CYS K 36 -68.98 9.68 9.88
N ALA K 37 -67.86 9.86 10.58
CA ALA K 37 -66.86 8.80 10.74
C ALA K 37 -67.42 7.54 11.40
N ALA K 38 -68.53 7.65 12.14
CA ALA K 38 -69.13 6.51 12.82
C ALA K 38 -69.49 5.38 11.84
N CYS K 39 -69.86 5.72 10.60
CA CYS K 39 -70.22 4.75 9.58
C CYS K 39 -69.32 4.81 8.35
N HIS K 40 -68.95 6.00 7.90
CA HIS K 40 -68.20 6.20 6.68
C HIS K 40 -66.69 6.22 6.94
N GLY K 41 -65.93 6.10 5.85
CA GLY K 41 -64.47 6.15 5.90
C GLY K 41 -63.96 6.81 4.63
N MET K 42 -62.63 7.04 4.61
CA MET K 42 -61.94 7.66 3.47
C MET K 42 -60.66 6.90 3.13
N LYS K 43 -60.79 5.70 2.55
CA LYS K 43 -59.65 4.81 2.36
C LYS K 43 -58.53 5.40 1.50
N PHE K 44 -58.79 6.49 0.76
CA PHE K 44 -57.84 7.08 -0.17
C PHE K 44 -57.19 8.36 0.32
N VAL K 45 -57.69 8.97 1.41
CA VAL K 45 -57.20 10.25 1.88
C VAL K 45 -56.07 10.00 2.87
N PRO K 46 -54.82 10.43 2.59
CA PRO K 46 -53.77 10.30 3.60
C PRO K 46 -53.98 11.26 4.76
N ILE K 47 -53.75 10.76 5.97
CA ILE K 47 -53.99 11.56 7.18
C ILE K 47 -53.04 12.75 7.20
N ARG K 48 -51.82 12.58 6.67
CA ARG K 48 -50.81 13.64 6.69
C ARG K 48 -51.29 14.92 6.00
N SER K 49 -52.30 14.83 5.13
CA SER K 49 -52.82 15.97 4.38
C SER K 49 -53.61 16.96 5.23
N LEU K 50 -53.84 16.70 6.52
CA LEU K 50 -54.50 17.71 7.32
C LEU K 50 -53.58 18.89 7.66
N SER K 51 -52.28 18.78 7.36
CA SER K 51 -51.33 19.88 7.52
C SER K 51 -50.70 20.32 6.20
N GLU K 52 -50.87 19.54 5.13
CA GLU K 52 -50.42 19.94 3.81
C GLU K 52 -51.04 21.27 3.40
N PRO K 53 -50.30 22.15 2.72
CA PRO K 53 -50.90 23.42 2.29
C PRO K 53 -52.08 23.20 1.36
N GLY K 54 -52.93 24.23 1.27
CA GLY K 54 -54.12 24.16 0.45
C GLY K 54 -55.08 23.13 0.97
N GLY K 55 -55.42 23.26 2.25
CA GLY K 55 -56.32 22.33 2.92
C GLY K 55 -56.66 22.85 4.30
N PRO K 56 -56.98 21.97 5.25
CA PRO K 56 -57.24 22.47 6.62
C PRO K 56 -56.04 23.12 7.26
N GLU K 57 -54.84 22.68 6.91
CA GLU K 57 -53.58 23.26 7.39
C GLU K 57 -53.55 23.38 8.92
N LEU K 58 -53.56 22.22 9.55
CA LEU K 58 -53.46 22.13 11.00
C LEU K 58 -52.00 22.09 11.44
N PRO K 59 -51.71 22.43 12.69
CA PRO K 59 -50.34 22.23 13.20
C PRO K 59 -50.04 20.74 13.28
N GLU K 60 -48.81 20.37 12.91
CA GLU K 60 -48.44 18.97 12.81
C GLU K 60 -48.63 18.21 14.12
N ASP K 61 -48.62 18.90 15.26
CA ASP K 61 -48.85 18.24 16.53
C ASP K 61 -50.32 17.81 16.65
N GLN K 62 -51.23 18.68 16.22
CA GLN K 62 -52.65 18.34 16.24
C GLN K 62 -52.93 17.16 15.31
N VAL K 63 -52.37 17.19 14.10
CA VAL K 63 -52.52 16.07 13.16
C VAL K 63 -52.01 14.80 13.81
N ARG K 64 -50.81 14.86 14.39
CA ARG K 64 -50.22 13.69 15.04
C ARG K 64 -51.14 13.15 16.13
N ALA K 65 -51.79 14.05 16.88
CA ALA K 65 -52.73 13.64 17.91
C ALA K 65 -54.02 13.12 17.29
N TYR K 66 -54.51 13.81 16.25
CA TYR K 66 -55.72 13.38 15.55
C TYR K 66 -55.55 11.97 14.99
N ALA K 67 -54.36 11.68 14.45
CA ALA K 67 -54.15 10.38 13.81
C ALA K 67 -54.12 9.25 14.83
N THR K 68 -53.77 9.54 16.08
CA THR K 68 -53.62 8.48 17.08
C THR K 68 -54.93 7.82 17.45
N GLN K 69 -56.07 8.52 17.28
CA GLN K 69 -57.35 7.95 17.70
C GLN K 69 -57.73 6.75 16.85
N PHE K 70 -57.24 6.66 15.62
CA PHE K 70 -57.55 5.53 14.76
C PHE K 70 -56.65 4.34 15.07
N THR K 71 -57.25 3.15 15.08
CA THR K 71 -56.51 1.90 15.13
C THR K 71 -56.21 1.42 13.72
N VAL K 72 -55.02 0.84 13.54
CA VAL K 72 -54.54 0.40 12.23
C VAL K 72 -53.80 -0.92 12.40
N THR K 73 -54.08 -1.86 11.49
CA THR K 73 -53.39 -3.15 11.43
C THR K 73 -52.14 -3.00 10.57
N ASP K 74 -50.96 -2.98 11.22
CA ASP K 74 -49.69 -2.74 10.55
C ASP K 74 -49.51 -3.61 9.31
N GLU K 75 -49.10 -2.98 8.20
CA GLU K 75 -48.91 -3.68 6.94
C GLU K 75 -47.95 -4.86 7.05
N GLU K 76 -46.93 -4.75 7.91
CA GLU K 76 -45.94 -5.80 8.06
C GLU K 76 -46.28 -6.68 9.25
N THR K 77 -46.05 -6.17 10.48
CA THR K 77 -46.18 -6.89 11.75
C THR K 77 -47.40 -7.79 11.81
N GLY K 78 -48.60 -7.20 11.79
CA GLY K 78 -49.86 -7.91 11.94
C GLY K 78 -50.65 -7.48 13.15
N GLU K 79 -49.97 -7.03 14.21
CA GLU K 79 -50.63 -6.55 15.40
C GLU K 79 -51.12 -5.11 15.23
N ASP K 80 -52.28 -4.83 15.80
CA ASP K 80 -52.88 -3.51 15.69
C ASP K 80 -52.03 -2.48 16.43
N ARG K 81 -52.24 -1.21 16.12
CA ARG K 81 -51.46 -0.13 16.71
C ARG K 81 -52.19 1.19 16.50
N GLU K 82 -51.64 2.25 17.11
CA GLU K 82 -52.18 3.58 16.93
C GLU K 82 -51.91 4.09 15.52
N GLY K 83 -52.77 4.97 15.05
CA GLY K 83 -52.63 5.49 13.70
C GLY K 83 -51.56 6.58 13.64
N LYS K 84 -50.71 6.50 12.62
CA LYS K 84 -49.70 7.49 12.31
C LYS K 84 -50.22 8.44 11.23
N PRO K 85 -49.58 9.60 11.04
CA PRO K 85 -49.98 10.44 9.90
C PRO K 85 -49.67 9.82 8.55
N THR K 86 -48.81 8.79 8.51
CA THR K 86 -48.50 8.13 7.25
C THR K 86 -49.62 7.19 6.80
N ASP K 87 -50.48 6.76 7.73
CA ASP K 87 -51.58 5.88 7.43
C ASP K 87 -52.72 6.65 6.76
N HIS K 88 -53.56 5.92 6.05
CA HIS K 88 -54.77 6.47 5.47
C HIS K 88 -55.89 6.42 6.50
N PHE K 89 -56.96 7.18 6.25
CA PHE K 89 -58.16 7.03 7.07
C PHE K 89 -58.70 5.60 6.93
N PRO K 90 -59.46 5.13 7.92
CA PRO K 90 -59.92 3.73 7.86
C PRO K 90 -60.99 3.51 6.80
N HIS K 91 -61.18 2.23 6.47
CA HIS K 91 -62.29 1.82 5.64
C HIS K 91 -63.61 2.22 6.29
N SER K 92 -64.68 2.21 5.48
CA SER K 92 -66.02 2.44 6.00
C SER K 92 -66.37 1.38 7.03
N ALA K 93 -66.65 1.81 8.26
CA ALA K 93 -67.00 0.88 9.33
C ALA K 93 -68.25 0.06 9.00
N LEU K 94 -69.16 0.64 8.21
CA LEU K 94 -70.42 0.01 7.86
C LEU K 94 -70.32 -0.52 6.43
N GLU K 95 -70.50 -1.83 6.28
CA GLU K 95 -70.33 -2.57 5.02
C GLU K 95 -70.90 -1.83 3.81
N ASN K 96 -72.18 -1.48 3.88
CA ASN K 96 -72.91 -0.90 2.75
C ASN K 96 -72.87 0.63 2.74
N ALA K 97 -71.99 1.24 3.55
CA ALA K 97 -71.78 2.68 3.53
C ALA K 97 -70.67 2.99 2.53
N PRO K 98 -70.94 3.70 1.42
CA PRO K 98 -69.87 3.94 0.44
C PRO K 98 -68.77 4.83 0.99
N ASP K 99 -67.60 4.72 0.36
CA ASP K 99 -66.46 5.54 0.74
C ASP K 99 -66.65 6.99 0.27
N LEU K 100 -66.34 7.92 1.17
CA LEU K 100 -66.57 9.34 0.95
C LEU K 100 -65.34 10.08 0.39
N SER K 101 -64.25 9.38 0.09
CA SER K 101 -63.04 10.03 -0.42
C SER K 101 -63.32 10.86 -1.66
N LEU K 102 -63.93 10.25 -2.67
CA LEU K 102 -64.18 10.87 -3.97
C LEU K 102 -65.66 11.18 -4.20
N MET K 103 -66.46 11.21 -3.13
CA MET K 103 -67.90 11.38 -3.28
C MET K 103 -68.22 12.74 -3.90
N ALA K 104 -67.47 13.77 -3.50
CA ALA K 104 -67.71 15.12 -4.00
C ALA K 104 -67.36 15.30 -5.48
N LYS K 105 -66.71 14.31 -6.11
CA LYS K 105 -66.45 14.31 -7.54
C LYS K 105 -67.15 13.18 -8.27
N ALA K 106 -67.78 12.25 -7.55
CA ALA K 106 -68.41 11.06 -8.13
C ALA K 106 -69.90 11.25 -8.41
N ARG K 107 -70.48 12.39 -8.06
CA ARG K 107 -71.89 12.68 -8.25
C ARG K 107 -72.03 13.99 -9.03
N ALA K 108 -73.00 14.00 -9.93
CA ALA K 108 -73.33 15.19 -10.70
C ALA K 108 -74.44 15.96 -9.98
N GLY K 109 -74.24 17.26 -9.83
CA GLY K 109 -75.19 18.13 -9.17
C GLY K 109 -76.05 18.92 -10.13
N PHE K 110 -75.60 19.08 -11.37
CA PHE K 110 -76.36 19.81 -12.38
C PHE K 110 -76.47 18.93 -13.62
N HIS K 111 -77.52 19.22 -14.40
CA HIS K 111 -77.80 18.48 -15.61
C HIS K 111 -78.33 19.44 -16.67
N GLY K 112 -77.68 19.43 -17.83
CA GLY K 112 -78.00 20.31 -18.92
C GLY K 112 -79.49 20.26 -19.24
N PRO K 113 -80.12 21.43 -19.67
CA PRO K 113 -81.58 21.51 -19.87
C PRO K 113 -82.25 20.27 -20.44
N MET K 114 -81.90 19.89 -21.67
CA MET K 114 -82.43 18.69 -22.31
C MET K 114 -81.26 17.79 -22.70
N GLY K 115 -80.41 17.48 -21.72
CA GLY K 115 -79.23 16.68 -21.98
C GLY K 115 -78.25 17.32 -22.93
N THR K 116 -78.09 18.63 -22.84
CA THR K 116 -77.18 19.42 -23.67
C THR K 116 -75.91 19.84 -22.94
N GLY K 117 -75.77 19.49 -21.67
CA GLY K 117 -74.58 19.80 -20.90
C GLY K 117 -74.27 21.27 -20.80
N ILE K 118 -75.26 22.14 -20.98
CA ILE K 118 -75.03 23.57 -20.92
C ILE K 118 -74.96 24.02 -19.45
N SER K 119 -75.73 23.36 -18.58
CA SER K 119 -75.75 23.76 -17.18
C SER K 119 -74.41 23.48 -16.52
N GLN K 120 -73.83 22.30 -16.78
CA GLN K 120 -72.50 22.00 -16.24
C GLN K 120 -71.46 22.97 -16.77
N LEU K 121 -71.64 23.44 -18.01
CA LEU K 121 -70.66 24.33 -18.62
C LEU K 121 -70.56 25.65 -17.87
N PHE K 122 -71.66 26.09 -17.25
CA PHE K 122 -71.75 27.37 -16.56
C PHE K 122 -71.81 27.24 -15.04
N ASN K 123 -72.15 26.06 -14.51
CA ASN K 123 -72.35 25.85 -13.08
C ASN K 123 -71.39 24.85 -12.46
N GLY K 124 -70.69 24.04 -13.26
CA GLY K 124 -69.80 23.03 -12.74
C GLY K 124 -70.49 21.67 -12.67
N ILE K 125 -69.71 20.68 -12.24
CA ILE K 125 -70.25 19.33 -12.10
C ILE K 125 -71.32 19.29 -11.02
N GLY K 126 -71.03 19.90 -9.87
CA GLY K 126 -72.02 20.10 -8.83
C GLY K 126 -72.00 19.08 -7.72
N GLY K 127 -70.95 18.25 -7.63
CA GLY K 127 -70.81 17.27 -6.58
C GLY K 127 -70.96 17.82 -5.17
N PRO K 128 -70.16 18.81 -4.79
CA PRO K 128 -70.31 19.37 -3.43
C PRO K 128 -71.68 19.99 -3.20
N GLU K 129 -72.32 20.49 -4.25
CA GLU K 129 -73.64 21.12 -4.11
C GLU K 129 -74.75 20.07 -4.04
N TYR K 130 -74.49 18.85 -4.50
CA TYR K 130 -75.45 17.76 -4.40
C TYR K 130 -75.41 17.11 -3.02
N ILE K 131 -74.22 16.99 -2.43
CA ILE K 131 -74.09 16.47 -1.08
C ILE K 131 -74.88 17.33 -0.10
N TYR K 132 -74.70 18.66 -0.18
CA TYR K 132 -75.45 19.59 0.66
C TYR K 132 -76.96 19.36 0.54
N SER K 133 -77.42 18.99 -0.64
CA SER K 133 -78.86 18.83 -0.89
C SER K 133 -79.39 17.53 -0.31
N VAL K 134 -78.54 16.50 -0.19
CA VAL K 134 -78.95 15.25 0.43
C VAL K 134 -79.01 15.40 1.95
N LEU K 135 -78.05 16.09 2.54
CA LEU K 135 -78.04 16.26 4.00
C LEU K 135 -79.24 17.09 4.45
N THR K 136 -79.55 18.16 3.72
CA THR K 136 -80.63 19.07 4.06
C THR K 136 -81.95 18.65 3.41
N GLY K 137 -81.98 17.50 2.74
CA GLY K 137 -83.09 17.09 1.91
C GLY K 137 -83.95 15.99 2.53
N PHE K 138 -83.91 15.86 3.86
CA PHE K 138 -84.78 14.93 4.56
C PHE K 138 -86.02 15.69 5.02
N PRO K 139 -87.20 15.44 4.45
CA PRO K 139 -88.39 16.19 4.88
C PRO K 139 -88.97 15.63 6.17
N GLU K 140 -89.89 16.40 6.74
CA GLU K 140 -90.52 16.02 8.00
C GLU K 140 -91.37 14.77 7.82
N GLU K 141 -92.31 14.80 6.87
CA GLU K 141 -93.15 13.67 6.51
C GLU K 141 -92.93 13.28 5.05
N PRO K 142 -93.20 12.02 4.67
CA PRO K 142 -92.96 11.61 3.28
C PRO K 142 -93.92 12.27 2.32
N PRO K 143 -93.75 12.03 1.02
CA PRO K 143 -94.77 12.46 0.06
C PRO K 143 -96.10 11.79 0.34
N LYS K 144 -97.19 12.46 -0.06
CA LYS K 144 -98.53 11.96 0.24
C LYS K 144 -98.74 10.58 -0.38
N CYS K 145 -98.15 10.30 -1.55
CA CYS K 145 -98.34 9.02 -2.20
C CYS K 145 -97.72 7.87 -1.40
N ALA K 146 -96.81 8.16 -0.47
CA ALA K 146 -96.03 7.16 0.25
C ALA K 146 -96.46 6.95 1.70
N GLU K 147 -97.38 7.78 2.21
CA GLU K 147 -97.82 7.72 3.60
C GLU K 147 -98.38 6.34 3.93
N GLY K 148 -97.61 5.58 4.72
CA GLY K 148 -98.01 4.25 5.15
C GLY K 148 -97.51 3.13 4.27
N HIS K 149 -96.45 3.37 3.47
CA HIS K 149 -95.88 2.37 2.58
C HIS K 149 -94.35 2.50 2.52
N GLU K 150 -93.74 3.16 3.49
CA GLU K 150 -92.30 3.33 3.49
C GLU K 150 -91.60 2.00 3.78
N PRO K 151 -90.59 1.59 3.01
CA PRO K 151 -89.83 0.39 3.38
C PRO K 151 -89.16 0.56 4.74
N ASP K 152 -89.31 -0.46 5.59
CA ASP K 152 -88.73 -0.40 6.92
C ASP K 152 -87.22 -0.40 6.83
N GLY K 153 -86.60 0.59 7.48
CA GLY K 153 -85.16 0.73 7.49
C GLY K 153 -84.61 1.69 6.46
N PHE K 154 -85.47 2.41 5.74
CA PHE K 154 -85.09 3.41 4.74
C PHE K 154 -85.83 4.69 5.05
N TYR K 155 -85.32 5.79 4.48
CA TYR K 155 -85.82 7.12 4.77
C TYR K 155 -85.91 7.90 3.47
N TYR K 156 -86.93 8.74 3.35
CA TYR K 156 -87.15 9.50 2.13
C TYR K 156 -86.25 10.74 2.11
N ASN K 157 -85.57 10.96 0.98
CA ASN K 157 -84.73 12.13 0.79
C ASN K 157 -85.04 12.73 -0.57
N ARG K 158 -85.27 14.05 -0.60
CA ARG K 158 -85.67 14.73 -1.83
C ARG K 158 -84.62 14.56 -2.93
N ALA K 159 -83.33 14.64 -2.60
CA ALA K 159 -82.29 14.73 -3.61
C ALA K 159 -81.73 13.38 -4.02
N PHE K 160 -81.87 12.35 -3.18
CA PHE K 160 -81.42 11.02 -3.56
C PHE K 160 -82.32 10.47 -4.65
N GLN K 161 -81.71 9.77 -5.62
CA GLN K 161 -82.41 9.31 -6.81
C GLN K 161 -82.28 7.81 -7.07
N ASN K 162 -81.23 7.15 -6.57
CA ASN K 162 -81.00 5.74 -6.86
C ASN K 162 -81.66 4.83 -5.82
N GLY K 163 -82.64 5.34 -5.08
CA GLY K 163 -83.31 4.60 -4.04
C GLY K 163 -84.58 3.96 -4.54
N SER K 164 -85.06 2.96 -3.79
CA SER K 164 -86.31 2.33 -4.14
C SER K 164 -87.46 3.31 -3.93
N VAL K 165 -88.62 2.97 -4.49
CA VAL K 165 -89.83 3.77 -4.39
C VAL K 165 -91.00 2.80 -4.31
N PRO K 166 -91.98 2.98 -3.41
CA PRO K 166 -93.14 2.09 -3.41
C PRO K 166 -93.90 2.12 -4.74
N ASP K 167 -94.38 0.94 -5.15
CA ASP K 167 -95.15 0.81 -6.40
C ASP K 167 -96.36 1.74 -6.43
N THR K 168 -96.91 2.09 -5.27
CA THR K 168 -98.07 2.96 -5.15
C THR K 168 -97.77 4.40 -5.56
N CYS K 169 -96.50 4.78 -5.72
CA CYS K 169 -96.11 6.14 -6.07
C CYS K 169 -95.74 6.31 -7.54
N LYS K 170 -95.63 5.24 -8.30
CA LYS K 170 -95.37 5.33 -9.74
C LYS K 170 -96.68 5.52 -10.50
N ASP K 171 -96.57 6.12 -11.69
CA ASP K 171 -97.73 6.38 -12.55
C ASP K 171 -98.11 5.14 -13.37
N ALA K 172 -98.68 5.34 -14.57
CA ALA K 172 -99.18 4.22 -15.37
C ALA K 172 -98.10 3.54 -16.20
N ASN K 173 -97.05 4.27 -16.61
CA ASN K 173 -95.99 3.73 -17.45
C ASN K 173 -94.63 3.79 -16.75
N GLY K 174 -94.62 3.48 -15.46
CA GLY K 174 -93.39 3.18 -14.75
C GLY K 174 -92.63 4.35 -14.16
N VAL K 175 -93.03 5.58 -14.42
CA VAL K 175 -92.26 6.74 -13.95
C VAL K 175 -92.71 7.11 -12.54
N LYS K 176 -91.72 7.36 -11.68
CA LYS K 176 -92.00 7.74 -10.30
C LYS K 176 -92.50 9.19 -10.22
N THR K 177 -93.43 9.44 -9.30
CA THR K 177 -94.03 10.77 -9.18
C THR K 177 -93.36 11.62 -8.10
N THR K 178 -92.56 11.04 -7.23
CA THR K 178 -91.90 11.77 -6.16
C THR K 178 -90.60 12.40 -6.66
N ALA K 179 -90.24 13.53 -6.06
CA ALA K 179 -89.00 14.19 -6.42
C ALA K 179 -87.79 13.29 -6.17
N GLY K 180 -87.75 12.68 -4.98
CA GLY K 180 -86.63 11.86 -4.55
C GLY K 180 -86.91 10.38 -4.48
N SER K 181 -86.25 9.69 -3.55
CA SER K 181 -86.42 8.25 -3.35
C SER K 181 -85.97 7.92 -1.93
N TRP K 182 -86.04 6.64 -1.59
CA TRP K 182 -85.77 6.16 -0.23
C TRP K 182 -84.32 5.72 -0.08
N ILE K 183 -83.59 6.41 0.79
CA ILE K 183 -82.17 6.14 1.03
C ILE K 183 -82.05 5.36 2.32
N ALA K 184 -80.94 4.62 2.45
CA ALA K 184 -80.68 3.76 3.60
C ALA K 184 -79.88 4.48 4.70
N MET K 185 -79.65 5.79 4.58
CA MET K 185 -78.90 6.56 5.57
C MET K 185 -79.86 7.29 6.49
N PRO K 186 -79.88 7.05 7.80
CA PRO K 186 -80.70 7.86 8.68
C PRO K 186 -80.20 9.31 8.67
N PRO K 187 -81.09 10.29 8.90
CA PRO K 187 -80.66 11.71 8.95
C PRO K 187 -79.49 11.90 9.90
N PRO K 188 -78.26 12.14 9.39
CA PRO K 188 -77.10 12.18 10.28
C PRO K 188 -76.89 13.50 10.99
N LEU K 189 -77.40 14.60 10.44
CA LEU K 189 -77.22 15.93 11.00
C LEU K 189 -78.47 16.36 11.76
N MET K 190 -78.28 16.76 13.01
CA MET K 190 -79.32 17.33 13.86
C MET K 190 -78.75 18.60 14.46
N ASP K 191 -79.61 19.61 14.60
CA ASP K 191 -79.22 20.96 15.03
C ASP K 191 -78.31 20.94 16.26
N ASP K 192 -77.16 21.60 16.13
CA ASP K 192 -76.18 21.75 17.21
C ASP K 192 -75.63 20.40 17.69
N LEU K 193 -75.65 19.38 16.82
CA LEU K 193 -75.05 18.09 17.15
C LEU K 193 -73.54 18.19 17.38
N VAL K 194 -72.89 19.27 16.96
CA VAL K 194 -71.46 19.50 17.14
C VAL K 194 -71.28 20.83 17.85
N GLU K 195 -70.24 20.91 18.68
CA GLU K 195 -69.83 22.17 19.32
C GLU K 195 -68.47 22.55 18.75
N TYR K 196 -68.43 23.69 18.05
CA TYR K 196 -67.27 24.08 17.28
C TYR K 196 -66.26 24.80 18.16
N ALA K 197 -65.03 24.89 17.65
CA ALA K 197 -63.95 25.55 18.38
C ALA K 197 -64.26 27.03 18.59
N ASP K 198 -64.47 27.76 17.49
CA ASP K 198 -64.70 29.20 17.54
C ASP K 198 -66.18 29.55 17.79
N GLY K 199 -66.98 28.61 18.28
CA GLY K 199 -68.39 28.85 18.52
C GLY K 199 -69.21 29.17 17.29
N HIS K 200 -68.71 28.83 16.10
CA HIS K 200 -69.42 29.13 14.86
C HIS K 200 -70.78 28.44 14.84
N ASP K 201 -71.69 29.00 14.04
CA ASP K 201 -73.04 28.45 13.87
C ASP K 201 -72.98 26.98 13.46
N ALA K 202 -73.74 26.14 14.17
CA ALA K 202 -73.75 24.70 13.98
C ALA K 202 -75.16 24.18 13.68
N SER K 203 -75.89 24.91 12.85
CA SER K 203 -77.17 24.42 12.35
C SER K 203 -76.94 23.30 11.33
N VAL K 204 -78.03 22.65 10.93
CA VAL K 204 -77.94 21.59 9.92
C VAL K 204 -77.42 22.16 8.61
N HIS K 205 -77.91 23.33 8.21
CA HIS K 205 -77.45 23.94 6.96
C HIS K 205 -75.98 24.32 7.02
N ALA K 206 -75.50 24.75 8.20
CA ALA K 206 -74.09 25.11 8.33
C ALA K 206 -73.21 23.88 8.31
N MET K 207 -73.56 22.84 9.07
CA MET K 207 -72.75 21.63 9.10
C MET K 207 -72.72 20.96 7.73
N ALA K 208 -73.86 20.94 7.03
CA ALA K 208 -73.90 20.30 5.72
C ALA K 208 -73.01 21.04 4.73
N GLU K 209 -73.05 22.37 4.75
CA GLU K 209 -72.21 23.16 3.85
C GLU K 209 -70.74 22.94 4.19
N ASP K 210 -70.40 22.99 5.49
CA ASP K 210 -69.02 22.84 5.91
C ASP K 210 -68.48 21.44 5.57
N VAL K 211 -69.26 20.40 5.88
CA VAL K 211 -68.78 19.04 5.63
C VAL K 211 -68.72 18.77 4.13
N SER K 212 -69.60 19.42 3.36
CA SER K 212 -69.54 19.28 1.90
C SER K 212 -68.24 19.85 1.38
N ALA K 213 -67.87 21.06 1.83
CA ALA K 213 -66.60 21.67 1.46
C ALA K 213 -65.43 20.76 1.80
N PHE K 214 -65.44 20.20 3.02
CA PHE K 214 -64.40 19.27 3.44
C PHE K 214 -64.34 18.07 2.50
N LEU K 215 -65.49 17.61 2.03
CA LEU K 215 -65.51 16.44 1.16
C LEU K 215 -65.00 16.80 -0.24
N MET K 216 -65.13 18.07 -0.64
CA MET K 216 -64.58 18.50 -1.91
C MET K 216 -63.05 18.48 -1.85
N TRP K 217 -62.47 18.96 -0.76
CA TRP K 217 -61.02 18.93 -0.62
C TRP K 217 -60.53 17.50 -0.52
N ALA K 218 -61.28 16.64 0.15
CA ALA K 218 -60.89 15.24 0.25
C ALA K 218 -60.86 14.59 -1.12
N ALA K 219 -61.80 14.99 -1.99
CA ALA K 219 -61.86 14.45 -3.35
C ALA K 219 -60.81 15.09 -4.25
N GLU K 220 -60.55 16.38 -4.08
CA GLU K 220 -59.57 17.13 -4.87
C GLU K 220 -58.75 17.97 -3.90
N PRO K 221 -57.68 17.42 -3.33
CA PRO K 221 -56.84 18.24 -2.44
C PRO K 221 -56.07 19.33 -3.16
N LYS K 222 -55.69 19.10 -4.42
CA LYS K 222 -54.82 19.97 -5.19
C LYS K 222 -55.60 20.96 -6.06
N LEU K 223 -56.83 21.29 -5.67
CA LEU K 223 -57.62 22.25 -6.43
C LEU K 223 -56.97 23.64 -6.43
N MET K 224 -56.43 24.08 -5.30
CA MET K 224 -55.84 25.42 -5.26
C MET K 224 -54.52 25.47 -6.03
N ALA K 225 -53.78 24.36 -6.07
CA ALA K 225 -52.59 24.31 -6.90
C ALA K 225 -52.96 24.27 -8.38
N ARG K 226 -54.01 23.52 -8.71
CA ARG K 226 -54.43 23.36 -10.11
C ARG K 226 -54.83 24.69 -10.73
N LYS K 227 -55.53 25.55 -9.99
CA LYS K 227 -56.01 26.79 -10.58
C LYS K 227 -54.90 27.83 -10.69
N GLN K 228 -53.92 27.81 -9.78
CA GLN K 228 -52.76 28.67 -9.97
C GLN K 228 -51.97 28.21 -11.18
N ALA K 229 -51.72 26.90 -11.27
CA ALA K 229 -51.02 26.31 -12.41
C ALA K 229 -51.77 26.58 -13.70
N GLY K 230 -53.09 26.37 -13.70
CA GLY K 230 -53.92 26.62 -14.86
C GLY K 230 -53.79 28.06 -15.32
N PHE K 231 -54.05 29.00 -14.40
CA PHE K 231 -53.97 30.41 -14.72
C PHE K 231 -52.58 30.76 -15.27
N THR K 232 -51.53 30.17 -14.69
CA THR K 232 -50.17 30.37 -15.16
C THR K 232 -50.03 29.92 -16.61
N ALA K 233 -50.29 28.63 -16.87
CA ALA K 233 -50.19 28.06 -18.22
C ALA K 233 -50.98 28.89 -19.23
N VAL K 234 -52.11 29.43 -18.80
CA VAL K 234 -52.93 30.28 -19.66
C VAL K 234 -52.20 31.56 -19.98
N MET K 235 -51.59 32.18 -18.97
CA MET K 235 -50.85 33.43 -19.17
C MET K 235 -49.68 33.24 -20.13
N PHE K 236 -48.95 32.12 -20.02
CA PHE K 236 -47.82 31.89 -20.91
C PHE K 236 -48.31 31.70 -22.35
N LEU K 237 -49.20 30.73 -22.56
CA LEU K 237 -49.73 30.45 -23.89
C LEU K 237 -50.44 31.66 -24.48
N THR K 238 -51.04 32.50 -23.62
CA THR K 238 -51.62 33.75 -24.06
C THR K 238 -50.55 34.68 -24.63
N VAL K 239 -49.44 34.85 -23.91
CA VAL K 239 -48.33 35.65 -24.40
C VAL K 239 -47.79 35.05 -25.69
N LEU K 240 -47.53 33.74 -25.69
CA LEU K 240 -46.96 33.09 -26.87
C LEU K 240 -47.90 33.21 -28.07
N SER K 241 -49.21 33.08 -27.85
CA SER K 241 -50.17 33.23 -28.94
C SER K 241 -50.12 34.62 -29.55
N VAL K 242 -50.08 35.67 -28.70
CA VAL K 242 -50.02 37.04 -29.19
C VAL K 242 -48.76 37.26 -30.03
N LEU K 243 -47.61 36.82 -29.52
CA LEU K 243 -46.36 37.01 -30.25
C LEU K 243 -46.36 36.23 -31.55
N LEU K 244 -46.84 34.99 -31.51
CA LEU K 244 -46.92 34.18 -32.73
C LEU K 244 -47.87 34.80 -33.75
N TYR K 245 -48.90 35.52 -33.30
CA TYR K 245 -49.81 36.19 -34.23
C TYR K 245 -49.09 37.29 -34.98
N LEU K 246 -48.46 38.22 -34.24
CA LEU K 246 -47.77 39.34 -34.86
C LEU K 246 -46.66 38.85 -35.78
N THR K 247 -45.96 37.79 -35.40
CA THR K 247 -44.94 37.22 -36.27
C THR K 247 -45.57 36.71 -37.56
N ASN K 248 -46.59 35.84 -37.42
CA ASN K 248 -47.28 35.29 -38.58
C ASN K 248 -47.86 36.39 -39.46
N LYS K 249 -48.36 37.46 -38.85
CA LYS K 249 -48.97 38.53 -39.62
C LYS K 249 -47.93 39.28 -40.44
N ARG K 250 -46.78 39.60 -39.82
CA ARG K 250 -45.75 40.33 -40.53
C ARG K 250 -45.02 39.43 -41.53
N LEU K 251 -45.00 38.12 -41.29
CA LEU K 251 -44.31 37.22 -42.20
C LEU K 251 -45.06 37.11 -43.52
N TRP K 252 -46.39 37.04 -43.46
CA TRP K 252 -47.20 36.95 -44.67
C TRP K 252 -47.41 38.29 -45.35
N ALA K 253 -46.97 39.40 -44.72
CA ALA K 253 -47.15 40.73 -45.31
C ALA K 253 -46.49 40.86 -46.68
N GLY K 254 -45.39 40.13 -46.92
CA GLY K 254 -44.68 40.23 -48.17
C GLY K 254 -45.17 39.34 -49.29
N VAL K 255 -46.44 38.93 -49.24
CA VAL K 255 -47.03 38.09 -50.27
C VAL K 255 -48.36 38.74 -50.68
N LYS K 256 -49.28 38.83 -49.74
CA LYS K 256 -50.58 39.45 -49.98
C LYS K 256 -50.53 40.94 -49.69
N GLY L 9 -33.64 48.89 -35.14
CA GLY L 9 -35.04 49.11 -34.83
C GLY L 9 -35.56 48.14 -33.78
N THR L 10 -35.92 48.69 -32.61
CA THR L 10 -36.44 47.86 -31.54
C THR L 10 -37.87 47.40 -31.80
N ARG L 11 -38.61 48.09 -32.68
CA ARG L 11 -39.96 47.65 -33.02
C ARG L 11 -39.98 46.40 -33.89
N ARG L 12 -38.87 46.09 -34.58
CA ARG L 12 -38.85 45.08 -35.63
C ARG L 12 -38.20 43.78 -35.15
N ASP L 13 -36.88 43.76 -35.03
CA ASP L 13 -36.15 42.51 -34.82
C ASP L 13 -36.50 41.87 -33.49
N PHE L 14 -36.76 42.69 -32.46
CA PHE L 14 -37.32 42.28 -31.17
C PHE L 14 -38.38 41.17 -31.26
N LEU L 15 -39.27 41.27 -32.24
CA LEU L 15 -40.33 40.28 -32.39
C LEU L 15 -39.77 38.90 -32.69
N TYR L 16 -38.70 38.83 -33.48
CA TYR L 16 -38.04 37.57 -33.81
C TYR L 16 -37.15 37.04 -32.68
N TYR L 17 -37.23 37.60 -31.48
CA TYR L 17 -36.56 37.14 -30.27
C TYR L 17 -37.56 36.82 -29.18
N ALA L 18 -38.51 37.73 -28.92
CA ALA L 18 -39.54 37.50 -27.92
C ALA L 18 -40.38 36.28 -28.26
N THR L 19 -40.64 36.05 -29.55
CA THR L 19 -41.41 34.88 -29.95
C THR L 19 -40.62 33.59 -29.69
N ALA L 20 -39.31 33.63 -29.93
CA ALA L 20 -38.49 32.44 -29.69
C ALA L 20 -38.33 32.20 -28.19
N GLY L 21 -38.10 33.28 -27.43
CA GLY L 21 -37.96 33.14 -25.99
C GLY L 21 -39.22 32.63 -25.33
N ALA L 22 -40.38 33.13 -25.77
CA ALA L 22 -41.65 32.63 -25.24
C ALA L 22 -41.82 31.15 -25.52
N GLY L 23 -41.42 30.70 -26.72
CA GLY L 23 -41.48 29.29 -27.02
C GLY L 23 -40.51 28.49 -26.17
N ALA L 24 -39.30 29.03 -25.99
CA ALA L 24 -38.30 28.35 -25.16
C ALA L 24 -38.76 28.25 -23.72
N VAL L 25 -39.23 29.36 -23.15
CA VAL L 25 -39.74 29.35 -21.78
C VAL L 25 -40.92 28.39 -21.67
N ALA L 26 -41.76 28.34 -22.70
CA ALA L 26 -42.89 27.43 -22.68
C ALA L 26 -42.41 25.98 -22.70
N THR L 27 -41.48 25.67 -23.62
CA THR L 27 -40.86 24.35 -23.65
C THR L 27 -40.27 23.99 -22.30
N GLY L 28 -39.63 24.96 -21.63
CA GLY L 28 -39.00 24.66 -20.35
C GLY L 28 -40.04 24.47 -19.26
N ALA L 29 -41.06 25.32 -19.21
CA ALA L 29 -42.09 25.18 -18.20
C ALA L 29 -42.91 23.91 -18.39
N ALA L 30 -42.87 23.32 -19.59
CA ALA L 30 -43.53 22.06 -19.88
C ALA L 30 -42.63 20.86 -19.62
N VAL L 31 -41.33 21.08 -19.48
CA VAL L 31 -40.35 20.00 -19.33
C VAL L 31 -40.10 19.72 -17.86
N TRP L 32 -40.06 20.77 -17.04
CA TRP L 32 -39.77 20.61 -15.62
C TRP L 32 -40.80 19.74 -14.90
N PRO L 33 -42.12 19.90 -15.11
CA PRO L 33 -43.06 18.95 -14.49
C PRO L 33 -42.78 17.50 -14.84
N LEU L 34 -42.28 17.23 -16.05
CA LEU L 34 -42.01 15.87 -16.48
C LEU L 34 -40.78 15.29 -15.81
N ILE L 35 -39.90 16.13 -15.27
CA ILE L 35 -38.71 15.68 -14.54
C ILE L 35 -39.02 15.52 -13.06
N ASN L 36 -39.62 16.55 -12.47
CA ASN L 36 -39.87 16.57 -11.02
C ASN L 36 -40.82 15.46 -10.57
N GLN L 37 -41.64 14.93 -11.48
CA GLN L 37 -42.57 13.85 -11.13
C GLN L 37 -41.87 12.63 -10.57
N MET L 38 -40.65 12.33 -11.04
CA MET L 38 -39.94 11.14 -10.56
C MET L 38 -39.45 11.27 -9.12
N ASN L 39 -39.52 12.45 -8.51
CA ASN L 39 -39.06 12.62 -7.15
C ASN L 39 -39.96 11.84 -6.18
N PRO L 40 -39.50 11.58 -4.95
CA PRO L 40 -40.30 10.76 -4.02
C PRO L 40 -41.64 11.38 -3.70
N SER L 41 -42.64 10.53 -3.49
CA SER L 41 -43.99 10.95 -3.19
C SER L 41 -44.16 11.16 -1.68
N ALA L 42 -45.37 11.54 -1.27
CA ALA L 42 -45.62 11.88 0.12
C ALA L 42 -45.62 10.65 1.03
N ASP L 43 -46.00 9.48 0.51
CA ASP L 43 -46.06 8.29 1.36
C ASP L 43 -44.66 7.87 1.81
N VAL L 44 -43.66 8.08 0.97
CA VAL L 44 -42.28 7.74 1.30
C VAL L 44 -41.58 8.89 2.02
N GLN L 45 -41.85 10.12 1.57
CA GLN L 45 -41.28 11.32 2.19
C GLN L 45 -41.56 11.42 3.68
N ALA L 46 -42.68 10.89 4.16
CA ALA L 46 -43.15 11.14 5.52
C ALA L 46 -42.92 9.97 6.47
N LEU L 47 -41.88 9.17 6.23
CA LEU L 47 -41.51 8.14 7.19
C LEU L 47 -40.94 8.81 8.43
N ALA L 48 -40.86 8.06 9.54
CA ALA L 48 -40.50 8.62 10.83
C ALA L 48 -39.59 7.66 11.58
N SER L 49 -39.30 8.00 12.83
CA SER L 49 -38.38 7.26 13.68
C SER L 49 -38.99 5.93 14.15
N ILE L 50 -38.10 5.05 14.64
CA ILE L 50 -38.48 3.78 15.23
C ILE L 50 -37.75 3.58 16.56
N PHE L 51 -38.23 2.60 17.32
CA PHE L 51 -37.71 2.24 18.63
C PHE L 51 -37.39 0.75 18.61
N VAL L 52 -36.17 0.38 19.01
CA VAL L 52 -35.71 -1.00 18.98
C VAL L 52 -35.50 -1.49 20.40
N ASP L 53 -35.96 -2.72 20.67
CA ASP L 53 -35.87 -3.35 21.98
C ASP L 53 -34.69 -4.31 21.97
N VAL L 54 -33.55 -3.86 22.52
CA VAL L 54 -32.32 -4.65 22.50
C VAL L 54 -32.18 -5.47 23.79
N SER L 55 -33.31 -5.80 24.43
CA SER L 55 -33.28 -6.48 25.72
C SER L 55 -32.59 -7.85 25.67
N SER L 56 -32.66 -8.55 24.52
CA SER L 56 -32.19 -9.93 24.39
C SER L 56 -31.03 -10.08 23.41
N VAL L 57 -30.22 -9.04 23.24
CA VAL L 57 -29.06 -9.07 22.35
C VAL L 57 -27.82 -9.34 23.21
N GLU L 58 -27.34 -10.58 23.16
CA GLU L 58 -26.11 -10.96 23.85
C GLU L 58 -24.91 -10.45 23.08
N PRO L 59 -23.72 -10.44 23.68
CA PRO L 59 -22.52 -10.08 22.91
C PRO L 59 -22.24 -11.08 21.79
N GLY L 60 -21.83 -10.55 20.63
CA GLY L 60 -21.54 -11.33 19.45
C GLY L 60 -22.68 -11.41 18.46
N VAL L 61 -23.89 -11.05 18.84
CA VAL L 61 -25.07 -11.11 17.98
C VAL L 61 -25.31 -9.74 17.39
N GLN L 62 -25.53 -9.69 16.08
CA GLN L 62 -25.86 -8.46 15.37
C GLN L 62 -27.37 -8.44 15.16
N LEU L 63 -27.96 -7.26 15.22
CA LEU L 63 -29.40 -7.06 15.06
C LEU L 63 -29.68 -6.12 13.90
N THR L 64 -30.23 -6.66 12.83
CA THR L 64 -30.51 -5.92 11.59
C THR L 64 -31.98 -5.54 11.57
N VAL L 65 -32.25 -4.25 11.38
CA VAL L 65 -33.59 -3.67 11.50
C VAL L 65 -33.82 -2.77 10.29
N LYS L 66 -35.04 -2.82 9.75
CA LYS L 66 -35.38 -1.99 8.61
C LYS L 66 -35.76 -0.59 9.09
N PHE L 67 -35.20 0.42 8.44
CA PHE L 67 -35.51 1.82 8.78
C PHE L 67 -35.21 2.68 7.57
N LEU L 68 -36.24 3.39 7.08
CA LEU L 68 -36.13 4.20 5.87
C LEU L 68 -35.67 3.35 4.68
N GLY L 69 -36.22 2.14 4.56
CA GLY L 69 -35.98 1.31 3.42
C GLY L 69 -34.71 0.47 3.48
N LYS L 70 -33.74 0.85 4.29
CA LYS L 70 -32.44 0.20 4.39
C LYS L 70 -32.22 -0.49 5.73
N PRO L 71 -31.20 -1.35 5.85
CA PRO L 71 -30.95 -2.00 7.13
C PRO L 71 -30.09 -1.13 8.03
N ILE L 72 -30.41 -1.13 9.33
CA ILE L 72 -29.57 -0.53 10.35
C ILE L 72 -28.98 -1.67 11.18
N PHE L 73 -27.67 -1.60 11.41
CA PHE L 73 -26.96 -2.60 12.19
C PHE L 73 -26.90 -2.16 13.65
N ILE L 74 -27.19 -3.10 14.55
CA ILE L 74 -27.06 -2.89 15.98
C ILE L 74 -26.35 -4.13 16.51
N ARG L 75 -25.04 -4.03 16.72
CA ARG L 75 -24.21 -5.12 17.21
C ARG L 75 -23.69 -4.79 18.60
N ARG L 76 -23.92 -5.71 19.55
CA ARG L 76 -23.27 -5.66 20.84
C ARG L 76 -21.90 -6.31 20.71
N ARG L 77 -20.85 -5.51 20.77
CA ARG L 77 -19.52 -5.99 20.45
C ARG L 77 -18.97 -6.84 21.59
N THR L 78 -18.14 -7.82 21.22
CA THR L 78 -17.55 -8.76 22.17
C THR L 78 -16.21 -8.21 22.68
N GLU L 79 -15.61 -8.97 23.60
CA GLU L 79 -14.27 -8.67 24.10
C GLU L 79 -13.30 -8.38 22.96
N ALA L 80 -13.29 -9.24 21.94
CA ALA L 80 -12.33 -9.09 20.86
C ALA L 80 -12.67 -7.93 19.93
N ASP L 81 -13.96 -7.76 19.62
CA ASP L 81 -14.39 -6.71 18.71
C ASP L 81 -13.96 -5.32 19.18
N ILE L 82 -14.07 -5.05 20.48
CA ILE L 82 -13.76 -3.72 20.99
C ILE L 82 -12.26 -3.47 21.00
N GLU L 83 -11.47 -4.52 21.22
CA GLU L 83 -10.01 -4.36 21.24
C GLU L 83 -9.46 -3.91 19.89
N LEU L 84 -9.75 -4.68 18.83
CA LEU L 84 -9.31 -4.34 17.48
C LEU L 84 -9.63 -2.89 17.14
N GLY L 85 -10.83 -2.43 17.47
CA GLY L 85 -11.22 -1.08 17.13
C GLY L 85 -10.30 -0.04 17.78
N ARG L 86 -10.10 -0.14 19.09
CA ARG L 86 -9.29 0.83 19.81
C ARG L 86 -7.79 0.68 19.56
N SER L 87 -7.34 -0.42 18.94
CA SER L 87 -5.91 -0.58 18.69
C SER L 87 -5.46 0.16 17.45
N VAL L 88 -6.35 0.37 16.49
CA VAL L 88 -6.00 1.00 15.22
C VAL L 88 -5.80 2.49 15.42
N GLN L 89 -4.72 3.02 14.83
CA GLN L 89 -4.40 4.43 14.93
C GLN L 89 -4.97 5.19 13.74
N LEU L 90 -5.24 6.49 13.96
CA LEU L 90 -5.87 7.32 12.94
C LEU L 90 -5.11 7.38 11.63
N GLY L 91 -3.80 7.09 11.63
CA GLY L 91 -3.05 7.15 10.39
C GLY L 91 -3.26 5.90 9.56
N GLN L 92 -3.49 4.77 10.21
CA GLN L 92 -3.68 3.50 9.52
C GLN L 92 -5.05 3.40 8.84
N LEU L 93 -5.97 4.33 9.11
CA LEU L 93 -7.34 4.26 8.63
C LEU L 93 -7.48 4.97 7.29
N VAL L 94 -8.26 4.35 6.39
CA VAL L 94 -8.52 4.96 5.09
C VAL L 94 -9.34 6.24 5.25
N ASP L 95 -10.32 6.24 6.16
CA ASP L 95 -11.21 7.38 6.38
C ASP L 95 -11.17 7.78 7.85
N THR L 96 -10.76 9.02 8.11
CA THR L 96 -10.56 9.51 9.47
C THR L 96 -11.77 10.25 10.03
N ASN L 97 -12.90 10.27 9.32
CA ASN L 97 -14.12 10.90 9.82
C ASN L 97 -14.99 9.85 10.49
N ALA L 98 -15.59 10.23 11.63
CA ALA L 98 -16.41 9.28 12.36
C ALA L 98 -17.76 9.01 11.70
N ARG L 99 -18.22 9.91 10.82
CA ARG L 99 -19.50 9.78 10.13
C ARG L 99 -20.63 9.54 11.12
N ASN L 100 -20.73 10.44 12.10
CA ASN L 100 -21.67 10.32 13.20
C ASN L 100 -22.50 11.57 13.32
N ALA L 101 -23.83 11.40 13.34
CA ALA L 101 -24.75 12.52 13.39
C ALA L 101 -24.85 13.11 14.78
N ASN L 102 -24.52 12.34 15.82
CA ASN L 102 -24.64 12.83 17.20
C ASN L 102 -23.50 13.80 17.53
N ILE L 103 -22.27 13.31 17.58
CA ILE L 103 -21.11 14.17 17.79
C ILE L 103 -20.89 15.03 16.54
N ASP L 104 -19.99 16.00 16.65
CA ASP L 104 -19.80 16.99 15.60
C ASP L 104 -19.25 16.35 14.32
N ALA L 105 -19.46 17.06 13.20
CA ALA L 105 -19.08 16.54 11.90
C ALA L 105 -17.56 16.39 11.77
N GLY L 106 -16.80 17.19 12.52
CA GLY L 106 -15.35 17.17 12.43
C GLY L 106 -14.67 16.08 13.25
N ALA L 107 -15.44 15.38 14.09
CA ALA L 107 -14.91 14.36 14.97
C ALA L 107 -14.10 13.32 14.20
N GLU L 108 -13.07 12.80 14.86
CA GLU L 108 -12.14 11.84 14.27
C GLU L 108 -12.68 10.43 14.45
N ALA L 109 -12.23 9.52 13.57
CA ALA L 109 -12.79 8.17 13.50
C ALA L 109 -12.18 7.23 14.52
N THR L 110 -11.99 7.67 15.76
CA THR L 110 -11.55 6.77 16.80
C THR L 110 -12.69 5.87 17.23
N ASP L 111 -12.33 4.70 17.76
CA ASP L 111 -13.33 3.70 18.12
C ASP L 111 -14.33 4.25 19.14
N GLN L 112 -13.88 5.17 20.01
CA GLN L 112 -14.76 5.75 21.01
C GLN L 112 -15.74 6.75 20.41
N ASN L 113 -15.50 7.20 19.17
CA ASN L 113 -16.39 8.11 18.47
C ASN L 113 -17.32 7.37 17.51
N ARG L 114 -17.29 6.04 17.48
CA ARG L 114 -18.13 5.21 16.63
C ARG L 114 -19.24 4.51 17.39
N THR L 115 -19.26 4.59 18.72
CA THR L 115 -20.24 3.91 19.57
C THR L 115 -21.08 4.93 20.31
N LEU L 116 -22.16 4.43 20.93
CA LEU L 116 -23.10 5.26 21.67
C LEU L 116 -22.72 5.41 23.14
N ASP L 117 -22.18 4.36 23.75
CA ASP L 117 -21.81 4.34 25.15
C ASP L 117 -20.30 4.48 25.32
N GLU L 118 -19.89 5.00 26.48
CA GLU L 118 -18.47 5.20 26.74
C GLU L 118 -17.72 3.88 26.80
N ALA L 119 -18.41 2.79 27.15
CA ALA L 119 -17.78 1.47 27.19
C ALA L 119 -17.47 0.94 25.80
N GLY L 120 -18.01 1.54 24.75
CA GLY L 120 -17.77 1.08 23.39
C GLY L 120 -18.31 -0.30 23.11
N GLU L 121 -19.43 -0.65 23.74
CA GLU L 121 -20.01 -1.98 23.61
C GLU L 121 -21.06 -2.06 22.52
N TRP L 122 -21.83 -0.99 22.33
CA TRP L 122 -22.92 -0.94 21.36
C TRP L 122 -22.50 -0.10 20.16
N LEU L 123 -22.44 -0.74 18.99
CA LEU L 123 -22.10 -0.10 17.73
C LEU L 123 -23.36 -0.07 16.89
N VAL L 124 -23.87 1.13 16.60
CA VAL L 124 -25.09 1.33 15.82
C VAL L 124 -24.72 2.13 14.59
N MET L 125 -24.95 1.55 13.42
CA MET L 125 -24.54 2.16 12.16
C MET L 125 -25.44 1.66 11.04
N TRP L 126 -25.58 2.49 10.01
CA TRP L 126 -26.30 2.09 8.80
C TRP L 126 -25.62 0.91 8.14
N GLY L 127 -26.37 -0.17 7.94
CA GLY L 127 -25.84 -1.32 7.23
C GLY L 127 -25.92 -1.11 5.73
N VAL L 128 -25.38 0.01 5.25
CA VAL L 128 -25.51 0.45 3.86
C VAL L 128 -24.11 0.80 3.39
N CYS L 129 -23.47 -0.12 2.65
CA CYS L 129 -22.13 0.11 2.14
C CYS L 129 -22.05 1.44 1.41
N THR L 130 -21.04 2.24 1.74
CA THR L 130 -20.95 3.58 1.19
C THR L 130 -20.48 3.58 -0.26
N HIS L 131 -20.13 2.41 -0.81
CA HIS L 131 -19.82 2.31 -2.22
C HIS L 131 -21.10 2.46 -3.03
N LEU L 132 -21.96 1.43 -3.03
CA LEU L 132 -23.19 1.46 -3.81
C LEU L 132 -24.40 0.90 -3.07
N GLY L 133 -24.34 0.74 -1.74
CA GLY L 133 -25.55 0.57 -0.95
C GLY L 133 -25.96 -0.86 -0.64
N CYS L 134 -25.04 -1.82 -0.71
CA CYS L 134 -25.34 -3.19 -0.32
C CYS L 134 -25.28 -3.37 1.20
N VAL L 135 -25.65 -4.56 1.65
CA VAL L 135 -25.68 -4.91 3.07
C VAL L 135 -24.42 -5.73 3.37
N PRO L 136 -23.45 -5.21 4.13
CA PRO L 136 -22.27 -6.03 4.46
C PRO L 136 -22.59 -7.23 5.33
N ILE L 137 -21.86 -8.32 5.08
CA ILE L 137 -21.96 -9.52 5.91
C ILE L 137 -21.24 -9.23 7.21
N GLY L 138 -21.92 -9.46 8.33
CA GLY L 138 -21.39 -9.16 9.65
C GLY L 138 -20.79 -10.34 10.37
N GLY L 139 -20.84 -10.29 11.70
CA GLY L 139 -20.23 -11.34 12.49
C GLY L 139 -18.73 -11.17 12.34
N VAL L 140 -18.01 -12.27 12.13
CA VAL L 140 -16.55 -12.25 12.04
C VAL L 140 -16.21 -12.70 10.62
N SER L 141 -16.19 -11.74 9.70
CA SER L 141 -15.84 -11.99 8.30
C SER L 141 -14.95 -10.88 7.79
N GLY L 142 -14.22 -11.19 6.71
CA GLY L 142 -13.29 -10.26 6.12
C GLY L 142 -11.90 -10.44 6.70
N ASP L 143 -11.05 -9.45 6.43
CA ASP L 143 -9.65 -9.49 6.85
C ASP L 143 -9.38 -8.67 8.11
N PHE L 144 -10.41 -8.03 8.69
CA PHE L 144 -10.25 -7.17 9.85
C PHE L 144 -11.24 -7.51 10.96
N GLY L 145 -11.77 -8.74 10.99
CA GLY L 145 -12.66 -9.15 12.06
C GLY L 145 -13.89 -8.29 12.19
N GLY L 146 -14.43 -7.79 11.08
CA GLY L 146 -15.59 -6.92 11.08
C GLY L 146 -16.68 -7.29 10.09
N TRP L 147 -16.88 -6.44 9.08
CA TRP L 147 -17.93 -6.61 8.08
C TRP L 147 -17.32 -6.73 6.69
N PHE L 148 -17.92 -7.58 5.87
CA PHE L 148 -17.48 -7.83 4.50
C PHE L 148 -18.64 -7.59 3.53
N CYS L 149 -18.40 -6.78 2.51
CA CYS L 149 -19.42 -6.46 1.52
C CYS L 149 -19.30 -7.40 0.32
N PRO L 150 -20.33 -8.18 -0.04
CA PRO L 150 -20.12 -9.17 -1.11
C PRO L 150 -20.35 -8.63 -2.51
N CYS L 151 -20.80 -7.37 -2.62
CA CYS L 151 -21.10 -6.80 -3.93
C CYS L 151 -19.84 -6.51 -4.73
N HIS L 152 -18.82 -5.94 -4.09
CA HIS L 152 -17.57 -5.61 -4.77
C HIS L 152 -16.32 -5.87 -3.94
N GLY L 153 -16.43 -6.19 -2.65
CA GLY L 153 -15.31 -6.64 -1.87
C GLY L 153 -14.68 -5.59 -0.99
N SER L 154 -15.48 -4.95 -0.13
CA SER L 154 -14.99 -3.99 0.85
C SER L 154 -14.89 -4.65 2.21
N HIS L 155 -13.78 -4.42 2.90
CA HIS L 155 -13.52 -4.99 4.21
C HIS L 155 -13.57 -3.89 5.27
N TYR L 156 -14.32 -4.15 6.34
CA TYR L 156 -14.44 -3.27 7.49
C TYR L 156 -13.93 -3.98 8.73
N ASP L 157 -13.52 -3.20 9.72
CA ASP L 157 -12.98 -3.73 10.97
C ASP L 157 -14.09 -3.81 12.02
N SER L 158 -13.70 -4.15 13.26
CA SER L 158 -14.67 -4.35 14.32
C SER L 158 -15.33 -3.07 14.80
N ALA L 159 -14.89 -1.90 14.32
CA ALA L 159 -15.47 -0.61 14.67
C ALA L 159 -16.35 -0.04 13.56
N GLY L 160 -16.40 -0.70 12.40
CA GLY L 160 -17.20 -0.23 11.29
C GLY L 160 -16.54 0.81 10.42
N ARG L 161 -15.21 0.78 10.32
CA ARG L 161 -14.44 1.71 9.52
C ARG L 161 -13.93 0.99 8.28
N ILE L 162 -13.85 1.71 7.16
CA ILE L 162 -13.37 1.12 5.93
C ILE L 162 -11.86 1.00 5.99
N ARG L 163 -11.34 -0.16 5.57
CA ARG L 163 -9.92 -0.48 5.67
C ARG L 163 -9.36 -0.91 4.32
N LYS L 164 -10.19 -1.50 3.47
CA LYS L 164 -9.72 -2.01 2.18
C LYS L 164 -10.92 -2.24 1.26
N GLY L 165 -10.80 -1.78 0.02
CA GLY L 165 -11.83 -1.95 -0.98
C GLY L 165 -12.32 -0.67 -1.64
N PRO L 166 -13.27 -0.80 -2.57
CA PRO L 166 -13.76 0.40 -3.29
C PRO L 166 -14.47 1.43 -2.43
N ALA L 167 -14.95 1.07 -1.24
CA ALA L 167 -15.78 1.98 -0.46
C ALA L 167 -14.98 3.23 -0.06
N PRO L 168 -15.50 4.46 -0.32
CA PRO L 168 -14.76 5.66 0.09
C PRO L 168 -14.74 5.94 1.59
N GLU L 169 -15.90 5.84 2.25
CA GLU L 169 -16.08 6.31 3.62
C GLU L 169 -16.43 5.15 4.55
N ASN L 170 -16.41 5.46 5.85
CA ASN L 170 -16.90 4.53 6.85
C ASN L 170 -18.42 4.43 6.76
N LEU L 171 -18.96 3.37 7.35
CA LEU L 171 -20.40 3.20 7.37
C LEU L 171 -21.03 4.30 8.22
N PRO L 172 -22.03 5.05 7.71
CA PRO L 172 -22.56 6.17 8.50
C PRO L 172 -23.27 5.68 9.75
N ILE L 173 -23.30 6.53 10.76
CA ILE L 173 -23.96 6.26 12.04
C ILE L 173 -25.19 7.16 12.12
N PRO L 174 -26.41 6.62 12.30
CA PRO L 174 -27.59 7.48 12.35
C PRO L 174 -27.62 8.30 13.64
N LEU L 175 -28.53 9.27 13.66
CA LEU L 175 -28.86 9.91 14.92
C LEU L 175 -29.46 8.86 15.84
N ALA L 176 -28.65 8.39 16.79
CA ALA L 176 -29.02 7.32 17.69
C ALA L 176 -28.60 7.69 19.11
N LYS L 177 -29.36 7.19 20.08
CA LYS L 177 -29.12 7.49 21.47
C LYS L 177 -29.93 6.52 22.32
N PHE L 178 -29.41 6.20 23.50
CA PHE L 178 -30.14 5.39 24.46
C PHE L 178 -31.14 6.26 25.21
N ILE L 179 -32.43 5.92 25.09
CA ILE L 179 -33.47 6.66 25.79
C ILE L 179 -33.71 6.06 27.17
N ASP L 180 -33.48 4.76 27.33
CA ASP L 180 -33.48 4.12 28.63
C ASP L 180 -32.50 2.95 28.57
N GLU L 181 -32.43 2.21 29.68
CA GLU L 181 -31.41 1.16 29.85
C GLU L 181 -31.41 0.12 28.74
N THR L 182 -32.58 -0.16 28.14
CA THR L 182 -32.73 -1.30 27.24
C THR L 182 -33.38 -0.94 25.90
N THR L 183 -33.46 0.35 25.55
CA THR L 183 -34.14 0.79 24.33
C THR L 183 -33.34 1.89 23.65
N ILE L 184 -33.14 1.73 22.34
CA ILE L 184 -32.44 2.70 21.51
C ILE L 184 -33.48 3.41 20.64
N GLN L 185 -33.25 4.70 20.39
CA GLN L 185 -34.09 5.51 19.52
C GLN L 185 -33.27 5.89 18.29
N LEU L 186 -33.61 5.31 17.15
CA LEU L 186 -32.95 5.62 15.88
C LEU L 186 -33.66 6.80 15.23
N GLY L 187 -32.87 7.81 14.84
CA GLY L 187 -33.41 9.00 14.23
C GLY L 187 -34.10 9.92 15.22
CHA HEM M . 55.66 -5.98 18.07
CHB HEM M . 59.25 -4.78 15.03
CHC HEM M . 56.09 -2.31 12.27
CHD HEM M . 52.51 -3.52 15.31
C1A HEM M . 56.91 -5.87 17.50
C2A HEM M . 58.14 -6.46 18.00
C3A HEM M . 59.12 -6.13 17.15
C4A HEM M . 58.56 -5.32 16.09
CMA HEM M . 60.61 -6.56 17.29
CAA HEM M . 58.25 -7.34 19.26
CBA HEM M . 57.80 -8.74 18.88
CGA HEM M . 57.82 -9.65 20.09
O1A HEM M . 57.24 -10.76 20.01
O2A HEM M . 58.40 -9.26 21.13
C1B HEM M . 58.71 -4.01 14.02
C2B HEM M . 59.45 -3.45 12.91
C3B HEM M . 58.61 -2.77 12.12
C4B HEM M . 57.27 -2.87 12.72
CMB HEM M . 60.97 -3.64 12.69
CAB HEM M . 59.06 -2.03 10.83
CBB HEM M . 58.23 -1.73 9.84
C1C HEM M . 54.84 -2.42 12.83
C2C HEM M . 53.63 -1.82 12.32
C3C HEM M . 52.61 -2.13 13.15
C4C HEM M . 53.16 -2.95 14.23
CMC HEM M . 53.52 -0.97 11.04
CAC HEM M . 51.16 -1.66 12.88
CBC HEM M . 50.16 -1.85 13.74
C1D HEM M . 53.06 -4.28 16.31
C2D HEM M . 52.32 -4.85 17.44
C3D HEM M . 53.19 -5.53 18.20
C4D HEM M . 54.50 -5.41 17.59
CMD HEM M . 50.81 -4.67 17.68
CAD HEM M . 52.88 -6.30 19.51
CBD HEM M . 52.40 -7.72 19.19
CGD HEM M . 53.55 -8.70 19.03
O1D HEM M . 53.36 -9.68 18.27
O2D HEM M . 54.64 -8.51 19.65
NA HEM M . 57.20 -5.18 16.34
NB HEM M . 57.39 -3.63 13.87
NC HEM M . 54.52 -3.10 13.99
ND HEM M . 54.38 -4.65 16.45
FE HEM M . 55.86 -4.12 15.15
HHB HEM M . 60.21 -4.95 14.98
HHC HEM M . 56.15 -1.80 11.43
HHD HEM M . 51.54 -3.34 15.37
HMA HEM M . 61.13 -6.15 16.57
HMAA HEM M . 60.67 -7.53 17.23
HMAB HEM M . 60.96 -6.26 18.16
HAA HEM M . 57.69 -6.98 19.96
HAAA HEM M . 59.19 -7.36 19.56
HBA HEM M . 58.40 -9.10 18.21
HBAA HEM M . 56.91 -8.70 18.53
HMB HEM M . 61.17 -3.56 11.74
HMBA HEM M . 61.24 -4.52 13.00
HMBB HEM M . 61.46 -2.95 13.18
HAB HEM M . 59.98 -1.78 10.76
HBB HEM M . 58.56 -1.27 9.05
HBBA HEM M . 57.29 -1.98 9.90
HMC HEM M . 52.72 -1.22 10.54
HMCA HEM M . 54.31 -1.12 10.47
HMCB HEM M . 53.46 -0.03 11.27
HAC HEM M . 50.98 -1.20 12.07
HBC HEM M . 49.27 -1.53 13.53
HBCA HEM M . 50.32 -2.30 14.59
HMD HEM M . 50.54 -5.21 18.44
HMDA HEM M . 50.32 -4.96 16.88
HMDB HEM M . 50.62 -3.73 17.86
HAD HEM M . 52.17 -5.83 20.00
HADA HEM M . 53.68 -6.34 20.06
HBD HEM M . 51.90 -7.69 18.36
HBDA HEM M . 51.84 -8.02 19.91
HHA HEM M . 55.60 -6.49 18.90
CHA HEM N . 70.73 0.52 -2.71
CHB HEM N . 66.47 -0.82 -0.85
CHC HEM N . 67.99 0.67 3.51
CHD HEM N . 72.26 2.02 1.65
C1A HEM N . 69.46 0.03 -2.59
C2A HEM N . 68.66 -0.51 -3.67
C3A HEM N . 67.48 -0.88 -3.17
C4A HEM N . 67.49 -0.58 -1.75
CMA HEM N . 66.32 -1.52 -3.96
CAA HEM N . 69.15 -0.65 -5.13
CBA HEM N . 70.32 -1.62 -5.19
CGA HEM N . 70.09 -2.80 -4.30
O1A HEM N . 69.00 -3.43 -4.38
O2A HEM N . 71.00 -3.13 -3.48
C1B HEM N . 66.50 -0.53 0.50
C2B HEM N . 65.43 -0.77 1.45
C3B HEM N . 65.86 -0.36 2.66
C4B HEM N . 67.21 0.15 2.50
CMB HEM N . 64.07 -1.38 1.05
CAB HEM N . 65.13 -0.36 4.04
CBB HEM N . 63.81 -0.44 4.19
C1C HEM N . 69.27 1.17 3.40
C2C HEM N . 70.07 1.69 4.48
C3C HEM N . 71.27 2.06 3.98
C4C HEM N . 71.24 1.78 2.55
CMC HEM N . 69.50 1.72 5.93
CAC HEM N . 72.52 2.69 4.65
CBC HEM N . 72.60 3.15 5.90
C1D HEM N . 72.22 1.73 0.30
C2D HEM N . 73.29 1.96 -0.65
C3D HEM N . 72.85 1.54 -1.86
C4D HEM N . 71.51 1.04 -1.69
CMD HEM N . 74.67 2.57 -0.32
CAD HEM N . 73.59 1.54 -3.21
CBD HEM N . 73.11 2.69 -4.09
CGD HEM N . 73.74 2.59 -5.45
O1D HEM N . 74.44 1.58 -5.73
O2D HEM N . 73.55 3.53 -6.27
NA HEM N . 68.71 -0.03 -1.44
NB HEM N . 67.57 0.03 1.18
NC HEM N . 70.02 1.23 2.24
ND HEM N . 71.16 1.17 -0.37
FE HEM N . 69.40 0.61 0.37
HHB HEM N . 65.65 -1.21 -1.20
HHC HEM N . 67.59 0.67 4.41
HHD HEM N . 73.08 2.42 2.01
HMA HEM N . 65.56 -1.66 -3.35
HMAA HEM N . 66.61 -2.39 -4.32
HMAB HEM N . 66.06 -0.94 -4.69
HAA HEM N . 69.44 0.22 -5.46
HAAA HEM N . 68.43 -0.97 -5.68
HBA HEM N . 71.14 -1.17 -4.92
HBAA HEM N . 70.43 -1.94 -6.11
HMB HEM N . 63.69 -1.85 1.81
HMBA HEM N . 64.20 -2.00 0.32
HMBB HEM N . 63.46 -0.68 0.78
HAB HEM N . 65.68 -0.29 4.83
HBB HEM N . 63.42 -0.44 5.09
HBBA HEM N . 63.23 -0.52 3.42
HMC HEM N . 70.19 2.03 6.54
HMCA HEM N . 69.23 0.82 6.18
HMCB HEM N . 68.74 2.30 5.96
HAC HEM N . 73.32 2.75 4.12
HBC HEM N . 73.43 3.52 6.24
HBCA HEM N . 71.82 3.11 6.49
HMD HEM N . 74.54 3.37 0.24
HMDA HEM N . 75.13 2.82 -1.15
HMDB HEM N . 75.21 1.92 0.17
HAD HEM N . 73.41 0.70 -3.67
HADA HEM N . 74.54 1.63 -3.05
HBD HEM N . 73.35 3.53 -3.68
HBDA HEM N . 72.14 2.65 -4.18
HHA HEM N . 71.14 0.50 -3.60
O1 AOQ O . 67.40 -3.03 24.36
O2 AOQ O . 69.96 -1.66 28.79
C1 AOQ O . 68.00 -2.70 25.36
C2 AOQ O . 69.12 -1.72 25.32
C3 AOQ O . 69.69 -1.41 26.49
C4 AOQ O . 69.34 -2.02 27.81
C5 AOQ O . 67.89 -3.59 29.04
C6 AOQ O . 66.87 -4.52 29.05
C7 AOQ O . 66.22 -4.85 27.87
C8 AOQ O . 66.60 -4.25 26.68
C9 AOQ O . 67.61 -3.32 26.66
C10 AOQ O . 68.26 -3.00 27.84
O6 AOQ O . 70.71 -0.53 26.69
C11 AOQ O . 68.44 0.02 23.55
C12 AOQ O . 68.72 0.82 22.27
C13 AOQ O . 70.17 1.24 21.96
C14 AOQ O . 71.18 0.10 22.38
C15 AOQ O . 70.89 -0.38 23.81
C16 AOQ O . 69.49 -1.02 24.00
CL AOQ O . 70.78 4.26 16.69
C17 AOQ O . 70.39 1.87 20.59
C18 AOQ O . 69.84 3.14 20.46
C19 AOQ O . 69.94 3.87 19.28
C20 AOQ O . 70.62 3.32 18.23
C21 AOQ O . 71.19 2.08 18.33
C22 AOQ O . 71.07 1.35 19.51
H1 AOQ O . 68.34 -3.35 29.82
H2 AOQ O . 66.62 -4.92 29.85
H3 AOQ O . 65.54 -5.48 27.88
H4 AOQ O . 66.18 -4.48 25.88
H6 AOQ O . 67.63 -0.41 23.44
H7 AOQ O . 68.34 0.65 24.25
H8 AOQ O . 68.19 1.60 22.31
H9 AOQ O . 68.40 0.31 21.55
H10 AOQ O . 70.43 1.90 22.57
H11 AOQ O . 72.06 0.44 22.32
H12 AOQ O . 71.11 -0.61 21.78
H13 AOQ O . 70.96 0.34 24.41
H14 AOQ O . 71.54 -1.02 24.07
H15 AOQ O . 69.61 -1.77 23.44
H16 AOQ O . 69.40 3.54 21.17
H17 AOQ O . 69.56 4.71 19.21
H18 AOQ O . 71.66 1.73 17.61
H19 AOQ O . 71.47 0.51 19.56
O1 6PE P . 84.14 -8.30 -4.80
O2 6PE P . 86.05 -10.12 -4.08
P1 6PE P . 84.58 -9.70 -4.31
O3 6PE P . 83.74 -10.14 -2.92
C1 6PE P . 83.21 -9.09 -2.09
C2 6PE P . 83.30 -9.48 -0.64
C3 6PE P . 83.04 -8.32 0.29
O4 6PE P . 81.93 -8.74 1.14
C4 6PE P . 80.72 -8.21 0.97
O5 6PE P . 80.15 -8.20 -0.08
C5 6PE P . 80.19 -7.68 2.28
C6 6PE P . 79.78 -8.81 3.23
C7 6PE P . 79.40 -8.24 4.61
C8 6PE P . 79.27 -9.31 5.70
C9 6PE P . 78.96 -8.68 7.07
O6 6PE P . 82.14 -10.34 -0.50
C10 6PE P . 82.18 -11.69 -0.61
O7 6PE P . 83.19 -12.33 -0.50
C11 6PE P . 80.80 -12.14 -0.93
C12 6PE P . 80.15 -12.87 0.24
C13 6PE P . 79.94 -11.89 1.41
C14 6PE P . 79.00 -12.42 2.50
C15 6PE P . 79.61 -12.37 3.92
O8 6PE P . 83.82 -10.80 -5.27
C16 6PE P . 82.38 -10.78 -5.34
C17 6PE P . 81.92 -11.42 -6.65
N1 6PE P . 80.77 -12.32 -6.47
H1 6PE P . 82.29 -8.94 -2.33
H2 6PE P . 83.74 -8.29 -2.24
H3 6PE P . 84.12 -9.93 -0.41
H4 6PE P . 82.79 -7.52 -0.20
H5 6PE P . 83.83 -8.13 0.84
H6 6PE P . 79.45 -7.10 2.08
H7 6PE P . 80.88 -7.13 2.67
H8 6PE P . 80.50 -9.45 3.32
H9 6PE P . 79.03 -9.29 2.86
H10 6PE P . 78.56 -7.75 4.54
H11 6PE P . 80.07 -7.60 4.89
H12 6PE P . 80.08 -9.82 5.76
H13 6PE P . 78.56 -9.93 5.46
H14 6PE P . 78.99 -9.35 7.78
H15 6PE P . 78.08 -8.27 7.09
H16 6PE P . 79.60 -7.99 7.30
H17 6PE P . 80.90 -12.69 -1.72
H18 6PE P . 80.33 -11.33 -1.20
H19 6PE P . 80.72 -13.60 0.53
H20 6PE P . 79.30 -13.25 -0.03
H21 6PE P . 79.58 -11.06 1.06
H22 6PE P . 80.80 -11.68 1.81
H23 6PE P . 78.77 -13.35 2.29
H24 6PE P . 78.17 -11.91 2.48
H25 6PE P . 80.06 -13.20 4.13
H26 6PE P . 78.90 -12.22 4.58
H27 6PE P . 80.24 -11.63 3.99
H28 6PE P . 82.09 -9.86 -5.31
H29 6PE P . 82.01 -11.26 -4.59
H30 6PE P . 82.66 -11.93 -7.02
H31 6PE P . 81.69 -10.73 -7.29
H32 6PE P . 80.30 -12.45 -7.21
H33 6PE P . 80.23 -12.06 -5.80
SR SR Q . 93.34 3.17 37.28
C1 BOG R . 65.25 -27.57 15.85
O1 BOG R . 65.95 -26.84 14.88
C2 BOG R . 65.56 -26.90 17.21
O2 BOG R . 66.90 -27.07 17.52
C3 BOG R . 64.79 -27.75 18.24
O3 BOG R . 64.92 -27.22 19.51
C4 BOG R . 63.28 -27.65 17.91
O4 BOG R . 62.55 -28.50 18.77
C5 BOG R . 63.06 -28.18 16.44
O5 BOG R . 63.86 -27.38 15.58
C6 BOG R . 61.59 -28.04 15.93
O6 BOG R . 60.88 -27.32 16.90
C1' BOG R . 65.70 -27.29 13.56
C2' BOG R . 64.95 -26.16 12.86
C3' BOG R . 65.98 -25.30 12.13
C4' BOG R . 65.31 -24.06 11.58
C5' BOG R . 65.65 -23.86 10.11
C6' BOG R . 67.11 -23.47 9.93
C7' BOG R . 67.26 -22.42 8.80
C8' BOG R . 68.64 -21.79 8.82
H1 BOG R . 65.50 -28.50 15.83
H2 BOG R . 65.30 -25.97 17.23
HO2 BOG R . 67.01 -26.78 18.32
H3 BOG R . 65.07 -28.67 18.21
HO3 BOG R . 65.57 -27.61 19.89
H4 BOG R . 62.97 -26.74 17.96
HO4 BOG R . 62.02 -28.96 18.30
H5 BOG R . 63.30 -29.12 16.38
H61 BOG R . 61.22 -28.93 15.78
H62 BOG R . 61.59 -27.60 15.07
HO6 BOG R . 60.51 -26.67 16.50
H1'1 BOG R . 65.17 -28.11 13.57
H1'2 BOG R . 66.52 -27.50 13.11
H2'1 BOG R . 64.43 -25.64 13.48
H2'2 BOG R . 64.29 -26.52 12.23
H3'1 BOG R . 66.42 -25.80 11.44
H3'2 BOG R . 66.71 -25.06 12.74
H4'1 BOG R . 65.56 -23.29 12.10
H4'2 BOG R . 64.34 -24.14 11.68
H5'1 BOG R . 65.07 -23.18 9.73
H5'2 BOG R . 65.44 -24.65 9.61
H6'1 BOG R . 67.65 -24.25 9.74
H6'2 BOG R . 67.48 -23.12 10.76
H7'1 BOG R . 66.58 -21.74 8.88
H7'2 BOG R . 67.09 -22.84 7.94
H8'1 BOG R . 68.60 -20.82 8.89
H8'2 BOG R . 69.14 -21.99 8.00
H8'3 BOG R . 69.18 -22.11 9.55
FE HEC S . 56.68 -25.01 42.30
CHA HEC S . 58.78 -22.34 41.87
CHB HEC S . 57.44 -26.11 39.11
CHC HEC S . 54.57 -27.70 42.68
CHD HEC S . 55.88 -23.96 45.47
NA HEC S . 57.89 -24.35 40.78
C1A HEC S . 58.66 -23.21 40.81
C2A HEC S . 59.36 -23.10 39.54
C3A HEC S . 58.99 -24.15 38.79
C4A HEC S . 58.06 -24.95 39.54
CMA HEC S . 59.46 -24.45 37.35
CAA HEC S . 60.32 -21.96 39.15
CBA HEC S . 61.78 -22.42 39.11
CGA HEC S . 62.62 -21.24 38.68
O1A HEC S . 62.43 -20.13 39.25
O2A HEC S . 63.46 -21.40 37.78
NB HEC S . 56.11 -26.62 41.11
C1B HEC S . 56.55 -26.87 39.82
C2B HEC S . 55.89 -28.09 39.37
C3B HEC S . 55.11 -28.53 40.36
C4B HEC S . 55.22 -27.61 41.47
CMB HEC S . 56.07 -28.74 37.98
CAB HEC S . 54.17 -29.77 40.32
CBB HEC S . 54.88 -31.09 39.94
NC HEC S . 55.45 -25.71 43.80
C1C HEC S . 54.66 -26.83 43.74
C2C HEC S . 53.96 -26.96 45.01
C3C HEC S . 54.34 -25.93 45.79
C4C HEC S . 55.26 -25.12 45.03
CMC HEC S . 52.96 -28.11 45.35
CAC HEC S . 53.83 -25.58 47.21
CBC HEC S . 53.73 -26.77 48.19
ND HEC S . 57.24 -23.41 43.49
C1D HEC S . 56.78 -23.18 44.78
C2D HEC S . 57.40 -21.97 45.29
C3D HEC S . 58.30 -21.47 44.16
C4D HEC S . 58.14 -22.42 43.09
CMD HEC S . 57.20 -21.32 46.67
CAD HEC S . 59.20 -20.21 44.16
CBD HEC S . 60.65 -20.66 44.23
CGD HEC S . 61.56 -19.48 44.46
O1D HEC S . 62.80 -19.68 44.60
O2D HEC S . 61.06 -18.32 44.48
HHA HEC S . 59.39 -21.58 41.75
HHB HEC S . 57.68 -26.42 38.21
HHC HEC S . 53.97 -28.48 42.79
HHD HEC S . 55.65 -23.67 46.38
HMA1 HEC S . 58.68 -24.63 36.78
HMA2 HEC S . 60.03 -25.25 37.35
HMA3 HEC S . 59.95 -23.68 36.99
HAA1 HEC S . 60.24 -21.25 39.79
HAA2 HEC S . 60.07 -21.64 38.26
HBA1 HEC S . 61.87 -23.14 38.47
HBA2 HEC S . 62.05 -22.71 39.99
HMB1 HEC S . 56.41 -29.64 38.09
HMB2 HEC S . 56.69 -28.22 37.45
HMB3 HEC S . 55.21 -28.78 37.53
HAB HEC S . 53.83 -29.88 41.22
HBB1 HEC S . 54.62 -31.78 40.58
HBB2 HEC S . 55.83 -30.95 39.95
HBB3 HEC S . 54.59 -31.36 39.05
HMC1 HEC S . 52.15 -27.72 45.72
HMC2 HEC S . 53.37 -28.71 46.00
HMC3 HEC S . 52.75 -28.60 44.54
HAC HEC S . 54.49 -24.98 47.58
HBC1 HEC S . 54.10 -26.51 49.04
HBC2 HEC S . 54.22 -27.52 47.83
HBC3 HEC S . 52.79 -27.01 48.30
HMD1 HEC S . 58.07 -21.23 47.13
HMD2 HEC S . 56.60 -21.87 47.22
HMD3 HEC S . 56.80 -20.43 46.56
HAD1 HEC S . 58.98 -19.66 44.92
HAD2 HEC S . 59.05 -19.72 43.34
HBD1 HEC S . 60.90 -21.09 43.40
HBD2 HEC S . 60.77 -21.29 44.96
SR SR T . 66.07 -32.78 24.73
FE1 FES U . 16.07 -1.73 12.86
FE2 FES U . 16.94 -0.45 10.65
S1 FES U . 14.86 -0.86 11.24
S2 FES U . 18.16 -1.28 12.28
CHA HEM V . 38.23 9.54 16.65
CHB HEM V . 37.89 11.23 12.10
CHC HEM V . 42.57 10.20 11.35
CHD HEM V . 42.91 8.53 15.89
C1A HEM V . 37.72 10.08 15.49
C2A HEM V . 36.37 10.54 15.28
C3A HEM V . 36.27 11.00 14.02
C4A HEM V . 37.56 10.87 13.39
CMA HEM V . 34.99 11.57 13.37
CAA HEM V . 35.24 10.48 16.33
CBA HEM V . 35.40 11.66 17.29
CGA HEM V . 34.35 11.57 18.38
O1A HEM V . 34.48 12.32 19.38
O2A HEM V . 33.41 10.77 18.24
C1B HEM V . 39.12 11.10 11.49
C2B HEM V . 39.46 11.48 10.13
C3B HEM V . 40.75 11.19 9.93
C4B HEM V . 41.28 10.62 11.16
CMB HEM V . 38.43 12.09 9.14
CAB HEM V . 41.65 11.37 8.67
CBB HEM V . 41.17 11.45 7.43
C1C HEM V . 43.09 9.66 12.51
C2C HEM V . 44.45 9.20 12.72
C3C HEM V . 44.53 8.74 13.98
C4C HEM V . 43.23 8.89 14.60
CMC HEM V . 45.57 9.25 11.65
CAC HEM V . 45.73 8.13 14.78
CBC HEM V . 47.01 8.25 14.44
C1D HEM V . 41.67 8.66 16.49
C2D HEM V . 41.36 8.26 17.86
C3D HEM V . 40.07 8.55 18.07
C4D HEM V . 39.52 9.11 16.85
CMD HEM V . 42.37 7.64 18.84
CAD HEM V . 39.29 8.28 19.38
CBD HEM V . 39.50 9.46 20.34
CGD HEM V . 38.54 10.59 20.11
O1D HEM V . 38.93 11.75 20.43
O2D HEM V . 37.40 10.39 19.61
NA HEM V . 38.42 10.29 14.32
NB HEM V . 40.26 10.58 12.09
NC HEM V . 42.38 9.45 13.67
ND HEM V . 40.54 9.17 15.91
FE HEM V . 40.40 9.88 14.00
HHB HEM V . 37.17 11.61 11.55
HHC HEM V . 43.18 10.29 10.60
HHD HEM V . 43.63 8.15 16.43
HMA HEM V . 35.17 11.82 12.44
HMAA HEM V . 34.70 12.38 13.86
HMAB HEM V . 34.27 10.91 13.40
HAA HEM V . 35.30 9.64 16.83
HAAA HEM V . 34.37 10.53 15.89
HBA HEM V . 35.29 12.49 16.80
HBAA HEM V . 36.28 11.63 17.69
HMB HEM V . 38.91 12.65 8.51
HMBA HEM V . 37.80 12.64 9.64
HMBB HEM V . 37.97 11.38 8.68
HAB HEM V . 42.60 11.42 8.80
HBB HEM V . 41.77 11.56 6.68
HBBA HEM V . 40.21 11.39 7.28
HMC HEM V . 46.28 9.85 11.93
HMCA HEM V . 45.20 9.57 10.81
HMCB HEM V . 45.93 8.36 11.52
HAC HEM V . 45.52 7.64 15.57
HBC HEM V . 47.69 7.84 14.99
HBCA HEM V . 47.26 8.74 13.64
HMD HEM V . 41.94 7.50 19.71
HMDA HEM V . 43.14 8.24 18.95
HMDB HEM V . 42.67 6.77 18.50
HAD HEM V . 39.60 7.47 19.79
HADA HEM V . 38.34 8.20 19.17
HBD HEM V . 40.40 9.78 20.24
HBDA HEM V . 39.38 9.13 21.25
HHA HEM V . 37.60 9.45 17.40
CHA HEM W . 41.41 19.69 -7.48
CHB HEM W . 42.89 18.66 -2.97
CHC HEM W . 39.23 15.50 -2.53
CHD HEM W . 37.75 16.52 -7.03
C1A HEM W . 42.12 19.70 -6.30
C2A HEM W . 43.29 20.51 -6.02
C3A HEM W . 43.70 20.23 -4.78
C4A HEM W . 42.81 19.23 -4.22
CMA HEM W . 44.90 20.87 -4.05
CAA HEM W . 43.89 21.53 -7.00
CBA HEM W . 42.89 22.66 -7.22
CGA HEM W . 42.21 23.04 -5.94
O1A HEM W . 42.91 23.30 -4.93
O2A HEM W . 40.95 23.12 -5.92
C1B HEM W . 42.02 17.71 -2.46
C2B HEM W . 42.11 17.12 -1.13
C3B HEM W . 41.08 16.25 -1.01
C4B HEM W . 40.34 16.26 -2.25
CMB HEM W . 43.22 17.51 -0.13
CAB HEM W . 40.69 15.32 0.17
CBB HEM W . 41.52 14.96 1.14
C1C HEM W . 38.51 15.49 -3.71
C2C HEM W . 37.33 14.69 -3.98
C3C HEM W . 36.91 14.97 -5.23
C4C HEM W . 37.82 15.96 -5.77
CMC HEM W . 36.77 13.75 -2.88
CAC HEM W . 35.72 14.43 -6.06
CBC HEM W . 34.94 13.41 -5.73
C1D HEM W . 38.61 17.47 -7.54
C2D HEM W . 38.54 18.06 -8.86
C3D HEM W . 39.55 18.93 -8.99
C4D HEM W . 40.30 18.93 -7.75
CMD HEM W . 37.47 17.71 -9.92
CAD HEM W . 39.91 19.81 -10.20
CBD HEM W . 41.07 19.16 -10.94
CGD HEM W . 41.52 20.04 -12.07
O1D HEM W . 41.02 21.19 -12.19
O2D HEM W . 42.39 19.59 -12.87
NA HEM W . 41.86 18.92 -5.18
NB HEM W . 40.94 17.17 -3.11
NC HEM W . 38.78 16.26 -4.82
ND HEM W . 39.69 18.02 -6.89
FE HEM W . 40.32 17.61 -5.05
HHB HEM W . 43.61 18.96 -2.39
HHC HEM W . 38.91 14.91 -1.82
HHD HEM W . 37.03 16.22 -7.61
HMA HEM W . 45.02 20.44 -3.17
HMAA HEM W . 44.74 21.82 -3.92
HMAB HEM W . 45.71 20.74 -4.58
HAA HEM W . 44.09 21.10 -7.84
HAAA HEM W . 44.71 21.90 -6.62
HBA HEM W . 42.22 22.36 -7.86
HBAA HEM W . 43.35 23.44 -7.59
HMB HEM W . 42.94 17.26 0.77
HMBA HEM W . 43.39 18.45 -0.17
HMBB HEM W . 44.04 17.03 -0.35
HAB HEM W . 39.79 14.97 0.18
HBB HEM W . 41.21 14.37 1.85
HBBA HEM W . 42.44 15.28 1.15
HMC HEM W . 35.99 13.28 -3.23
HMCA HEM W . 36.52 14.27 -2.10
HMCB HEM W . 37.44 13.10 -2.63
HAC HEM W . 35.52 14.88 -6.89
HBC HEM W . 34.21 13.14 -6.31
HBCA HEM W . 35.09 12.93 -4.90
HMD HEM W . 37.41 16.73 -10.02
HMDA HEM W . 37.73 18.10 -10.78
HMDB HEM W . 36.61 18.06 -9.64
HAD HEM W . 40.17 20.70 -9.89
HADA HEM W . 39.14 19.89 -10.78
HBD HEM W . 40.77 18.31 -11.29
HBDA HEM W . 41.80 19.02 -10.33
HHA HEM W . 41.72 20.29 -8.18
O1 AOQ X . 25.95 6.48 11.02
O2 AOQ X . 21.79 3.20 11.20
C1 AOQ X . 25.01 5.71 11.00
C2 AOQ X . 24.45 5.10 9.77
C3 AOQ X . 23.40 4.28 9.92
C4 AOQ X . 22.74 3.95 11.21
C5 AOQ X . 22.72 4.31 13.66
C6 AOQ X . 23.25 4.89 14.79
C7 AOQ X . 24.33 5.74 14.69
C8 AOQ X . 24.90 5.99 13.45
C9 AOQ X . 24.37 5.41 12.31
C10 AOQ X . 23.28 4.57 12.42
O6 AOQ X . 22.78 3.64 8.89
C11 AOQ X . 24.72 6.48 7.41
C12 AOQ X . 25.50 6.47 6.06
C13 AOQ X . 27.00 6.03 6.06
C14 AOQ X . 27.21 4.90 7.10
C15 AOQ X . 26.57 5.18 8.45
C16 AOQ X . 25.04 5.29 8.35
CL AOQ X . 29.82 4.90 0.72
C17 AOQ X . 27.68 5.65 4.73
C18 AOQ X . 27.92 6.68 3.83
C19 AOQ X . 28.54 6.46 2.62
C20 AOQ X . 28.98 5.20 2.31
C21 AOQ X . 28.81 4.17 3.18
C22 AOQ X . 28.17 4.40 4.38
H1 AOQ X . 21.98 3.74 13.69
H2 AOQ X . 22.88 4.71 15.61
H3 AOQ X . 24.68 6.14 15.44
H4 AOQ X . 25.63 6.56 13.35
H6 AOQ X . 23.80 6.47 7.19
H7 AOQ X . 24.90 7.29 7.85
H8 AOQ X . 25.46 7.35 5.72
H9 AOQ X . 25.03 5.92 5.46
H10 AOQ X . 27.44 6.81 6.34
H11 AOQ X . 28.14 4.78 7.22
H12 AOQ X . 26.87 4.10 6.75
H13 AOQ X . 26.90 5.97 8.82
H14 AOQ X . 26.77 4.48 9.05
H15 AOQ X . 24.64 4.57 7.90
H16 AOQ X . 27.65 7.55 4.04
H17 AOQ X . 28.67 7.16 2.01
H18 AOQ X . 29.11 3.31 2.95
H19 AOQ X . 28.08 3.68 4.96
O1 6PE Y . 29.15 31.36 -11.99
O2 6PE Y . 27.64 33.51 -11.31
P1 6PE Y . 28.86 32.58 -11.10
O3 6PE Y . 28.82 32.15 -9.48
C1 6PE Y . 29.70 31.13 -9.01
C2 6PE Y . 28.91 30.09 -8.24
C3 6PE Y . 29.44 28.69 -8.43
O4 6PE Y . 28.75 27.87 -7.44
C4 6PE Y . 29.44 27.45 -6.36
O5 6PE Y . 30.27 28.14 -5.83
C5 6PE Y . 29.04 26.09 -5.88
C6 6PE Y . 28.61 26.19 -4.42
C7 6PE Y . 28.09 24.85 -3.85
C8 6PE Y . 27.37 25.01 -2.51
C9 6PE Y . 26.83 23.67 -1.99
O6 6PE Y . 29.17 30.38 -6.86
C10 6PE Y . 28.72 31.48 -6.20
O7 6PE Y . 27.77 32.13 -6.57
C11 6PE Y . 29.65 31.72 -5.08
C12 6PE Y . 29.06 31.50 -3.68
C13 6PE Y . 28.69 30.03 -3.43
C14 6PE Y . 28.43 29.74 -1.94
C15 6PE Y . 28.47 28.24 -1.63
O8 6PE Y . 30.24 33.50 -11.06
C16 6PE Y . 30.46 34.50 -10.04
C17 6PE Y . 31.73 34.13 -9.28
N1 6PE Y . 32.63 35.27 -9.04
H1 6PE Y . 30.36 31.53 -8.41
H2 6PE Y . 30.14 30.71 -9.77
H3 6PE Y . 27.97 30.15 -8.45
H4 6PE Y . 30.41 28.66 -8.28
H5 6PE Y . 29.25 28.36 -9.33
H6 6PE Y . 29.79 25.49 -6.00
H7 6PE Y . 28.32 25.76 -6.45
H8 6PE Y . 27.92 26.85 -4.34
H9 6PE Y . 29.36 26.49 -3.89
H10 6PE Y . 28.83 24.24 -3.75
H11 6PE Y . 27.48 24.45 -4.50
H12 6PE Y . 26.64 25.64 -2.60
H13 6PE Y . 27.99 25.38 -1.86
H14 6PE Y . 26.20 23.80 -1.26
H15 6PE Y . 27.55 23.10 -1.66
H16 6PE Y . 26.37 23.18 -2.69
H17 6PE Y . 29.95 32.63 -5.22
H18 6PE Y . 30.39 31.13 -5.28
H19 6PE Y . 28.27 32.05 -3.57
H20 6PE Y . 29.70 31.78 -3.01
H21 6PE Y . 29.40 29.45 -3.75
H22 6PE Y . 27.89 29.81 -3.94
H23 6PE Y . 27.57 30.10 -1.69
H24 6PE Y . 29.10 30.20 -1.41
H25 6PE Y . 28.29 28.08 -0.69
H26 6PE Y . 29.35 27.86 -1.85
H27 6PE Y . 27.80 27.76 -2.15
H28 6PE Y . 29.70 34.51 -9.45
H29 6PE Y . 30.56 35.36 -10.46
H30 6PE Y . 32.21 33.45 -9.78
H31 6PE Y . 31.48 33.73 -8.43
H32 6PE Y . 32.31 35.84 -8.41
H33 6PE Y . 33.47 35.03 -8.83
C1 BOG Z . 27.84 30.18 22.15
O1 BOG Z . 27.98 30.27 20.76
C2 BOG Z . 27.20 28.81 22.45
O2 BOG Z . 25.89 28.77 21.98
C3 BOG Z . 27.09 28.73 24.00
O3 BOG Z . 26.68 27.46 24.40
C4 BOG Z . 28.50 28.91 24.64
O4 BOG Z . 28.36 29.09 26.02
C5 BOG Z . 29.15 30.25 24.07
O5 BOG Z . 29.15 30.15 22.67
C6 BOG Z . 30.64 30.43 24.47
O6 BOG Z . 31.26 29.20 24.33
C1' BOG Z . 28.76 31.39 20.35
C2' BOG Z . 30.04 30.81 19.78
C3' BOG Z . 29.86 30.65 18.27
C4' BOG Z . 31.04 29.89 17.71
C5' BOG Z . 31.66 30.57 16.52
C6' BOG Z . 30.74 30.54 15.31
C7' BOG Z . 31.55 30.32 14.01
C8' BOG Z . 30.64 29.97 12.85
H1 BOG Z . 27.31 30.91 22.49
H2 BOG Z . 27.73 28.08 22.10
HO2 BOG Z . 25.42 28.38 22.58
H3 BOG Z . 26.49 29.43 24.32
HO3 BOG Z . 26.63 26.99 23.69
H4 BOG Z . 29.07 28.17 24.42
HO4 BOG Z . 28.98 29.59 26.29
H5 BOG Z . 28.65 31.01 24.41
H61 BOG Z . 30.69 30.76 25.39
H62 BOG Z . 31.04 31.12 23.92
HO6 BOG Z . 32.07 29.30 24.60
H1'1 BOG Z . 28.92 31.99 21.09
H1'2 BOG Z . 28.27 31.93 19.69
H2'1 BOG Z . 30.25 29.96 20.21
H2'2 BOG Z . 30.80 31.38 19.98
H3'1 BOG Z . 29.77 31.51 17.84
H3'2 BOG Z . 29.03 30.19 18.07
H4'1 BOG Z . 30.77 28.98 17.47
H4'2 BOG Z . 31.72 29.77 18.41
H5'1 BOG Z . 32.52 30.16 16.30
H5'2 BOG Z . 31.89 31.49 16.75
H6'1 BOG Z . 30.22 31.36 15.25
H6'2 BOG Z . 30.07 29.84 15.42
H7'1 BOG Z . 32.21 29.62 14.15
H7'2 BOG Z . 32.07 31.11 13.81
H8'1 BOG Z . 30.92 29.15 12.40
H8'2 BOG Z . 30.63 30.66 12.17
H8'3 BOG Z . 29.72 29.83 13.13
SR SR AA . 0.67 0.70 -1.66
FE HEC BA . 18.44 10.91 39.81
CHA HEC BA . 17.80 9.58 36.69
CHB HEC BA . 19.57 13.81 38.29
CHC HEC BA . 19.10 12.29 42.87
CHD HEC BA . 17.32 8.05 41.34
NA HEC BA . 18.65 11.57 37.86
C1A HEC BA . 18.32 10.85 36.72
C2A HEC BA . 18.63 11.68 35.57
C3A HEC BA . 19.12 12.84 36.02
C4A HEC BA . 19.13 12.80 37.46
CMA HEC BA . 19.58 14.04 35.16
CAA HEC BA . 18.45 11.28 34.08
CBA HEC BA . 17.32 12.02 33.40
CGA HEC BA . 17.31 11.58 31.95
O1A HEC BA . 17.37 10.35 31.70
O2A HEC BA . 17.24 12.46 31.06
NB HEC BA . 19.20 12.72 40.46
C1B HEC BA . 19.61 13.78 39.67
C2B HEC BA . 20.07 14.84 40.54
C3B HEC BA . 19.94 14.42 41.81
C4B HEC BA . 19.39 13.08 41.77
CMB HEC BA . 20.64 16.19 40.09
CAB HEC BA . 20.34 15.17 43.09
CBB HEC BA . 19.68 16.57 43.24
NC HEC BA . 18.24 10.28 41.75
C1C HEC BA . 18.59 11.01 42.87
C2C HEC BA . 18.29 10.22 44.04
C3C HEC BA . 17.79 9.03 43.62
C4C HEC BA . 17.77 9.05 42.17
CMC HEC BA . 18.54 10.66 45.51
CAC HEC BA . 17.36 7.82 44.48
CBC HEC BA . 16.48 8.17 45.70
ND HEC BA . 17.68 9.10 39.13
C1D HEC BA . 17.28 8.06 39.96
C2D HEC BA . 16.80 6.96 39.13
C3D HEC BA . 16.96 7.45 37.69
C4D HEC BA . 17.50 8.78 37.78
CMD HEC BA . 16.24 5.60 39.59
CAD HEC BA . 16.58 6.70 36.39
CBD HEC BA . 15.35 7.35 35.78
CGD HEC BA . 14.82 6.52 34.63
O1D HEC BA . 15.42 5.46 34.30
O2D HEC BA . 13.80 6.93 34.02
HHA HEC BA . 17.62 9.20 35.81
HHB HEC BA . 19.89 14.63 37.85
HHC HEC BA . 19.29 12.68 43.75
HHD HEC BA . 17.00 7.24 41.78
HMA1 HEC BA . 20.40 14.42 35.56
HMA2 HEC BA . 18.88 14.72 35.14
HMA3 HEC BA . 19.78 13.74 34.25
HAA1 HEC BA . 18.27 10.33 34.04
HAA2 HEC BA . 19.28 11.48 33.62
HBA1 HEC BA . 17.46 12.98 33.45
HBA2 HEC BA . 16.48 11.80 33.82
HMB1 HEC BA . 20.17 16.91 40.54
HMB2 HEC BA . 20.53 16.29 39.12
HMB3 HEC BA . 21.59 16.24 40.30
HAB HEC BA . 20.03 14.65 43.84
HBB1 HEC BA . 19.27 16.64 44.13
HBB2 HEC BA . 19.00 16.68 42.56
HBB3 HEC BA . 20.36 17.25 43.15
HMC1 HEC BA . 19.11 10.02 45.96
HMC2 HEC BA . 17.70 10.71 45.98
HMC3 HEC BA . 18.97 11.54 45.51
HAC HEC BA . 16.84 7.25 43.92
HBC1 HEC BA . 15.77 7.52 45.78
HBC2 HEC BA . 16.11 9.06 45.57
HBC3 HEC BA . 17.03 8.16 46.51
HMD1 HEC BA . 15.32 5.50 39.28
HMD2 HEC BA . 16.27 5.55 40.56
HMD3 HEC BA . 16.79 4.87 39.21
HAD1 HEC BA . 16.40 5.77 36.59
HAD2 HEC BA . 17.33 6.74 35.76
HBD1 HEC BA . 15.58 8.23 35.45
HBD2 HEC BA . 14.66 7.42 36.46
SR SR CA . 20.45 29.68 29.22
FE1 FES DA . 72.20 0.03 36.51
FE2 FES DA . 73.25 0.57 34.08
S1 FES DA . 74.32 0.02 35.93
S2 FES DA . 71.13 0.54 34.66
CHA HEM EA . -37.93 -9.20 -18.25
CHB HEM EA . -34.52 -8.15 -21.54
CHC HEM EA . -37.81 -5.84 -24.26
CHD HEM EA . -41.24 -6.88 -20.97
C1A HEM EA . -36.72 -9.12 -18.90
C2A HEM EA . -35.46 -9.68 -18.44
C3A HEM EA . -34.53 -9.40 -19.34
C4A HEM EA . -35.15 -8.64 -20.40
CMA HEM EA . -33.04 -9.81 -19.26
CAA HEM EA . -35.26 -10.50 -17.13
CBA HEM EA . -35.72 -11.92 -17.40
CGA HEM EA . -35.60 -12.76 -16.15
O1A HEM EA . -36.17 -13.88 -16.12
O2A HEM EA . -34.93 -12.31 -15.19
C1B HEM EA . -35.10 -7.44 -22.56
C2B HEM EA . -34.42 -6.94 -23.72
C3B HEM EA . -35.30 -6.31 -24.50
C4B HEM EA . -36.61 -6.37 -23.84
CMB HEM EA . -32.91 -7.15 -24.01
CAB HEM EA . -34.92 -5.64 -25.85
CBB HEM EA . -35.81 -5.40 -26.82
C1C HEM EA . -39.03 -5.92 -23.63
C2C HEM EA . -40.27 -5.34 -24.10
C3C HEM EA . -41.25 -5.60 -23.22
C4C HEM EA . -40.65 -6.38 -22.12
CMC HEM EA . -40.44 -4.55 -25.43
CAC HEM EA . -42.72 -5.14 -23.43
CBC HEM EA . -43.71 -5.34 -22.56
C1D HEM EA . -40.63 -7.59 -19.96
C2D HEM EA . -41.29 -8.10 -18.78
C3D HEM EA . -40.40 -8.74 -18.02
C4D HEM EA . -39.12 -8.67 -18.69
CMD HEM EA . -42.80 -7.91 -18.48
CAD HEM EA . -40.65 -9.44 -16.66
CBD HEM EA . -41.15 -10.87 -16.89
CGD HEM EA . -40.02 -11.87 -17.06
O1D HEM EA . -40.25 -12.89 -17.76
O2D HEM EA . -38.90 -11.67 -16.52
NA HEM EA . -36.49 -8.49 -20.10
NB HEM EA . -36.43 -7.07 -22.66
NC HEM EA . -39.29 -6.53 -22.42
ND HEM EA . -39.30 -7.95 -19.88
FE HEM EA . -37.89 -7.49 -21.29
HHB HEM EA . -33.56 -8.34 -21.61
HHC HEM EA . -37.80 -5.36 -25.11
HHD HEM EA . -42.20 -6.71 -20.87
HMA HEM EA . -32.55 -9.44 -20.03
HMAA HEM EA . -32.96 -10.79 -19.27
HMAB HEM EA . -32.64 -9.46 -18.43
HAA HEM EA . -35.77 -10.10 -16.41
HAAA HEM EA . -34.31 -10.50 -16.89
HBA HEM EA . -35.19 -12.32 -18.10
HBAA HEM EA . -36.66 -11.90 -17.68
HMB HEM EA . -32.42 -7.13 -23.17
HMBA HEM EA . -32.58 -6.45 -24.59
HMBB HEM EA . -32.78 -8.01 -24.44
HAB HEM EA . -34.00 -5.38 -26.00
HBB HEM EA . -35.54 -4.98 -27.64
HBBA HEM EA . -36.74 -5.65 -26.68
HMC HEM EA . -41.26 -4.82 -25.86
HMCA HEM EA . -39.69 -4.74 -26.02
HMCB HEM EA . -40.47 -3.61 -25.23
HAC HEM EA . -42.92 -4.68 -24.25
HBC HEM EA . -44.60 -5.01 -22.77
HBCA HEM EA . -43.55 -5.79 -21.72
HMD HEM EA . -43.04 -8.42 -17.67
HMDA HEM EA . -43.33 -8.25 -19.23
HMDB HEM EA . -43.00 -6.96 -18.33
HAD HEM EA . -41.33 -8.95 -16.17
HADA HEM EA . -39.83 -9.46 -16.15
HBD HEM EA . -41.69 -10.89 -17.69
HBDA HEM EA . -41.69 -11.14 -16.14
HHA HEM EA . -37.95 -9.67 -17.39
CHA HEM FA . -23.97 -3.61 -40.07
CHB HEM FA . -28.06 -4.81 -37.77
CHC HEM FA . -26.15 -3.10 -33.65
CHD HEM FA . -22.06 -1.89 -35.96
C1A HEM FA . -25.24 -4.08 -39.81
C2A HEM FA . -26.12 -4.68 -40.78
C3A HEM FA . -27.25 -5.02 -40.16
C4A HEM FA . -27.12 -4.65 -38.76
CMA HEM FA . -28.48 -5.70 -40.80
CAA HEM FA . -25.76 -4.90 -42.27
CBA HEM FA . -24.60 -5.89 -42.39
CGA HEM FA . -24.78 -7.02 -41.40
O1A HEM FA . -25.88 -7.64 -41.37
O2A HEM FA . -23.81 -7.32 -40.65
C1B HEM FA . -27.91 -4.46 -36.44
C2B HEM FA . -28.89 -4.63 -35.39
C3B HEM FA . -28.36 -4.15 -34.25
C4B HEM FA . -27.03 -3.67 -34.55
CMB HEM FA . -30.29 -5.26 -35.65
CAB HEM FA . -28.95 -4.07 -32.82
CBB HEM FA . -30.27 -4.13 -32.54
C1C HEM FA . -24.89 -2.62 -33.90
C2C HEM FA . -23.99 -2.04 -32.93
C3C HEM FA . -22.84 -1.70 -33.56
C4C HEM FA . -23.00 -2.07 -34.96
CMC HEM FA . -24.43 -1.93 -31.44
CAC HEM FA . -21.53 -1.05 -33.05
CBC HEM FA . -21.33 -0.52 -31.84
C1D HEM FA . -22.22 -2.25 -37.28
C2D HEM FA . -21.25 -2.08 -38.34
C3D HEM FA . -21.80 -2.56 -39.46
C4D HEM FA . -23.11 -3.04 -39.16
CMD HEM FA . -19.85 -1.45 -38.18
CAD HEM FA . -21.19 -2.62 -40.88
CBD HEM FA . -21.79 -1.51 -41.75
CGD HEM FA . -21.31 -1.65 -43.17
O1D HEM FA . -20.64 -2.65 -43.49
O2D HEM FA . -21.61 -0.74 -43.99
NA HEM FA . -25.88 -4.07 -38.59
NB HEM FA . -26.78 -3.86 -35.90
NC HEM FA . -24.25 -2.62 -35.13
ND HEM FA . -23.34 -2.83 -37.81
FE HEM FA . -25.05 -3.35 -36.89
HHB HEM FA . -28.91 -5.23 -38.02
HHC HEM FA . -26.46 -3.03 -32.72
HHD HEM FA . -21.22 -1.47 -35.71
HMA HEM FA . -29.19 -5.79 -40.13
HMAA HEM FA . -28.22 -6.58 -41.13
HMAB HEM FA . -28.80 -5.15 -41.55
HAA HEM FA . -25.49 -4.06 -42.67
HAAA HEM FA . -26.53 -5.25 -42.75
HBA HEM FA . -23.76 -5.43 -42.19
HBAA HEM FA . -24.57 -6.25 -43.28
HMB HEM FA . -30.63 -5.62 -34.82
HMBA HEM FA . -30.20 -5.97 -36.31
HMBB HEM FA . -30.88 -4.58 -35.99
HAB HEM FA . -28.35 -3.97 -32.07
HBB HEM FA . -30.57 -4.07 -31.62
HBBA HEM FA . -30.91 -4.23 -33.26
HMC HEM FA . -23.77 -1.41 -30.95
HMCA HEM FA . -24.49 -2.82 -31.06
HMCB HEM FA . -25.28 -1.49 -31.39
HAC HEM FA . -20.79 -1.02 -33.65
HBC HEM FA . -20.47 -0.13 -31.62
HBCA HEM FA . -22.05 -0.52 -31.19
HMD HEM FA . -19.91 -0.65 -37.62
HMDA HEM FA . -19.50 -1.20 -39.06
HMDB HEM FA . -19.25 -2.10 -37.76
HAD HEM FA . -21.41 -3.48 -41.29
HADA HEM FA . -20.23 -2.52 -40.83
HBD HEM FA . -21.50 -0.65 -41.39
HBDA HEM FA . -22.76 -1.57 -41.73
HHA HEM FA . -23.66 -3.68 -40.99
O1 AOQ GA . -26.25 -5.97 -12.74
O2 AOQ GA . -23.06 -4.54 -8.73
C1 AOQ GA . -25.49 -5.60 -11.86
C2 AOQ GA . -24.41 -4.59 -12.04
C3 AOQ GA . -23.67 -4.30 -10.97
C4 AOQ GA . -23.82 -4.90 -9.62
C5 AOQ GA . -25.06 -6.49 -8.21
C6 AOQ GA . -26.06 -7.43 -8.05
C7 AOQ GA . -26.86 -7.77 -9.13
C8 AOQ GA . -26.67 -7.17 -10.35
C9 AOQ GA . -25.67 -6.23 -10.52
C10 AOQ GA . -24.87 -5.90 -9.43
O6 AOQ GA . -22.66 -3.39 -11.01
C11 AOQ GA . -22.67 -3.99 -14.00
C12 AOQ GA . -22.42 -3.11 -15.26
C13 AOQ GA . -23.59 -2.87 -16.24
C14 AOQ GA . -24.95 -2.81 -15.48
C15 AOQ GA . -25.12 -3.91 -14.42
C16 AOQ GA . -24.05 -3.80 -13.32
CL AOQ GA . -22.75 1.99 -19.92
C17 AOQ GA . -23.45 -1.64 -17.17
C18 AOQ GA . -22.17 -1.29 -17.61
C19 AOQ GA . -21.95 -0.20 -18.44
C20 AOQ GA . -23.02 0.56 -18.83
C21 AOQ GA . -24.29 0.27 -18.42
C22 AOQ GA . -24.50 -0.82 -17.59
H1 AOQ GA . -24.51 -6.24 -7.50
H2 AOQ GA . -26.19 -7.82 -7.23
H3 AOQ GA . -27.53 -8.39 -9.02
H4 AOQ GA . -27.20 -7.38 -11.08
H6 AOQ GA . -21.99 -3.78 -13.38
H7 AOQ GA . -22.56 -4.88 -14.24
H8 AOQ GA . -21.73 -3.52 -15.75
H9 AOQ GA . -22.10 -2.28 -14.97
H10 AOQ GA . -23.64 -3.63 -16.79
H11 AOQ GA . -25.64 -2.87 -16.11
H12 AOQ GA . -25.01 -1.97 -15.07
H13 AOQ GA . -25.05 -4.76 -14.82
H14 AOQ GA . -25.96 -3.85 -14.03
H15 AOQ GA . -24.08 -2.93 -12.97
H16 AOQ GA . -21.44 -1.80 -17.36
H17 AOQ GA . -21.10 0.00 -18.73
H18 AOQ GA . -25.01 0.80 -18.69
H19 AOQ GA . -25.37 -1.01 -17.33
O1 6PE HA . -10.39 -12.12 -42.20
O2 6PE HA . -9.09 -13.85 -40.56
P1 6PE HA . -10.30 -13.46 -41.43
O3 6PE HA . -11.65 -13.66 -40.44
C1 6PE HA . -11.71 -13.01 -39.17
C2 6PE HA . -11.83 -14.07 -38.09
C3 6PE HA . -12.22 -13.50 -36.74
O4 6PE HA . -13.65 -13.23 -36.81
C4 6PE HA . -14.09 -11.96 -36.81
O5 6PE HA . -14.27 -11.31 -37.82
C5 6PE HA . -14.33 -11.47 -35.41
C6 6PE HA . -14.65 -12.58 -34.39
C7 6PE HA . -14.79 -12.04 -32.96
C8 6PE HA . -14.82 -13.14 -31.88
C9 6PE HA . -14.91 -12.54 -30.47
O6 6PE HA . -12.97 -14.90 -38.42
C10 6PE HA . -13.01 -16.23 -38.10
O7 6PE HA . -12.03 -16.93 -38.11
C11 6PE HA . -14.41 -16.62 -37.76
C12 6PE HA . -14.61 -17.07 -36.31
C13 6PE HA . -14.39 -15.97 -35.25
C14 6PE HA . -14.90 -16.38 -33.86
C15 6PE HA . -16.36 -15.94 -33.61
O8 6PE HA . -10.59 -14.69 -42.52
C16 6PE HA . -11.62 -15.67 -42.33
C17 6PE HA . -12.98 -15.06 -42.70
N1 6PE HA . -13.83 -15.94 -43.52
H1 6PE HA . -12.49 -12.44 -39.15
H2 6PE HA . -10.90 -12.50 -39.04
H3 6PE HA . -11.01 -14.58 -38.05
H4 6PE HA . -11.73 -12.69 -36.56
H5 6PE HA . -12.04 -14.15 -36.04
H6 6PE HA . -15.06 -10.83 -35.45
H7 6PE HA . -13.53 -10.98 -35.14
H8 6PE HA . -13.95 -13.25 -34.42
H9 6PE HA . -15.47 -13.02 -34.65
H10 6PE HA . -15.61 -11.51 -32.90
H11 6PE HA . -14.05 -11.44 -32.77
H12 6PE HA . -14.02 -13.68 -31.96
H13 6PE HA . -15.59 -13.72 -32.04
H14 6PE HA . -14.85 -13.23 -29.79
H15 6PE HA . -15.75 -12.08 -30.34
H16 6PE HA . -14.19 -11.91 -30.30
H17 6PE HA . -14.62 -17.31 -38.40
H18 6PE HA . -14.92 -15.83 -37.99
H19 6PE HA . -14.01 -17.80 -36.12
H20 6PE HA . -15.51 -17.42 -36.20
H21 6PE HA . -14.83 -15.16 -35.54
H22 6PE HA . -13.44 -15.77 -35.19
H23 6PE HA . -14.33 -15.99 -33.18
H24 6PE HA . -14.85 -17.35 -33.77
H25 6PE HA . -16.97 -16.50 -34.11
H26 6PE HA . -16.49 -15.01 -33.88
H27 6PE HA . -16.58 -16.00 -32.67
H28 6PE HA . -11.63 -15.94 -41.40
H29 6PE HA . -11.44 -16.44 -42.89
H30 6PE HA . -12.82 -14.23 -43.20
H31 6PE HA . -13.45 -14.83 -41.89
H32 6PE HA . -13.74 -15.78 -44.40
H33 6PE HA . -14.68 -15.92 -43.29
C1 BOG IA . -28.56 -30.89 -20.15
O1 BOG IA . -27.91 -30.20 -21.18
C2 BOG IA . -28.20 -30.19 -18.82
O2 BOG IA . -26.84 -30.36 -18.56
C3 BOG IA . -28.94 -30.99 -17.74
O3 BOG IA . -28.77 -30.41 -16.50
C4 BOG IA . -30.46 -30.88 -18.03
O4 BOG IA . -31.17 -31.66 -17.12
C5 BOG IA . -30.73 -31.46 -19.47
O5 BOG IA . -29.95 -30.71 -20.38
C6 BOG IA . -32.21 -31.34 -19.94
O6 BOG IA . -32.84 -30.44 -19.08
C1' BOG IA . -28.21 -30.72 -22.47
C2' BOG IA . -28.99 -29.61 -23.18
C3' BOG IA . -27.98 -28.79 -23.98
C4' BOG IA . -28.66 -27.57 -24.57
C5' BOG IA . -28.37 -27.42 -26.05
C6' BOG IA . -26.92 -27.06 -26.29
C7' BOG IA . -26.79 -26.07 -27.47
C8' BOG IA . -25.40 -25.46 -27.53
H1 BOG IA . -28.31 -31.83 -20.15
H2 BOG IA . -28.44 -29.25 -18.83
HO2 BOG IA . -26.71 -30.09 -17.75
H3 BOG IA . -28.67 -31.91 -17.74
HO3 BOG IA . -28.75 -29.57 -16.60
H4 BOG IA . -30.75 -29.95 -18.00
HO4 BOG IA . -31.64 -32.21 -17.56
H5 BOG IA . -30.50 -32.40 -19.49
H61 BOG IA . -32.62 -32.22 -19.92
H62 BOG IA . -32.23 -31.04 -20.86
HO6 BOG IA . -33.27 -29.89 -19.57
H1'1 BOG IA . -28.73 -31.53 -22.39
H1'2 BOG IA . -27.40 -30.95 -22.94
H2'1 BOG IA . -29.48 -29.07 -22.55
H2'2 BOG IA . -29.66 -29.99 -23.76
H3'1 BOG IA . -27.57 -29.32 -24.67
H3'2 BOG IA . -27.22 -28.53 -23.42
H4'1 BOG IA . -28.39 -26.78 -24.09
H4'2 BOG IA . -29.62 -27.63 -24.41
H5'1 BOG IA . -28.97 -26.75 -26.43
H5'2 BOG IA . -28.61 -28.24 -26.51
H6'1 BOG IA . -26.40 -27.86 -26.48
H6'2 BOG IA . -26.52 -26.69 -25.50
H7'1 BOG IA . -27.46 -25.36 -27.39
H7'2 BOG IA . -26.99 -26.51 -28.31
H8'1 BOG IA . -25.43 -24.49 -27.48
H8'2 BOG IA . -24.94 -25.69 -28.36
H8'3 BOG IA . -24.84 -25.77 -26.80
FE HEC JA . -35.36 -27.00 6.58
CHA HEC JA . -33.28 -24.35 5.88
CHB HEC JA . -34.78 -28.25 3.40
CHC HEC JA . -37.43 -29.68 7.21
CHD HEC JA . -35.94 -25.82 9.73
NA HEC JA . -34.24 -26.41 4.95
C1A HEC JA . -33.46 -25.27 4.87
C2A HEC JA . -32.86 -25.22 3.56
C3A HEC JA . -33.28 -26.30 2.87
C4A HEC JA . -34.15 -27.07 3.73
CMA HEC JA . -32.92 -26.69 1.42
CAA HEC JA . -31.93 -24.11 3.01
CBA HEC JA . -30.48 -24.57 2.87
CGA HEC JA . -29.70 -23.43 2.29
O1A HEC JA . -29.84 -22.28 2.78
O2A HEC JA . -28.94 -23.65 1.32
NB HEC JA . -35.99 -28.66 5.50
C1B HEC JA . -35.64 -28.98 4.20
C2B HEC JA . -36.31 -30.21 3.84
C3B HEC JA . -37.04 -30.61 4.89
C4B HEC JA . -36.85 -29.65 5.95
CMB HEC JA . -36.23 -30.92 2.46
CAB HEC JA . -37.98 -31.84 4.98
CBB HEC JA . -37.32 -33.19 4.61
NC HEC JA . -36.49 -27.64 8.17
C1C HEC JA . -37.27 -28.78 8.22
C2C HEC JA . -37.89 -28.84 9.53
C3C HEC JA . -37.47 -27.78 10.24
C4C HEC JA . -36.59 -27.00 9.39
CMC HEC JA . -38.85 -29.97 9.99
CAC HEC JA . -37.87 -27.36 11.67
CBC HEC JA . -37.89 -28.51 12.71
ND HEC JA . -34.71 -25.35 7.64
C1D HEC JA . -35.10 -25.07 8.95
C2D HEC JA . -34.46 -23.84 9.37
C3D HEC JA . -33.63 -23.38 8.16
C4D HEC JA . -33.84 -24.37 7.14
CMD HEC JA . -34.57 -23.12 10.74
CAD HEC JA . -32.73 -22.12 8.07
CBD HEC JA . -31.27 -22.56 8.09
CGD HEC JA . -30.37 -21.36 8.24
O1D HEC JA . -29.12 -21.55 8.32
O2D HEC JA . -30.87 -20.21 8.26
HHA HEC JA . -32.69 -23.60 5.69
HHB HEC JA . -34.61 -28.59 2.50
HHC HEC JA . -38.01 -30.45 7.38
HHD HEC JA . -36.11 -25.49 10.63
HMA1 HEC JA . -33.74 -26.94 0.94
HMA2 HEC JA . -32.29 -27.44 1.43
HMA3 HEC JA . -32.50 -25.91 0.98
HAA1 HEC JA . -31.95 -23.37 3.63
HAA2 HEC JA . -32.26 -23.83 2.15
HBA1 HEC JA . -30.44 -25.33 2.28
HBA2 HEC JA . -30.12 -24.81 3.73
HMB1 HEC JA . -35.97 -31.84 2.59
HMB2 HEC JA . -35.57 -30.46 1.90
HMB3 HEC JA . -37.10 -30.88 2.02
HAB HEC JA . -38.25 -31.91 5.89
HBB1 HEC JA . -37.53 -33.84 5.30
HBB2 HEC JA . -36.37 -33.08 4.54
HBB3 HEC JA . -37.68 -33.49 3.75
HMC1 HEC JA . -39.65 -29.58 10.37
HMC2 HEC JA . -38.41 -30.52 10.65
HMC3 HEC JA . -39.10 -30.52 9.22
HAC HEC JA . -37.21 -26.73 11.97
HBC1 HEC JA . -37.47 -28.20 13.53
HBC2 HEC JA . -37.40 -29.27 12.35
HBC3 HEC JA . -38.81 -28.76 12.88
HMD1 HEC JA . -33.68 -23.08 11.15
HMD2 HEC JA . -35.18 -23.64 11.31
HMD3 HEC JA . -34.92 -22.23 10.61
HAD1 HEC JA . -32.92 -21.55 8.84
HAD2 HEC JA . -32.92 -21.64 7.26
HBD1 HEC JA . -31.07 -23.01 7.26
HBD2 HEC JA . -31.12 -23.16 8.83
SR SR KA . -27.11 -35.80 -11.46
FE1 FES LA . -77.80 -5.26 -21.62
FE2 FES LA . -76.98 -4.06 -23.89
S1 FES LA . -79.05 -4.42 -23.22
S2 FES LA . -75.73 -4.86 -22.27
CHA HEM MA . -55.32 6.29 -19.63
CHB HEM MA . -55.93 7.84 -24.20
CHC HEM MA . -51.29 6.76 -25.14
CHD HEM MA . -50.71 5.23 -20.59
C1A HEM MA . -55.88 6.80 -20.79
C2A HEM MA . -57.25 7.26 -20.92
C3A HEM MA . -57.42 7.69 -22.17
C4A HEM MA . -56.17 7.52 -22.88
CMA HEM MA . -58.74 8.28 -22.75
CAA HEM MA . -58.27 7.26 -19.77
CBA HEM MA . -57.99 8.51 -18.93
CGA HEM MA . -58.89 8.55 -17.73
O1A HEM MA . -58.62 9.38 -16.81
O2A HEM MA . -59.87 7.76 -17.67
C1B HEM MA . -54.72 7.69 -24.86
C2B HEM MA . -54.45 8.02 -26.25
C3B HEM MA . -53.17 7.73 -26.51
C4B HEM MA . -52.59 7.19 -25.29
CMB HEM MA . -55.52 8.62 -27.19
CAB HEM MA . -52.34 7.86 -27.81
CBB HEM MA . -52.89 7.89 -29.03
C1C HEM MA . -50.72 6.25 -24.00
C2C HEM MA . -49.34 5.79 -23.86
C3C HEM MA . -49.20 5.36 -22.59
C4C HEM MA . -50.46 5.54 -21.90
CMC HEM MA . -48.29 5.79 -25.00
CAC HEM MA . -47.97 4.77 -21.85
CBC HEM MA . -46.70 4.88 -22.25
C1D HEM MA . -51.90 5.38 -19.92
C2D HEM MA . -52.16 5.03 -18.54
C3D HEM MA . -53.43 5.32 -18.27
C4D HEM MA . -54.03 5.86 -19.48
CMD HEM MA . -51.11 4.41 -17.58
CAD HEM MA . -54.17 5.11 -16.93
CBD HEM MA . -53.92 6.29 -16.00
CGD HEM MA . -54.90 7.42 -16.23
O1D HEM MA . -54.51 8.59 -15.97
O2D HEM MA . -56.06 7.19 -16.68
NA HEM MA . -55.26 6.97 -22.00
NB HEM MA . -53.56 7.18 -24.30
NC HEM MA . -51.36 6.09 -22.79
ND HEM MA . -53.06 5.88 -20.46
FE HEM MA . -53.31 6.53 -22.38
HHB HEM MA . -56.67 8.21 -24.71
HHC HEM MA . -50.71 6.83 -25.93
HHD HEM MA . -49.95 4.85 -20.07
HMA HEM MA . -58.61 8.47 -23.70
HMAA HEM MA . -58.96 9.10 -22.27
HMAB HEM MA . -59.46 7.63 -22.63
HAA HEM MA . -58.16 6.47 -19.23
HAAA HEM MA . -59.17 7.29 -20.13
HBA HEM MA . -58.15 9.29 -19.47
HBAA HEM MA . -57.07 8.49 -18.64
HMB HEM MA . -55.08 9.15 -27.88
HMBA HEM MA . -56.13 9.18 -26.69
HMBB HEM MA . -56.02 7.90 -27.61
HAB HEM MA . -51.39 7.92 -27.74
HBB HEM MA . -52.32 7.97 -29.82
HBBA HEM MA . -53.85 7.82 -29.13
HMC HEM MA . -47.56 6.39 -24.76
HMCA HEM MA . -48.71 6.09 -25.82
HMCB HEM MA . -47.94 4.89 -25.11
HAC HEM MA . -48.13 4.28 -21.04
HBC HEM MA . -45.98 4.48 -21.73
HBCA HEM MA . -46.50 5.37 -23.07
HMD HEM MA . -51.51 4.29 -16.69
HMDA HEM MA . -50.34 5.02 -17.51
HMDB HEM MA . -50.82 3.54 -17.92
HAD HEM MA . -53.83 4.30 -16.51
HADA HEM MA . -55.11 5.01 -17.09
HBD HEM MA . -53.03 6.63 -16.15
HBDA HEM MA . -54.02 6.00 -15.07
HHA HEM MA . -55.91 6.23 -18.84
CHA HEM NA . -53.61 15.68 -44.11
CHB HEM NA . -51.72 14.93 -39.71
CHC HEM NA . -55.12 11.57 -38.93
CHD HEM NA . -57.00 12.32 -43.33
C1A HEM NA . -52.81 15.77 -43.00
C2A HEM NA . -51.70 16.68 -42.85
C3A HEM NA . -51.16 16.47 -41.63
C4A HEM NA . -51.92 15.44 -40.98
CMA HEM NA . -49.95 17.23 -41.03
CAA HEM NA . -51.26 17.70 -43.92
CBA HEM NA . -52.36 18.74 -44.13
CGA HEM NA . -52.98 19.13 -42.81
O1A HEM NA . -52.24 19.48 -41.86
O2A HEM NA . -54.24 19.12 -42.72
C1B HEM NA . -52.47 13.95 -39.10
C2B HEM NA . -52.26 13.41 -37.77
C3B HEM NA . -53.22 12.48 -37.56
C4B HEM NA . -54.03 12.41 -38.75
CMB HEM NA . -51.12 13.88 -36.85
CAB HEM NA . -53.49 11.56 -36.33
CBB HEM NA . -52.57 11.29 -35.39
C1C HEM NA . -55.92 11.48 -40.05
C2C HEM NA . -57.06 10.60 -40.19
C3C HEM NA . -57.59 10.79 -41.41
C4C HEM NA . -56.79 11.82 -42.06
CMC HEM NA . -57.47 9.68 -39.02
CAC HEM NA . -58.83 10.17 -42.13
CBC HEM NA . -59.57 9.14 -41.70
C1D HEM NA . -56.24 13.31 -43.93
C2D HEM NA . -56.45 13.85 -45.26
C3D HEM NA . -55.50 14.77 -45.46
C4D HEM NA . -54.68 14.85 -44.28
CMD HEM NA . -57.57 13.41 -46.23
CAD HEM NA . -55.28 15.65 -46.70
CBD HEM NA . -54.15 15.08 -47.56
CGD HEM NA . -53.86 15.98 -48.72
O1D HEM NA . -54.44 17.10 -48.78
O2D HEM NA . -53.04 15.59 -49.59
NA HEM NA . -52.92 15.04 -41.84
NB HEM NA . -53.56 13.32 -39.67
NC HEM NA . -55.79 12.21 -41.20
ND HEM NA . -55.15 13.93 -43.37
FE HEM NA . -54.35 13.65 -41.56
HHB HEM NA . -50.96 15.30 -39.20
HHC HEM NA . -55.35 10.98 -38.18
HHD HEM NA . -57.75 11.95 -43.85
HMA HEM NA . -49.74 16.86 -40.16
HMAA HEM NA . -50.19 18.19 -40.93
HMAB HEM NA . -49.18 17.15 -41.63
HAA HEM NA . -51.09 17.24 -44.75
HAAA HEM NA . -50.45 18.15 -43.63
HBA HEM NA . -53.04 18.37 -44.71
HBAA HEM NA . -51.98 19.53 -44.55
HMB HEM NA . -51.35 13.70 -35.92
HMBA HEM NA . -50.98 14.84 -36.96
HMBB HEM NA . -50.30 13.41 -37.08
HAB HEM NA . -54.35 11.16 -36.24
HBB HEM NA . -52.80 10.71 -34.65
HBBA HEM NA . -51.69 11.67 -35.45
HMC HEM NA . -58.26 9.18 -39.26
HMCA HEM NA . -57.65 10.21 -38.24
HMCB HEM NA . -56.75 9.06 -38.82
HAC HEM NA . -59.09 10.56 -42.96
HBC HEM NA . -60.32 8.83 -42.22
HBCA HEM NA . -59.35 8.70 -40.86
HMD HEM NA . -57.62 12.43 -46.25
HMDA HEM NA . -57.36 13.75 -47.13
HMDB HEM NA . -58.42 13.78 -45.93
HAD HEM NA . -55.04 16.56 -46.43
HADA HEM NA . -56.10 15.68 -47.23
HBD HEM NA . -54.43 14.20 -47.89
HBDA HEM NA . -53.36 14.98 -47.01
HHA HEM NA . -53.39 16.27 -44.86
O1 AOQ OA . -67.32 2.94 -24.97
O2 AOQ OA . -71.82 0.23 -25.85
C1 AOQ OA . -68.34 2.31 -25.23
C2 AOQ OA . -68.72 1.82 -26.58
C3 AOQ OA . -69.86 1.14 -26.68
C4 AOQ OA . -70.80 0.85 -25.58
C5 AOQ OA . -71.30 1.11 -23.20
C6 AOQ OA . -70.98 1.57 -21.94
C7 AOQ OA . -69.79 2.27 -21.76
C8 AOQ OA . -68.94 2.51 -22.83
C9 AOQ OA . -69.27 2.05 -24.09
C10 AOQ OA . -70.46 1.34 -24.26
O6 AOQ OA . -70.31 0.62 -27.86
C11 AOQ OA . -68.50 2.71 -29.10
C12 AOQ OA . -67.64 2.57 -30.39
C13 AOQ OA . -66.10 2.48 -30.27
C14 AOQ OA . -65.66 1.85 -28.93
C15 AOQ OA . -66.47 2.32 -27.71
C16 AOQ OA . -67.95 1.90 -27.91
CL AOQ OA . -63.29 -0.57 -34.79
C17 AOQ OA . -65.42 1.69 -31.40
C18 AOQ OA . -64.47 2.30 -32.19
C19 AOQ OA . -63.82 1.64 -33.21
C20 AOQ OA . -64.13 0.32 -33.46
C21 AOQ OA . -65.06 -0.33 -32.69
C22 AOQ OA . -65.70 0.35 -31.67
H1 AOQ OA . -72.10 0.64 -23.35
H2 AOQ OA . -71.54 1.42 -21.23
H3 AOQ OA . -69.57 2.59 -20.91
H4 AOQ OA . -68.15 2.98 -22.72
H6 AOQ OA . -69.38 2.43 -29.31
H7 AOQ OA . -68.55 3.62 -28.88
H8 AOQ OA . -67.85 3.31 -30.94
H9 AOQ OA . -67.94 1.79 -30.83
H10 AOQ OA . -65.82 3.38 -30.26
H11 AOQ OA . -64.76 2.05 -28.80
H12 AOQ OA . -65.73 0.92 -29.01
H13 AOQ OA . -66.42 3.25 -27.61
H14 AOQ OA . -66.14 1.93 -26.92
H15 AOQ OA . -67.97 0.99 -28.14
H16 AOQ OA . -64.26 3.20 -32.04
H17 AOQ OA . -63.19 2.08 -33.74
H18 AOQ OA . -65.26 -1.22 -32.85
H19 AOQ OA . -66.33 -0.11 -31.16
O1 6PE PA . -64.40 27.15 -48.29
O2 6PE PA . -66.97 28.07 -48.19
P1 6PE PA . -65.57 27.86 -47.57
O3 6PE PA . -65.82 27.19 -46.05
C1 6PE PA . -65.48 25.85 -45.73
C2 6PE PA . -66.63 25.30 -44.93
C3 6PE PA . -66.64 23.80 -44.84
O4 6PE PA . -66.20 23.53 -43.47
C4 6PE PA . -64.97 23.01 -43.26
O5 6PE PA . -63.94 23.54 -43.61
C5 6PE PA . -65.14 21.71 -42.53
C6 6PE PA . -65.49 21.95 -41.06
C7 6PE PA . -65.84 20.62 -40.38
C8 6PE PA . -66.47 20.78 -38.99
C9 6PE PA . -66.85 19.41 -38.40
O6 6PE PA . -66.46 25.66 -43.54
C10 6PE PA . -66.10 26.89 -43.08
O7 6PE PA . -66.79 27.87 -43.22
C11 6PE PA . -64.76 26.78 -42.43
C12 6PE PA . -64.89 26.90 -40.91
C13 6PE PA . -65.63 25.66 -40.35
C14 6PE PA . -65.57 25.51 -38.82
C15 6PE PA . -65.89 24.08 -38.38
O8 6PE PA . -65.05 29.28 -46.89
C16 6PE PA . -63.89 29.25 -46.04
C17 6PE PA . -62.83 30.26 -46.51
N1 6PE PA . -62.27 30.99 -45.35
H1 6PE PA . -64.66 25.84 -45.20
H2 6PE PA . -65.36 25.34 -46.55
H3 6PE PA . -67.45 25.67 -45.30
H4 6PE PA . -66.02 23.39 -45.47
H5 6PE PA . -67.52 23.43 -44.97
H6 6PE PA . -64.32 21.21 -42.63
H7 6PE PA . -65.84 21.21 -42.99
H8 6PE PA . -66.23 22.58 -41.00
H9 6PE PA . -64.73 22.37 -40.62
H10 6PE PA . -65.04 20.09 -40.30
H11 6PE PA . -66.45 20.13 -40.96
H12 6PE PA . -67.26 21.35 -39.06
H13 6PE PA . -65.85 21.23 -38.41
H14 6PE PA . -67.30 19.52 -37.54
H15 6PE PA . -66.07 18.86 -38.25
H16 6PE PA . -67.46 18.93 -38.99
H17 6PE PA . -64.22 27.47 -42.83
H18 6PE PA . -64.41 25.92 -42.72
H19 6PE PA . -65.38 27.70 -40.68
H20 6PE PA . -64.02 26.97 -40.50
H21 6PE PA . -65.25 24.86 -40.76
H22 6PE PA . -66.57 25.70 -40.62
H23 6PE PA . -66.20 26.13 -38.41
H24 6PE PA . -64.68 25.77 -38.51
H25 6PE PA . -66.12 24.05 -37.43
H26 6PE PA . -65.12 23.51 -38.51
H27 6PE PA . -66.63 23.72 -38.89
H28 6PE PA . -63.51 28.35 -46.05
H29 6PE PA . -64.16 29.47 -45.13
H30 6PE PA . -63.24 30.89 -47.13
H31 6PE PA . -62.12 29.79 -46.97
H32 6PE PA . -61.46 31.31 -45.50
H33 6PE PA . -62.27 30.50 -44.60
C1 BOG QA . -65.64 27.15 -14.62
O1 BOG QA . -65.44 27.16 -16.00
C2 BOG QA . -66.53 25.92 -14.31
O2 BOG QA . -67.78 26.08 -14.89
C3 BOG QA . -66.75 25.98 -12.79
O3 BOG QA . -67.47 24.88 -12.36
C4 BOG QA . -65.37 25.86 -12.10
O4 BOG QA . -65.51 26.06 -10.73
C5 BOG QA . -64.45 27.04 -12.62
O5 BOG QA . -64.37 26.93 -14.03
C6 BOG QA . -63.00 26.97 -12.07
O6 BOG QA . -62.71 25.62 -11.80
C1' BOG QA . -64.64 28.25 -16.44
C2' BOG QA . -63.36 27.65 -16.98
C3' BOG QA . -63.60 27.39 -18.46
C4' BOG QA . -62.45 26.64 -19.07
C5' BOG QA . -61.99 27.26 -20.36
C6' BOG QA . -63.06 27.11 -21.45
C7' BOG QA . -62.41 26.82 -22.81
C8' BOG QA . -63.45 26.36 -23.82
H1 BOG QA . -66.05 27.97 -14.32
H2 BOG QA . -66.11 25.09 -14.60
HO2 BOG QA . -68.25 25.41 -14.64
H3 BOG QA . -67.19 26.81 -12.54
HO3 BOG QA . -67.19 24.20 -12.81
H4 BOG QA . -64.97 25.01 -12.32
HO4 BOG QA . -64.76 25.92 -10.37
H5 BOG QA . -64.82 27.89 -12.35
H61 BOG QA . -62.93 27.52 -11.29
H62 BOG QA . -62.39 27.35 -12.73
HO6 BOG QA . -61.92 25.48 -12.09
H1'1 BOG QA . -64.47 28.86 -15.71
H1'2 BOG QA . -65.11 28.76 -17.12
H2'1 BOG QA . -63.13 26.83 -16.52
H2'2 BOG QA . -62.60 28.23 -16.84
H3'1 BOG QA . -63.73 28.24 -18.93
H3'2 BOG QA . -64.44 26.92 -18.60
H4'1 BOG QA . -62.71 25.71 -19.22
H4'2 BOG QA . -61.72 26.58 -18.44
H5'1 BOG QA . -61.15 26.85 -20.65
H5'2 BOG QA . -61.76 28.19 -20.23
H6'1 BOG QA . -63.60 27.91 -21.49
H6'2 BOG QA . -63.68 26.41 -21.21
H7'1 BOG QA . -61.71 26.16 -22.72
H7'2 BOG QA . -61.96 27.62 -23.14
H8'1 BOG QA . -63.06 25.80 -24.50
H8'2 BOG QA . -63.87 27.11 -24.28
H8'3 BOG QA . -64.16 25.85 -23.41
FE HEC RA . -73.90 8.54 4.92
CHA HEC RA . -74.71 7.05 1.92
CHB HEC RA . -72.94 11.38 3.23
CHC HEC RA . -73.06 10.07 7.89
CHD HEC RA . -74.84 5.73 6.65
NA HEC RA . -73.84 9.10 2.96
C1A HEC RA . -74.22 8.33 1.87
C2A HEC RA . -74.01 9.12 0.67
C3A HEC RA . -73.52 10.31 1.03
C4A HEC RA . -73.40 10.32 2.47
CMA HEC RA . -73.12 11.48 0.11
CAA HEC RA . -74.26 8.65 -0.78
CBA HEC RA . -75.50 9.28 -1.41
CGA HEC RA . -75.63 8.73 -2.81
O1A HEC RA . -75.55 7.48 -2.98
O2A HEC RA . -75.79 9.53 -3.76
NB HEC RA . -73.15 10.39 5.47
C1B HEC RA . -72.81 11.42 4.60
C2B HEC RA . -72.31 12.53 5.39
C3B HEC RA . -72.35 12.17 6.68
C4B HEC RA . -72.87 10.82 6.75
CMB HEC RA . -71.80 13.87 4.84
CAB HEC RA . -71.86 13.01 7.89
CBB HEC RA . -72.59 14.36 8.04
NC HEC RA . -73.94 8.01 6.90
C1C HEC RA . -73.54 8.79 7.97
C2C HEC RA . -73.74 8.02 9.19
C3C HEC RA . -74.25 6.84 8.84
C4C HEC RA . -74.36 6.80 7.40
CMC HEC RA . -73.41 8.52 10.62
CAC HEC RA . -74.57 5.64 9.78
CBC HEC RA . -75.42 5.99 11.03
ND HEC RA . -74.66 6.68 4.37
C1D HEC RA . -74.98 5.68 5.28
C2D HEC RA . -75.49 4.53 4.55
C3D HEC RA . -75.45 4.95 3.07
C4D HEC RA . -74.92 6.29 3.06
CMD HEC RA . -75.98 3.19 5.12
CAD HEC RA . -75.88 4.11 1.86
CBD HEC RA . -77.21 4.65 1.35
CGD HEC RA . -77.82 3.71 0.34
O1D HEC RA . -77.14 2.72 -0.05
O2D HEC RA . -78.98 3.95 -0.08
HHA HEC RA . -74.95 6.63 1.07
HHB HEC RA . -72.68 12.19 2.74
HHC HEC RA . -72.83 10.50 8.74
HHD HEC RA . -75.12 4.94 7.15
HMA1 HEC RA . -72.23 11.80 0.35
HMA2 HEC RA . -73.77 12.20 0.20
HMA3 HEC RA . -73.11 11.16 -0.82
HAA1 HEC RA . -74.37 7.69 -0.78
HAA2 HEC RA . -73.48 8.89 -1.32
HBA1 HEC RA . -75.38 10.25 -1.45
HBA2 HEC RA . -76.28 9.06 -0.90
HMB1 HEC RA . -72.27 14.61 5.27
HMB2 HEC RA . -71.95 13.91 3.88
HMB3 HEC RA . -70.85 13.96 5.02
HAB HEC RA . -72.07 12.49 8.67
HBB1 HEC RA . -72.94 14.44 8.94
HBB2 HEC RA . -73.30 14.41 7.39
HBB3 HEC RA . -71.95 15.08 7.87
HMC1 HEC RA . -72.89 7.86 11.09
HMC2 HEC RA . -74.23 8.68 11.10
HMC3 HEC RA . -72.90 9.35 10.56
HAC HEC RA . -75.09 5.02 9.27
HBC1 HEC RA . -76.16 5.37 11.10
HBC2 HEC RA . -75.75 6.90 10.94
HBC3 HEC RA . -74.85 5.93 11.82
HMD1 HEC RA . -76.91 3.02 4.85
HMD2 HEC RA . -75.92 3.21 6.10
HMD3 HEC RA . -75.40 2.46 4.78
HAD1 HEC RA . -75.99 3.18 2.12
HAD2 HEC RA . -75.22 4.17 1.16
HBD1 HEC RA . -77.07 5.51 0.93
HBD2 HEC RA . -77.82 4.74 2.10
SR SR SA . -72.54 26.74 -7.09
FE1 FES TA . -20.40 -2.44 -1.09
FE2 FES TA . -19.57 -2.05 -3.63
S1 FES TA . -18.34 -2.48 -1.85
S2 FES TA . -21.64 -2.07 -2.88
#